data_7Q9J
#
_entry.id   7Q9J
#
_cell.length_a   1.00
_cell.length_b   1.00
_cell.length_c   1.00
_cell.angle_alpha   90.00
_cell.angle_beta   90.00
_cell.angle_gamma   90.00
#
_symmetry.space_group_name_H-M   'P 1'
#
loop_
_entity.id
_entity.type
_entity.pdbx_description
1 polymer 'Spike glycoprotein'
2 polymer 'Beta-26 light chain'
3 polymer 'Beta-26 heavy chain'
4 branched 2-acetamido-2-deoxy-beta-D-glucopyranose-(1-4)-2-acetamido-2-deoxy-beta-D-glucopyranose
5 non-polymer 2-acetamido-2-deoxy-beta-D-glucopyranose
#
loop_
_entity_poly.entity_id
_entity_poly.type
_entity_poly.pdbx_seq_one_letter_code
_entity_poly.pdbx_strand_id
1 'polypeptide(L)'
;MFVFLVLLPLVSSQCVNFTTRTQLPPAYTNSFTRGVYYPDKVFRSSVLHSTQDLFLPFFSNVTWFHAIHVSGTNGTKRFA
NPVLPFNDGVYFASTEKSNIIRGWIFGTTLDSKTQSLLIVNNATNVVIKVCEFQFCNDPFLGVYYHKNNKSWMESEFRVY
SSANNCTFEYVSQPFLMDLEGKQGNFKNLREFVFKNIDGYFKIYSKHTPINLVRGLPQGFSALEPLVDLPIGINITRFQT
LHISYLTPGDSSSGWTAGAAAYYVGYLQPRTFLLKYNENGTITDAVDCALDPLSETKCTLKSFTVEKGIYQTSNFRVQPT
ESIVRFPNITNLCPFGEVFNATRFASVYAWNRKRISNCVADYSVLYNSASFSTFKCYGVSPTKLNDLCFTNVYADSFVIR
GDEVRQIAPGQTGNIADYNYKLPDDFTGCVIAWNSNNLDSKVGGNYNYLYRLFRKSNLKPFERDISTEIYQAGSTPCNGV
KGFNCYFPLQSYGFQPTYGVGYQPYRVVVLSFELLHAPATVCGPKKSTNLVKNKCVNFNFNGLTGTGVLTESNKKFLPFQ
QFGRDIADTTDAVRDPQTLEILDITPCSFGGVSVITPGTNTSNQVAVLYQGVNCTEVPVAIHADQLTPTWRVYSTGSNVF
QTRAGCLIGAEHVNNSYECDIPIGAGICASYQTQTNSPGSASSVASQSIIAYTMSLGVENSVAYSNNSIAIPTNFTISVT
TEILPVSMTKTSVDCTMYICGDSTECSNLLLQYGSFCTQLNRALTGIAVEQDKNTQEVFAQVKQIYKTPPIKDFGGFNFS
QILPDPSKPSKRSFIEDLLFNKVTLADAGFIKQYGDCLGDIAARDLICAQKFNGLTVLPPLLTDEMIAQYTSALLAGTIT
SGWTFGAGAALQIPFAMQMAYRFNGIGVTQNVLYENQKLIANQFNSAIGKIQDSLSSTASALGKLQDVVNQNAQALNTLV
KQLSSNFGAISSVLNDILSRLDPPEAEVQIDRLITGRLQSLQTYVTQQLIRAAEIRASANLAATKMSECVLGQSKRVDFC
GKGYHLMSFPQSAPHGVVFLHVTYVPAQEKNFTTAPAICHDGKAHFPREGVFVSNGTHWFVTQRNFYEPQIITTDNTFVS
GNCDVVIGIVNNTVYDPLQPELDSFKEELDKYFKNHTSPDVDLGDISGINASVVNIQKEIDRLNEVAKNLNESLIDLQEL
GKYEQGSGYIPEAPRDGQAYVRKDGEWVLLSTFLGRSLEVLFQGPGHHHHHHHHGSAWSHPQFEKGGGSGGGSGGSAWSH
PQFEK
;
A,B,C
2 'polypeptide(L)'
;SYELTQPPSVSVAPGQTARITCGGNNIGSKSVHWFQQKPGQAPVLVVYDDSDRPSGIPERFSGSNSGNTASLTISRVEAG
DEADYYCQVWDSASDSGVFGTGTKLTVPGQPKANPTVTLFPPSSEELQANKATLVCLISDFYPGAVTVAWKADSSPVKAG
VETTTPSKQSNNKYAASSYLSLTPEQWKSHRSYSCQVTHEGSTVEKTVAPTECS
;
L,F,K
3 'polypeptide(L)'
;QVQLQQSGPGLVKPSETLSLTCTVSGASISNYYWSWIRQPPGKGLEWVGYIYYTGSTNHNPSLKSRVTISLDTSKNQFSL
RLSSVTAADTAVYYCARAYCSGGSCFDTFDIWGQGTMVTVSSASTKGPSVFPLAPSSKSTSGGTAALGCLVKDYFPEPVT
VSWNSGALTSGVHTFPAVLQSSGLYSLSSVVTVPSSSLGTQTYICNVNHKPSNTKVDKKVEPKSCDK
;
H,E,J
#
# COMPACT_ATOMS: atom_id res chain seq x y z
N CYS A 15 28.34 -22.76 53.65
CA CYS A 15 28.00 -24.03 53.01
C CYS A 15 28.53 -25.21 53.81
N VAL A 16 27.75 -26.26 53.90
CA VAL A 16 28.16 -27.51 54.55
C VAL A 16 28.78 -28.41 53.50
N ASN A 17 29.99 -28.88 53.76
CA ASN A 17 30.75 -29.70 52.83
C ASN A 17 30.55 -31.17 53.14
N PHE A 18 30.38 -31.97 52.10
CA PHE A 18 30.23 -33.42 52.22
C PHE A 18 31.39 -34.08 51.48
N THR A 19 32.15 -34.92 52.18
CA THR A 19 33.28 -35.59 51.56
C THR A 19 32.82 -36.59 50.51
N THR A 20 31.72 -37.30 50.76
CA THR A 20 31.18 -38.30 49.85
C THR A 20 29.94 -37.71 49.17
N ARG A 21 30.05 -37.41 47.89
CA ARG A 21 28.96 -36.87 47.11
C ARG A 21 28.52 -37.91 46.08
N THR A 22 27.24 -38.25 46.09
CA THR A 22 26.70 -39.25 45.19
C THR A 22 25.32 -38.81 44.72
N GLN A 23 24.78 -39.54 43.76
CA GLN A 23 23.44 -39.28 43.24
C GLN A 23 22.90 -40.55 42.62
N LEU A 24 21.63 -40.83 42.87
CA LEU A 24 21.02 -42.05 42.35
C LEU A 24 20.92 -41.96 40.82
N PRO A 25 21.08 -43.07 40.11
CA PRO A 25 20.96 -43.05 38.65
C PRO A 25 19.57 -42.62 38.23
N PRO A 26 19.45 -41.95 37.07
CA PRO A 26 18.12 -41.54 36.61
C PRO A 26 17.25 -42.73 36.27
N ALA A 27 15.93 -42.52 36.39
CA ALA A 27 14.96 -43.53 35.98
C ALA A 27 14.01 -42.91 34.97
N TYR A 28 13.40 -43.76 34.15
CA TYR A 28 12.56 -43.31 33.05
C TYR A 28 11.14 -43.84 33.19
N THR A 29 10.19 -43.02 32.74
CA THR A 29 8.77 -43.32 32.85
C THR A 29 8.07 -42.64 31.67
N ASN A 30 6.74 -42.74 31.63
CA ASN A 30 5.93 -42.13 30.59
C ASN A 30 5.08 -41.03 31.19
N SER A 31 4.93 -39.92 30.44
CA SER A 31 4.18 -38.78 30.92
C SER A 31 2.68 -39.00 30.89
N PHE A 32 2.20 -39.97 30.12
CA PHE A 32 0.76 -40.20 29.99
C PHE A 32 0.07 -38.93 29.51
N THR A 33 -0.75 -38.30 30.36
CA THR A 33 -1.50 -37.13 29.91
C THR A 33 -1.57 -36.05 30.98
N ARG A 34 -0.48 -35.82 31.70
CA ARG A 34 -0.42 -34.71 32.64
C ARG A 34 0.23 -33.50 31.98
N GLY A 35 0.39 -32.43 32.74
CA GLY A 35 0.92 -31.20 32.21
C GLY A 35 -0.10 -30.28 31.58
N VAL A 36 -1.40 -30.56 31.75
CA VAL A 36 -2.41 -29.68 31.20
C VAL A 36 -2.57 -28.47 32.11
N TYR A 37 -2.42 -27.28 31.52
CA TYR A 37 -2.54 -26.03 32.26
C TYR A 37 -3.33 -25.04 31.43
N TYR A 38 -3.98 -24.11 32.11
CA TYR A 38 -4.78 -23.11 31.43
C TYR A 38 -3.86 -22.14 30.70
N PRO A 39 -4.04 -21.94 29.40
CA PRO A 39 -3.12 -21.05 28.67
C PRO A 39 -3.20 -19.62 29.15
N ASP A 40 -4.42 -19.09 29.22
CA ASP A 40 -4.67 -17.72 29.61
C ASP A 40 -5.66 -17.69 30.78
N LYS A 41 -6.08 -16.49 31.14
CA LYS A 41 -7.00 -16.27 32.25
C LYS A 41 -8.41 -15.92 31.78
N VAL A 42 -8.85 -16.49 30.66
CA VAL A 42 -10.16 -16.18 30.10
C VAL A 42 -11.12 -17.31 30.44
N PHE A 43 -12.25 -16.96 31.03
CA PHE A 43 -13.29 -17.94 31.28
C PHE A 43 -13.87 -18.44 29.97
N ARG A 44 -14.10 -19.74 29.90
CA ARG A 44 -14.80 -20.36 28.78
C ARG A 44 -15.61 -21.51 29.33
N SER A 45 -16.83 -21.67 28.84
CA SER A 45 -17.72 -22.72 29.32
C SER A 45 -18.32 -23.47 28.15
N SER A 46 -18.36 -24.80 28.26
CA SER A 46 -19.04 -25.66 27.31
C SER A 46 -18.68 -25.28 25.88
N VAL A 47 -17.37 -25.29 25.61
CA VAL A 47 -16.87 -24.92 24.30
C VAL A 47 -15.50 -25.57 24.12
N LEU A 48 -15.18 -25.90 22.88
CA LEU A 48 -13.90 -26.49 22.53
C LEU A 48 -13.00 -25.40 21.98
N HIS A 49 -11.86 -25.19 22.64
CA HIS A 49 -10.97 -24.07 22.32
C HIS A 49 -9.60 -24.61 21.93
N SER A 50 -9.08 -24.12 20.81
CA SER A 50 -7.80 -24.58 20.28
C SER A 50 -6.74 -23.51 20.48
N THR A 51 -5.56 -23.91 20.95
CA THR A 51 -4.46 -22.97 21.14
C THR A 51 -3.13 -23.68 20.95
N GLN A 52 -2.16 -22.95 20.43
CA GLN A 52 -0.82 -23.46 20.20
C GLN A 52 0.12 -22.80 21.21
N ASP A 53 0.75 -23.62 22.04
CA ASP A 53 1.69 -23.11 23.03
C ASP A 53 2.59 -24.27 23.48
N LEU A 54 3.40 -24.02 24.50
CA LEU A 54 4.34 -25.01 25.01
C LEU A 54 3.61 -25.92 25.98
N PHE A 55 3.63 -27.22 25.70
CA PHE A 55 2.97 -28.20 26.55
C PHE A 55 3.85 -29.44 26.68
N LEU A 56 3.53 -30.25 27.68
CA LEU A 56 4.13 -31.57 27.78
C LEU A 56 3.37 -32.53 26.87
N PRO A 57 3.94 -32.97 25.75
CA PRO A 57 3.17 -33.82 24.84
C PRO A 57 2.73 -35.11 25.53
N PHE A 58 1.54 -35.56 25.19
CA PHE A 58 1.02 -36.79 25.76
C PHE A 58 1.99 -37.94 25.50
N PHE A 59 2.01 -38.90 26.43
CA PHE A 59 2.82 -40.10 26.27
C PHE A 59 4.29 -39.75 26.02
N SER A 60 4.76 -38.71 26.68
CA SER A 60 6.13 -38.26 26.52
C SER A 60 7.05 -38.94 27.53
N ASN A 61 8.31 -39.06 27.16
CA ASN A 61 9.32 -39.58 28.06
C ASN A 61 9.45 -38.69 29.28
N VAL A 62 9.71 -39.30 30.43
CA VAL A 62 9.84 -38.58 31.69
C VAL A 62 11.05 -39.15 32.42
N THR A 63 11.86 -38.28 33.01
CA THR A 63 13.01 -38.71 33.80
C THR A 63 12.74 -38.36 35.26
N TRP A 64 12.81 -39.36 36.13
CA TRP A 64 12.47 -39.19 37.53
C TRP A 64 13.55 -39.78 38.42
N PHE A 65 13.65 -39.19 39.62
CA PHE A 65 14.64 -39.58 40.62
C PHE A 65 14.02 -39.59 42.00
N HIS A 66 14.82 -39.93 43.01
CA HIS A 66 14.41 -39.97 44.40
C HIS A 66 15.18 -38.93 45.19
N ALA A 67 14.49 -38.30 46.13
CA ALA A 67 15.06 -37.34 47.06
C ALA A 67 15.09 -37.99 48.43
N ILE A 68 16.29 -38.31 48.90
CA ILE A 68 16.46 -38.94 50.21
C ILE A 68 16.51 -37.84 51.27
N HIS A 69 15.57 -37.90 52.21
CA HIS A 69 15.44 -36.89 53.26
C HIS A 69 15.99 -37.36 54.60
N VAL A 70 16.63 -38.52 54.65
CA VAL A 70 17.16 -39.05 55.90
C VAL A 70 18.38 -39.92 55.63
N LYS A 77 26.50 -41.07 53.64
CA LYS A 77 26.67 -40.69 52.24
C LYS A 77 25.66 -39.61 51.85
N ARG A 78 26.15 -38.59 51.15
CA ARG A 78 25.32 -37.47 50.72
C ARG A 78 24.88 -37.73 49.28
N PHE A 79 23.58 -37.99 49.11
CA PHE A 79 22.99 -38.16 47.78
C PHE A 79 22.45 -36.81 47.31
N ALA A 80 23.08 -36.25 46.29
CA ALA A 80 22.79 -34.89 45.84
C ALA A 80 21.89 -34.91 44.61
N ASN A 81 21.02 -33.90 44.54
CA ASN A 81 20.15 -33.77 43.38
C ASN A 81 20.97 -33.36 42.16
N PRO A 82 20.61 -33.83 40.96
CA PRO A 82 21.34 -33.43 39.77
C PRO A 82 20.83 -32.14 39.15
N VAL A 83 21.74 -31.43 38.51
CA VAL A 83 21.38 -30.24 37.74
C VAL A 83 20.88 -30.68 36.37
N LEU A 84 19.67 -30.28 36.02
CA LEU A 84 19.08 -30.70 34.76
C LEU A 84 18.86 -29.51 33.84
N PRO A 85 18.91 -29.71 32.53
CA PRO A 85 18.64 -28.61 31.60
C PRO A 85 17.20 -28.13 31.72
N PHE A 86 16.98 -26.88 31.31
CA PHE A 86 15.65 -26.29 31.33
C PHE A 86 14.96 -26.33 29.98
N ASN A 87 15.71 -26.29 28.89
CA ASN A 87 15.14 -26.27 27.54
C ASN A 87 14.26 -25.02 27.47
N ASP A 88 13.03 -25.11 26.97
CA ASP A 88 12.15 -23.97 26.86
C ASP A 88 11.07 -23.94 27.93
N GLY A 89 11.08 -24.88 28.85
CA GLY A 89 10.02 -25.05 29.82
C GLY A 89 10.00 -26.48 30.32
N VAL A 90 9.58 -26.65 31.56
CA VAL A 90 9.70 -27.92 32.25
C VAL A 90 8.43 -28.23 33.04
N TYR A 91 8.02 -29.49 33.00
CA TYR A 91 6.95 -30.02 33.82
C TYR A 91 7.57 -30.81 34.96
N PHE A 92 7.23 -30.45 36.20
CA PHE A 92 7.79 -31.09 37.38
C PHE A 92 6.66 -31.71 38.18
N ALA A 93 6.93 -32.85 38.80
CA ALA A 93 5.96 -33.50 39.68
C ALA A 93 6.68 -34.03 40.89
N SER A 94 6.01 -33.98 42.04
CA SER A 94 6.54 -34.53 43.28
C SER A 94 5.46 -35.37 43.94
N THR A 95 5.82 -36.58 44.34
CA THR A 95 4.90 -37.50 44.99
C THR A 95 5.48 -37.83 46.36
N GLU A 96 4.84 -37.34 47.41
CA GLU A 96 5.40 -37.49 48.74
C GLU A 96 4.32 -37.32 49.79
N LYS A 97 4.60 -37.81 51.00
CA LYS A 97 3.64 -37.66 52.09
C LYS A 97 3.82 -36.31 52.78
N SER A 98 5.03 -36.06 53.29
CA SER A 98 5.37 -34.77 53.87
C SER A 98 5.99 -33.87 52.81
N ASN A 99 6.01 -32.57 53.11
CA ASN A 99 6.54 -31.57 52.18
C ASN A 99 8.06 -31.66 52.19
N ILE A 100 8.58 -32.65 51.46
CA ILE A 100 10.02 -32.85 51.39
C ILE A 100 10.64 -31.86 50.40
N ILE A 101 10.17 -31.86 49.16
CA ILE A 101 10.67 -30.92 48.16
C ILE A 101 10.23 -29.52 48.56
N ARG A 102 11.18 -28.58 48.53
CA ARG A 102 10.89 -27.22 48.95
C ARG A 102 11.04 -26.18 47.85
N GLY A 103 11.83 -26.45 46.83
CA GLY A 103 11.99 -25.48 45.76
C GLY A 103 13.10 -25.87 44.82
N TRP A 104 13.53 -24.87 44.04
CA TRP A 104 14.47 -25.10 42.95
C TRP A 104 15.34 -23.86 42.76
N ILE A 105 16.40 -24.05 41.98
CA ILE A 105 17.29 -22.97 41.55
C ILE A 105 17.39 -23.01 40.04
N PHE A 106 17.26 -21.85 39.41
CA PHE A 106 17.23 -21.74 37.96
C PHE A 106 18.30 -20.77 37.48
N GLY A 107 18.82 -21.03 36.30
CA GLY A 107 19.82 -20.18 35.71
C GLY A 107 20.54 -20.91 34.58
N THR A 108 21.64 -20.31 34.14
CA THR A 108 22.49 -20.88 33.11
C THR A 108 23.83 -21.32 33.67
N THR A 109 24.55 -20.42 34.35
CA THR A 109 25.81 -20.77 34.99
C THR A 109 25.64 -21.16 36.44
N LEU A 110 24.57 -20.73 37.10
CA LEU A 110 24.31 -21.06 38.50
C LEU A 110 25.49 -20.66 39.38
N ASP A 111 26.01 -19.45 39.14
CA ASP A 111 27.14 -18.94 39.90
C ASP A 111 26.96 -17.44 40.08
N SER A 112 27.95 -16.79 40.67
CA SER A 112 27.91 -15.36 40.88
C SER A 112 28.21 -14.57 39.61
N LYS A 113 28.68 -15.22 38.55
CA LYS A 113 28.95 -14.51 37.30
C LYS A 113 27.67 -14.02 36.66
N THR A 114 26.58 -14.79 36.78
CA THR A 114 25.31 -14.46 36.15
C THR A 114 24.20 -14.46 37.20
N GLN A 115 23.15 -13.72 36.92
CA GLN A 115 21.99 -13.71 37.79
C GLN A 115 21.35 -15.08 37.82
N SER A 116 20.86 -15.47 39.00
CA SER A 116 20.26 -16.78 39.20
C SER A 116 19.00 -16.63 40.03
N LEU A 117 17.98 -17.40 39.66
CA LEU A 117 16.70 -17.41 40.36
C LEU A 117 16.69 -18.51 41.41
N LEU A 118 16.08 -18.23 42.55
CA LEU A 118 15.95 -19.17 43.64
C LEU A 118 14.53 -19.12 44.18
N ILE A 119 13.84 -20.24 44.16
CA ILE A 119 12.48 -20.36 44.69
C ILE A 119 12.50 -21.40 45.79
N VAL A 120 11.93 -21.08 46.93
CA VAL A 120 11.87 -22.00 48.07
C VAL A 120 10.57 -21.76 48.82
N ASN A 121 10.13 -22.77 49.56
CA ASN A 121 8.95 -22.68 50.42
C ASN A 121 9.38 -23.09 51.82
N ASN A 122 9.82 -22.11 52.61
CA ASN A 122 10.25 -22.38 53.98
C ASN A 122 9.03 -22.69 54.85
N ALA A 123 9.31 -22.96 56.13
CA ALA A 123 8.24 -23.30 57.06
C ALA A 123 7.22 -22.17 57.15
N THR A 124 7.69 -20.92 57.08
CA THR A 124 6.78 -19.79 57.22
C THR A 124 6.04 -19.49 55.93
N ASN A 125 6.77 -19.25 54.84
CA ASN A 125 6.16 -18.78 53.60
C ASN A 125 7.05 -19.19 52.43
N VAL A 126 6.79 -18.58 51.27
CA VAL A 126 7.53 -18.87 50.04
C VAL A 126 8.41 -17.67 49.71
N VAL A 127 9.69 -17.93 49.41
CA VAL A 127 10.67 -16.91 49.13
C VAL A 127 11.19 -17.11 47.70
N ILE A 128 11.23 -16.02 46.94
CA ILE A 128 11.72 -16.03 45.57
C ILE A 128 12.71 -14.87 45.44
N LYS A 129 13.94 -15.17 45.04
CA LYS A 129 14.97 -14.15 44.95
C LYS A 129 15.82 -14.36 43.71
N VAL A 130 16.14 -13.26 43.04
CA VAL A 130 17.02 -13.28 41.86
C VAL A 130 18.29 -12.52 42.25
N CYS A 131 19.40 -13.23 42.32
CA CYS A 131 20.68 -12.64 42.71
C CYS A 131 21.80 -13.40 42.05
N GLU A 132 22.98 -12.78 42.01
CA GLU A 132 24.19 -13.45 41.52
C GLU A 132 24.69 -14.41 42.60
N PHE A 133 23.84 -15.40 42.90
CA PHE A 133 24.12 -16.31 43.99
C PHE A 133 25.38 -17.12 43.71
N GLN A 134 26.13 -17.39 44.76
CA GLN A 134 27.22 -18.35 44.71
C GLN A 134 26.72 -19.61 45.42
N PHE A 135 26.09 -20.50 44.66
CA PHE A 135 25.40 -21.64 45.23
C PHE A 135 26.39 -22.59 45.90
N CYS A 136 25.91 -23.25 46.95
CA CYS A 136 26.71 -24.26 47.62
C CYS A 136 26.87 -25.49 46.75
N ASN A 137 27.94 -26.25 46.99
CA ASN A 137 28.12 -27.51 46.30
C ASN A 137 26.98 -28.48 46.62
N ASP A 138 26.57 -28.53 47.89
CA ASP A 138 25.48 -29.38 48.34
C ASP A 138 24.50 -28.52 49.12
N PRO A 139 23.64 -27.76 48.43
CA PRO A 139 22.65 -26.96 49.14
C PRO A 139 21.84 -27.80 50.11
N PHE A 140 21.78 -27.37 51.36
CA PHE A 140 21.24 -28.16 52.45
C PHE A 140 20.09 -27.43 53.13
N LEU A 141 19.04 -28.18 53.42
CA LEU A 141 17.92 -27.71 54.23
C LEU A 141 17.63 -28.78 55.27
N GLY A 142 17.77 -28.44 56.54
CA GLY A 142 17.70 -29.40 57.62
C GLY A 142 16.58 -29.10 58.59
N VAL A 143 16.01 -30.16 59.17
CA VAL A 143 15.02 -30.06 60.22
C VAL A 143 15.42 -30.99 61.35
N TYR A 144 14.97 -30.66 62.57
CA TYR A 144 15.25 -31.47 63.74
C TYR A 144 13.97 -31.59 64.56
N TYR A 145 13.87 -32.68 65.31
CA TYR A 145 12.70 -32.93 66.14
C TYR A 145 13.01 -32.67 67.61
N SER A 151 7.41 -31.78 67.54
CA SER A 151 7.21 -30.91 66.38
C SER A 151 8.53 -30.62 65.69
N TRP A 152 8.58 -30.86 64.38
CA TRP A 152 9.79 -30.61 63.61
C TRP A 152 9.94 -29.12 63.36
N MET A 153 11.15 -28.59 63.60
CA MET A 153 11.45 -27.19 63.41
C MET A 153 12.73 -27.07 62.59
N GLU A 154 12.67 -26.30 61.51
CA GLU A 154 13.81 -26.13 60.62
C GLU A 154 14.75 -25.06 61.20
N SER A 155 16.04 -25.35 61.19
CA SER A 155 17.04 -24.41 61.67
C SER A 155 18.31 -24.39 60.83
N GLU A 156 18.36 -25.16 59.74
CA GLU A 156 19.55 -25.23 58.90
C GLU A 156 19.16 -24.92 57.46
N PHE A 157 19.75 -23.84 56.92
CA PHE A 157 19.50 -23.40 55.55
C PHE A 157 20.84 -22.93 54.98
N ARG A 158 21.51 -23.80 54.24
CA ARG A 158 22.83 -23.51 53.67
C ARG A 158 22.77 -23.84 52.19
N VAL A 159 22.26 -22.90 51.40
CA VAL A 159 22.01 -23.12 49.98
C VAL A 159 23.06 -22.42 49.12
N TYR A 160 23.35 -21.16 49.42
CA TYR A 160 24.27 -20.36 48.63
C TYR A 160 25.31 -19.74 49.55
N SER A 161 26.54 -19.68 49.07
CA SER A 161 27.59 -19.00 49.81
C SER A 161 27.53 -17.49 49.66
N SER A 162 26.82 -16.99 48.65
CA SER A 162 26.75 -15.56 48.42
C SER A 162 25.46 -15.22 47.70
N ALA A 163 25.05 -13.95 47.82
CA ALA A 163 23.88 -13.44 47.13
C ALA A 163 24.07 -11.93 47.00
N ASN A 164 24.46 -11.48 45.81
CA ASN A 164 24.80 -10.09 45.58
C ASN A 164 24.16 -9.60 44.29
N ASN A 165 24.01 -8.28 44.21
CA ASN A 165 23.41 -7.62 43.05
C ASN A 165 22.03 -8.20 42.76
N CYS A 166 21.25 -8.38 43.82
CA CYS A 166 19.89 -8.90 43.68
C CYS A 166 19.05 -7.94 42.84
N THR A 167 18.20 -8.51 42.00
CA THR A 167 17.33 -7.73 41.13
C THR A 167 15.85 -7.88 41.44
N PHE A 168 15.44 -8.95 42.12
CA PHE A 168 14.04 -9.14 42.47
C PHE A 168 13.95 -9.97 43.73
N GLU A 169 12.95 -9.66 44.54
CA GLU A 169 12.73 -10.35 45.81
C GLU A 169 11.24 -10.32 46.14
N TYR A 170 10.68 -11.47 46.48
CA TYR A 170 9.29 -11.58 46.88
C TYR A 170 9.14 -12.69 47.91
N VAL A 171 8.61 -12.35 49.07
CA VAL A 171 8.34 -13.32 50.13
C VAL A 171 6.84 -13.36 50.35
N SER A 172 6.24 -14.54 50.19
CA SER A 172 4.81 -14.69 50.38
C SER A 172 4.45 -14.70 51.86
N PHE A 186 -1.92 -42.57 51.54
CA PHE A 186 -2.35 -41.20 51.27
C PHE A 186 -1.17 -40.29 50.99
N LYS A 187 -0.74 -40.25 49.73
CA LYS A 187 0.34 -39.38 49.29
C LYS A 187 -0.21 -38.13 48.63
N ASN A 188 0.66 -37.15 48.46
CA ASN A 188 0.34 -35.90 47.81
C ASN A 188 1.10 -35.82 46.49
N LEU A 189 0.38 -35.52 45.42
CA LEU A 189 0.93 -35.29 44.10
C LEU A 189 0.88 -33.80 43.83
N ARG A 190 2.05 -33.16 43.76
CA ARG A 190 2.15 -31.73 43.49
C ARG A 190 2.82 -31.55 42.14
N GLU A 191 2.07 -31.02 41.18
CA GLU A 191 2.53 -30.83 39.81
C GLU A 191 2.72 -29.34 39.55
N PHE A 192 3.72 -29.01 38.75
CA PHE A 192 4.02 -27.62 38.44
C PHE A 192 4.54 -27.51 37.02
N VAL A 193 4.30 -26.35 36.42
CA VAL A 193 4.72 -26.05 35.06
C VAL A 193 5.52 -24.76 35.11
N PHE A 194 6.75 -24.81 34.59
CA PHE A 194 7.64 -23.66 34.54
C PHE A 194 7.84 -23.29 33.08
N LYS A 195 7.59 -22.03 32.74
CA LYS A 195 7.71 -21.56 31.36
C LYS A 195 8.25 -20.13 31.36
N ASN A 196 9.49 -19.96 30.90
CA ASN A 196 10.14 -18.65 30.90
C ASN A 196 10.02 -18.07 29.50
N ILE A 197 9.08 -17.13 29.34
CA ILE A 197 8.78 -16.51 28.05
C ILE A 197 8.71 -15.01 28.22
N ASP A 198 9.41 -14.28 27.35
CA ASP A 198 9.33 -12.82 27.29
C ASP A 198 9.68 -12.18 28.64
N GLY A 199 10.73 -12.68 29.26
CA GLY A 199 11.17 -12.17 30.54
C GLY A 199 10.25 -12.49 31.69
N TYR A 200 9.20 -13.27 31.47
CA TYR A 200 8.26 -13.67 32.50
C TYR A 200 8.38 -15.16 32.75
N PHE A 201 8.71 -15.52 33.99
CA PHE A 201 8.73 -16.91 34.42
C PHE A 201 7.34 -17.22 34.93
N LYS A 202 6.57 -17.96 34.13
CA LYS A 202 5.20 -18.31 34.45
C LYS A 202 5.20 -19.68 35.12
N ILE A 203 4.47 -19.79 36.23
CA ILE A 203 4.40 -20.99 37.02
C ILE A 203 2.94 -21.35 37.21
N TYR A 204 2.57 -22.54 36.74
CA TYR A 204 1.28 -23.14 37.03
C TYR A 204 1.49 -24.23 38.07
N SER A 205 0.48 -24.46 38.90
CA SER A 205 0.62 -25.41 40.00
C SER A 205 -0.70 -26.16 40.19
N LYS A 206 -0.58 -27.35 40.77
CA LYS A 206 -1.75 -28.12 41.14
C LYS A 206 -1.35 -29.12 42.21
N HIS A 207 -2.30 -29.47 43.06
CA HIS A 207 -2.08 -30.38 44.19
C HIS A 207 -3.25 -31.33 44.28
N THR A 208 -2.96 -32.63 44.37
CA THR A 208 -4.01 -33.63 44.48
C THR A 208 -3.63 -34.68 45.52
N PRO A 209 -4.61 -35.26 46.21
CA PRO A 209 -4.34 -36.43 47.06
C PRO A 209 -4.33 -37.71 46.24
N ILE A 210 -3.15 -38.26 46.02
CA ILE A 210 -2.97 -39.45 45.22
C ILE A 210 -2.77 -40.64 46.15
N ASN A 211 -3.34 -41.79 45.77
CA ASN A 211 -3.26 -43.01 46.57
C ASN A 211 -2.29 -44.03 46.00
N LEU A 212 -1.76 -43.81 44.80
CA LEU A 212 -0.76 -44.72 44.26
C LEU A 212 0.49 -44.71 45.13
N VAL A 213 1.13 -45.87 45.22
CA VAL A 213 2.28 -46.04 46.11
C VAL A 213 3.57 -45.76 45.37
N ARG A 214 3.60 -46.04 44.07
CA ARG A 214 4.81 -45.84 43.30
C ARG A 214 4.43 -45.61 41.84
N GLY A 215 5.27 -44.83 41.14
CA GLY A 215 5.05 -44.54 39.74
C GLY A 215 4.24 -43.27 39.56
N LEU A 216 4.35 -42.70 38.36
CA LEU A 216 3.60 -41.50 38.04
C LEU A 216 2.12 -41.85 37.88
N PRO A 217 1.21 -41.21 38.62
CA PRO A 217 -0.20 -41.58 38.52
C PRO A 217 -0.79 -41.21 37.16
N GLN A 218 -1.78 -41.99 36.74
CA GLN A 218 -2.47 -41.76 35.49
C GLN A 218 -3.83 -41.11 35.73
N GLY A 219 -4.12 -40.08 34.95
CA GLY A 219 -5.37 -39.37 35.06
C GLY A 219 -5.28 -38.03 34.36
N PHE A 220 -6.39 -37.31 34.41
CA PHE A 220 -6.50 -35.99 33.81
C PHE A 220 -6.77 -34.96 34.89
N SER A 221 -5.98 -33.91 34.93
CA SER A 221 -6.13 -32.88 35.94
C SER A 221 -5.45 -31.61 35.46
N ALA A 222 -6.23 -30.57 35.22
CA ALA A 222 -5.68 -29.31 34.74
C ALA A 222 -4.89 -28.64 35.86
N LEU A 223 -3.81 -27.96 35.51
CA LEU A 223 -3.05 -27.19 36.47
C LEU A 223 -3.48 -25.73 36.43
N GLU A 224 -3.48 -25.09 37.61
CA GLU A 224 -3.87 -23.70 37.73
C GLU A 224 -2.67 -22.78 37.65
N PRO A 225 -2.81 -21.57 37.14
CA PRO A 225 -1.69 -20.62 37.16
C PRO A 225 -1.37 -20.22 38.59
N LEU A 226 -0.10 -20.32 38.95
CA LEU A 226 0.33 -19.91 40.27
C LEU A 226 0.80 -18.45 40.27
N VAL A 227 1.81 -18.13 39.46
CA VAL A 227 2.32 -16.76 39.41
C VAL A 227 3.25 -16.61 38.23
N ASP A 228 3.26 -15.42 37.64
CA ASP A 228 4.21 -15.05 36.60
C ASP A 228 5.09 -13.93 37.12
N LEU A 229 6.40 -14.11 37.02
CA LEU A 229 7.35 -13.18 37.60
C LEU A 229 8.21 -12.53 36.53
N PRO A 230 8.27 -11.20 36.45
CA PRO A 230 9.14 -10.56 35.44
C PRO A 230 10.61 -10.56 35.85
N ILE A 231 11.19 -11.76 35.96
CA ILE A 231 12.59 -11.86 36.33
C ILE A 231 13.48 -11.35 35.21
N GLY A 232 13.11 -11.62 33.97
CA GLY A 232 13.88 -11.14 32.83
C GLY A 232 15.28 -11.69 32.74
N ILE A 233 15.46 -12.98 33.02
CA ILE A 233 16.76 -13.63 32.98
C ILE A 233 16.68 -14.83 32.04
N ASN A 234 17.85 -15.39 31.75
CA ASN A 234 17.94 -16.60 30.94
C ASN A 234 18.13 -17.81 31.85
N ILE A 235 17.38 -18.88 31.56
CA ILE A 235 17.44 -20.11 32.33
C ILE A 235 17.64 -21.25 31.35
N THR A 236 18.68 -22.06 31.57
CA THR A 236 18.93 -23.25 30.77
C THR A 236 19.11 -24.51 31.60
N ARG A 237 19.38 -24.39 32.90
CA ARG A 237 19.46 -25.54 33.79
C ARG A 237 18.78 -25.20 35.10
N PHE A 238 18.61 -26.23 35.93
CA PHE A 238 18.05 -26.04 37.26
C PHE A 238 18.36 -27.25 38.11
N GLN A 239 18.21 -27.10 39.42
CA GLN A 239 18.40 -28.19 40.37
C GLN A 239 17.33 -28.12 41.44
N THR A 240 16.93 -29.29 41.93
CA THR A 240 15.86 -29.39 42.92
C THR A 240 16.40 -29.18 44.32
N LEU A 241 15.55 -28.69 45.21
CA LEU A 241 15.89 -28.43 46.59
C LEU A 241 15.02 -29.28 47.50
N HIS A 242 15.66 -30.05 48.38
CA HIS A 242 14.97 -31.00 49.25
C HIS A 242 15.31 -30.69 50.70
N ILE A 243 14.54 -31.29 51.61
CA ILE A 243 14.74 -31.12 53.04
C ILE A 243 15.44 -32.34 53.60
N SER A 244 16.25 -32.14 54.63
CA SER A 244 16.98 -33.20 55.30
C SER A 244 16.48 -33.31 56.73
N TYR A 245 16.16 -34.53 57.15
CA TYR A 245 15.67 -34.79 58.50
C TYR A 245 16.83 -35.25 59.37
N LEU A 246 17.15 -34.43 60.37
CA LEU A 246 18.25 -34.74 61.28
C LEU A 246 17.76 -35.58 62.46
N GLY A 258 11.21 -43.96 53.35
CA GLY A 258 10.19 -43.31 52.54
C GLY A 258 10.69 -42.06 51.86
N ALA A 259 11.77 -42.20 51.10
CA ALA A 259 12.31 -41.06 50.37
C ALA A 259 11.32 -40.60 49.31
N ALA A 260 11.31 -39.29 49.08
CA ALA A 260 10.36 -38.72 48.12
C ALA A 260 10.79 -39.07 46.71
N ALA A 261 9.87 -38.86 45.77
CA ALA A 261 10.15 -39.12 44.36
C ALA A 261 9.66 -37.93 43.54
N TYR A 262 10.41 -37.58 42.49
CA TYR A 262 10.02 -36.49 41.61
C TYR A 262 10.31 -36.85 40.17
N TYR A 263 9.50 -36.29 39.28
CA TYR A 263 9.55 -36.54 37.85
C TYR A 263 9.72 -35.22 37.11
N VAL A 264 10.46 -35.26 36.00
CA VAL A 264 10.79 -34.07 35.22
C VAL A 264 10.59 -34.40 33.75
N GLY A 265 9.99 -33.43 33.02
CA GLY A 265 9.86 -33.53 31.59
C GLY A 265 10.00 -32.17 30.95
N TYR A 266 10.13 -32.17 29.62
CA TYR A 266 10.34 -30.96 28.84
C TYR A 266 9.14 -30.69 27.96
N LEU A 267 8.81 -29.41 27.79
CA LEU A 267 7.70 -29.01 26.95
C LEU A 267 8.13 -28.91 25.49
N GLN A 268 7.15 -28.69 24.63
CA GLN A 268 7.38 -28.47 23.21
C GLN A 268 6.28 -27.58 22.66
N PRO A 269 6.54 -26.83 21.59
CA PRO A 269 5.46 -26.08 20.94
C PRO A 269 4.51 -27.00 20.23
N ARG A 270 3.29 -27.12 20.75
CA ARG A 270 2.29 -28.02 20.21
C ARG A 270 0.95 -27.30 20.20
N THR A 271 0.06 -27.77 19.33
CA THR A 271 -1.31 -27.28 19.27
C THR A 271 -2.20 -28.23 20.06
N PHE A 272 -2.91 -27.69 21.03
CA PHE A 272 -3.77 -28.47 21.91
C PHE A 272 -5.20 -28.00 21.76
N LEU A 273 -6.13 -28.94 21.96
CA LEU A 273 -7.55 -28.66 21.96
C LEU A 273 -8.09 -28.94 23.35
N LEU A 274 -8.69 -27.93 23.97
CA LEU A 274 -9.20 -28.02 25.33
C LEU A 274 -10.73 -28.05 25.31
N LYS A 275 -11.30 -29.00 26.05
CA LYS A 275 -12.75 -29.08 26.22
C LYS A 275 -13.08 -28.54 27.61
N TYR A 276 -13.97 -27.55 27.64
CA TYR A 276 -14.38 -26.92 28.89
C TYR A 276 -15.75 -27.45 29.31
N ASN A 277 -16.04 -27.35 30.60
CA ASN A 277 -17.32 -27.80 31.15
C ASN A 277 -18.23 -26.59 31.36
N GLU A 278 -19.40 -26.83 31.93
CA GLU A 278 -20.29 -25.71 32.23
C GLU A 278 -19.66 -24.75 33.22
N ASN A 279 -18.95 -25.28 34.22
CA ASN A 279 -18.23 -24.46 35.17
C ASN A 279 -16.91 -23.94 34.62
N GLY A 280 -16.53 -24.38 33.41
CA GLY A 280 -15.39 -23.84 32.72
C GLY A 280 -14.07 -24.48 33.08
N THR A 281 -14.02 -25.32 34.10
CA THR A 281 -12.79 -26.01 34.42
C THR A 281 -12.40 -26.94 33.28
N ILE A 282 -11.10 -27.04 33.02
CA ILE A 282 -10.63 -27.86 31.91
C ILE A 282 -10.85 -29.33 32.25
N THR A 283 -11.67 -30.00 31.44
CA THR A 283 -12.04 -31.40 31.69
C THR A 283 -11.23 -32.37 30.87
N ASP A 284 -10.98 -32.08 29.59
CA ASP A 284 -10.22 -32.98 28.74
C ASP A 284 -9.43 -32.16 27.73
N ALA A 285 -8.37 -32.77 27.21
CA ALA A 285 -7.53 -32.12 26.23
C ALA A 285 -7.02 -33.15 25.25
N VAL A 286 -6.71 -32.68 24.04
CA VAL A 286 -6.19 -33.54 22.97
C VAL A 286 -4.99 -32.85 22.34
N ASP A 287 -3.91 -33.62 22.18
CA ASP A 287 -2.75 -33.17 21.42
C ASP A 287 -2.91 -33.61 19.97
N CYS A 288 -2.92 -32.64 19.05
CA CYS A 288 -3.29 -32.90 17.66
C CYS A 288 -2.23 -33.68 16.90
N ALA A 289 -1.05 -33.89 17.49
CA ALA A 289 0.05 -34.52 16.77
C ALA A 289 0.50 -35.82 17.41
N LEU A 290 -0.29 -36.39 18.32
CA LEU A 290 0.04 -37.71 18.84
C LEU A 290 0.00 -38.75 17.73
N ASP A 291 -0.97 -38.63 16.84
CA ASP A 291 -1.13 -39.56 15.73
C ASP A 291 -2.29 -39.07 14.87
N PRO A 292 -2.44 -39.59 13.65
CA PRO A 292 -3.42 -39.02 12.74
C PRO A 292 -4.84 -38.98 13.29
N LEU A 293 -5.23 -39.93 14.14
CA LEU A 293 -6.54 -39.84 14.76
C LEU A 293 -6.72 -38.50 15.46
N SER A 294 -5.69 -38.06 16.18
CA SER A 294 -5.72 -36.73 16.77
C SER A 294 -5.84 -35.65 15.71
N GLU A 295 -5.18 -35.83 14.57
CA GLU A 295 -5.31 -34.85 13.50
C GLU A 295 -6.77 -34.69 13.12
N THR A 296 -7.47 -35.80 12.89
CA THR A 296 -8.86 -35.70 12.50
C THR A 296 -9.69 -35.06 13.60
N LYS A 297 -9.48 -35.49 14.84
CA LYS A 297 -10.24 -34.91 15.94
C LYS A 297 -10.10 -33.40 15.94
N CYS A 298 -8.87 -32.91 15.87
CA CYS A 298 -8.67 -31.47 15.90
C CYS A 298 -9.27 -30.79 14.67
N THR A 299 -9.11 -31.39 13.49
CA THR A 299 -9.62 -30.75 12.29
C THR A 299 -11.13 -30.59 12.36
N LEU A 300 -11.82 -31.54 12.97
CA LEU A 300 -13.25 -31.41 13.16
C LEU A 300 -13.62 -30.69 14.44
N LYS A 301 -12.63 -30.25 15.23
CA LYS A 301 -12.89 -29.49 16.44
C LYS A 301 -13.86 -30.22 17.36
N SER A 302 -13.67 -31.53 17.49
CA SER A 302 -14.56 -32.33 18.31
C SER A 302 -13.82 -33.51 18.90
N PHE A 303 -14.23 -33.89 20.10
CA PHE A 303 -13.71 -35.09 20.74
C PHE A 303 -14.40 -36.35 20.27
N THR A 304 -15.46 -36.21 19.46
CA THR A 304 -16.18 -37.36 18.93
C THR A 304 -16.24 -37.24 17.41
N VAL A 305 -15.85 -38.30 16.72
CA VAL A 305 -15.76 -38.32 15.27
C VAL A 305 -16.67 -39.43 14.76
N GLU A 306 -17.47 -39.11 13.74
CA GLU A 306 -18.40 -40.06 13.17
C GLU A 306 -17.73 -40.87 12.06
N LYS A 307 -18.25 -42.06 11.83
CA LYS A 307 -17.68 -42.93 10.81
C LYS A 307 -17.63 -42.22 9.46
N GLY A 308 -16.50 -42.33 8.78
CA GLY A 308 -16.33 -41.67 7.51
C GLY A 308 -14.87 -41.56 7.15
N ILE A 309 -14.59 -40.61 6.25
CA ILE A 309 -13.22 -40.29 5.84
C ILE A 309 -13.07 -38.77 5.86
N TYR A 310 -11.91 -38.30 6.30
CA TYR A 310 -11.67 -36.88 6.45
C TYR A 310 -10.27 -36.56 5.99
N GLN A 311 -10.09 -35.33 5.50
CA GLN A 311 -8.79 -34.83 5.06
C GLN A 311 -8.22 -33.91 6.12
N THR A 312 -7.02 -34.23 6.59
CA THR A 312 -6.45 -33.55 7.74
C THR A 312 -5.18 -32.78 7.44
N SER A 313 -4.22 -33.38 6.75
CA SER A 313 -2.90 -32.77 6.64
C SER A 313 -2.44 -32.76 5.19
N ASN A 314 -1.22 -32.26 5.00
CA ASN A 314 -0.58 -32.24 3.69
C ASN A 314 0.78 -32.91 3.79
N PHE A 315 0.98 -33.95 3.00
CA PHE A 315 2.24 -34.68 3.00
C PHE A 315 3.22 -34.02 2.05
N ARG A 316 4.40 -33.67 2.56
CA ARG A 316 5.39 -32.94 1.78
C ARG A 316 6.73 -33.63 1.93
N VAL A 317 7.22 -34.20 0.85
CA VAL A 317 8.57 -34.75 0.84
C VAL A 317 9.57 -33.60 0.83
N GLN A 318 10.53 -33.66 1.70
CA GLN A 318 11.50 -32.59 1.75
C GLN A 318 12.77 -32.97 1.01
N PRO A 319 13.43 -32.03 0.35
CA PRO A 319 14.68 -32.35 -0.34
C PRO A 319 15.76 -32.73 0.64
N THR A 320 16.64 -33.63 0.20
CA THR A 320 17.73 -34.09 1.04
C THR A 320 18.95 -33.19 0.95
N GLU A 321 19.26 -32.67 -0.23
CA GLU A 321 20.43 -31.83 -0.41
C GLU A 321 20.26 -30.98 -1.66
N SER A 322 21.12 -29.97 -1.78
CA SER A 322 21.12 -29.08 -2.92
C SER A 322 22.07 -29.60 -3.99
N ILE A 323 21.87 -29.15 -5.23
CA ILE A 323 22.73 -29.51 -6.35
C ILE A 323 23.13 -28.23 -7.07
N VAL A 324 24.42 -28.12 -7.36
CA VAL A 324 24.99 -26.97 -8.07
C VAL A 324 25.62 -27.49 -9.35
N ARG A 325 25.30 -26.85 -10.47
CA ARG A 325 25.75 -27.30 -11.79
C ARG A 325 26.22 -26.11 -12.61
N PHE A 326 27.40 -26.25 -13.21
CA PHE A 326 27.96 -25.27 -14.12
C PHE A 326 28.92 -25.99 -15.06
N PRO A 327 29.24 -25.39 -16.19
CA PRO A 327 30.28 -25.97 -17.05
C PRO A 327 31.60 -26.07 -16.30
N ASN A 328 32.29 -27.20 -16.46
CA ASN A 328 33.52 -27.40 -15.72
C ASN A 328 34.54 -26.31 -16.04
N ILE A 329 34.98 -26.25 -17.30
CA ILE A 329 35.98 -25.28 -17.73
C ILE A 329 35.38 -24.48 -18.88
N THR A 330 35.27 -23.17 -18.68
CA THR A 330 34.84 -22.26 -19.74
C THR A 330 35.95 -21.30 -20.13
N ASN A 331 36.50 -20.55 -19.17
CA ASN A 331 37.59 -19.63 -19.44
C ASN A 331 38.21 -19.22 -18.11
N LEU A 332 39.34 -18.53 -18.20
CA LEU A 332 40.02 -18.00 -17.03
C LEU A 332 40.59 -16.64 -17.38
N CYS A 333 40.52 -15.72 -16.42
CA CYS A 333 41.11 -14.40 -16.63
C CYS A 333 42.63 -14.54 -16.63
N PRO A 334 43.33 -13.97 -17.63
CA PRO A 334 44.79 -14.16 -17.71
C PRO A 334 45.56 -13.29 -16.71
N PHE A 335 45.40 -13.60 -15.42
CA PHE A 335 46.13 -12.88 -14.39
C PHE A 335 47.58 -13.32 -14.27
N GLY A 336 47.92 -14.49 -14.79
CA GLY A 336 49.29 -14.97 -14.65
C GLY A 336 50.30 -14.07 -15.32
N GLU A 337 49.97 -13.57 -16.51
CA GLU A 337 50.88 -12.71 -17.24
C GLU A 337 51.13 -11.39 -16.53
N VAL A 338 50.29 -11.02 -15.58
CA VAL A 338 50.46 -9.78 -14.81
C VAL A 338 51.21 -10.05 -13.51
N PHE A 339 50.69 -10.95 -12.67
CA PHE A 339 51.33 -11.25 -11.40
C PHE A 339 52.63 -12.01 -11.62
N ASN A 340 52.68 -12.87 -12.63
CA ASN A 340 53.86 -13.66 -12.94
C ASN A 340 54.67 -13.06 -14.08
N ALA A 341 54.53 -11.76 -14.33
CA ALA A 341 55.33 -11.11 -15.37
C ALA A 341 56.81 -11.15 -15.00
N THR A 342 57.65 -11.39 -15.99
CA THR A 342 59.09 -11.46 -15.75
C THR A 342 59.62 -10.12 -15.27
N ARG A 343 59.19 -9.03 -15.89
CA ARG A 343 59.65 -7.69 -15.56
C ARG A 343 58.47 -6.78 -15.30
N PHE A 344 58.68 -5.80 -14.43
CA PHE A 344 57.67 -4.81 -14.08
C PHE A 344 58.14 -3.43 -14.52
N ALA A 345 57.20 -2.64 -15.02
CA ALA A 345 57.52 -1.29 -15.46
C ALA A 345 57.74 -0.37 -14.25
N SER A 346 58.44 0.72 -14.50
CA SER A 346 58.70 1.69 -13.46
C SER A 346 57.39 2.32 -12.98
N VAL A 347 57.41 2.81 -11.74
CA VAL A 347 56.20 3.36 -11.15
C VAL A 347 55.70 4.56 -11.94
N TYR A 348 56.61 5.45 -12.37
CA TYR A 348 56.19 6.57 -13.19
C TYR A 348 55.66 6.12 -14.55
N ALA A 349 55.96 4.90 -14.96
CA ALA A 349 55.43 4.32 -16.19
C ALA A 349 54.68 3.04 -15.86
N TRP A 350 53.87 3.08 -14.81
CA TRP A 350 53.13 1.91 -14.37
C TRP A 350 52.30 1.34 -15.52
N ASN A 351 52.38 0.02 -15.70
CA ASN A 351 51.65 -0.63 -16.77
C ASN A 351 50.19 -0.85 -16.34
N ARG A 352 49.31 -0.98 -17.34
CA ARG A 352 47.90 -1.23 -17.09
C ARG A 352 47.40 -2.27 -18.09
N LYS A 353 46.56 -3.18 -17.61
CA LYS A 353 45.87 -4.16 -18.45
C LYS A 353 44.39 -4.14 -18.13
N ARG A 354 43.56 -4.32 -19.16
CA ARG A 354 42.12 -4.43 -18.99
C ARG A 354 41.73 -5.91 -18.90
N ILE A 355 40.87 -6.23 -17.95
CA ILE A 355 40.33 -7.57 -17.77
C ILE A 355 38.83 -7.46 -17.89
N SER A 356 38.26 -8.22 -18.82
CA SER A 356 36.82 -8.18 -19.05
C SER A 356 36.37 -9.48 -19.69
N ASN A 357 35.12 -9.85 -19.45
CA ASN A 357 34.50 -11.01 -20.07
C ASN A 357 35.34 -12.26 -19.82
N CYS A 358 35.49 -12.58 -18.54
CA CYS A 358 36.25 -13.75 -18.13
C CYS A 358 35.87 -14.07 -16.69
N VAL A 359 36.42 -15.17 -16.18
CA VAL A 359 36.18 -15.58 -14.81
C VAL A 359 37.54 -15.89 -14.17
N ALA A 360 37.61 -15.65 -12.86
CA ALA A 360 38.84 -15.88 -12.12
C ALA A 360 38.50 -16.36 -10.73
N ASP A 361 39.26 -17.34 -10.25
CA ASP A 361 39.11 -17.86 -8.89
C ASP A 361 40.04 -17.06 -7.99
N TYR A 362 39.48 -16.10 -7.27
CA TYR A 362 40.29 -15.27 -6.37
C TYR A 362 40.73 -16.03 -5.13
N SER A 363 40.26 -17.26 -4.94
CA SER A 363 40.73 -18.05 -3.80
C SER A 363 42.24 -18.23 -3.84
N VAL A 364 42.79 -18.54 -5.01
CA VAL A 364 44.24 -18.67 -5.14
C VAL A 364 44.92 -17.36 -4.77
N LEU A 365 44.22 -16.24 -4.93
CA LEU A 365 44.81 -14.94 -4.70
C LEU A 365 44.86 -14.59 -3.21
N TYR A 366 43.70 -14.43 -2.57
CA TYR A 366 43.68 -14.01 -1.18
C TYR A 366 44.06 -15.14 -0.22
N ASN A 367 44.16 -16.37 -0.71
CA ASN A 367 44.69 -17.47 0.09
C ASN A 367 46.18 -17.70 -0.13
N SER A 368 46.81 -16.90 -0.98
CA SER A 368 48.24 -17.01 -1.22
C SER A 368 49.00 -16.18 -0.20
N ALA A 369 50.03 -16.76 0.39
CA ALA A 369 50.85 -16.08 1.39
C ALA A 369 52.05 -15.36 0.79
N SER A 370 52.16 -15.33 -0.53
CA SER A 370 53.30 -14.72 -1.21
C SER A 370 53.19 -13.21 -1.32
N PHE A 371 52.18 -12.59 -0.71
CA PHE A 371 51.95 -11.15 -0.82
C PHE A 371 52.21 -10.49 0.52
N SER A 372 53.10 -9.50 0.53
CA SER A 372 53.41 -8.77 1.76
C SER A 372 52.29 -7.83 2.16
N THR A 373 51.64 -7.19 1.18
CA THR A 373 50.53 -6.28 1.44
C THR A 373 49.33 -6.76 0.62
N PHE A 374 48.17 -6.81 1.25
CA PHE A 374 46.95 -7.29 0.59
C PHE A 374 45.76 -6.57 1.24
N LYS A 375 45.37 -5.45 0.65
CA LYS A 375 44.34 -4.59 1.26
C LYS A 375 43.29 -4.22 0.23
N CYS A 376 42.03 -4.45 0.58
CA CYS A 376 40.91 -4.15 -0.31
C CYS A 376 40.04 -3.05 0.29
N TYR A 377 39.62 -2.13 -0.57
CA TYR A 377 38.76 -1.01 -0.20
C TYR A 377 37.47 -1.13 -1.00
N GLY A 378 36.34 -1.12 -0.30
CA GLY A 378 35.04 -1.23 -0.92
C GLY A 378 34.58 -2.65 -1.18
N VAL A 379 35.44 -3.65 -0.95
CA VAL A 379 35.09 -5.05 -1.19
C VAL A 379 35.78 -5.92 -0.15
N SER A 380 35.13 -7.03 0.18
CA SER A 380 35.69 -8.01 1.12
C SER A 380 36.67 -8.92 0.39
N PRO A 381 37.92 -9.02 0.86
CA PRO A 381 38.88 -9.86 0.12
C PRO A 381 38.42 -11.29 -0.06
N THR A 382 37.70 -11.84 0.93
CA THR A 382 37.21 -13.20 0.86
C THR A 382 35.89 -13.33 0.09
N LYS A 383 35.43 -12.24 -0.53
CA LYS A 383 34.14 -12.24 -1.23
C LYS A 383 34.31 -12.02 -2.72
N LEU A 384 35.54 -12.00 -3.23
CA LEU A 384 35.75 -11.67 -4.64
C LEU A 384 35.07 -12.66 -5.57
N ASN A 385 35.17 -13.96 -5.28
CA ASN A 385 34.50 -14.96 -6.10
C ASN A 385 32.99 -14.83 -6.06
N ASP A 386 32.45 -14.10 -5.09
CA ASP A 386 31.01 -13.93 -4.93
C ASP A 386 30.48 -12.69 -5.64
N LEU A 387 31.35 -11.95 -6.34
CA LEU A 387 30.97 -10.69 -6.96
C LEU A 387 31.35 -10.70 -8.44
N CYS A 388 30.50 -10.09 -9.25
CA CYS A 388 30.77 -9.85 -10.66
C CYS A 388 30.99 -8.37 -10.89
N PHE A 389 31.84 -8.05 -11.88
CA PHE A 389 32.15 -6.68 -12.21
C PHE A 389 32.12 -6.48 -13.72
N THR A 390 31.75 -5.28 -14.14
CA THR A 390 31.72 -4.98 -15.57
C THR A 390 33.12 -5.04 -16.16
N ASN A 391 34.12 -4.54 -15.42
CA ASN A 391 35.48 -4.53 -15.91
C ASN A 391 36.44 -4.51 -14.73
N VAL A 392 37.70 -4.81 -14.99
CA VAL A 392 38.76 -4.71 -14.00
C VAL A 392 39.99 -4.12 -14.68
N TYR A 393 40.75 -3.34 -13.94
CA TYR A 393 42.03 -2.82 -14.40
C TYR A 393 43.13 -3.34 -13.50
N ALA A 394 44.13 -3.99 -14.08
CA ALA A 394 45.28 -4.50 -13.36
C ALA A 394 46.45 -3.59 -13.69
N ASP A 395 46.81 -2.73 -12.74
CA ASP A 395 47.97 -1.87 -12.87
C ASP A 395 49.15 -2.51 -12.14
N SER A 396 50.33 -2.37 -12.70
CA SER A 396 51.51 -3.06 -12.18
C SER A 396 52.70 -2.11 -12.19
N PHE A 397 53.51 -2.19 -11.14
CA PHE A 397 54.74 -1.41 -11.07
C PHE A 397 55.59 -1.92 -9.92
N VAL A 398 56.69 -1.22 -9.66
CA VAL A 398 57.62 -1.57 -8.58
C VAL A 398 57.93 -0.32 -7.78
N ILE A 399 57.89 -0.46 -6.45
CA ILE A 399 58.25 0.63 -5.54
C ILE A 399 58.92 0.02 -4.31
N ARG A 400 59.67 0.84 -3.57
CA ARG A 400 60.31 0.33 -2.38
C ARG A 400 59.31 0.23 -1.24
N GLY A 401 59.69 -0.55 -0.22
CA GLY A 401 58.74 -0.88 0.83
C GLY A 401 58.14 0.34 1.49
N ASP A 402 58.98 1.33 1.83
CA ASP A 402 58.48 2.53 2.48
C ASP A 402 57.44 3.25 1.65
N GLU A 403 57.50 3.12 0.32
CA GLU A 403 56.53 3.78 -0.55
C GLU A 403 55.25 2.98 -0.71
N VAL A 404 55.22 1.73 -0.26
CA VAL A 404 54.05 0.89 -0.47
C VAL A 404 52.83 1.52 0.20
N ARG A 405 53.01 2.10 1.37
CA ARG A 405 51.90 2.72 2.08
C ARG A 405 51.26 3.85 1.28
N GLN A 406 52.03 4.50 0.39
CA GLN A 406 51.47 5.60 -0.39
C GLN A 406 50.41 5.14 -1.37
N ILE A 407 50.35 3.85 -1.68
CA ILE A 407 49.40 3.34 -2.67
C ILE A 407 48.10 3.05 -1.92
N ALA A 408 47.28 4.09 -1.78
CA ALA A 408 45.98 3.96 -1.16
C ALA A 408 45.22 5.28 -1.29
N PRO A 409 43.88 5.25 -1.27
CA PRO A 409 43.14 6.51 -1.39
C PRO A 409 43.46 7.45 -0.23
N GLY A 410 43.51 8.74 -0.54
CA GLY A 410 43.82 9.74 0.46
C GLY A 410 45.26 9.82 0.87
N GLN A 411 46.16 9.15 0.15
CA GLN A 411 47.57 9.15 0.46
C GLN A 411 48.32 10.12 -0.43
N THR A 412 49.38 10.72 0.10
CA THR A 412 50.22 11.65 -0.61
C THR A 412 51.67 11.19 -0.57
N GLY A 413 52.52 11.93 -1.26
CA GLY A 413 53.93 11.61 -1.32
C GLY A 413 54.47 11.64 -2.73
N ASN A 414 55.74 11.30 -2.91
CA ASN A 414 56.33 11.33 -4.24
C ASN A 414 55.60 10.39 -5.18
N ILE A 415 55.37 9.15 -4.76
CA ILE A 415 54.72 8.18 -5.62
C ILE A 415 53.25 8.55 -5.83
N ALA A 416 52.58 8.92 -4.74
CA ALA A 416 51.16 9.26 -4.84
C ALA A 416 50.93 10.48 -5.73
N ASP A 417 51.82 11.47 -5.64
CA ASP A 417 51.56 12.74 -6.31
C ASP A 417 52.12 12.77 -7.72
N TYR A 418 53.29 12.16 -7.95
CA TYR A 418 54.01 12.34 -9.21
C TYR A 418 54.14 11.08 -10.04
N ASN A 419 53.88 9.90 -9.47
CA ASN A 419 54.07 8.64 -10.19
C ASN A 419 52.76 7.89 -10.40
N TYR A 420 51.99 7.66 -9.34
CA TYR A 420 50.73 6.93 -9.46
C TYR A 420 49.79 7.40 -8.36
N LYS A 421 48.59 7.82 -8.75
CA LYS A 421 47.60 8.35 -7.81
C LYS A 421 46.33 7.52 -7.90
N LEU A 422 45.77 7.19 -6.74
CA LEU A 422 44.50 6.47 -6.67
C LEU A 422 43.38 7.42 -6.30
N PRO A 423 42.17 7.24 -6.83
CA PRO A 423 41.06 8.09 -6.43
C PRO A 423 40.62 7.78 -5.02
N ASP A 424 40.06 8.80 -4.35
CA ASP A 424 39.61 8.61 -2.97
C ASP A 424 38.51 7.56 -2.90
N ASP A 425 37.61 7.53 -3.88
CA ASP A 425 36.53 6.55 -3.95
C ASP A 425 36.96 5.27 -4.63
N PHE A 426 38.25 4.95 -4.64
CA PHE A 426 38.73 3.75 -5.28
C PHE A 426 38.05 2.52 -4.69
N THR A 427 37.59 1.63 -5.57
CA THR A 427 36.95 0.38 -5.19
C THR A 427 37.78 -0.75 -5.79
N GLY A 428 38.56 -1.43 -4.96
CA GLY A 428 39.40 -2.51 -5.44
C GLY A 428 40.46 -2.85 -4.42
N CYS A 429 41.41 -3.68 -4.86
CA CYS A 429 42.41 -4.25 -3.98
C CYS A 429 43.81 -3.83 -4.42
N VAL A 430 44.72 -3.81 -3.45
CA VAL A 430 46.13 -3.52 -3.67
C VAL A 430 46.93 -4.70 -3.12
N ILE A 431 47.85 -5.23 -3.92
CA ILE A 431 48.67 -6.36 -3.57
C ILE A 431 50.12 -5.97 -3.80
N ALA A 432 51.00 -6.37 -2.88
CA ALA A 432 52.41 -6.05 -3.00
C ALA A 432 53.23 -7.17 -2.39
N TRP A 433 54.40 -7.41 -2.99
CA TRP A 433 55.30 -8.44 -2.47
C TRP A 433 56.73 -8.07 -2.84
N ASN A 434 57.65 -8.39 -1.95
CA ASN A 434 59.05 -8.05 -2.16
C ASN A 434 59.57 -8.71 -3.43
N SER A 435 60.38 -7.97 -4.17
CA SER A 435 61.01 -8.44 -5.40
C SER A 435 62.51 -8.18 -5.35
N ASN A 436 63.09 -8.26 -4.16
CA ASN A 436 64.52 -7.98 -4.01
C ASN A 436 65.35 -8.94 -4.85
N ASN A 437 65.04 -10.24 -4.80
CA ASN A 437 65.79 -11.21 -5.58
C ASN A 437 65.63 -10.99 -7.08
N LEU A 438 64.54 -10.34 -7.49
CA LEU A 438 64.26 -10.11 -8.91
C LEU A 438 64.64 -8.72 -9.38
N ASP A 439 64.35 -7.69 -8.59
CA ASP A 439 64.51 -6.31 -9.01
C ASP A 439 65.74 -5.64 -8.40
N SER A 440 66.59 -6.38 -7.69
CA SER A 440 67.81 -5.84 -7.12
C SER A 440 69.04 -6.48 -7.77
N LYS A 441 70.11 -5.71 -7.83
CA LYS A 441 71.37 -6.16 -8.41
C LYS A 441 72.53 -5.78 -7.50
N VAL A 442 73.62 -6.51 -7.63
CA VAL A 442 74.80 -6.25 -6.80
C VAL A 442 75.30 -4.84 -7.07
N GLY A 443 75.37 -4.45 -8.33
CA GLY A 443 75.80 -3.12 -8.71
C GLY A 443 74.74 -2.05 -8.64
N GLY A 444 73.53 -2.41 -8.22
CA GLY A 444 72.43 -1.46 -8.18
C GLY A 444 71.58 -1.54 -9.42
N ASN A 445 70.29 -1.82 -9.27
CA ASN A 445 69.36 -1.89 -10.38
C ASN A 445 68.77 -0.51 -10.58
N TYR A 446 69.28 0.22 -11.57
CA TYR A 446 68.84 1.58 -11.85
C TYR A 446 67.81 1.64 -12.97
N ASN A 447 67.39 0.48 -13.50
CA ASN A 447 66.37 0.47 -14.54
C ASN A 447 65.01 0.90 -14.02
N TYR A 448 64.81 0.93 -12.70
CA TYR A 448 63.58 1.39 -12.09
C TYR A 448 63.75 2.84 -11.66
N LEU A 449 62.84 3.71 -12.10
CA LEU A 449 62.86 5.11 -11.76
C LEU A 449 61.47 5.55 -11.30
N TYR A 450 61.44 6.65 -10.56
CA TYR A 450 60.19 7.27 -10.13
C TYR A 450 60.28 8.76 -10.37
N ARG A 451 59.14 9.37 -10.70
CA ARG A 451 59.12 10.80 -10.96
C ARG A 451 59.40 11.55 -9.67
N LEU A 452 60.48 12.31 -9.65
CA LEU A 452 60.87 13.10 -8.48
C LEU A 452 60.48 14.55 -8.60
N PHE A 453 60.37 15.08 -9.83
CA PHE A 453 60.02 16.46 -10.07
C PHE A 453 58.67 16.52 -10.78
N ARG A 454 57.81 17.42 -10.31
CA ARG A 454 56.57 17.73 -11.01
C ARG A 454 55.95 18.96 -10.37
N LYS A 455 55.44 19.87 -11.21
CA LYS A 455 54.84 21.10 -10.72
C LYS A 455 53.41 20.89 -10.22
N SER A 456 52.85 19.71 -10.41
CA SER A 456 51.49 19.43 -9.96
C SER A 456 51.37 17.95 -9.63
N ASN A 457 50.35 17.61 -8.86
CA ASN A 457 50.10 16.23 -8.47
C ASN A 457 49.28 15.52 -9.54
N LEU A 458 49.52 14.22 -9.67
CA LEU A 458 48.82 13.43 -10.67
C LEU A 458 47.37 13.20 -10.28
N LYS A 459 46.50 13.22 -11.27
CA LYS A 459 45.11 12.85 -11.07
C LYS A 459 45.01 11.33 -10.89
N PRO A 460 43.89 10.85 -10.34
CA PRO A 460 43.74 9.41 -10.15
C PRO A 460 43.95 8.64 -11.46
N PHE A 461 44.75 7.59 -11.39
CA PHE A 461 45.05 6.75 -12.55
C PHE A 461 45.69 7.55 -13.68
N GLU A 462 46.49 8.55 -13.34
CA GLU A 462 47.22 9.34 -14.32
C GLU A 462 48.66 8.85 -14.39
N ARG A 463 49.16 8.68 -15.61
CA ARG A 463 50.53 8.26 -15.87
C ARG A 463 51.28 9.42 -16.53
N ASP A 464 52.39 9.82 -15.92
CA ASP A 464 53.23 10.89 -16.45
C ASP A 464 54.58 10.29 -16.79
N ILE A 465 54.89 10.21 -18.08
CA ILE A 465 56.14 9.63 -18.57
C ILE A 465 57.07 10.69 -19.12
N SER A 466 56.74 11.97 -18.95
CA SER A 466 57.59 13.03 -19.47
C SER A 466 58.96 13.00 -18.82
N THR A 467 60.00 13.08 -19.63
CA THR A 467 61.39 13.13 -19.16
C THR A 467 62.01 14.49 -19.36
N GLU A 468 61.20 15.51 -19.62
CA GLU A 468 61.72 16.85 -19.85
C GLU A 468 62.46 17.37 -18.63
N ILE A 469 63.58 18.05 -18.87
CA ILE A 469 64.35 18.63 -17.77
C ILE A 469 63.45 19.57 -16.99
N TYR A 470 63.40 19.38 -15.67
CA TYR A 470 62.52 20.15 -14.82
C TYR A 470 63.11 21.54 -14.60
N GLN A 471 62.36 22.57 -14.96
CA GLN A 471 62.82 23.95 -14.80
C GLN A 471 62.39 24.44 -13.43
N ALA A 472 63.36 24.54 -12.51
CA ALA A 472 63.12 24.98 -11.15
C ALA A 472 63.35 26.48 -10.98
N GLY A 473 63.63 27.20 -12.06
CA GLY A 473 63.84 28.63 -12.00
C GLY A 473 63.22 29.35 -13.17
N SER A 474 63.45 30.66 -13.28
CA SER A 474 62.89 31.43 -14.38
C SER A 474 63.63 31.16 -15.69
N THR A 475 64.91 30.85 -15.61
CA THR A 475 65.70 30.63 -16.83
C THR A 475 65.30 29.31 -17.47
N PRO A 476 64.96 29.30 -18.76
CA PRO A 476 64.66 28.01 -19.41
C PRO A 476 65.90 27.14 -19.50
N CYS A 477 65.66 25.83 -19.51
CA CYS A 477 66.75 24.86 -19.52
C CYS A 477 67.20 24.49 -20.92
N ASN A 478 66.30 24.49 -21.90
CA ASN A 478 66.65 24.17 -23.28
C ASN A 478 67.24 22.77 -23.38
N GLY A 479 66.77 21.86 -22.51
CA GLY A 479 67.24 20.49 -22.54
C GLY A 479 68.64 20.26 -22.03
N VAL A 480 69.24 21.26 -21.37
CA VAL A 480 70.59 21.17 -20.84
C VAL A 480 70.50 21.18 -19.32
N LYS A 481 71.08 20.15 -18.69
CA LYS A 481 71.06 20.08 -17.24
C LYS A 481 71.99 21.13 -16.64
N GLY A 482 71.62 21.59 -15.44
CA GLY A 482 72.36 22.64 -14.78
C GLY A 482 71.57 23.14 -13.58
N PHE A 483 71.98 24.30 -13.08
CA PHE A 483 71.28 24.89 -11.95
C PHE A 483 69.83 25.21 -12.34
N ASN A 484 68.91 24.91 -11.43
CA ASN A 484 67.48 25.05 -11.69
C ASN A 484 67.02 24.20 -12.88
N CYS A 485 67.79 23.16 -13.20
CA CYS A 485 67.49 22.30 -14.35
C CYS A 485 67.91 20.88 -13.99
N TYR A 486 66.94 20.05 -13.60
CA TYR A 486 67.20 18.72 -13.09
C TYR A 486 66.32 17.71 -13.80
N PHE A 487 66.85 16.49 -13.94
CA PHE A 487 66.09 15.43 -14.58
C PHE A 487 64.87 15.08 -13.73
N PRO A 488 63.69 14.91 -14.35
CA PRO A 488 62.47 14.71 -13.53
C PRO A 488 62.38 13.36 -12.85
N LEU A 489 63.15 12.37 -13.29
CA LEU A 489 63.09 11.02 -12.73
C LEU A 489 64.30 10.76 -11.86
N GLN A 490 64.10 9.93 -10.83
CA GLN A 490 65.15 9.51 -9.92
C GLN A 490 65.17 8.00 -9.86
N SER A 491 66.36 7.42 -9.96
CA SER A 491 66.52 5.97 -9.98
C SER A 491 66.66 5.42 -8.56
N TYR A 492 66.02 4.28 -8.32
CA TYR A 492 66.13 3.63 -7.02
C TYR A 492 67.52 3.00 -6.82
N GLY A 493 68.08 2.42 -7.87
CA GLY A 493 69.34 1.73 -7.74
C GLY A 493 69.26 0.59 -6.74
N PHE A 494 68.20 -0.21 -6.85
CA PHE A 494 67.95 -1.26 -5.86
C PHE A 494 69.15 -2.18 -5.73
N GLN A 495 69.48 -2.53 -4.49
CA GLN A 495 70.53 -3.48 -4.19
C GLN A 495 70.02 -4.50 -3.19
N PRO A 496 70.53 -5.73 -3.24
CA PRO A 496 70.08 -6.74 -2.27
C PRO A 496 70.40 -6.37 -0.83
N THR A 497 71.40 -5.52 -0.61
CA THR A 497 71.80 -5.12 0.74
C THR A 497 70.95 -3.98 1.28
N TYR A 498 70.05 -3.41 0.49
CA TYR A 498 69.20 -2.34 0.96
C TYR A 498 68.21 -2.85 2.00
N GLY A 499 67.73 -1.93 2.84
CA GLY A 499 66.76 -2.29 3.86
C GLY A 499 65.42 -2.65 3.26
N VAL A 500 64.58 -3.25 4.10
CA VAL A 500 63.27 -3.70 3.63
C VAL A 500 62.48 -2.54 3.06
N GLY A 501 62.53 -1.38 3.72
CA GLY A 501 61.87 -0.20 3.21
C GLY A 501 62.45 0.33 1.92
N TYR A 502 63.68 -0.05 1.60
CA TYR A 502 64.34 0.37 0.36
C TYR A 502 64.44 -0.74 -0.66
N GLN A 503 64.18 -1.98 -0.28
CA GLN A 503 64.22 -3.07 -1.23
C GLN A 503 63.00 -3.01 -2.16
N PRO A 504 63.13 -3.50 -3.38
CA PRO A 504 62.02 -3.39 -4.35
C PRO A 504 60.85 -4.27 -3.96
N TYR A 505 59.66 -3.83 -4.34
CA TYR A 505 58.42 -4.56 -4.15
C TYR A 505 57.58 -4.41 -5.40
N ARG A 506 57.15 -5.53 -5.96
CA ARG A 506 56.22 -5.52 -7.08
C ARG A 506 54.81 -5.35 -6.54
N VAL A 507 54.08 -4.38 -7.12
CA VAL A 507 52.77 -3.97 -6.66
C VAL A 507 51.80 -4.10 -7.83
N VAL A 508 50.66 -4.74 -7.57
CA VAL A 508 49.57 -4.89 -8.53
C VAL A 508 48.30 -4.33 -7.87
N VAL A 509 47.67 -3.39 -8.55
CA VAL A 509 46.43 -2.78 -8.10
C VAL A 509 45.31 -3.26 -9.02
N LEU A 510 44.29 -3.88 -8.43
CA LEU A 510 43.13 -4.36 -9.16
C LEU A 510 41.95 -3.43 -8.87
N SER A 511 41.55 -2.67 -9.88
CA SER A 511 40.45 -1.72 -9.78
C SER A 511 39.23 -2.36 -10.44
N PHE A 512 38.24 -2.72 -9.63
CA PHE A 512 37.04 -3.37 -10.11
C PHE A 512 35.97 -2.33 -10.36
N GLU A 513 35.37 -2.35 -11.55
CA GLU A 513 34.36 -1.40 -11.95
C GLU A 513 33.08 -2.15 -12.26
N LEU A 514 32.01 -1.82 -11.53
CA LEU A 514 30.69 -2.43 -11.71
C LEU A 514 29.76 -1.30 -12.18
N LEU A 515 29.76 -1.05 -13.48
CA LEU A 515 28.97 0.02 -14.07
C LEU A 515 27.64 -0.53 -14.58
N HIS A 516 26.89 0.29 -15.30
CA HIS A 516 25.60 -0.12 -15.85
C HIS A 516 25.74 -1.14 -16.96
N ALA A 517 26.95 -1.36 -17.47
CA ALA A 517 27.17 -2.35 -18.51
C ALA A 517 26.94 -3.75 -17.96
N PRO A 518 26.69 -4.72 -18.82
CA PRO A 518 26.47 -6.09 -18.34
C PRO A 518 27.68 -6.61 -17.57
N ALA A 519 27.41 -7.42 -16.56
CA ALA A 519 28.47 -8.01 -15.76
C ALA A 519 29.25 -9.01 -16.59
N THR A 520 30.55 -8.78 -16.74
CA THR A 520 31.41 -9.61 -17.58
C THR A 520 32.42 -10.41 -16.77
N VAL A 521 33.04 -9.80 -15.76
CA VAL A 521 34.04 -10.46 -14.93
C VAL A 521 33.32 -11.05 -13.72
N CYS A 522 33.47 -12.36 -13.52
CA CYS A 522 32.89 -13.04 -12.37
C CYS A 522 33.87 -14.01 -11.73
N GLY A 523 33.40 -14.78 -10.76
CA GLY A 523 34.20 -15.80 -10.12
C GLY A 523 33.53 -17.15 -10.25
N PRO A 524 34.27 -18.17 -10.72
CA PRO A 524 33.64 -19.46 -11.01
C PRO A 524 33.30 -20.24 -9.76
N LYS A 525 32.00 -20.47 -9.52
CA LYS A 525 31.57 -21.25 -8.38
C LYS A 525 31.72 -22.74 -8.68
N LYS A 526 32.34 -23.46 -7.76
CA LYS A 526 32.51 -24.90 -7.93
C LYS A 526 31.16 -25.61 -7.83
N SER A 527 30.97 -26.59 -8.71
CA SER A 527 29.73 -27.34 -8.74
C SER A 527 29.80 -28.54 -7.80
N THR A 528 28.68 -29.24 -7.68
CA THR A 528 28.56 -30.41 -6.83
C THR A 528 28.16 -31.61 -7.68
N ASN A 529 28.42 -32.79 -7.14
CA ASN A 529 28.04 -34.01 -7.84
C ASN A 529 26.52 -34.09 -7.96
N LEU A 530 26.08 -34.75 -9.03
CA LEU A 530 24.66 -34.85 -9.35
C LEU A 530 24.09 -36.15 -8.83
N VAL A 531 22.91 -36.08 -8.23
CA VAL A 531 22.22 -37.24 -7.67
C VAL A 531 20.89 -37.40 -8.39
N LYS A 532 20.57 -38.63 -8.78
CA LYS A 532 19.35 -38.93 -9.51
C LYS A 532 18.35 -39.64 -8.62
N ASN A 533 17.07 -39.53 -9.00
CA ASN A 533 16.00 -40.28 -8.37
C ASN A 533 15.84 -39.97 -6.89
N LYS A 534 16.11 -38.72 -6.50
CA LYS A 534 15.92 -38.29 -5.13
C LYS A 534 15.44 -36.85 -5.12
N CYS A 535 14.47 -36.56 -4.25
CA CYS A 535 13.97 -35.20 -4.10
C CYS A 535 15.11 -34.32 -3.58
N VAL A 536 15.54 -33.36 -4.39
CA VAL A 536 16.68 -32.52 -4.09
C VAL A 536 16.41 -31.11 -4.59
N ASN A 537 17.26 -30.18 -4.16
CA ASN A 537 17.24 -28.81 -4.64
C ASN A 537 18.34 -28.65 -5.67
N PHE A 538 17.96 -28.25 -6.88
CA PHE A 538 18.88 -28.14 -8.00
C PHE A 538 19.09 -26.70 -8.41
N ASN A 539 20.28 -26.44 -8.93
CA ASN A 539 20.64 -25.14 -9.52
C ASN A 539 21.48 -25.41 -10.76
N PHE A 540 20.89 -25.21 -11.92
CA PHE A 540 21.58 -25.38 -13.21
C PHE A 540 21.81 -23.99 -13.80
N ASN A 541 23.07 -23.55 -13.77
CA ASN A 541 23.45 -22.28 -14.38
C ASN A 541 22.51 -21.15 -13.95
N GLY A 542 22.19 -21.14 -12.65
CA GLY A 542 21.38 -20.09 -12.08
C GLY A 542 19.90 -20.39 -12.01
N LEU A 543 19.40 -21.34 -12.79
CA LEU A 543 18.01 -21.75 -12.71
C LEU A 543 17.86 -22.69 -11.53
N THR A 544 17.10 -22.27 -10.53
CA THR A 544 16.95 -23.02 -9.28
C THR A 544 15.57 -23.65 -9.20
N GLY A 545 15.49 -24.71 -8.40
CA GLY A 545 14.21 -25.35 -8.17
C GLY A 545 14.40 -26.57 -7.29
N THR A 546 13.30 -27.29 -7.12
CA THR A 546 13.30 -28.51 -6.32
C THR A 546 12.49 -29.60 -7.01
N GLY A 547 13.00 -30.82 -6.96
CA GLY A 547 12.34 -31.92 -7.63
C GLY A 547 13.22 -33.14 -7.65
N VAL A 548 12.82 -34.12 -8.46
CA VAL A 548 13.57 -35.35 -8.68
C VAL A 548 14.10 -35.33 -10.10
N LEU A 549 15.39 -35.53 -10.25
CA LEU A 549 16.06 -35.51 -11.54
C LEU A 549 16.22 -36.95 -12.02
N THR A 550 15.78 -37.22 -13.25
CA THR A 550 15.83 -38.56 -13.79
C THR A 550 16.35 -38.53 -15.22
N GLU A 551 16.82 -39.68 -15.69
CA GLU A 551 17.26 -39.78 -17.08
C GLU A 551 16.08 -39.62 -18.01
N SER A 552 16.36 -39.11 -19.21
CA SER A 552 15.32 -38.76 -20.16
C SER A 552 15.72 -39.24 -21.55
N ASN A 553 14.75 -39.21 -22.47
CA ASN A 553 14.97 -39.57 -23.86
C ASN A 553 14.57 -38.44 -24.80
N LYS A 554 14.47 -37.22 -24.30
CA LYS A 554 14.10 -36.06 -25.12
C LYS A 554 15.36 -35.49 -25.78
N LYS A 555 15.34 -35.41 -27.10
CA LYS A 555 16.50 -34.95 -27.87
C LYS A 555 16.46 -33.43 -27.95
N PHE A 556 17.14 -32.78 -27.01
CA PHE A 556 17.24 -31.34 -27.04
C PHE A 556 18.19 -30.89 -28.14
N LEU A 557 17.85 -29.79 -28.79
CA LEU A 557 18.73 -29.24 -29.82
C LEU A 557 19.99 -28.69 -29.18
N PRO A 558 21.10 -28.63 -29.91
CA PRO A 558 22.37 -28.22 -29.29
C PRO A 558 22.29 -26.88 -28.60
N PHE A 559 21.57 -25.93 -29.18
CA PHE A 559 21.41 -24.62 -28.57
C PHE A 559 20.34 -24.60 -27.49
N GLN A 560 19.42 -25.55 -27.51
CA GLN A 560 18.38 -25.61 -26.49
C GLN A 560 19.00 -25.93 -25.15
N GLN A 561 18.46 -25.32 -24.09
CA GLN A 561 19.01 -25.49 -22.76
C GLN A 561 17.98 -25.79 -21.68
N PHE A 562 16.69 -25.60 -21.96
CA PHE A 562 15.63 -25.89 -21.01
C PHE A 562 14.43 -26.50 -21.71
N GLY A 563 13.65 -27.24 -20.94
CA GLY A 563 12.38 -27.78 -21.41
C GLY A 563 11.25 -27.26 -20.54
N ARG A 564 10.14 -26.91 -21.19
CA ARG A 564 8.97 -26.43 -20.49
C ARG A 564 7.74 -27.13 -21.05
N ASP A 565 6.77 -27.36 -20.17
CA ASP A 565 5.50 -27.96 -20.54
C ASP A 565 4.53 -26.85 -20.91
N ILE A 566 3.25 -27.21 -21.06
CA ILE A 566 2.24 -26.21 -21.42
C ILE A 566 2.22 -25.09 -20.39
N ALA A 567 2.41 -25.44 -19.12
CA ALA A 567 2.40 -24.47 -18.04
C ALA A 567 3.64 -23.59 -18.03
N ASP A 568 4.58 -23.80 -18.94
CA ASP A 568 5.83 -23.04 -18.98
C ASP A 568 6.71 -23.38 -17.79
N THR A 569 6.27 -24.31 -16.94
CA THR A 569 7.11 -24.76 -15.85
C THR A 569 8.25 -25.62 -16.40
N THR A 570 9.36 -25.58 -15.69
CA THR A 570 10.53 -26.34 -16.14
C THR A 570 10.18 -27.81 -16.27
N ASP A 571 10.51 -28.39 -17.42
CA ASP A 571 10.27 -29.80 -17.68
C ASP A 571 11.54 -30.63 -17.55
N ALA A 572 12.61 -30.21 -18.22
CA ALA A 572 13.87 -30.93 -18.17
C ALA A 572 15.00 -29.94 -18.39
N VAL A 573 16.19 -30.32 -17.96
CA VAL A 573 17.36 -29.47 -18.09
C VAL A 573 18.55 -30.32 -18.51
N ARG A 574 19.53 -29.66 -19.12
CA ARG A 574 20.74 -30.31 -19.60
C ARG A 574 21.89 -29.95 -18.68
N ASP A 575 22.62 -30.97 -18.22
CA ASP A 575 23.74 -30.73 -17.33
C ASP A 575 24.80 -29.92 -18.05
N PRO A 576 25.27 -28.81 -17.46
CA PRO A 576 26.30 -28.01 -18.14
C PRO A 576 27.60 -28.76 -18.34
N GLN A 577 27.86 -29.81 -17.57
CA GLN A 577 29.07 -30.60 -17.69
C GLN A 577 28.92 -31.75 -18.67
N THR A 578 27.82 -32.48 -18.59
CA THR A 578 27.51 -33.57 -19.51
C THR A 578 26.33 -33.16 -20.37
N LEU A 579 26.49 -33.25 -21.68
CA LEU A 579 25.41 -32.88 -22.58
C LEU A 579 24.32 -33.94 -22.55
N GLU A 580 23.67 -34.10 -21.40
CA GLU A 580 22.61 -35.07 -21.23
C GLU A 580 21.38 -34.37 -20.67
N ILE A 581 20.22 -34.88 -21.05
CA ILE A 581 18.94 -34.28 -20.71
C ILE A 581 18.34 -35.03 -19.54
N LEU A 582 17.97 -34.30 -18.49
CA LEU A 582 17.41 -34.88 -17.28
C LEU A 582 16.04 -34.28 -17.03
N ASP A 583 15.06 -35.15 -16.88
CA ASP A 583 13.69 -34.71 -16.59
C ASP A 583 13.55 -34.35 -15.11
N ILE A 584 12.72 -33.34 -14.87
CA ILE A 584 12.44 -32.85 -13.53
C ILE A 584 11.01 -33.24 -13.18
N THR A 585 10.85 -34.01 -12.12
CA THR A 585 9.52 -34.38 -11.64
C THR A 585 9.29 -33.73 -10.29
N PRO A 586 8.22 -32.95 -10.10
CA PRO A 586 7.98 -32.38 -8.78
C PRO A 586 7.88 -33.47 -7.72
N CYS A 587 8.46 -33.20 -6.55
CA CYS A 587 8.55 -34.22 -5.53
C CYS A 587 7.16 -34.68 -5.12
N SER A 588 7.07 -35.96 -4.76
CA SER A 588 5.79 -36.54 -4.41
C SER A 588 5.13 -35.72 -3.30
N PHE A 589 3.83 -35.46 -3.47
CA PHE A 589 3.10 -34.62 -2.54
C PHE A 589 1.63 -34.97 -2.62
N GLY A 590 0.84 -34.35 -1.76
CA GLY A 590 -0.59 -34.54 -1.78
C GLY A 590 -1.26 -34.11 -0.50
N GLY A 591 -2.15 -34.95 0.02
CA GLY A 591 -2.80 -34.66 1.28
C GLY A 591 -3.04 -35.95 2.04
N VAL A 592 -2.88 -35.87 3.36
CA VAL A 592 -3.03 -37.02 4.24
C VAL A 592 -4.44 -37.00 4.82
N SER A 593 -5.18 -38.08 4.60
CA SER A 593 -6.55 -38.21 5.06
C SER A 593 -6.66 -39.43 5.97
N VAL A 594 -7.76 -39.50 6.73
CA VAL A 594 -7.94 -40.51 7.75
C VAL A 594 -9.26 -41.24 7.50
N ILE A 595 -9.24 -42.55 7.70
CA ILE A 595 -10.44 -43.39 7.64
C ILE A 595 -10.63 -44.00 9.02
N THR A 596 -11.82 -43.82 9.58
CA THR A 596 -12.10 -44.31 10.91
C THR A 596 -13.57 -44.66 11.05
N PRO A 597 -13.91 -45.78 11.68
CA PRO A 597 -15.31 -46.00 12.05
C PRO A 597 -15.70 -45.00 13.13
N GLY A 598 -16.95 -45.03 13.57
CA GLY A 598 -17.37 -44.11 14.62
C GLY A 598 -16.51 -44.27 15.86
N THR A 599 -16.04 -43.14 16.39
CA THR A 599 -15.24 -43.19 17.60
C THR A 599 -15.99 -43.83 18.75
N ASN A 600 -17.33 -43.85 18.67
CA ASN A 600 -18.14 -44.59 19.63
C ASN A 600 -17.93 -46.09 19.50
N THR A 601 -17.29 -46.55 18.43
CA THR A 601 -17.07 -47.97 18.19
C THR A 601 -15.65 -48.40 18.49
N SER A 602 -14.66 -47.69 17.95
CA SER A 602 -13.27 -48.09 18.12
C SER A 602 -12.39 -46.86 17.99
N ASN A 603 -11.09 -47.08 18.18
CA ASN A 603 -10.09 -46.05 17.96
C ASN A 603 -9.02 -46.50 16.97
N GLN A 604 -9.25 -47.60 16.27
CA GLN A 604 -8.32 -48.06 15.24
C GLN A 604 -8.59 -47.30 13.95
N VAL A 605 -7.55 -46.65 13.41
CA VAL A 605 -7.72 -45.75 12.28
C VAL A 605 -6.71 -46.11 11.21
N ALA A 606 -7.04 -45.74 9.98
CA ALA A 606 -6.19 -45.98 8.83
C ALA A 606 -5.83 -44.66 8.17
N VAL A 607 -4.63 -44.61 7.61
CA VAL A 607 -4.11 -43.40 6.98
C VAL A 607 -4.08 -43.62 5.48
N LEU A 608 -4.58 -42.64 4.73
CA LEU A 608 -4.60 -42.67 3.28
C LEU A 608 -3.75 -41.51 2.78
N TYR A 609 -2.68 -41.82 2.06
CA TYR A 609 -1.85 -40.81 1.41
C TYR A 609 -2.26 -40.76 -0.06
N GLN A 610 -2.86 -39.63 -0.46
CA GLN A 610 -3.48 -39.53 -1.77
C GLN A 610 -2.44 -39.27 -2.85
N GLY A 611 -2.66 -39.90 -4.01
CA GLY A 611 -1.85 -39.60 -5.18
C GLY A 611 -0.37 -39.79 -4.96
N VAL A 612 0.03 -40.89 -4.33
CA VAL A 612 1.43 -41.16 -4.06
C VAL A 612 1.71 -42.65 -4.22
N ASN A 613 2.95 -42.96 -4.57
CA ASN A 613 3.43 -44.33 -4.59
C ASN A 613 3.79 -44.75 -3.18
N CYS A 614 3.62 -46.04 -2.89
CA CYS A 614 3.85 -46.53 -1.55
C CYS A 614 5.35 -46.61 -1.26
N THR A 615 6.05 -45.49 -1.46
CA THR A 615 7.48 -45.44 -1.26
C THR A 615 7.89 -44.36 -0.27
N GLU A 616 7.37 -43.14 -0.42
CA GLU A 616 7.84 -42.03 0.40
C GLU A 616 7.37 -42.15 1.84
N VAL A 617 6.23 -42.76 2.08
CA VAL A 617 5.68 -42.86 3.41
C VAL A 617 6.66 -43.59 4.32
N ASN A 638 1.52 -54.29 6.59
CA ASN A 638 0.14 -53.89 6.39
C ASN A 638 0.06 -52.60 5.58
N VAL A 639 0.43 -52.69 4.30
CA VAL A 639 0.36 -51.56 3.38
C VAL A 639 -0.28 -52.05 2.09
N PHE A 640 -1.15 -51.22 1.52
CA PHE A 640 -1.82 -51.54 0.26
C PHE A 640 -1.73 -50.35 -0.67
N GLN A 641 -1.52 -50.62 -1.96
CA GLN A 641 -1.51 -49.59 -2.99
C GLN A 641 -2.79 -49.67 -3.80
N THR A 642 -3.47 -48.54 -3.95
CA THR A 642 -4.65 -48.43 -4.79
C THR A 642 -4.48 -47.23 -5.71
N ARG A 643 -5.30 -47.16 -6.75
CA ARG A 643 -5.23 -46.02 -7.64
C ARG A 643 -5.61 -44.73 -6.94
N ALA A 644 -6.20 -44.80 -5.76
CA ALA A 644 -6.50 -43.62 -4.98
C ALA A 644 -5.38 -43.22 -4.03
N GLY A 645 -4.37 -44.06 -3.87
CA GLY A 645 -3.23 -43.73 -3.06
C GLY A 645 -2.76 -44.91 -2.25
N CYS A 646 -1.93 -44.64 -1.25
CA CYS A 646 -1.37 -45.66 -0.38
C CYS A 646 -2.19 -45.71 0.90
N LEU A 647 -2.71 -46.88 1.22
CA LEU A 647 -3.53 -47.11 2.40
C LEU A 647 -2.71 -47.91 3.40
N ILE A 648 -2.56 -47.37 4.61
CA ILE A 648 -1.78 -48.02 5.66
C ILE A 648 -2.66 -48.13 6.90
N GLY A 649 -2.64 -49.30 7.52
CA GLY A 649 -3.47 -49.58 8.67
C GLY A 649 -4.70 -50.38 8.36
N ALA A 650 -5.00 -50.61 7.09
CA ALA A 650 -6.13 -51.43 6.67
C ALA A 650 -5.61 -52.65 5.92
N GLU A 651 -6.21 -53.80 6.20
CA GLU A 651 -5.89 -55.02 5.49
C GLU A 651 -6.76 -55.15 4.25
N HIS A 652 -6.30 -55.96 3.29
CA HIS A 652 -7.00 -56.14 2.03
C HIS A 652 -7.75 -57.47 2.04
N VAL A 653 -8.98 -57.44 1.55
CA VAL A 653 -9.84 -58.61 1.49
C VAL A 653 -10.34 -58.79 0.05
N ASN A 654 -10.55 -60.03 -0.36
CA ASN A 654 -11.11 -60.30 -1.68
C ASN A 654 -12.64 -60.26 -1.67
N ASN A 655 -13.28 -60.52 -0.55
CA ASN A 655 -14.73 -60.58 -0.51
C ASN A 655 -15.34 -59.20 -0.69
N SER A 656 -16.50 -59.17 -1.35
CA SER A 656 -17.18 -57.93 -1.66
C SER A 656 -18.27 -57.61 -0.65
N TYR A 657 -18.53 -56.33 -0.46
CA TYR A 657 -19.57 -55.85 0.44
C TYR A 657 -20.16 -54.58 -0.14
N GLU A 658 -21.19 -54.06 0.52
CA GLU A 658 -21.68 -52.74 0.18
C GLU A 658 -20.62 -51.70 0.49
N CYS A 659 -20.56 -50.67 -0.33
CA CYS A 659 -19.61 -49.59 -0.07
C CYS A 659 -20.05 -48.82 1.16
N ASP A 660 -19.12 -48.63 2.10
CA ASP A 660 -19.41 -47.95 3.36
C ASP A 660 -18.74 -46.60 3.43
N ILE A 661 -17.42 -46.55 3.30
CA ILE A 661 -16.66 -45.30 3.29
C ILE A 661 -15.99 -45.19 1.92
N PRO A 662 -16.53 -44.40 1.00
CA PRO A 662 -15.89 -44.28 -0.31
C PRO A 662 -14.49 -43.71 -0.20
N ILE A 663 -13.60 -44.21 -1.04
CA ILE A 663 -12.19 -43.84 -1.01
C ILE A 663 -11.72 -43.35 -2.37
N GLY A 664 -11.92 -44.15 -3.41
CA GLY A 664 -11.48 -43.82 -4.75
C GLY A 664 -11.26 -45.09 -5.53
N ALA A 665 -11.26 -44.95 -6.85
CA ALA A 665 -11.02 -46.08 -7.75
C ALA A 665 -11.87 -47.29 -7.38
N GLY A 666 -13.02 -47.06 -6.77
CA GLY A 666 -13.95 -48.13 -6.49
C GLY A 666 -13.64 -48.95 -5.26
N ILE A 667 -12.66 -48.55 -4.46
CA ILE A 667 -12.30 -49.29 -3.27
C ILE A 667 -12.90 -48.58 -2.05
N CYS A 668 -13.67 -49.34 -1.28
CA CYS A 668 -14.31 -48.83 -0.08
C CYS A 668 -13.80 -49.60 1.12
N ALA A 669 -13.77 -48.93 2.27
CA ALA A 669 -13.19 -49.49 3.48
C ALA A 669 -14.18 -49.41 4.63
N SER A 670 -14.05 -50.35 5.57
CA SER A 670 -14.95 -50.40 6.71
C SER A 670 -14.31 -51.22 7.81
N TYR A 671 -14.91 -51.13 9.00
CA TYR A 671 -14.41 -51.79 10.21
C TYR A 671 -15.22 -53.07 10.43
N GLN A 672 -14.56 -54.21 10.29
CA GLN A 672 -15.24 -55.49 10.43
C GLN A 672 -14.24 -56.54 10.92
N THR A 673 -14.77 -57.68 11.34
CA THR A 673 -13.95 -58.80 11.80
C THR A 673 -13.01 -59.28 10.71
N SER A 686 -10.34 -59.12 16.75
CA SER A 686 -10.73 -59.77 15.51
C SER A 686 -11.20 -58.73 14.49
N GLN A 687 -11.66 -57.59 14.99
CA GLN A 687 -12.15 -56.53 14.13
C GLN A 687 -11.03 -55.56 13.80
N SER A 688 -11.11 -54.97 12.61
CA SER A 688 -10.09 -54.05 12.12
C SER A 688 -10.58 -53.43 10.83
N ILE A 689 -9.77 -52.53 10.29
CA ILE A 689 -10.09 -51.83 9.06
C ILE A 689 -9.73 -52.72 7.88
N ILE A 690 -10.68 -52.91 6.96
CA ILE A 690 -10.45 -53.64 5.74
C ILE A 690 -10.84 -52.75 4.57
N ALA A 691 -10.16 -52.96 3.44
CA ALA A 691 -10.43 -52.25 2.21
C ALA A 691 -10.69 -53.26 1.10
N TYR A 692 -11.70 -52.98 0.28
CA TYR A 692 -12.19 -53.98 -0.66
C TYR A 692 -12.84 -53.27 -1.83
N THR A 693 -13.32 -54.07 -2.78
CA THR A 693 -14.00 -53.55 -3.96
C THR A 693 -15.51 -53.66 -3.77
N MET A 694 -16.22 -52.55 -3.90
CA MET A 694 -17.65 -52.57 -3.67
C MET A 694 -18.36 -53.36 -4.76
N SER A 695 -19.34 -54.14 -4.33
CA SER A 695 -20.04 -55.02 -5.27
C SER A 695 -21.02 -54.24 -6.14
N LEU A 696 -21.52 -53.12 -5.65
CA LEU A 696 -22.59 -52.36 -6.27
C LEU A 696 -23.93 -53.04 -6.03
N GLY A 697 -23.96 -54.11 -5.24
CA GLY A 697 -25.18 -54.85 -4.98
C GLY A 697 -25.07 -56.30 -5.42
N VAL A 698 -26.09 -57.06 -5.04
CA VAL A 698 -26.11 -58.48 -5.34
C VAL A 698 -26.47 -58.72 -6.80
N GLU A 699 -25.73 -59.61 -7.44
CA GLU A 699 -26.03 -60.00 -8.81
C GLU A 699 -27.25 -60.91 -8.82
N ASN A 700 -28.10 -60.73 -9.83
CA ASN A 700 -29.36 -61.46 -9.89
C ASN A 700 -29.75 -61.63 -11.35
N SER A 701 -29.45 -62.79 -11.92
CA SER A 701 -29.90 -63.10 -13.26
C SER A 701 -31.42 -63.23 -13.29
N VAL A 702 -31.99 -63.12 -14.48
CA VAL A 702 -33.42 -63.20 -14.68
C VAL A 702 -33.72 -64.33 -15.65
N ALA A 703 -34.65 -65.21 -15.27
CA ALA A 703 -35.01 -66.35 -16.10
C ALA A 703 -35.91 -65.86 -17.23
N TYR A 704 -35.27 -65.21 -18.21
CA TYR A 704 -36.00 -64.69 -19.35
C TYR A 704 -36.37 -65.80 -20.32
N SER A 705 -37.45 -65.59 -21.04
CA SER A 705 -37.87 -66.48 -22.12
C SER A 705 -38.65 -65.65 -23.12
N ASN A 706 -39.06 -66.28 -24.21
CA ASN A 706 -40.00 -65.61 -25.11
C ASN A 706 -41.44 -65.82 -24.70
N ASN A 707 -41.70 -66.60 -23.65
CA ASN A 707 -43.06 -66.85 -23.22
C ASN A 707 -43.16 -67.00 -21.70
N SER A 708 -42.30 -66.30 -20.95
CA SER A 708 -42.28 -66.43 -19.49
C SER A 708 -42.62 -65.08 -18.87
N ILE A 709 -43.78 -65.01 -18.22
CA ILE A 709 -44.28 -63.75 -17.65
C ILE A 709 -44.50 -63.93 -16.17
N ALA A 710 -44.08 -62.94 -15.39
CA ALA A 710 -44.24 -62.95 -13.94
C ALA A 710 -45.30 -61.94 -13.55
N ILE A 711 -46.49 -62.41 -13.20
CA ILE A 711 -47.61 -61.55 -12.85
C ILE A 711 -47.66 -61.47 -11.33
N PRO A 712 -47.43 -60.30 -10.73
CA PRO A 712 -47.47 -60.22 -9.27
C PRO A 712 -48.83 -60.63 -8.74
N THR A 713 -48.82 -61.30 -7.58
CA THR A 713 -50.02 -61.89 -7.00
C THR A 713 -50.37 -61.32 -5.64
N ASN A 714 -49.50 -60.55 -5.02
CA ASN A 714 -49.79 -59.91 -3.75
C ASN A 714 -49.03 -58.59 -3.71
N PHE A 715 -49.57 -57.64 -2.96
CA PHE A 715 -49.06 -56.28 -3.02
C PHE A 715 -48.85 -55.75 -1.61
N THR A 716 -48.11 -54.66 -1.52
CA THR A 716 -47.87 -53.98 -0.26
C THR A 716 -48.00 -52.47 -0.44
N ILE A 717 -48.37 -51.80 0.63
CA ILE A 717 -48.41 -50.35 0.71
C ILE A 717 -47.26 -49.92 1.60
N SER A 718 -46.23 -49.34 1.00
CA SER A 718 -45.07 -48.89 1.76
C SER A 718 -45.14 -47.39 1.94
N VAL A 719 -44.47 -46.89 2.97
CA VAL A 719 -44.40 -45.46 3.26
C VAL A 719 -42.95 -45.05 3.32
N THR A 720 -42.56 -44.16 2.44
CA THR A 720 -41.18 -43.69 2.34
C THR A 720 -41.11 -42.21 2.64
N THR A 721 -39.91 -41.74 2.94
CA THR A 721 -39.67 -40.38 3.37
C THR A 721 -38.71 -39.69 2.41
N GLU A 722 -39.01 -38.43 2.09
CA GLU A 722 -38.19 -37.62 1.20
C GLU A 722 -38.17 -36.21 1.75
N ILE A 723 -36.99 -35.62 1.89
CA ILE A 723 -36.80 -34.40 2.66
C ILE A 723 -36.13 -33.35 1.79
N LEU A 724 -36.65 -32.11 1.82
CA LEU A 724 -36.15 -31.04 0.97
C LEU A 724 -35.96 -29.77 1.78
N PRO A 725 -34.79 -29.13 1.72
CA PRO A 725 -34.66 -27.80 2.32
C PRO A 725 -35.58 -26.82 1.60
N VAL A 726 -36.03 -25.83 2.35
CA VAL A 726 -36.95 -24.83 1.83
C VAL A 726 -36.35 -23.42 1.90
N SER A 727 -35.83 -23.05 3.06
CA SER A 727 -35.29 -21.70 3.25
C SER A 727 -34.08 -21.75 4.15
N MET A 728 -33.20 -20.78 3.96
CA MET A 728 -32.02 -20.61 4.80
C MET A 728 -32.21 -19.36 5.66
N THR A 729 -31.40 -19.27 6.70
CA THR A 729 -31.51 -18.14 7.62
C THR A 729 -31.32 -16.83 6.87
N LYS A 730 -32.21 -15.87 7.13
CA LYS A 730 -32.24 -14.61 6.40
C LYS A 730 -31.29 -13.62 7.07
N THR A 731 -30.00 -13.90 6.98
CA THR A 731 -29.01 -13.04 7.62
C THR A 731 -28.93 -11.71 6.89
N SER A 732 -28.57 -10.67 7.63
CA SER A 732 -28.40 -9.33 7.09
C SER A 732 -27.24 -8.66 7.80
N VAL A 733 -26.32 -8.11 7.03
CA VAL A 733 -25.06 -7.59 7.57
C VAL A 733 -25.03 -6.09 7.35
N ASP A 734 -24.73 -5.35 8.42
CA ASP A 734 -24.44 -3.92 8.30
C ASP A 734 -22.98 -3.79 7.89
N CYS A 735 -22.75 -3.70 6.58
CA CYS A 735 -21.38 -3.59 6.08
C CYS A 735 -20.63 -2.47 6.78
N THR A 736 -21.28 -1.32 6.96
CA THR A 736 -20.61 -0.20 7.62
C THR A 736 -20.20 -0.57 9.04
N MET A 737 -21.14 -1.08 9.84
CA MET A 737 -20.79 -1.46 11.20
C MET A 737 -19.76 -2.58 11.21
N TYR A 738 -19.90 -3.55 10.30
CA TYR A 738 -18.99 -4.68 10.28
C TYR A 738 -17.55 -4.21 10.05
N ILE A 739 -17.34 -3.42 9.00
CA ILE A 739 -15.99 -2.99 8.67
C ILE A 739 -15.48 -2.01 9.70
N CYS A 740 -16.31 -1.03 10.08
CA CYS A 740 -15.89 0.14 10.83
C CYS A 740 -16.73 0.30 12.08
N GLY A 741 -16.85 -0.77 12.86
CA GLY A 741 -17.65 -0.69 14.06
C GLY A 741 -17.18 0.40 14.99
N ASP A 742 -17.88 1.54 14.98
CA ASP A 742 -17.58 2.65 15.86
C ASP A 742 -16.18 3.22 15.60
N SER A 743 -15.96 3.65 14.36
CA SER A 743 -14.72 4.36 13.99
C SER A 743 -15.06 5.34 12.89
N THR A 744 -15.12 6.62 13.24
CA THR A 744 -15.49 7.64 12.25
C THR A 744 -14.48 7.67 11.11
N GLU A 745 -13.20 7.60 11.43
CA GLU A 745 -12.17 7.66 10.39
C GLU A 745 -12.29 6.46 9.46
N CYS A 746 -12.54 5.28 10.02
CA CYS A 746 -12.73 4.11 9.20
C CYS A 746 -13.91 4.29 8.27
N SER A 747 -15.01 4.86 8.77
CA SER A 747 -16.14 5.12 7.91
C SER A 747 -15.78 6.09 6.79
N ASN A 748 -15.04 7.15 7.12
CA ASN A 748 -14.67 8.13 6.11
C ASN A 748 -13.84 7.50 5.01
N LEU A 749 -12.86 6.70 5.39
CA LEU A 749 -12.04 6.04 4.37
C LEU A 749 -12.85 5.03 3.58
N LEU A 750 -13.77 4.32 4.25
CA LEU A 750 -14.62 3.36 3.55
C LEU A 750 -15.48 4.04 2.50
N LEU A 751 -15.92 5.27 2.78
CA LEU A 751 -16.78 5.96 1.83
C LEU A 751 -16.14 6.08 0.46
N GLN A 752 -14.80 6.05 0.39
CA GLN A 752 -14.11 6.18 -0.88
C GLN A 752 -14.36 4.99 -1.80
N TYR A 753 -14.94 3.91 -1.29
CA TYR A 753 -15.25 2.74 -2.10
C TYR A 753 -16.68 2.73 -2.58
N GLY A 754 -17.43 3.81 -2.36
CA GLY A 754 -18.72 3.95 -3.00
C GLY A 754 -19.70 2.86 -2.61
N SER A 755 -20.33 2.28 -3.61
CA SER A 755 -21.49 1.42 -3.41
C SER A 755 -21.11 -0.02 -3.08
N PHE A 756 -19.83 -0.32 -2.86
CA PHE A 756 -19.47 -1.66 -2.43
C PHE A 756 -20.23 -2.03 -1.15
N CYS A 757 -20.28 -1.11 -0.20
CA CYS A 757 -20.99 -1.36 1.05
C CYS A 757 -22.47 -1.62 0.78
N THR A 758 -23.07 -0.80 -0.07
CA THR A 758 -24.52 -0.85 -0.24
C THR A 758 -24.97 -2.06 -1.04
N GLN A 759 -24.21 -2.43 -2.07
CA GLN A 759 -24.66 -3.50 -2.94
C GLN A 759 -24.67 -4.85 -2.24
N LEU A 760 -23.77 -5.07 -1.28
CA LEU A 760 -23.84 -6.30 -0.50
C LEU A 760 -25.16 -6.37 0.26
N ASN A 761 -25.56 -5.26 0.87
CA ASN A 761 -26.86 -5.22 1.54
C ASN A 761 -27.98 -5.46 0.56
N ARG A 762 -27.88 -4.91 -0.64
CA ARG A 762 -28.89 -5.15 -1.67
C ARG A 762 -29.00 -6.65 -1.95
N ALA A 763 -27.86 -7.31 -2.15
CA ALA A 763 -27.87 -8.73 -2.46
C ALA A 763 -28.49 -9.54 -1.33
N LEU A 764 -28.10 -9.23 -0.10
CA LEU A 764 -28.65 -9.98 1.02
C LEU A 764 -30.16 -9.73 1.15
N THR A 765 -30.60 -8.50 0.91
CA THR A 765 -32.03 -8.22 0.95
C THR A 765 -32.76 -9.03 -0.10
N GLY A 766 -32.21 -9.10 -1.31
CA GLY A 766 -32.81 -9.94 -2.33
C GLY A 766 -32.87 -11.39 -1.90
N ILE A 767 -31.81 -11.88 -1.26
CA ILE A 767 -31.81 -13.26 -0.79
C ILE A 767 -32.93 -13.49 0.21
N ALA A 768 -33.09 -12.58 1.16
CA ALA A 768 -34.13 -12.76 2.17
C ALA A 768 -35.52 -12.72 1.55
N VAL A 769 -35.73 -11.79 0.62
CA VAL A 769 -37.01 -11.72 -0.08
C VAL A 769 -37.28 -13.05 -0.78
N GLU A 770 -36.25 -13.59 -1.42
CA GLU A 770 -36.42 -14.88 -2.08
C GLU A 770 -36.65 -16.01 -1.09
N GLN A 771 -36.11 -15.92 0.13
CA GLN A 771 -36.42 -16.92 1.14
C GLN A 771 -37.91 -16.93 1.41
N ASP A 772 -38.47 -15.76 1.70
CA ASP A 772 -39.90 -15.70 1.93
C ASP A 772 -40.66 -16.19 0.70
N LYS A 773 -40.18 -15.84 -0.48
CA LYS A 773 -40.84 -16.30 -1.70
C LYS A 773 -40.82 -17.81 -1.80
N ASN A 774 -39.69 -18.44 -1.46
CA ASN A 774 -39.61 -19.89 -1.50
C ASN A 774 -40.61 -20.50 -0.54
N THR A 775 -40.67 -19.98 0.68
CA THR A 775 -41.62 -20.51 1.64
C THR A 775 -43.03 -20.42 1.07
N GLN A 776 -43.39 -19.25 0.56
CA GLN A 776 -44.73 -19.05 0.02
C GLN A 776 -45.02 -20.05 -1.10
N GLU A 777 -44.09 -20.18 -2.05
CA GLU A 777 -44.33 -21.06 -3.19
C GLU A 777 -44.43 -22.50 -2.77
N VAL A 778 -43.63 -22.93 -1.79
CA VAL A 778 -43.68 -24.32 -1.37
C VAL A 778 -45.02 -24.63 -0.72
N PHE A 779 -45.48 -23.75 0.17
CA PHE A 779 -46.68 -24.07 0.94
C PHE A 779 -47.94 -23.40 0.41
N ALA A 780 -47.97 -22.08 0.33
CA ALA A 780 -49.22 -21.37 0.06
C ALA A 780 -49.70 -21.65 -1.36
N GLN A 781 -50.08 -22.91 -1.58
CA GLN A 781 -50.66 -23.32 -2.85
C GLN A 781 -52.15 -23.57 -2.77
N VAL A 782 -52.75 -23.45 -1.60
CA VAL A 782 -54.15 -23.79 -1.38
C VAL A 782 -54.91 -22.54 -1.00
N LYS A 783 -56.03 -22.31 -1.67
CA LYS A 783 -56.77 -21.06 -1.48
C LYS A 783 -57.37 -20.95 -0.08
N GLN A 784 -57.80 -22.06 0.51
CA GLN A 784 -58.53 -22.04 1.76
C GLN A 784 -57.91 -23.02 2.76
N ILE A 785 -58.07 -22.70 4.03
CA ILE A 785 -57.62 -23.56 5.11
C ILE A 785 -58.78 -24.46 5.51
N TYR A 786 -58.71 -25.73 5.13
CA TYR A 786 -59.70 -26.69 5.58
C TYR A 786 -59.33 -27.20 6.96
N LYS A 787 -60.32 -27.77 7.64
CA LYS A 787 -60.08 -28.42 8.93
C LYS A 787 -60.76 -29.77 8.92
N THR A 788 -60.11 -30.73 9.57
CA THR A 788 -60.56 -32.11 9.48
C THR A 788 -61.95 -32.28 10.08
N PRO A 789 -62.73 -33.26 9.61
CA PRO A 789 -64.04 -33.49 10.18
C PRO A 789 -63.92 -33.99 11.61
N PRO A 790 -64.90 -33.68 12.47
CA PRO A 790 -64.78 -34.12 13.87
C PRO A 790 -64.70 -35.63 14.02
N ILE A 791 -65.39 -36.38 13.17
CA ILE A 791 -65.40 -37.83 13.24
C ILE A 791 -64.31 -38.37 12.33
N LYS A 792 -63.37 -39.11 12.91
CA LYS A 792 -62.24 -39.64 12.16
C LYS A 792 -62.60 -40.97 11.51
N ASP A 793 -63.73 -40.99 10.80
CA ASP A 793 -64.24 -42.21 10.18
C ASP A 793 -63.69 -42.31 8.77
N PHE A 794 -62.44 -42.75 8.68
CA PHE A 794 -61.75 -42.90 7.40
C PHE A 794 -61.73 -44.34 6.92
N GLY A 795 -62.80 -45.08 7.14
CA GLY A 795 -62.91 -46.41 6.55
C GLY A 795 -61.79 -47.34 6.92
N GLY A 796 -61.26 -47.23 8.13
CA GLY A 796 -60.23 -48.13 8.60
C GLY A 796 -58.83 -47.59 8.57
N PHE A 797 -58.57 -46.52 7.84
CA PHE A 797 -57.25 -45.91 7.84
C PHE A 797 -57.11 -44.99 9.04
N ASN A 798 -55.99 -45.10 9.75
CA ASN A 798 -55.73 -44.29 10.92
C ASN A 798 -54.69 -43.23 10.57
N PHE A 799 -55.05 -41.96 10.74
CA PHE A 799 -54.15 -40.85 10.53
C PHE A 799 -53.82 -40.13 11.82
N SER A 800 -54.03 -40.79 12.96
CA SER A 800 -53.92 -40.09 14.24
C SER A 800 -52.57 -39.44 14.43
N GLN A 801 -51.52 -39.97 13.80
CA GLN A 801 -50.18 -39.51 14.10
C GLN A 801 -49.68 -38.44 13.14
N ILE A 802 -50.48 -38.05 12.15
CA ILE A 802 -50.07 -37.01 11.20
C ILE A 802 -50.95 -35.79 11.24
N LEU A 803 -52.19 -35.88 11.70
CA LEU A 803 -53.03 -34.71 11.80
C LEU A 803 -52.57 -33.85 12.97
N PRO A 804 -52.95 -32.58 12.99
CA PRO A 804 -52.60 -31.75 14.14
C PRO A 804 -53.21 -32.31 15.41
N ASP A 805 -52.45 -32.22 16.50
CA ASP A 805 -52.94 -32.66 17.80
C ASP A 805 -53.47 -31.45 18.55
N PRO A 806 -54.77 -31.35 18.82
CA PRO A 806 -55.28 -30.17 19.52
C PRO A 806 -54.67 -29.97 20.90
N SER A 807 -54.15 -31.03 21.51
CA SER A 807 -53.65 -30.95 22.88
C SER A 807 -52.33 -30.21 23.01
N LYS A 808 -51.58 -30.05 21.91
CA LYS A 808 -50.28 -29.40 22.05
C LYS A 808 -50.42 -27.89 21.98
N PRO A 809 -49.51 -27.16 22.64
CA PRO A 809 -49.55 -25.69 22.54
C PRO A 809 -49.42 -25.20 21.12
N SER A 810 -48.64 -25.89 20.29
CA SER A 810 -48.56 -25.62 18.86
C SER A 810 -49.25 -26.76 18.14
N LYS A 811 -50.26 -26.43 17.34
CA LYS A 811 -51.08 -27.48 16.74
C LYS A 811 -50.28 -28.20 15.67
N ARG A 812 -49.25 -28.92 16.09
CA ARG A 812 -48.39 -29.66 15.18
C ARG A 812 -48.60 -31.15 15.40
N SER A 813 -48.40 -31.91 14.33
CA SER A 813 -48.66 -33.33 14.38
C SER A 813 -47.53 -34.08 15.09
N PHE A 814 -47.84 -35.30 15.53
CA PHE A 814 -46.88 -36.10 16.26
C PHE A 814 -45.56 -36.19 15.50
N ILE A 815 -45.63 -36.50 14.21
CA ILE A 815 -44.42 -36.58 13.41
C ILE A 815 -43.75 -35.22 13.29
N GLU A 816 -44.55 -34.16 13.15
CA GLU A 816 -43.97 -32.83 13.16
C GLU A 816 -43.23 -32.58 14.46
N ASP A 817 -43.79 -33.04 15.57
CA ASP A 817 -43.12 -32.87 16.85
C ASP A 817 -41.78 -33.58 16.86
N LEU A 818 -41.75 -34.83 16.40
CA LEU A 818 -40.49 -35.55 16.37
C LEU A 818 -39.49 -34.82 15.50
N LEU A 819 -39.91 -34.34 14.34
CA LEU A 819 -39.00 -33.63 13.46
C LEU A 819 -38.43 -32.40 14.13
N PHE A 820 -39.30 -31.60 14.75
CA PHE A 820 -38.81 -30.42 15.47
C PHE A 820 -37.82 -30.81 16.54
N ASN A 821 -38.03 -31.96 17.20
CA ASN A 821 -37.10 -32.39 18.24
C ASN A 821 -35.76 -32.82 17.68
N LYS A 822 -35.74 -33.49 16.53
CA LYS A 822 -34.49 -34.04 16.01
C LYS A 822 -33.50 -32.97 15.59
N VAL A 823 -33.97 -31.90 14.96
CA VAL A 823 -33.09 -30.88 14.42
C VAL A 823 -32.68 -29.94 15.53
N THR A 824 -31.51 -29.32 15.39
CA THR A 824 -31.00 -28.39 16.38
C THR A 824 -30.38 -27.17 15.70
N LYS A 851 -22.36 -12.09 14.59
CA LYS A 851 -23.28 -12.29 15.70
C LYS A 851 -23.88 -10.96 16.10
N PHE A 852 -23.05 -10.10 16.70
CA PHE A 852 -23.48 -8.76 17.09
C PHE A 852 -22.41 -7.73 16.76
N ASN A 853 -21.89 -7.76 15.55
CA ASN A 853 -20.95 -6.77 15.04
C ASN A 853 -21.40 -6.25 13.69
N GLY A 854 -22.69 -5.98 13.56
CA GLY A 854 -23.31 -5.65 12.29
C GLY A 854 -24.08 -6.79 11.66
N LEU A 855 -24.21 -7.92 12.35
CA LEU A 855 -24.87 -9.10 11.82
C LEU A 855 -26.18 -9.29 12.56
N THR A 856 -27.27 -9.48 11.81
CA THR A 856 -28.58 -9.73 12.39
C THR A 856 -29.27 -10.85 11.62
N VAL A 857 -30.25 -11.46 12.26
CA VAL A 857 -31.01 -12.56 11.67
C VAL A 857 -32.46 -12.11 11.58
N LEU A 858 -32.85 -11.60 10.42
CA LEU A 858 -34.26 -11.25 10.29
C LEU A 858 -35.12 -12.50 10.48
N PRO A 859 -36.24 -12.41 11.18
CA PRO A 859 -37.07 -13.59 11.37
C PRO A 859 -37.75 -13.99 10.08
N PRO A 860 -38.08 -15.25 9.91
CA PRO A 860 -38.81 -15.66 8.72
C PRO A 860 -40.17 -14.99 8.68
N LEU A 861 -40.65 -14.70 7.46
CA LEU A 861 -41.91 -14.00 7.33
C LEU A 861 -43.05 -14.78 7.97
N LEU A 862 -43.09 -16.09 7.77
CA LEU A 862 -44.12 -16.95 8.34
C LEU A 862 -43.60 -17.59 9.62
N THR A 863 -44.42 -17.54 10.66
CA THR A 863 -44.11 -18.26 11.87
C THR A 863 -44.41 -19.75 11.70
N ASP A 864 -43.69 -20.56 12.46
CA ASP A 864 -43.82 -22.02 12.30
C ASP A 864 -45.26 -22.46 12.49
N GLU A 865 -45.97 -21.83 13.42
CA GLU A 865 -47.37 -22.20 13.66
C GLU A 865 -48.18 -22.11 12.38
N MET A 866 -48.03 -21.01 11.65
CA MET A 866 -48.75 -20.87 10.39
C MET A 866 -48.31 -21.95 9.42
N ILE A 867 -47.03 -22.33 9.44
CA ILE A 867 -46.58 -23.41 8.58
C ILE A 867 -47.34 -24.68 8.91
N ALA A 868 -47.46 -24.98 10.19
CA ALA A 868 -48.21 -26.17 10.59
C ALA A 868 -49.65 -26.06 10.13
N GLN A 869 -50.24 -24.87 10.21
CA GLN A 869 -51.62 -24.71 9.76
C GLN A 869 -51.75 -25.01 8.28
N TYR A 870 -50.79 -24.53 7.47
CA TYR A 870 -50.84 -24.82 6.05
C TYR A 870 -50.71 -26.31 5.80
N THR A 871 -49.80 -26.97 6.50
CA THR A 871 -49.66 -28.42 6.31
C THR A 871 -50.94 -29.12 6.68
N SER A 872 -51.58 -28.68 7.77
CA SER A 872 -52.85 -29.26 8.16
C SER A 872 -53.90 -29.08 7.09
N ALA A 873 -53.97 -27.90 6.49
CA ALA A 873 -54.95 -27.65 5.45
C ALA A 873 -54.72 -28.59 4.28
N LEU A 874 -53.48 -28.70 3.81
CA LEU A 874 -53.21 -29.58 2.69
C LEU A 874 -53.56 -31.02 3.03
N LEU A 875 -53.22 -31.44 4.25
CA LEU A 875 -53.51 -32.81 4.64
C LEU A 875 -55.01 -33.06 4.64
N ALA A 876 -55.79 -32.13 5.17
CA ALA A 876 -57.23 -32.31 5.21
C ALA A 876 -57.82 -32.34 3.82
N GLY A 877 -57.34 -31.47 2.94
CA GLY A 877 -57.83 -31.50 1.57
C GLY A 877 -57.55 -32.84 0.91
N THR A 878 -56.33 -33.34 1.06
CA THR A 878 -55.97 -34.62 0.47
C THR A 878 -56.84 -35.73 1.04
N ILE A 879 -57.08 -35.71 2.34
CA ILE A 879 -57.83 -36.79 2.97
C ILE A 879 -59.29 -36.78 2.53
N THR A 880 -59.95 -35.63 2.61
CA THR A 880 -61.39 -35.60 2.41
C THR A 880 -61.81 -35.45 0.96
N SER A 881 -61.00 -34.82 0.13
CA SER A 881 -61.44 -34.49 -1.22
C SER A 881 -60.47 -34.95 -2.29
N GLY A 882 -59.53 -35.81 -1.94
CA GLY A 882 -58.61 -36.32 -2.94
C GLY A 882 -57.87 -35.17 -3.58
N TRP A 883 -58.03 -35.05 -4.89
CA TRP A 883 -57.26 -34.11 -5.70
C TRP A 883 -58.05 -32.87 -6.09
N THR A 884 -59.37 -32.87 -5.94
CA THR A 884 -60.16 -31.79 -6.49
C THR A 884 -59.72 -30.45 -5.92
N PHE A 885 -59.52 -30.37 -4.61
CA PHE A 885 -59.21 -29.08 -4.01
C PHE A 885 -57.96 -28.47 -4.63
N GLY A 886 -57.07 -29.30 -5.15
CA GLY A 886 -55.93 -28.76 -5.86
C GLY A 886 -56.34 -28.02 -7.11
N ALA A 887 -57.40 -28.50 -7.76
CA ALA A 887 -57.88 -27.88 -8.99
C ALA A 887 -58.80 -26.69 -8.70
N GLY A 888 -59.94 -26.95 -8.07
CA GLY A 888 -60.95 -25.93 -7.86
C GLY A 888 -61.50 -25.95 -6.46
N ALA A 889 -62.81 -26.06 -6.32
CA ALA A 889 -63.42 -26.13 -5.01
C ALA A 889 -63.35 -27.56 -4.45
N ALA A 890 -62.90 -27.68 -3.22
CA ALA A 890 -62.75 -29.00 -2.60
C ALA A 890 -64.09 -29.71 -2.60
N LEU A 891 -64.07 -31.00 -2.95
CA LEU A 891 -65.28 -31.82 -3.05
C LEU A 891 -65.13 -33.01 -2.11
N GLN A 892 -65.85 -32.99 -1.00
CA GLN A 892 -65.77 -34.09 -0.05
C GLN A 892 -66.17 -35.39 -0.72
N ILE A 893 -65.42 -36.44 -0.44
CA ILE A 893 -65.68 -37.78 -0.98
C ILE A 893 -65.04 -38.79 -0.04
N PRO A 894 -65.72 -39.88 0.28
CA PRO A 894 -65.19 -40.77 1.33
C PRO A 894 -63.83 -41.30 0.95
N PHE A 895 -62.99 -41.52 1.96
CA PHE A 895 -61.59 -41.83 1.69
C PHE A 895 -61.44 -43.14 0.92
N ALA A 896 -62.21 -44.16 1.28
CA ALA A 896 -62.03 -45.47 0.65
C ALA A 896 -62.21 -45.38 -0.86
N MET A 897 -63.28 -44.71 -1.32
CA MET A 897 -63.45 -44.57 -2.75
C MET A 897 -62.29 -43.82 -3.38
N GLN A 898 -61.70 -42.87 -2.66
CA GLN A 898 -60.58 -42.14 -3.22
C GLN A 898 -59.40 -43.06 -3.45
N MET A 899 -59.15 -43.99 -2.51
CA MET A 899 -58.09 -44.95 -2.77
C MET A 899 -58.40 -45.78 -4.00
N ALA A 900 -59.67 -46.10 -4.22
CA ALA A 900 -60.03 -46.82 -5.44
C ALA A 900 -59.67 -46.00 -6.66
N TYR A 901 -59.96 -44.70 -6.63
CA TYR A 901 -59.60 -43.84 -7.75
C TYR A 901 -58.09 -43.89 -8.00
N ARG A 902 -57.29 -43.75 -6.93
CA ARG A 902 -55.85 -43.74 -7.12
C ARG A 902 -55.36 -45.06 -7.68
N PHE A 903 -55.89 -46.17 -7.18
CA PHE A 903 -55.52 -47.46 -7.72
C PHE A 903 -55.84 -47.53 -9.21
N ASN A 904 -57.05 -47.11 -9.59
CA ASN A 904 -57.35 -47.03 -11.02
C ASN A 904 -56.29 -46.20 -11.73
N GLY A 905 -55.76 -45.20 -11.05
CA GLY A 905 -54.70 -44.40 -11.64
C GLY A 905 -53.46 -45.20 -11.93
N ILE A 906 -53.07 -46.11 -11.04
CA ILE A 906 -51.86 -46.91 -11.25
C ILE A 906 -52.15 -48.24 -11.90
N GLY A 907 -53.28 -48.41 -12.57
CA GLY A 907 -53.52 -49.63 -13.29
C GLY A 907 -53.82 -50.83 -12.42
N VAL A 908 -54.64 -50.67 -11.39
CA VAL A 908 -55.17 -51.78 -10.61
C VAL A 908 -56.66 -51.56 -10.47
N THR A 909 -57.45 -52.39 -11.15
CA THR A 909 -58.88 -52.17 -11.16
C THR A 909 -59.44 -52.17 -9.74
N GLN A 910 -60.34 -51.23 -9.47
CA GLN A 910 -60.66 -50.91 -8.09
C GLN A 910 -61.22 -52.11 -7.34
N ASN A 911 -61.73 -53.13 -8.02
CA ASN A 911 -62.24 -54.28 -7.29
C ASN A 911 -61.22 -54.82 -6.30
N VAL A 912 -59.94 -54.49 -6.48
CA VAL A 912 -58.93 -54.97 -5.53
C VAL A 912 -59.13 -54.29 -4.18
N LEU A 913 -59.16 -52.96 -4.17
CA LEU A 913 -59.04 -52.24 -2.90
C LEU A 913 -60.06 -52.72 -1.88
N TYR A 914 -61.34 -52.68 -2.24
CA TYR A 914 -62.36 -53.11 -1.30
C TYR A 914 -62.16 -54.57 -0.91
N GLU A 915 -61.88 -55.42 -1.90
CA GLU A 915 -61.70 -56.83 -1.60
C GLU A 915 -60.56 -57.07 -0.62
N ASN A 916 -59.79 -56.04 -0.30
CA ASN A 916 -58.74 -56.17 0.70
C ASN A 916 -58.67 -54.94 1.60
N GLN A 917 -59.78 -54.19 1.71
CA GLN A 917 -59.73 -52.90 2.41
C GLN A 917 -59.06 -53.06 3.77
N LYS A 918 -59.66 -53.88 4.65
CA LYS A 918 -59.08 -54.07 5.97
C LYS A 918 -57.58 -54.28 5.89
N LEU A 919 -57.15 -55.24 5.06
CA LEU A 919 -55.73 -55.54 5.00
C LEU A 919 -54.93 -54.28 4.73
N ILE A 920 -55.29 -53.57 3.67
CA ILE A 920 -54.52 -52.38 3.34
C ILE A 920 -54.47 -51.45 4.54
N ALA A 921 -55.61 -51.22 5.17
CA ALA A 921 -55.64 -50.36 6.34
C ALA A 921 -54.54 -50.77 7.31
N ASN A 922 -54.56 -52.03 7.73
CA ASN A 922 -53.56 -52.46 8.68
C ASN A 922 -52.16 -52.16 8.18
N GLN A 923 -51.84 -52.59 6.95
CA GLN A 923 -50.50 -52.35 6.45
C GLN A 923 -50.19 -50.86 6.50
N PHE A 924 -51.13 -50.03 6.05
CA PHE A 924 -50.91 -48.60 6.10
C PHE A 924 -50.54 -48.18 7.51
N ASN A 925 -51.36 -48.55 8.48
CA ASN A 925 -51.04 -48.21 9.87
C ASN A 925 -49.65 -48.69 10.21
N SER A 926 -49.35 -49.95 9.91
CA SER A 926 -48.03 -50.49 10.19
C SER A 926 -46.97 -49.58 9.60
N ALA A 927 -47.09 -49.29 8.30
CA ALA A 927 -46.09 -48.43 7.69
C ALA A 927 -46.01 -47.11 8.41
N ILE A 928 -47.16 -46.51 8.71
CA ILE A 928 -47.15 -45.26 9.44
C ILE A 928 -46.34 -45.43 10.72
N GLY A 929 -46.64 -46.49 11.47
CA GLY A 929 -45.88 -46.73 12.69
C GLY A 929 -44.41 -46.84 12.41
N LYS A 930 -44.04 -47.64 11.39
CA LYS A 930 -42.64 -47.77 11.06
C LYS A 930 -42.03 -46.40 10.81
N ILE A 931 -42.74 -45.53 10.09
CA ILE A 931 -42.22 -44.20 9.84
C ILE A 931 -41.86 -43.54 11.15
N GLN A 932 -42.80 -43.52 12.10
CA GLN A 932 -42.52 -42.93 13.39
C GLN A 932 -41.21 -43.48 13.93
N ASP A 933 -41.09 -44.80 14.01
CA ASP A 933 -39.90 -45.39 14.59
C ASP A 933 -38.66 -44.88 13.90
N SER A 934 -38.68 -44.84 12.57
CA SER A 934 -37.50 -44.37 11.84
C SER A 934 -37.15 -42.96 12.25
N LEU A 935 -38.12 -42.04 12.19
CA LEU A 935 -37.84 -40.69 12.61
C LEU A 935 -37.61 -40.63 14.12
N SER A 936 -38.15 -41.62 14.84
CA SER A 936 -37.89 -41.71 16.27
C SER A 936 -36.52 -42.30 16.56
N SER A 937 -35.88 -42.94 15.59
CA SER A 937 -34.64 -43.66 15.83
C SER A 937 -33.45 -43.13 15.04
N THR A 938 -33.65 -42.69 13.81
CA THR A 938 -32.55 -42.30 12.92
C THR A 938 -32.44 -40.78 12.93
N ALA A 939 -31.43 -40.26 13.63
CA ALA A 939 -31.19 -38.82 13.61
C ALA A 939 -30.66 -38.37 12.26
N SER A 940 -29.97 -39.24 11.52
CA SER A 940 -29.38 -38.88 10.25
C SER A 940 -30.43 -38.65 9.15
N ALA A 941 -31.69 -39.00 9.39
CA ALA A 941 -32.71 -38.84 8.36
C ALA A 941 -32.79 -37.39 7.89
N LEU A 942 -32.49 -36.44 8.77
CA LEU A 942 -32.55 -35.02 8.43
C LEU A 942 -31.21 -34.45 8.00
N GLY A 943 -30.27 -35.31 7.59
CA GLY A 943 -28.91 -34.84 7.36
C GLY A 943 -28.87 -33.62 6.47
N LYS A 944 -29.51 -33.72 5.30
CA LYS A 944 -29.56 -32.56 4.41
C LYS A 944 -29.86 -31.30 5.20
N LEU A 945 -31.01 -31.27 5.86
CA LEU A 945 -31.39 -30.07 6.60
C LEU A 945 -30.28 -29.65 7.54
N GLN A 946 -29.82 -30.57 8.38
CA GLN A 946 -28.77 -30.21 9.32
C GLN A 946 -27.61 -29.58 8.60
N ASP A 947 -27.14 -30.21 7.51
CA ASP A 947 -26.01 -29.67 6.79
C ASP A 947 -26.24 -28.21 6.43
N VAL A 948 -27.41 -27.91 5.83
CA VAL A 948 -27.68 -26.53 5.46
C VAL A 948 -27.45 -25.62 6.66
N VAL A 949 -28.10 -25.92 7.78
CA VAL A 949 -27.94 -25.09 8.95
C VAL A 949 -26.47 -25.00 9.32
N ASN A 950 -25.80 -26.15 9.39
CA ASN A 950 -24.38 -26.14 9.72
C ASN A 950 -23.63 -25.18 8.82
N GLN A 951 -23.85 -25.29 7.50
CA GLN A 951 -23.13 -24.41 6.60
C GLN A 951 -23.30 -22.96 7.01
N ASN A 952 -24.55 -22.54 7.22
CA ASN A 952 -24.77 -21.15 7.61
C ASN A 952 -23.94 -20.83 8.83
N ALA A 953 -24.06 -21.63 9.88
CA ALA A 953 -23.27 -21.38 11.07
C ALA A 953 -21.81 -21.26 10.70
N GLN A 954 -21.27 -22.24 9.99
CA GLN A 954 -19.88 -22.16 9.58
C GLN A 954 -19.59 -20.81 8.95
N ALA A 955 -20.35 -20.47 7.91
CA ALA A 955 -20.10 -19.20 7.24
C ALA A 955 -20.12 -18.07 8.25
N LEU A 956 -21.17 -17.98 9.05
CA LEU A 956 -21.25 -16.90 10.01
C LEU A 956 -20.01 -16.90 10.90
N ASN A 957 -19.68 -18.05 11.47
CA ASN A 957 -18.48 -18.11 12.30
C ASN A 957 -17.28 -17.62 11.51
N THR A 958 -17.11 -18.16 10.30
CA THR A 958 -16.01 -17.71 9.46
C THR A 958 -16.02 -16.19 9.36
N LEU A 959 -17.17 -15.63 8.99
CA LEU A 959 -17.23 -14.19 8.80
C LEU A 959 -16.80 -13.45 10.07
N VAL A 960 -17.22 -13.93 11.23
CA VAL A 960 -16.81 -13.28 12.47
C VAL A 960 -15.33 -13.49 12.70
N LYS A 961 -14.86 -14.72 12.52
CA LYS A 961 -13.50 -15.04 12.94
C LYS A 961 -12.48 -14.27 12.11
N GLN A 962 -12.79 -14.01 10.84
CA GLN A 962 -11.85 -13.28 10.01
C GLN A 962 -11.57 -11.90 10.58
N LEU A 963 -12.45 -11.37 11.43
CA LEU A 963 -12.18 -10.08 12.04
C LEU A 963 -10.90 -10.09 12.85
N SER A 964 -10.47 -11.25 13.34
CA SER A 964 -9.27 -11.32 14.16
C SER A 964 -7.99 -11.21 13.36
N SER A 965 -8.05 -11.36 12.05
CA SER A 965 -6.85 -11.30 11.23
C SER A 965 -6.31 -9.87 11.17
N ASN A 966 -5.08 -9.77 10.67
CA ASN A 966 -4.42 -8.48 10.57
C ASN A 966 -4.25 -8.01 9.14
N PHE A 967 -4.15 -8.93 8.18
CA PHE A 967 -4.05 -8.57 6.77
C PHE A 967 -2.90 -7.59 6.55
N GLY A 968 -1.77 -7.85 7.19
CA GLY A 968 -0.64 -6.96 7.12
C GLY A 968 -0.65 -5.83 8.13
N ALA A 969 -1.74 -5.67 8.87
CA ALA A 969 -1.81 -4.64 9.88
C ALA A 969 -1.02 -5.04 11.11
N ILE A 970 -0.62 -4.04 11.90
CA ILE A 970 0.12 -4.32 13.12
C ILE A 970 -0.78 -4.94 14.18
N SER A 971 -2.08 -4.71 14.11
CA SER A 971 -3.00 -5.26 15.11
C SER A 971 -4.39 -5.35 14.49
N SER A 972 -5.09 -6.45 14.78
CA SER A 972 -6.45 -6.62 14.29
C SER A 972 -7.42 -5.69 15.01
N VAL A 973 -7.03 -5.09 16.12
CA VAL A 973 -7.88 -4.19 16.86
C VAL A 973 -7.73 -2.79 16.28
N LEU A 974 -8.83 -2.26 15.74
CA LEU A 974 -8.77 -0.98 15.04
C LEU A 974 -8.39 0.15 16.01
N ASN A 975 -9.01 0.19 17.18
CA ASN A 975 -8.75 1.28 18.11
C ASN A 975 -7.30 1.29 18.57
N ASP A 976 -6.71 0.11 18.75
CA ASP A 976 -5.31 0.07 19.17
C ASP A 976 -4.42 0.77 18.15
N ILE A 977 -4.66 0.53 16.87
CA ILE A 977 -3.95 1.28 15.84
C ILE A 977 -4.29 2.75 15.93
N LEU A 978 -5.57 3.06 16.14
CA LEU A 978 -5.96 4.47 16.28
C LEU A 978 -5.23 5.13 17.43
N SER A 979 -5.09 4.43 18.55
CA SER A 979 -4.49 5.01 19.75
C SER A 979 -2.97 5.03 19.71
N ARG A 980 -2.35 4.39 18.72
CA ARG A 980 -0.89 4.29 18.67
C ARG A 980 -0.26 4.98 17.48
N LEU A 981 -0.93 5.02 16.32
CA LEU A 981 -0.35 5.56 15.11
C LEU A 981 -1.04 6.86 14.72
N ASP A 982 -0.25 7.80 14.21
CA ASP A 982 -0.81 9.04 13.71
C ASP A 982 -1.55 8.80 12.40
N PRO A 983 -2.42 9.73 12.00
CA PRO A 983 -3.23 9.51 10.81
C PRO A 983 -2.37 9.18 9.59
N PRO A 984 -1.23 9.86 9.41
CA PRO A 984 -0.39 9.52 8.25
C PRO A 984 -0.01 8.06 8.19
N GLU A 985 0.23 7.42 9.34
CA GLU A 985 0.51 6.00 9.38
C GLU A 985 -0.73 5.16 9.64
N ALA A 986 -1.62 5.63 10.52
CA ALA A 986 -2.80 4.86 10.86
C ALA A 986 -3.66 4.62 9.63
N GLU A 987 -3.67 5.56 8.68
CA GLU A 987 -4.50 5.41 7.50
C GLU A 987 -4.08 4.20 6.69
N VAL A 988 -2.79 3.94 6.59
CA VAL A 988 -2.33 2.79 5.80
C VAL A 988 -2.86 1.50 6.41
N GLN A 989 -2.73 1.36 7.73
CA GLN A 989 -3.20 0.15 8.39
C GLN A 989 -4.71 0.04 8.28
N ILE A 990 -5.42 1.16 8.42
CA ILE A 990 -6.87 1.12 8.28
C ILE A 990 -7.25 0.69 6.87
N ASP A 991 -6.51 1.16 5.88
CA ASP A 991 -6.79 0.75 4.50
C ASP A 991 -6.57 -0.75 4.33
N ARG A 992 -5.50 -1.28 4.90
CA ARG A 992 -5.27 -2.71 4.84
C ARG A 992 -6.44 -3.47 5.45
N LEU A 993 -6.85 -3.06 6.66
CA LEU A 993 -7.94 -3.74 7.32
C LEU A 993 -9.23 -3.63 6.51
N ILE A 994 -9.49 -2.45 5.95
CA ILE A 994 -10.70 -2.26 5.16
C ILE A 994 -10.68 -3.17 3.95
N THR A 995 -9.54 -3.24 3.26
CA THR A 995 -9.45 -4.09 2.09
C THR A 995 -9.72 -5.54 2.46
N GLY A 996 -9.05 -6.02 3.50
CA GLY A 996 -9.24 -7.40 3.90
C GLY A 996 -10.68 -7.70 4.28
N ARG A 997 -11.27 -6.82 5.10
CA ARG A 997 -12.62 -7.06 5.57
C ARG A 997 -13.64 -6.97 4.44
N LEU A 998 -13.45 -6.02 3.53
CA LEU A 998 -14.35 -5.92 2.38
C LEU A 998 -14.25 -7.15 1.51
N GLN A 999 -13.03 -7.64 1.28
CA GLN A 999 -12.88 -8.86 0.49
C GLN A 999 -13.56 -10.02 1.18
N SER A 1000 -13.39 -10.12 2.51
CA SER A 1000 -14.05 -11.19 3.25
C SER A 1000 -15.56 -11.10 3.12
N LEU A 1001 -16.10 -9.89 3.24
CA LEU A 1001 -17.54 -9.72 3.12
C LEU A 1001 -18.03 -10.11 1.74
N GLN A 1002 -17.29 -9.71 0.70
CA GLN A 1002 -17.70 -10.07 -0.65
C GLN A 1002 -17.66 -11.58 -0.83
N THR A 1003 -16.64 -12.24 -0.30
CA THR A 1003 -16.59 -13.69 -0.38
C THR A 1003 -17.79 -14.31 0.31
N TYR A 1004 -18.14 -13.79 1.48
CA TYR A 1004 -19.30 -14.32 2.19
C TYR A 1004 -20.57 -14.11 1.40
N VAL A 1005 -20.72 -12.94 0.78
CA VAL A 1005 -21.91 -12.68 -0.02
C VAL A 1005 -21.96 -13.61 -1.21
N THR A 1006 -20.82 -13.86 -1.83
CA THR A 1006 -20.79 -14.79 -2.95
C THR A 1006 -21.22 -16.18 -2.53
N GLN A 1007 -20.67 -16.67 -1.42
CA GLN A 1007 -21.06 -17.98 -0.94
C GLN A 1007 -22.55 -18.02 -0.65
N GLN A 1008 -23.06 -16.98 0.00
CA GLN A 1008 -24.47 -16.95 0.33
C GLN A 1008 -25.34 -16.91 -0.91
N LEU A 1009 -24.92 -16.17 -1.94
CA LEU A 1009 -25.71 -16.11 -3.16
C LEU A 1009 -25.76 -17.46 -3.83
N ILE A 1010 -24.62 -18.14 -3.93
CA ILE A 1010 -24.63 -19.45 -4.56
C ILE A 1010 -25.50 -20.41 -3.76
N ARG A 1011 -25.39 -20.38 -2.43
CA ARG A 1011 -26.20 -21.27 -1.62
C ARG A 1011 -27.69 -20.95 -1.79
N ALA A 1012 -28.02 -19.67 -1.89
CA ALA A 1012 -29.41 -19.28 -2.07
C ALA A 1012 -29.93 -19.79 -3.41
N ALA A 1013 -29.10 -19.73 -4.45
CA ALA A 1013 -29.52 -20.26 -5.74
C ALA A 1013 -29.78 -21.75 -5.64
N GLU A 1014 -28.90 -22.47 -4.96
CA GLU A 1014 -29.12 -23.89 -4.78
C GLU A 1014 -30.43 -24.15 -4.05
N ILE A 1015 -30.68 -23.40 -2.96
CA ILE A 1015 -31.89 -23.62 -2.19
C ILE A 1015 -33.11 -23.27 -3.03
N ARG A 1016 -33.02 -22.24 -3.85
CA ARG A 1016 -34.15 -21.88 -4.70
C ARG A 1016 -34.47 -23.00 -5.68
N ALA A 1017 -33.44 -23.60 -6.27
CA ALA A 1017 -33.70 -24.75 -7.12
C ALA A 1017 -34.36 -25.86 -6.33
N SER A 1018 -33.86 -26.12 -5.13
CA SER A 1018 -34.41 -27.22 -4.33
C SER A 1018 -35.86 -26.94 -3.97
N ALA A 1019 -36.18 -25.70 -3.65
CA ALA A 1019 -37.55 -25.38 -3.21
C ALA A 1019 -38.50 -25.39 -4.39
N ASN A 1020 -38.05 -24.97 -5.56
CA ASN A 1020 -38.89 -25.13 -6.74
C ASN A 1020 -39.18 -26.61 -6.97
N LEU A 1021 -38.17 -27.46 -6.82
CA LEU A 1021 -38.41 -28.89 -6.91
C LEU A 1021 -39.44 -29.33 -5.88
N ALA A 1022 -39.32 -28.83 -4.65
CA ALA A 1022 -40.23 -29.23 -3.61
C ALA A 1022 -41.66 -28.80 -3.93
N ALA A 1023 -41.83 -27.58 -4.42
CA ALA A 1023 -43.16 -27.12 -4.77
C ALA A 1023 -43.75 -27.96 -5.88
N THR A 1024 -42.94 -28.30 -6.87
CA THR A 1024 -43.44 -29.18 -7.91
C THR A 1024 -43.87 -30.51 -7.31
N LYS A 1025 -43.10 -31.03 -6.36
CA LYS A 1025 -43.50 -32.26 -5.69
C LYS A 1025 -44.83 -32.09 -4.99
N MET A 1026 -44.99 -30.99 -4.25
CA MET A 1026 -46.24 -30.75 -3.54
C MET A 1026 -47.40 -30.77 -4.53
N SER A 1027 -47.22 -30.09 -5.67
CA SER A 1027 -48.32 -29.93 -6.61
C SER A 1027 -48.65 -31.24 -7.33
N GLU A 1028 -47.64 -31.98 -7.77
CA GLU A 1028 -47.86 -33.19 -8.54
C GLU A 1028 -48.02 -34.42 -7.67
N CYS A 1029 -47.90 -34.29 -6.36
CA CYS A 1029 -47.79 -35.41 -5.46
C CYS A 1029 -48.79 -35.35 -4.32
N VAL A 1030 -49.09 -34.16 -3.82
CA VAL A 1030 -50.13 -33.97 -2.82
C VAL A 1030 -51.44 -33.58 -3.46
N LEU A 1031 -51.43 -32.52 -4.26
CA LEU A 1031 -52.64 -32.07 -4.91
C LEU A 1031 -53.18 -33.09 -5.89
N GLY A 1032 -52.37 -34.06 -6.29
CA GLY A 1032 -52.80 -35.12 -7.19
C GLY A 1032 -51.92 -36.34 -7.11
N GLN A 1033 -51.86 -37.09 -8.21
CA GLN A 1033 -51.08 -38.30 -8.31
C GLN A 1033 -50.29 -38.28 -9.61
N SER A 1034 -48.99 -38.55 -9.53
CA SER A 1034 -48.10 -38.40 -10.68
C SER A 1034 -47.74 -39.76 -11.27
N LYS A 1035 -47.79 -39.86 -12.59
CA LYS A 1035 -47.38 -41.07 -13.27
C LYS A 1035 -45.87 -41.21 -13.37
N ARG A 1036 -45.12 -40.12 -13.17
CA ARG A 1036 -43.68 -40.13 -13.37
C ARG A 1036 -43.06 -41.08 -12.36
N VAL A 1037 -42.73 -42.29 -12.79
CA VAL A 1037 -42.18 -43.27 -11.88
C VAL A 1037 -40.91 -42.69 -11.26
N ASP A 1038 -40.69 -43.01 -9.98
CA ASP A 1038 -39.51 -42.61 -9.23
C ASP A 1038 -39.41 -41.10 -9.01
N PHE A 1039 -40.47 -40.35 -9.29
CA PHE A 1039 -40.49 -38.96 -8.91
C PHE A 1039 -41.15 -38.75 -7.55
N CYS A 1040 -42.10 -39.61 -7.20
CA CYS A 1040 -42.84 -39.50 -5.95
C CYS A 1040 -42.66 -40.76 -5.13
N GLY A 1041 -41.41 -41.18 -4.97
CA GLY A 1041 -41.09 -42.35 -4.20
C GLY A 1041 -41.07 -43.60 -5.06
N LYS A 1042 -40.28 -44.58 -4.62
CA LYS A 1042 -40.13 -45.78 -5.40
C LYS A 1042 -41.47 -46.50 -5.49
N GLY A 1043 -41.89 -46.82 -6.71
CA GLY A 1043 -43.09 -47.60 -6.95
C GLY A 1043 -44.19 -46.77 -7.60
N TYR A 1044 -45.22 -47.48 -8.05
CA TYR A 1044 -46.42 -46.80 -8.52
C TYR A 1044 -46.97 -45.99 -7.37
N HIS A 1045 -46.76 -44.68 -7.40
CA HIS A 1045 -47.11 -43.85 -6.27
C HIS A 1045 -48.63 -43.79 -6.09
N LEU A 1046 -49.06 -43.70 -4.84
CA LEU A 1046 -50.47 -43.55 -4.50
C LEU A 1046 -50.79 -42.13 -4.05
N MET A 1047 -50.15 -41.64 -3.00
CA MET A 1047 -50.47 -40.29 -2.55
C MET A 1047 -49.42 -39.85 -1.54
N SER A 1048 -49.23 -38.55 -1.44
CA SER A 1048 -48.18 -38.01 -0.62
C SER A 1048 -48.74 -36.96 0.33
N PHE A 1049 -48.32 -37.02 1.58
CA PHE A 1049 -48.79 -36.12 2.63
C PHE A 1049 -47.62 -35.25 3.08
N PRO A 1050 -47.76 -33.95 3.15
CA PRO A 1050 -46.64 -33.11 3.57
C PRO A 1050 -46.48 -33.07 5.08
N GLN A 1051 -45.32 -32.58 5.51
CA GLN A 1051 -45.05 -32.25 6.89
C GLN A 1051 -44.05 -31.11 6.91
N SER A 1052 -44.27 -30.16 7.80
CA SER A 1052 -43.34 -29.04 7.93
C SER A 1052 -42.22 -29.39 8.89
N ALA A 1053 -41.07 -28.76 8.73
CA ALA A 1053 -39.95 -29.01 9.61
C ALA A 1053 -38.99 -27.83 9.51
N PRO A 1054 -38.06 -27.71 10.44
CA PRO A 1054 -37.20 -26.51 10.47
C PRO A 1054 -36.55 -26.25 9.12
N HIS A 1055 -36.93 -25.14 8.52
CA HIS A 1055 -36.31 -24.68 7.28
C HIS A 1055 -36.45 -25.70 6.17
N GLY A 1056 -37.53 -26.48 6.19
CA GLY A 1056 -37.67 -27.49 5.16
C GLY A 1056 -38.99 -28.21 5.26
N VAL A 1057 -39.19 -29.11 4.29
CA VAL A 1057 -40.41 -29.88 4.18
C VAL A 1057 -40.05 -31.36 4.09
N VAL A 1058 -40.76 -32.18 4.85
CA VAL A 1058 -40.60 -33.62 4.85
C VAL A 1058 -41.87 -34.22 4.29
N PHE A 1059 -41.77 -34.87 3.15
CA PHE A 1059 -42.91 -35.56 2.58
C PHE A 1059 -43.08 -36.92 3.23
N LEU A 1060 -44.28 -37.48 3.08
CA LEU A 1060 -44.54 -38.89 3.31
C LEU A 1060 -45.16 -39.44 2.03
N HIS A 1061 -44.39 -40.19 1.28
CA HIS A 1061 -44.91 -40.89 0.11
C HIS A 1061 -45.58 -42.17 0.59
N VAL A 1062 -46.80 -42.41 0.14
CA VAL A 1062 -47.50 -43.68 0.33
C VAL A 1062 -47.62 -44.31 -1.06
N THR A 1063 -47.02 -45.49 -1.22
CA THR A 1063 -46.75 -46.05 -2.53
C THR A 1063 -47.12 -47.52 -2.57
N TYR A 1064 -47.31 -48.01 -3.79
CA TYR A 1064 -47.72 -49.39 -4.06
C TYR A 1064 -46.50 -50.18 -4.53
N VAL A 1065 -46.37 -51.42 -4.08
CA VAL A 1065 -45.24 -52.24 -4.49
C VAL A 1065 -45.63 -53.72 -4.54
N PRO A 1066 -45.50 -54.39 -5.67
CA PRO A 1066 -45.78 -55.84 -5.70
C PRO A 1066 -44.78 -56.61 -4.86
N ALA A 1067 -45.22 -57.76 -4.36
CA ALA A 1067 -44.43 -58.51 -3.40
C ALA A 1067 -44.06 -59.91 -3.90
N GLN A 1068 -45.03 -60.73 -4.24
CA GLN A 1068 -44.79 -62.13 -4.59
C GLN A 1068 -45.27 -62.38 -5.99
N GLU A 1069 -44.61 -63.30 -6.69
CA GLU A 1069 -44.89 -63.57 -8.09
C GLU A 1069 -45.06 -65.06 -8.30
N LYS A 1070 -45.69 -65.40 -9.42
CA LYS A 1070 -45.76 -66.78 -9.88
C LYS A 1070 -45.47 -66.79 -11.37
N ASN A 1071 -44.57 -67.67 -11.79
CA ASN A 1071 -44.24 -67.78 -13.20
C ASN A 1071 -45.48 -68.22 -13.97
N PHE A 1072 -45.67 -67.71 -15.17
CA PHE A 1072 -46.74 -68.16 -16.05
C PHE A 1072 -46.24 -68.24 -17.48
N THR A 1073 -46.69 -69.27 -18.18
CA THR A 1073 -46.44 -69.37 -19.60
C THR A 1073 -47.43 -68.47 -20.32
N THR A 1074 -46.93 -67.41 -20.93
CA THR A 1074 -47.78 -66.41 -21.56
C THR A 1074 -48.05 -66.78 -23.00
N ALA A 1075 -48.71 -65.86 -23.70
CA ALA A 1075 -48.92 -66.02 -25.12
C ALA A 1075 -49.43 -64.69 -25.64
N PRO A 1076 -48.82 -64.11 -26.67
CA PRO A 1076 -49.21 -62.76 -27.06
C PRO A 1076 -50.64 -62.64 -27.54
N ALA A 1077 -51.27 -63.73 -27.98
CA ALA A 1077 -52.63 -63.63 -28.49
C ALA A 1077 -53.17 -65.03 -28.71
N ILE A 1078 -54.51 -65.12 -28.77
CA ILE A 1078 -55.20 -66.38 -29.01
C ILE A 1078 -56.00 -66.27 -30.29
N CYS A 1079 -56.01 -67.34 -31.08
CA CYS A 1079 -56.88 -67.46 -32.24
C CYS A 1079 -57.93 -68.51 -31.95
N HIS A 1080 -59.19 -68.15 -32.10
CA HIS A 1080 -60.31 -69.01 -31.73
C HIS A 1080 -60.91 -69.69 -32.95
N ASP A 1081 -61.32 -68.92 -33.97
CA ASP A 1081 -61.96 -69.48 -35.15
C ASP A 1081 -61.36 -68.87 -36.42
N GLY A 1082 -60.06 -68.61 -36.42
CA GLY A 1082 -59.39 -67.97 -37.52
C GLY A 1082 -59.09 -66.51 -37.30
N LYS A 1083 -59.76 -65.88 -36.34
CA LYS A 1083 -59.52 -64.50 -35.96
C LYS A 1083 -58.62 -64.45 -34.74
N ALA A 1084 -57.74 -63.45 -34.70
CA ALA A 1084 -56.78 -63.29 -33.62
C ALA A 1084 -57.36 -62.39 -32.56
N HIS A 1085 -57.64 -62.96 -31.39
CA HIS A 1085 -58.26 -62.22 -30.30
C HIS A 1085 -57.18 -61.65 -29.40
N PHE A 1086 -57.37 -60.41 -28.95
CA PHE A 1086 -56.41 -59.73 -28.11
C PHE A 1086 -57.10 -59.19 -26.87
N PRO A 1087 -56.41 -59.12 -25.74
CA PRO A 1087 -57.04 -58.59 -24.52
C PRO A 1087 -57.15 -57.08 -24.57
N ARG A 1088 -58.34 -56.57 -24.24
CA ARG A 1088 -58.52 -55.12 -24.16
C ARG A 1088 -57.56 -54.52 -23.14
N GLU A 1089 -57.60 -55.06 -21.93
CA GLU A 1089 -56.68 -54.66 -20.87
C GLU A 1089 -56.13 -55.93 -20.24
N GLY A 1090 -54.89 -55.87 -19.80
CA GLY A 1090 -54.25 -57.04 -19.26
C GLY A 1090 -53.63 -57.90 -20.35
N VAL A 1091 -53.10 -59.05 -19.93
CA VAL A 1091 -52.47 -59.97 -20.84
C VAL A 1091 -52.92 -61.37 -20.52
N PHE A 1092 -52.64 -62.28 -21.45
CA PHE A 1092 -53.03 -63.67 -21.29
C PHE A 1092 -52.02 -64.41 -20.44
N VAL A 1093 -52.52 -65.32 -19.60
CA VAL A 1093 -51.68 -66.16 -18.78
C VAL A 1093 -52.26 -67.57 -18.79
N SER A 1094 -51.42 -68.54 -18.46
CA SER A 1094 -51.84 -69.93 -18.37
C SER A 1094 -51.18 -70.59 -17.18
N ASN A 1095 -51.99 -71.27 -16.36
CA ASN A 1095 -51.47 -72.10 -15.30
C ASN A 1095 -51.11 -73.49 -15.80
N GLY A 1096 -51.07 -73.69 -17.12
CA GLY A 1096 -50.69 -74.94 -17.73
C GLY A 1096 -51.83 -75.68 -18.40
N THR A 1097 -53.08 -75.34 -18.08
CA THR A 1097 -54.22 -76.07 -18.59
C THR A 1097 -55.25 -75.16 -19.23
N HIS A 1098 -55.44 -73.98 -18.67
CA HIS A 1098 -56.46 -73.05 -19.13
C HIS A 1098 -55.88 -71.65 -19.19
N TRP A 1099 -56.48 -70.81 -20.02
CA TRP A 1099 -55.99 -69.47 -20.25
C TRP A 1099 -56.93 -68.44 -19.66
N PHE A 1100 -56.36 -67.40 -19.05
CA PHE A 1100 -57.15 -66.33 -18.46
C PHE A 1100 -56.50 -65.00 -18.79
N VAL A 1101 -57.33 -64.00 -19.00
CA VAL A 1101 -56.89 -62.62 -19.17
C VAL A 1101 -56.80 -62.00 -17.79
N THR A 1102 -55.67 -61.34 -17.50
CA THR A 1102 -55.46 -60.81 -16.17
C THR A 1102 -54.87 -59.41 -16.25
N GLN A 1103 -55.07 -58.67 -15.17
CA GLN A 1103 -54.51 -57.33 -15.07
C GLN A 1103 -53.00 -57.42 -14.84
N ARG A 1104 -52.31 -56.34 -15.19
CA ARG A 1104 -50.87 -56.43 -15.36
C ARG A 1104 -50.13 -56.27 -14.05
N ASN A 1105 -50.82 -55.86 -12.99
CA ASN A 1105 -50.16 -55.63 -11.70
C ASN A 1105 -50.82 -56.36 -10.54
N PHE A 1106 -51.79 -57.23 -10.79
CA PHE A 1106 -52.36 -58.03 -9.71
C PHE A 1106 -53.06 -59.24 -10.30
N TYR A 1107 -52.55 -60.43 -10.00
CA TYR A 1107 -53.10 -61.65 -10.57
C TYR A 1107 -54.57 -61.79 -10.19
N GLU A 1108 -55.40 -62.12 -11.17
CA GLU A 1108 -56.85 -62.14 -10.98
C GLU A 1108 -57.50 -62.80 -12.18
N PRO A 1109 -57.31 -64.11 -12.36
CA PRO A 1109 -57.71 -64.74 -13.62
C PRO A 1109 -59.20 -64.57 -13.88
N GLN A 1110 -59.53 -64.38 -15.15
CA GLN A 1110 -60.91 -64.36 -15.61
C GLN A 1110 -61.02 -65.20 -16.86
N ILE A 1111 -62.17 -65.87 -17.02
CA ILE A 1111 -62.37 -66.72 -18.18
C ILE A 1111 -62.43 -65.84 -19.42
N ILE A 1112 -61.81 -66.32 -20.50
CA ILE A 1112 -61.70 -65.53 -21.72
C ILE A 1112 -63.05 -65.52 -22.43
N THR A 1113 -63.57 -64.32 -22.69
CA THR A 1113 -64.85 -64.14 -23.35
C THR A 1113 -64.72 -63.01 -24.37
N THR A 1114 -65.68 -62.95 -25.28
CA THR A 1114 -65.64 -61.94 -26.33
C THR A 1114 -65.59 -60.54 -25.75
N ASP A 1115 -66.09 -60.34 -24.53
CA ASP A 1115 -66.09 -59.02 -23.92
C ASP A 1115 -64.76 -58.64 -23.28
N ASN A 1116 -63.88 -59.60 -23.06
CA ASN A 1116 -62.55 -59.30 -22.56
C ASN A 1116 -61.55 -59.04 -23.65
N THR A 1117 -61.91 -59.32 -24.90
CA THR A 1117 -60.99 -59.24 -26.02
C THR A 1117 -61.68 -58.61 -27.23
N PHE A 1118 -60.85 -58.22 -28.19
CA PHE A 1118 -61.35 -57.75 -29.47
C PHE A 1118 -60.61 -58.44 -30.59
N VAL A 1119 -61.20 -58.39 -31.78
CA VAL A 1119 -60.71 -59.12 -32.94
C VAL A 1119 -59.85 -58.19 -33.78
N SER A 1120 -58.85 -58.76 -34.45
CA SER A 1120 -58.07 -58.03 -35.43
C SER A 1120 -57.29 -59.03 -36.27
N GLY A 1121 -57.52 -59.01 -37.58
CA GLY A 1121 -56.75 -59.86 -38.47
C GLY A 1121 -57.10 -61.33 -38.31
N ASN A 1122 -56.11 -62.18 -38.59
CA ASN A 1122 -56.28 -63.63 -38.58
C ASN A 1122 -55.11 -64.26 -37.85
N CYS A 1123 -54.97 -65.58 -38.00
CA CYS A 1123 -53.97 -66.33 -37.25
C CYS A 1123 -52.63 -66.46 -37.97
N ASP A 1124 -52.49 -65.93 -39.18
CA ASP A 1124 -51.31 -66.20 -39.98
C ASP A 1124 -50.25 -65.12 -39.87
N VAL A 1125 -50.43 -64.13 -38.99
CA VAL A 1125 -49.48 -63.04 -38.85
C VAL A 1125 -48.87 -62.98 -37.44
N VAL A 1126 -49.68 -63.19 -36.42
CA VAL A 1126 -49.23 -63.00 -35.05
C VAL A 1126 -48.25 -64.11 -34.69
N ILE A 1127 -47.08 -63.72 -34.20
CA ILE A 1127 -46.07 -64.68 -33.79
C ILE A 1127 -46.41 -65.20 -32.40
N GLY A 1128 -46.35 -66.51 -32.22
CA GLY A 1128 -46.56 -67.09 -30.91
C GLY A 1128 -48.00 -67.29 -30.52
N ILE A 1129 -48.94 -66.99 -31.42
CA ILE A 1129 -50.35 -67.18 -31.12
C ILE A 1129 -50.57 -68.64 -30.74
N VAL A 1130 -51.44 -68.87 -29.76
CA VAL A 1130 -51.66 -70.20 -29.22
C VAL A 1130 -53.16 -70.53 -29.26
N ASN A 1131 -53.45 -71.77 -29.60
CA ASN A 1131 -54.83 -72.21 -29.79
C ASN A 1131 -55.56 -72.30 -28.46
N ASN A 1132 -56.84 -71.94 -28.49
CA ASN A 1132 -57.71 -72.09 -27.33
C ASN A 1132 -59.14 -71.89 -27.79
N THR A 1133 -60.06 -71.72 -26.85
CA THR A 1133 -61.46 -71.43 -27.14
C THR A 1133 -61.88 -70.16 -26.41
N VAL A 1134 -62.80 -69.43 -27.01
CA VAL A 1134 -63.32 -68.19 -26.44
C VAL A 1134 -64.81 -68.37 -26.18
N TYR A 1135 -65.24 -68.00 -24.98
CA TYR A 1135 -66.63 -68.17 -24.58
C TYR A 1135 -67.48 -67.00 -25.03
N ASP A 1136 -68.73 -67.29 -25.39
CA ASP A 1136 -69.69 -66.27 -25.79
C ASP A 1136 -70.77 -66.16 -24.73
N PRO A 1137 -70.87 -65.04 -23.99
CA PRO A 1137 -72.00 -64.88 -23.06
C PRO A 1137 -73.35 -64.94 -23.76
N LEU A 1138 -73.42 -64.47 -24.99
CA LEU A 1138 -74.72 -64.42 -25.68
C LEU A 1138 -75.23 -65.81 -26.02
N GLN A 1139 -74.34 -66.73 -26.40
CA GLN A 1139 -74.77 -68.01 -26.94
C GLN A 1139 -75.73 -68.75 -26.01
N PRO A 1140 -75.43 -68.93 -24.73
CA PRO A 1140 -76.38 -69.68 -23.88
C PRO A 1140 -77.75 -69.05 -23.81
N GLU A 1141 -77.84 -67.72 -23.85
CA GLU A 1141 -79.12 -67.07 -23.74
C GLU A 1141 -80.02 -67.42 -24.93
N LEU A 1142 -79.46 -67.41 -26.14
CA LEU A 1142 -80.23 -67.82 -27.31
C LEU A 1142 -80.47 -69.31 -27.34
N ASP A 1143 -79.54 -70.10 -26.80
CA ASP A 1143 -79.72 -71.54 -26.77
C ASP A 1143 -80.94 -71.91 -25.93
N SER A 1144 -81.13 -71.24 -24.80
CA SER A 1144 -82.28 -71.49 -23.95
C SER A 1144 -83.48 -70.67 -24.42
N CYS B 15 44.87 1.16 -46.74
CA CYS B 15 43.67 1.07 -47.57
C CYS B 15 44.03 1.16 -49.04
N VAL B 16 43.27 0.45 -49.87
CA VAL B 16 43.41 0.53 -51.32
C VAL B 16 42.41 1.55 -51.85
N ASN B 17 42.92 2.52 -52.63
CA ASN B 17 42.10 3.59 -53.14
C ASN B 17 41.61 3.27 -54.54
N PHE B 18 40.33 3.56 -54.80
CA PHE B 18 39.72 3.36 -56.11
C PHE B 18 39.27 4.70 -56.66
N THR B 19 39.75 5.05 -57.85
CA THR B 19 39.40 6.33 -58.45
C THR B 19 37.93 6.39 -58.83
N THR B 20 37.39 5.29 -59.37
CA THR B 20 36.01 5.23 -59.82
C THR B 20 35.21 4.41 -58.81
N ARG B 21 34.38 5.09 -58.03
CA ARG B 21 33.52 4.44 -57.04
C ARG B 21 32.08 4.55 -57.50
N THR B 22 31.40 3.41 -57.61
CA THR B 22 30.01 3.36 -58.02
C THR B 22 29.30 2.30 -57.19
N GLN B 23 27.98 2.24 -57.38
CA GLN B 23 27.16 1.26 -56.68
C GLN B 23 25.88 1.03 -57.48
N LEU B 24 25.47 -0.23 -57.57
CA LEU B 24 24.28 -0.55 -58.33
C LEU B 24 23.04 0.00 -57.62
N PRO B 25 22.02 0.43 -58.36
CA PRO B 25 20.81 0.92 -57.71
C PRO B 25 20.15 -0.20 -56.91
N PRO B 26 19.43 0.16 -55.84
CA PRO B 26 18.75 -0.88 -55.04
C PRO B 26 17.64 -1.55 -55.81
N ALA B 27 17.31 -2.77 -55.39
CA ALA B 27 16.18 -3.49 -55.95
C ALA B 27 15.24 -3.88 -54.81
N TYR B 28 13.97 -4.08 -55.14
CA TYR B 28 12.94 -4.31 -54.14
C TYR B 28 12.19 -5.62 -54.42
N THR B 29 11.92 -6.36 -53.36
CA THR B 29 11.13 -7.59 -53.46
C THR B 29 10.35 -7.75 -52.15
N ASN B 30 9.79 -8.94 -51.95
CA ASN B 30 8.93 -9.21 -50.81
C ASN B 30 9.54 -10.33 -49.98
N SER B 31 9.36 -10.25 -48.67
CA SER B 31 9.95 -11.22 -47.76
C SER B 31 9.18 -12.52 -47.68
N PHE B 32 7.95 -12.57 -48.19
CA PHE B 32 7.12 -13.77 -48.07
C PHE B 32 6.94 -14.15 -46.61
N THR B 33 7.50 -15.28 -46.19
CA THR B 33 7.29 -15.78 -44.83
C THR B 33 8.57 -16.39 -44.27
N ARG B 34 9.69 -15.72 -44.44
CA ARG B 34 10.95 -16.12 -43.82
C ARG B 34 11.29 -15.17 -42.69
N GLY B 35 12.40 -15.46 -42.01
CA GLY B 35 12.85 -14.64 -40.90
C GLY B 35 12.50 -15.16 -39.52
N VAL B 36 11.85 -16.32 -39.43
CA VAL B 36 11.49 -16.88 -38.13
C VAL B 36 12.71 -17.52 -37.49
N TYR B 37 12.92 -17.26 -36.20
CA TYR B 37 14.04 -17.79 -35.45
C TYR B 37 13.58 -18.10 -34.03
N TYR B 38 14.21 -19.09 -33.42
CA TYR B 38 13.78 -19.56 -32.10
C TYR B 38 13.83 -18.41 -31.11
N PRO B 39 12.73 -18.09 -30.42
CA PRO B 39 12.78 -16.93 -29.52
C PRO B 39 13.68 -17.14 -28.32
N ASP B 40 13.68 -18.33 -27.75
CA ASP B 40 14.50 -18.66 -26.59
C ASP B 40 15.39 -19.85 -26.92
N LYS B 41 16.06 -20.35 -25.89
CA LYS B 41 16.81 -21.59 -25.97
C LYS B 41 16.07 -22.74 -25.29
N VAL B 42 14.75 -22.71 -25.32
CA VAL B 42 13.92 -23.63 -24.56
C VAL B 42 13.30 -24.63 -25.53
N PHE B 43 13.33 -25.91 -25.16
CA PHE B 43 12.68 -26.94 -25.96
C PHE B 43 11.22 -27.06 -25.58
N ARG B 44 10.38 -27.26 -26.59
CA ARG B 44 8.99 -27.62 -26.42
C ARG B 44 8.70 -28.75 -27.38
N SER B 45 7.64 -29.52 -27.13
CA SER B 45 7.29 -30.66 -27.97
C SER B 45 5.87 -30.53 -28.45
N SER B 46 5.69 -30.53 -29.77
CA SER B 46 4.38 -30.63 -30.41
C SER B 46 3.38 -29.70 -29.71
N VAL B 47 3.64 -28.40 -29.81
CA VAL B 47 2.82 -27.43 -29.11
C VAL B 47 3.00 -26.07 -29.77
N LEU B 48 1.99 -25.22 -29.63
CA LEU B 48 2.05 -23.86 -30.14
C LEU B 48 2.42 -22.92 -28.99
N HIS B 49 3.34 -22.00 -29.27
CA HIS B 49 3.82 -21.04 -28.30
C HIS B 49 3.76 -19.66 -28.90
N SER B 50 3.28 -18.68 -28.13
CA SER B 50 3.08 -17.32 -28.60
C SER B 50 4.03 -16.39 -27.88
N THR B 51 4.70 -15.53 -28.64
CA THR B 51 5.63 -14.57 -28.07
C THR B 51 5.67 -13.29 -28.89
N GLN B 52 5.93 -12.18 -28.23
CA GLN B 52 6.08 -10.89 -28.87
C GLN B 52 7.55 -10.52 -28.85
N ASP B 53 8.14 -10.36 -30.02
CA ASP B 53 9.56 -10.05 -30.14
C ASP B 53 9.78 -9.35 -31.48
N LEU B 54 11.05 -9.08 -31.80
CA LEU B 54 11.41 -8.45 -33.06
C LEU B 54 11.45 -9.52 -34.13
N PHE B 55 10.47 -9.46 -35.04
CA PHE B 55 10.35 -10.41 -36.13
C PHE B 55 10.45 -9.69 -37.47
N LEU B 56 10.71 -10.47 -38.51
CA LEU B 56 10.60 -9.98 -39.88
C LEU B 56 9.16 -10.18 -40.33
N PRO B 57 8.33 -9.13 -40.35
CA PRO B 57 6.91 -9.36 -40.61
C PRO B 57 6.69 -10.07 -41.93
N PHE B 58 5.73 -11.00 -41.93
CA PHE B 58 5.47 -11.78 -43.13
C PHE B 58 5.09 -10.86 -44.29
N PHE B 59 5.62 -11.18 -45.47
CA PHE B 59 5.31 -10.44 -46.69
C PHE B 59 5.66 -8.96 -46.52
N SER B 60 6.91 -8.72 -46.18
CA SER B 60 7.42 -7.37 -45.96
C SER B 60 8.25 -6.92 -47.14
N ASN B 61 8.47 -5.60 -47.21
CA ASN B 61 9.29 -5.03 -48.26
C ASN B 61 10.76 -5.22 -47.93
N VAL B 62 11.50 -5.86 -48.84
CA VAL B 62 12.89 -6.21 -48.62
C VAL B 62 13.71 -5.60 -49.75
N THR B 63 14.86 -5.03 -49.41
CA THR B 63 15.73 -4.43 -50.41
C THR B 63 16.91 -5.36 -50.67
N TRP B 64 17.13 -5.68 -51.94
CA TRP B 64 18.18 -6.61 -52.32
C TRP B 64 19.08 -5.99 -53.37
N PHE B 65 20.34 -6.42 -53.35
CA PHE B 65 21.38 -5.89 -54.23
C PHE B 65 22.34 -7.01 -54.65
N HIS B 66 23.34 -6.64 -55.46
CA HIS B 66 24.33 -7.57 -55.96
C HIS B 66 25.71 -7.20 -55.44
N ALA B 67 26.53 -8.21 -55.21
CA ALA B 67 27.92 -8.06 -54.81
C ALA B 67 28.79 -8.62 -55.93
N ILE B 68 29.53 -7.75 -56.59
CA ILE B 68 30.40 -8.13 -57.71
C ILE B 68 31.75 -8.54 -57.15
N HIS B 69 32.17 -9.76 -57.46
CA HIS B 69 33.44 -10.30 -56.96
C HIS B 69 34.47 -10.40 -58.08
N LYS B 77 35.91 -0.72 -62.79
CA LYS B 77 35.12 0.15 -61.92
C LYS B 77 34.85 -0.53 -60.58
N ARG B 78 35.03 0.22 -59.50
CA ARG B 78 34.84 -0.30 -58.15
C ARG B 78 33.38 -0.11 -57.75
N PHE B 79 32.63 -1.21 -57.69
CA PHE B 79 31.26 -1.19 -57.21
C PHE B 79 31.26 -1.46 -55.71
N ALA B 80 30.91 -0.44 -54.92
CA ALA B 80 31.02 -0.51 -53.48
C ALA B 80 29.65 -0.80 -52.86
N ASN B 81 29.67 -1.59 -51.78
CA ASN B 81 28.44 -1.89 -51.06
C ASN B 81 27.93 -0.63 -50.35
N PRO B 82 26.62 -0.49 -50.17
CA PRO B 82 26.10 0.69 -49.50
C PRO B 82 25.95 0.48 -47.99
N VAL B 83 26.09 1.59 -47.27
CA VAL B 83 25.86 1.61 -45.83
C VAL B 83 24.37 1.80 -45.60
N LEU B 84 23.77 0.90 -44.82
CA LEU B 84 22.34 0.93 -44.59
C LEU B 84 22.04 1.08 -43.10
N PRO B 85 20.94 1.73 -42.74
CA PRO B 85 20.58 1.83 -41.33
C PRO B 85 20.26 0.47 -40.74
N PHE B 86 20.46 0.35 -39.43
CA PHE B 86 20.15 -0.89 -38.73
C PHE B 86 18.78 -0.87 -38.07
N ASN B 87 18.30 0.29 -37.64
CA ASN B 87 17.01 0.39 -36.95
C ASN B 87 17.11 -0.50 -35.71
N ASP B 88 16.15 -1.40 -35.47
CA ASP B 88 16.12 -2.19 -34.25
C ASP B 88 16.51 -3.64 -34.46
N GLY B 89 16.81 -4.04 -35.69
CA GLY B 89 17.10 -5.44 -35.97
C GLY B 89 17.04 -5.71 -37.46
N VAL B 90 18.01 -6.45 -37.98
CA VAL B 90 18.16 -6.62 -39.43
C VAL B 90 18.19 -8.10 -39.77
N TYR B 91 17.40 -8.46 -40.78
CA TYR B 91 17.44 -9.78 -41.40
C TYR B 91 18.28 -9.68 -42.66
N PHE B 92 19.40 -10.39 -42.69
CA PHE B 92 20.30 -10.42 -43.82
C PHE B 92 20.18 -11.78 -44.49
N ALA B 93 20.33 -11.81 -45.81
CA ALA B 93 20.33 -13.07 -46.52
C ALA B 93 21.24 -12.98 -47.72
N SER B 94 21.77 -14.14 -48.13
CA SER B 94 22.65 -14.21 -49.29
C SER B 94 22.37 -15.50 -50.03
N THR B 95 22.41 -15.43 -51.35
CA THR B 95 22.21 -16.60 -52.22
C THR B 95 23.38 -16.65 -53.20
N GLU B 96 24.28 -17.60 -52.99
CA GLU B 96 25.48 -17.67 -53.82
C GLU B 96 26.02 -19.10 -53.81
N LYS B 97 26.89 -19.39 -54.77
CA LYS B 97 27.50 -20.71 -54.82
C LYS B 97 28.74 -20.77 -53.94
N SER B 98 29.70 -19.88 -54.18
CA SER B 98 30.86 -19.73 -53.33
C SER B 98 30.60 -18.66 -52.28
N ASN B 99 31.34 -18.73 -51.17
CA ASN B 99 31.15 -17.80 -50.06
C ASN B 99 31.72 -16.44 -50.46
N ILE B 100 30.98 -15.74 -51.32
CA ILE B 100 31.38 -14.40 -51.71
C ILE B 100 31.24 -13.44 -50.55
N ILE B 101 30.13 -13.51 -49.83
CA ILE B 101 29.90 -12.66 -48.67
C ILE B 101 30.73 -13.17 -47.52
N ARG B 102 31.49 -12.28 -46.87
CA ARG B 102 32.39 -12.68 -45.81
C ARG B 102 32.05 -12.09 -44.45
N GLY B 103 31.36 -10.95 -44.40
CA GLY B 103 31.03 -10.38 -43.12
C GLY B 103 30.40 -9.01 -43.26
N TRP B 104 30.36 -8.30 -42.14
CA TRP B 104 29.67 -7.03 -42.04
C TRP B 104 30.38 -6.14 -41.04
N ILE B 105 30.01 -4.86 -41.07
CA ILE B 105 30.47 -3.86 -40.12
C ILE B 105 29.24 -3.19 -39.52
N PHE B 106 29.30 -2.91 -38.21
CA PHE B 106 28.17 -2.38 -37.49
C PHE B 106 28.61 -1.20 -36.63
N GLY B 107 27.71 -0.24 -36.48
CA GLY B 107 27.98 0.93 -35.67
C GLY B 107 27.03 2.06 -36.04
N THR B 108 27.41 3.26 -35.63
CA THR B 108 26.66 4.47 -35.96
C THR B 108 27.47 5.42 -36.83
N THR B 109 28.67 5.79 -36.40
CA THR B 109 29.53 6.67 -37.18
C THR B 109 30.50 5.91 -38.07
N LEU B 110 30.86 4.68 -37.70
CA LEU B 110 31.77 3.87 -38.50
C LEU B 110 33.09 4.60 -38.71
N ASP B 111 33.63 5.18 -37.65
CA ASP B 111 34.88 5.91 -37.70
C ASP B 111 35.65 5.65 -36.41
N SER B 112 36.76 6.37 -36.24
CA SER B 112 37.56 6.24 -35.03
C SER B 112 36.95 6.97 -33.84
N LYS B 113 35.97 7.85 -34.07
CA LYS B 113 35.39 8.61 -32.96
C LYS B 113 34.62 7.73 -32.00
N THR B 114 34.01 6.65 -32.49
CA THR B 114 33.18 5.79 -31.67
C THR B 114 33.55 4.34 -31.91
N GLN B 115 33.21 3.49 -30.95
CA GLN B 115 33.47 2.06 -31.08
C GLN B 115 32.66 1.50 -32.25
N SER B 116 33.28 0.55 -32.96
CA SER B 116 32.67 -0.05 -34.13
C SER B 116 32.91 -1.56 -34.10
N LEU B 117 31.90 -2.31 -34.53
CA LEU B 117 31.96 -3.76 -34.55
C LEU B 117 32.29 -4.23 -35.97
N LEU B 118 33.16 -5.21 -36.08
CA LEU B 118 33.57 -5.80 -37.35
C LEU B 118 33.48 -7.31 -37.22
N ILE B 119 32.68 -7.94 -38.09
CA ILE B 119 32.54 -9.38 -38.11
C ILE B 119 32.96 -9.84 -39.50
N VAL B 120 33.81 -10.85 -39.56
CA VAL B 120 34.28 -11.40 -40.82
C VAL B 120 34.53 -12.89 -40.65
N ASN B 121 34.53 -13.62 -41.76
CA ASN B 121 34.83 -15.05 -41.78
C ASN B 121 35.88 -15.27 -42.87
N ASN B 122 37.15 -15.11 -42.51
CA ASN B 122 38.23 -15.34 -43.45
C ASN B 122 38.38 -16.84 -43.71
N ALA B 123 39.28 -17.18 -44.64
CA ALA B 123 39.47 -18.58 -44.99
C ALA B 123 39.87 -19.41 -43.78
N THR B 124 40.54 -18.80 -42.81
CA THR B 124 40.99 -19.54 -41.63
C THR B 124 39.84 -19.78 -40.66
N ASN B 125 39.19 -18.71 -40.22
CA ASN B 125 38.17 -18.81 -39.18
C ASN B 125 37.32 -17.54 -39.20
N VAL B 126 36.53 -17.35 -38.15
CA VAL B 126 35.65 -16.18 -38.01
C VAL B 126 36.24 -15.26 -36.95
N VAL B 127 36.33 -13.97 -37.28
CA VAL B 127 36.92 -12.95 -36.41
C VAL B 127 35.87 -11.88 -36.15
N ILE B 128 35.70 -11.53 -34.87
CA ILE B 128 34.78 -10.48 -34.45
C ILE B 128 35.52 -9.55 -33.50
N LYS B 129 35.62 -8.27 -33.88
CA LYS B 129 36.36 -7.31 -33.08
C LYS B 129 35.59 -6.01 -32.95
N VAL B 130 35.54 -5.50 -31.73
CA VAL B 130 34.93 -4.21 -31.43
C VAL B 130 36.06 -3.27 -31.04
N CYS B 131 36.33 -2.28 -31.89
CA CYS B 131 37.42 -1.34 -31.70
C CYS B 131 37.04 -0.02 -32.36
N GLU B 132 37.80 1.03 -32.06
CA GLU B 132 37.60 2.33 -32.70
C GLU B 132 38.25 2.30 -34.08
N PHE B 133 37.69 1.46 -34.93
CA PHE B 133 38.24 1.25 -36.27
C PHE B 133 38.13 2.51 -37.11
N GLN B 134 39.15 2.78 -37.91
CA GLN B 134 39.09 3.81 -38.94
C GLN B 134 38.95 3.08 -40.27
N PHE B 135 37.70 2.86 -40.67
CA PHE B 135 37.42 2.01 -41.81
C PHE B 135 37.90 2.64 -43.11
N CYS B 136 38.26 1.78 -44.05
CA CYS B 136 38.62 2.23 -45.39
C CYS B 136 37.37 2.66 -46.15
N ASN B 137 37.58 3.52 -47.15
CA ASN B 137 36.47 3.96 -47.99
C ASN B 137 35.86 2.78 -48.75
N ASP B 138 36.70 1.88 -49.26
CA ASP B 138 36.27 0.71 -50.01
C ASP B 138 36.89 -0.52 -49.38
N PRO B 139 36.25 -1.11 -48.38
CA PRO B 139 36.80 -2.32 -47.76
C PRO B 139 37.02 -3.40 -48.81
N PHE B 140 38.20 -4.03 -48.74
CA PHE B 140 38.66 -4.93 -49.79
C PHE B 140 39.14 -6.24 -49.17
N LEU B 141 38.73 -7.34 -49.79
CA LEU B 141 39.26 -8.67 -49.47
C LEU B 141 39.49 -9.39 -50.79
N GLY B 142 40.74 -9.75 -51.05
CA GLY B 142 41.13 -10.28 -52.35
C GLY B 142 41.63 -11.70 -52.27
N VAL B 143 41.38 -12.46 -53.32
CA VAL B 143 41.86 -13.83 -53.46
C VAL B 143 42.53 -13.95 -54.81
N TYR B 144 43.52 -14.84 -54.88
CA TYR B 144 44.25 -15.10 -56.12
C TYR B 144 44.36 -16.60 -56.32
N TYR B 145 44.47 -17.00 -57.57
CA TYR B 145 44.56 -18.42 -57.93
C TYR B 145 45.98 -18.80 -58.32
N SER B 151 44.14 -23.79 -56.58
CA SER B 151 43.47 -23.48 -55.32
C SER B 151 43.54 -21.98 -55.04
N TRP B 152 42.39 -21.39 -54.72
CA TRP B 152 42.34 -19.96 -54.42
C TRP B 152 42.88 -19.71 -53.01
N MET B 153 43.78 -18.74 -52.89
CA MET B 153 44.38 -18.37 -51.62
C MET B 153 44.22 -16.87 -51.42
N GLU B 154 43.73 -16.48 -50.26
CA GLU B 154 43.52 -15.07 -49.95
C GLU B 154 44.78 -14.49 -49.34
N SER B 155 45.19 -13.32 -49.84
CA SER B 155 46.37 -12.64 -49.33
C SER B 155 46.18 -11.14 -49.18
N GLU B 156 45.01 -10.60 -49.51
CA GLU B 156 44.74 -9.17 -49.43
C GLU B 156 43.57 -8.92 -48.51
N PHE B 157 43.80 -8.14 -47.46
CA PHE B 157 42.75 -7.74 -46.52
C PHE B 157 43.00 -6.29 -46.13
N ARG B 158 42.26 -5.37 -46.76
CA ARG B 158 42.41 -3.94 -46.53
C ARG B 158 41.02 -3.38 -46.26
N VAL B 159 40.60 -3.42 -44.99
CA VAL B 159 39.27 -3.02 -44.58
C VAL B 159 39.30 -1.75 -43.74
N TYR B 160 40.19 -1.69 -42.75
CA TYR B 160 40.28 -0.54 -41.85
C TYR B 160 41.71 -0.04 -41.81
N SER B 161 41.85 1.28 -41.73
CA SER B 161 43.16 1.90 -41.62
C SER B 161 43.70 1.87 -40.20
N SER B 162 42.83 1.77 -39.20
CA SER B 162 43.26 1.84 -37.80
C SER B 162 42.32 1.01 -36.94
N ALA B 163 42.82 0.62 -35.77
CA ALA B 163 42.02 -0.11 -34.79
C ALA B 163 42.67 0.14 -33.43
N ASN B 164 42.07 1.03 -32.64
CA ASN B 164 42.64 1.45 -31.36
C ASN B 164 41.57 1.41 -30.29
N ASN B 165 42.03 1.32 -29.03
CA ASN B 165 41.13 1.21 -27.89
C ASN B 165 40.13 0.08 -28.10
N CYS B 166 40.66 -1.06 -28.54
CA CYS B 166 39.81 -2.22 -28.77
C CYS B 166 39.06 -2.60 -27.50
N THR B 167 37.76 -2.84 -27.65
CA THR B 167 36.92 -3.23 -26.52
C THR B 167 36.48 -4.67 -26.55
N PHE B 168 36.56 -5.35 -27.70
CA PHE B 168 36.24 -6.77 -27.73
C PHE B 168 37.00 -7.46 -28.85
N GLU B 169 37.31 -8.73 -28.63
CA GLU B 169 37.96 -9.55 -29.65
C GLU B 169 37.58 -11.00 -29.42
N TYR B 170 37.24 -11.71 -30.50
CA TYR B 170 36.98 -13.13 -30.45
C TYR B 170 37.26 -13.74 -31.81
N VAL B 171 38.10 -14.78 -31.83
CA VAL B 171 38.44 -15.50 -33.05
C VAL B 171 37.99 -16.94 -32.87
N SER B 172 37.20 -17.43 -33.82
CA SER B 172 36.71 -18.80 -33.77
C SER B 172 37.80 -19.79 -34.18
N PHE B 186 23.26 -25.35 -58.18
CA PHE B 186 23.46 -25.63 -56.77
C PHE B 186 23.89 -24.37 -56.02
N LYS B 187 22.93 -23.59 -55.55
CA LYS B 187 23.22 -22.39 -54.78
C LYS B 187 23.01 -22.67 -53.30
N ASN B 188 23.62 -21.82 -52.48
CA ASN B 188 23.49 -21.88 -51.03
C ASN B 188 22.82 -20.60 -50.56
N LEU B 189 21.82 -20.75 -49.71
CA LEU B 189 21.12 -19.64 -49.09
C LEU B 189 21.56 -19.57 -47.64
N ARG B 190 22.29 -18.51 -47.28
CA ARG B 190 22.72 -18.26 -45.92
C ARG B 190 21.94 -17.07 -45.38
N GLU B 191 21.17 -17.30 -44.33
CA GLU B 191 20.34 -16.26 -43.73
C GLU B 191 20.81 -16.01 -42.31
N PHE B 192 20.77 -14.74 -41.91
CA PHE B 192 21.20 -14.33 -40.58
C PHE B 192 20.24 -13.27 -40.05
N VAL B 193 20.15 -13.19 -38.74
CA VAL B 193 19.34 -12.20 -38.05
C VAL B 193 20.20 -11.58 -36.97
N PHE B 194 20.29 -10.24 -36.98
CA PHE B 194 21.12 -9.50 -36.06
C PHE B 194 20.23 -8.58 -35.22
N LYS B 195 20.38 -8.66 -33.90
CA LYS B 195 19.52 -7.94 -32.97
C LYS B 195 20.35 -7.44 -31.80
N ASN B 196 20.46 -6.13 -31.65
CA ASN B 196 21.23 -5.52 -30.57
C ASN B 196 20.27 -5.06 -29.48
N ILE B 197 20.17 -5.87 -28.43
CA ILE B 197 19.26 -5.61 -27.32
C ILE B 197 20.01 -5.81 -26.02
N ASP B 198 19.88 -4.84 -25.11
CA ASP B 198 20.44 -4.95 -23.75
C ASP B 198 21.95 -5.21 -23.79
N GLY B 199 22.63 -4.49 -24.68
CA GLY B 199 24.07 -4.65 -24.80
C GLY B 199 24.50 -5.97 -25.40
N TYR B 200 23.56 -6.78 -25.86
CA TYR B 200 23.86 -8.07 -26.48
C TYR B 200 23.53 -8.00 -27.97
N PHE B 201 24.54 -8.25 -28.79
CA PHE B 201 24.34 -8.45 -30.22
C PHE B 201 24.08 -9.93 -30.43
N LYS B 202 22.81 -10.27 -30.67
CA LYS B 202 22.38 -11.64 -30.88
C LYS B 202 22.35 -11.92 -32.37
N ILE B 203 22.91 -13.07 -32.74
CA ILE B 203 22.99 -13.51 -34.13
C ILE B 203 22.36 -14.88 -34.20
N TYR B 204 21.34 -15.00 -35.06
CA TYR B 204 20.73 -16.28 -35.39
C TYR B 204 21.02 -16.56 -36.85
N SER B 205 21.15 -17.83 -37.22
CA SER B 205 21.62 -18.16 -38.56
C SER B 205 20.94 -19.41 -39.08
N LYS B 206 20.99 -19.57 -40.40
CA LYS B 206 20.53 -20.77 -41.07
C LYS B 206 21.24 -20.88 -42.41
N HIS B 207 21.43 -22.13 -42.85
CA HIS B 207 22.15 -22.42 -44.08
C HIS B 207 21.41 -23.53 -44.80
N THR B 208 20.95 -23.26 -46.02
CA THR B 208 20.15 -24.23 -46.75
C THR B 208 20.63 -24.36 -48.19
N PRO B 209 20.53 -25.55 -48.78
CA PRO B 209 20.84 -25.69 -50.21
C PRO B 209 19.65 -25.27 -51.06
N ILE B 210 19.78 -24.15 -51.75
CA ILE B 210 18.71 -23.59 -52.55
C ILE B 210 19.03 -23.84 -54.02
N ASN B 211 18.00 -24.23 -54.78
CA ASN B 211 18.12 -24.52 -56.21
C ASN B 211 17.61 -23.39 -57.09
N LEU B 212 16.92 -22.41 -56.52
CA LEU B 212 16.44 -21.28 -57.33
C LEU B 212 17.64 -20.50 -57.87
N VAL B 213 17.46 -19.94 -59.07
CA VAL B 213 18.55 -19.28 -59.77
C VAL B 213 18.52 -17.79 -59.47
N ARG B 214 17.33 -17.22 -59.27
CA ARG B 214 17.20 -15.79 -59.05
C ARG B 214 15.97 -15.52 -58.19
N GLY B 215 16.07 -14.50 -57.35
CA GLY B 215 14.99 -14.12 -56.46
C GLY B 215 15.10 -14.80 -55.10
N LEU B 216 14.49 -14.16 -54.11
CA LEU B 216 14.47 -14.73 -52.77
C LEU B 216 13.58 -15.97 -52.77
N PRO B 217 14.07 -17.12 -52.31
CA PRO B 217 13.28 -18.34 -52.40
C PRO B 217 12.15 -18.35 -51.39
N GLN B 218 11.01 -18.87 -51.82
CA GLN B 218 9.87 -18.97 -50.93
C GLN B 218 9.88 -20.32 -50.22
N GLY B 219 9.86 -20.28 -48.90
CA GLY B 219 9.90 -21.49 -48.10
C GLY B 219 10.07 -21.14 -46.63
N PHE B 220 9.93 -22.18 -45.80
CA PHE B 220 9.94 -22.05 -44.36
C PHE B 220 11.18 -22.73 -43.80
N SER B 221 11.95 -22.00 -43.01
CA SER B 221 13.16 -22.56 -42.39
C SER B 221 13.57 -21.65 -41.25
N ALA B 222 13.48 -22.15 -40.02
CA ALA B 222 13.81 -21.35 -38.85
C ALA B 222 15.30 -21.07 -38.80
N LEU B 223 15.66 -19.92 -38.23
CA LEU B 223 17.05 -19.59 -38.00
C LEU B 223 17.44 -19.98 -36.59
N GLU B 224 18.48 -20.78 -36.48
CA GLU B 224 18.95 -21.23 -35.19
C GLU B 224 19.90 -20.20 -34.58
N PRO B 225 19.98 -20.14 -33.25
CA PRO B 225 20.86 -19.15 -32.62
C PRO B 225 22.31 -19.44 -32.96
N LEU B 226 23.03 -18.40 -33.39
CA LEU B 226 24.46 -18.53 -33.60
C LEU B 226 25.23 -18.12 -32.34
N VAL B 227 25.07 -16.87 -31.91
CA VAL B 227 25.83 -16.39 -30.75
C VAL B 227 25.34 -15.02 -30.29
N ASP B 228 25.41 -14.76 -28.99
CA ASP B 228 25.12 -13.46 -28.43
C ASP B 228 26.40 -12.90 -27.81
N LEU B 229 26.76 -11.69 -28.20
CA LEU B 229 27.98 -11.05 -27.73
C LEU B 229 27.65 -9.83 -26.88
N PRO B 230 28.12 -9.75 -25.64
CA PRO B 230 27.85 -8.56 -24.81
C PRO B 230 28.79 -7.40 -25.13
N ILE B 231 28.74 -6.94 -26.39
CA ILE B 231 29.61 -5.84 -26.79
C ILE B 231 29.19 -4.55 -26.09
N GLY B 232 27.89 -4.34 -25.91
CA GLY B 232 27.42 -3.16 -25.23
C GLY B 232 27.71 -1.86 -25.97
N ILE B 233 27.45 -1.83 -27.27
CA ILE B 233 27.65 -0.64 -28.09
C ILE B 233 26.34 -0.27 -28.75
N ASN B 234 26.32 0.90 -29.38
CA ASN B 234 25.19 1.37 -30.15
C ASN B 234 25.48 1.21 -31.63
N ILE B 235 24.49 0.69 -32.36
CA ILE B 235 24.61 0.48 -33.80
C ILE B 235 23.39 1.06 -34.47
N THR B 236 23.60 1.85 -35.52
CA THR B 236 22.50 2.39 -36.31
C THR B 236 22.66 2.16 -37.81
N ARG B 237 23.88 1.85 -38.28
CA ARG B 237 24.11 1.55 -39.69
C ARG B 237 25.02 0.34 -39.80
N PHE B 238 25.11 -0.19 -41.02
CA PHE B 238 25.96 -1.34 -41.29
C PHE B 238 26.26 -1.39 -42.78
N GLN B 239 27.26 -2.18 -43.14
CA GLN B 239 27.62 -2.37 -44.54
C GLN B 239 28.08 -3.80 -44.76
N THR B 240 27.89 -4.28 -45.99
CA THR B 240 28.23 -5.65 -46.35
C THR B 240 29.70 -5.76 -46.72
N LEU B 241 30.27 -6.93 -46.45
CA LEU B 241 31.67 -7.23 -46.79
C LEU B 241 31.71 -8.39 -47.76
N HIS B 242 32.39 -8.18 -48.89
CA HIS B 242 32.45 -9.17 -49.97
C HIS B 242 33.89 -9.51 -50.26
N ILE B 243 34.07 -10.51 -51.12
CA ILE B 243 35.39 -10.96 -51.56
C ILE B 243 35.58 -10.52 -53.00
N SER B 244 36.84 -10.25 -53.36
CA SER B 244 37.20 -9.86 -54.71
C SER B 244 38.14 -10.91 -55.29
N TYR B 245 37.81 -11.41 -56.48
CA TYR B 245 38.59 -12.43 -57.16
C TYR B 245 39.53 -11.73 -58.14
N LEU B 246 40.83 -11.81 -57.86
CA LEU B 246 41.83 -11.18 -58.70
C LEU B 246 42.20 -12.10 -59.87
N ALA B 259 28.06 -12.79 -60.01
CA ALA B 259 28.03 -11.92 -58.84
C ALA B 259 26.99 -12.41 -57.83
N ALA B 260 27.36 -12.36 -56.56
CA ALA B 260 26.46 -12.82 -55.51
C ALA B 260 25.29 -11.85 -55.36
N ALA B 261 24.24 -12.31 -54.68
CA ALA B 261 23.06 -11.50 -54.42
C ALA B 261 22.69 -11.60 -52.95
N TYR B 262 22.29 -10.48 -52.36
CA TYR B 262 21.90 -10.46 -50.96
C TYR B 262 20.68 -9.59 -50.75
N TYR B 263 19.99 -9.85 -49.64
CA TYR B 263 18.74 -9.22 -49.28
C TYR B 263 18.83 -8.68 -47.86
N VAL B 264 18.13 -7.57 -47.62
CA VAL B 264 18.13 -6.89 -46.33
C VAL B 264 16.69 -6.51 -45.98
N GLY B 265 16.27 -6.88 -44.77
CA GLY B 265 14.99 -6.44 -44.25
C GLY B 265 15.13 -6.02 -42.80
N TYR B 266 14.08 -5.40 -42.28
CA TYR B 266 14.14 -4.77 -40.96
C TYR B 266 13.06 -5.35 -40.06
N LEU B 267 13.46 -5.63 -38.81
CA LEU B 267 12.55 -6.24 -37.85
C LEU B 267 11.59 -5.20 -37.27
N GLN B 268 10.51 -5.71 -36.69
CA GLN B 268 9.52 -4.89 -36.01
C GLN B 268 9.07 -5.62 -34.76
N PRO B 269 8.61 -4.89 -33.74
CA PRO B 269 7.99 -5.56 -32.58
C PRO B 269 6.63 -6.14 -32.94
N ARG B 270 6.57 -7.46 -33.06
CA ARG B 270 5.37 -8.15 -33.50
C ARG B 270 5.13 -9.36 -32.63
N THR B 271 3.89 -9.78 -32.55
CA THR B 271 3.50 -10.97 -31.81
C THR B 271 3.30 -12.12 -32.79
N PHE B 272 3.90 -13.26 -32.49
CA PHE B 272 3.93 -14.41 -33.38
C PHE B 272 3.55 -15.66 -32.61
N LEU B 273 3.05 -16.64 -33.36
CA LEU B 273 2.70 -17.95 -32.84
C LEU B 273 3.50 -19.00 -33.62
N LEU B 274 4.35 -19.73 -32.92
CA LEU B 274 5.18 -20.75 -33.52
C LEU B 274 4.65 -22.14 -33.15
N LYS B 275 4.85 -23.09 -34.06
CA LYS B 275 4.41 -24.47 -33.86
C LYS B 275 5.63 -25.36 -33.75
N TYR B 276 5.99 -25.75 -32.52
CA TYR B 276 7.11 -26.65 -32.29
C TYR B 276 6.64 -28.07 -32.54
N ASN B 277 7.40 -28.81 -33.35
CA ASN B 277 7.05 -30.18 -33.68
C ASN B 277 7.37 -31.09 -32.49
N GLU B 278 7.11 -32.39 -32.63
CA GLU B 278 7.52 -33.33 -31.60
C GLU B 278 9.02 -33.28 -31.38
N ASN B 279 9.80 -33.12 -32.44
CA ASN B 279 11.24 -33.04 -32.33
C ASN B 279 11.72 -31.66 -31.92
N GLY B 280 10.82 -30.71 -31.71
CA GLY B 280 11.17 -29.38 -31.29
C GLY B 280 11.46 -28.43 -32.43
N THR B 281 11.46 -28.90 -33.67
CA THR B 281 11.71 -28.03 -34.80
C THR B 281 10.56 -27.06 -34.99
N ILE B 282 10.89 -25.83 -35.34
CA ILE B 282 9.87 -24.82 -35.65
C ILE B 282 9.35 -25.12 -37.05
N THR B 283 8.09 -25.55 -37.14
CA THR B 283 7.51 -25.99 -38.40
C THR B 283 6.75 -24.89 -39.11
N ASP B 284 5.94 -24.12 -38.40
CA ASP B 284 5.18 -23.05 -39.03
C ASP B 284 4.98 -21.93 -38.02
N ALA B 285 4.74 -20.73 -38.56
CA ALA B 285 4.57 -19.55 -37.73
C ALA B 285 3.43 -18.69 -38.28
N VAL B 286 2.85 -17.89 -37.40
CA VAL B 286 1.78 -16.97 -37.76
C VAL B 286 2.09 -15.61 -37.15
N ASP B 287 1.98 -14.56 -37.96
CA ASP B 287 2.11 -13.19 -37.48
C ASP B 287 0.74 -12.69 -37.07
N CYS B 288 0.61 -12.25 -35.82
CA CYS B 288 -0.69 -11.89 -35.26
C CYS B 288 -1.20 -10.54 -35.75
N ALA B 289 -0.59 -9.96 -36.80
CA ALA B 289 -1.08 -8.71 -37.32
C ALA B 289 -1.08 -8.67 -38.85
N LEU B 290 -0.83 -9.79 -39.52
CA LEU B 290 -0.81 -9.78 -40.98
C LEU B 290 -2.19 -9.48 -41.55
N ASP B 291 -3.20 -10.20 -41.10
CA ASP B 291 -4.55 -10.08 -41.62
C ASP B 291 -5.51 -10.69 -40.62
N PRO B 292 -6.81 -10.37 -40.71
CA PRO B 292 -7.74 -10.85 -39.69
C PRO B 292 -7.68 -12.34 -39.47
N LEU B 293 -7.50 -13.14 -40.53
CA LEU B 293 -7.37 -14.58 -40.32
C LEU B 293 -6.22 -14.88 -39.39
N SER B 294 -5.11 -14.15 -39.53
CA SER B 294 -3.99 -14.34 -38.63
C SER B 294 -4.38 -14.02 -37.20
N GLU B 295 -5.16 -12.95 -37.00
CA GLU B 295 -5.59 -12.61 -35.66
C GLU B 295 -6.45 -13.70 -35.07
N THR B 296 -7.33 -14.30 -35.87
CA THR B 296 -8.12 -15.41 -35.37
C THR B 296 -7.23 -16.59 -34.98
N LYS B 297 -6.24 -16.89 -35.82
CA LYS B 297 -5.34 -18.00 -35.51
C LYS B 297 -4.61 -17.75 -34.20
N CYS B 298 -4.18 -16.51 -33.96
CA CYS B 298 -3.49 -16.20 -32.72
C CYS B 298 -4.45 -16.25 -31.53
N THR B 299 -5.70 -15.82 -31.73
CA THR B 299 -6.63 -15.78 -30.61
C THR B 299 -7.06 -17.17 -30.18
N LEU B 300 -7.27 -18.08 -31.13
CA LEU B 300 -7.65 -19.44 -30.77
C LEU B 300 -6.47 -20.35 -30.54
N LYS B 301 -5.25 -19.83 -30.59
CA LYS B 301 -4.06 -20.63 -30.29
C LYS B 301 -4.05 -21.91 -31.11
N SER B 302 -4.37 -21.78 -32.39
CA SER B 302 -4.43 -22.94 -33.26
C SER B 302 -4.14 -22.51 -34.69
N PHE B 303 -3.59 -23.43 -35.48
CA PHE B 303 -3.47 -23.24 -36.91
C PHE B 303 -4.73 -23.64 -37.65
N THR B 304 -5.67 -24.29 -36.98
CA THR B 304 -6.90 -24.76 -37.59
C THR B 304 -8.08 -24.07 -36.91
N VAL B 305 -8.92 -23.42 -37.70
CA VAL B 305 -10.09 -22.72 -37.20
C VAL B 305 -11.33 -23.40 -37.76
N GLU B 306 -12.21 -23.85 -36.88
CA GLU B 306 -13.48 -24.40 -37.31
C GLU B 306 -14.41 -23.28 -37.74
N LYS B 307 -15.37 -23.63 -38.58
CA LYS B 307 -16.35 -22.66 -39.04
C LYS B 307 -17.00 -21.99 -37.84
N GLY B 308 -17.09 -20.67 -37.88
CA GLY B 308 -17.67 -19.93 -36.79
C GLY B 308 -17.29 -18.46 -36.84
N ILE B 309 -17.60 -17.77 -35.76
CA ILE B 309 -17.28 -16.35 -35.58
C ILE B 309 -16.55 -16.21 -34.26
N TYR B 310 -15.53 -15.34 -34.23
CA TYR B 310 -14.66 -15.23 -33.08
C TYR B 310 -14.25 -13.78 -32.89
N GLN B 311 -14.21 -13.33 -31.64
CA GLN B 311 -13.82 -11.98 -31.30
C GLN B 311 -12.32 -11.94 -31.02
N THR B 312 -11.61 -11.02 -31.66
CA THR B 312 -10.16 -10.98 -31.58
C THR B 312 -9.60 -9.69 -30.99
N SER B 313 -10.10 -8.53 -31.40
CA SER B 313 -9.52 -7.27 -30.96
C SER B 313 -10.61 -6.22 -30.90
N ASN B 314 -10.32 -5.15 -30.17
CA ASN B 314 -11.26 -4.05 -29.99
C ASN B 314 -10.92 -2.93 -30.97
N PHE B 315 -11.87 -2.59 -31.82
CA PHE B 315 -11.67 -1.52 -32.78
C PHE B 315 -11.94 -0.18 -32.11
N ARG B 316 -10.97 0.72 -32.18
CA ARG B 316 -11.04 1.99 -31.46
C ARG B 316 -10.51 3.10 -32.35
N VAL B 317 -11.35 4.08 -32.64
CA VAL B 317 -10.93 5.22 -33.44
C VAL B 317 -10.08 6.15 -32.61
N GLN B 318 -8.96 6.58 -33.16
CA GLN B 318 -8.08 7.46 -32.41
C GLN B 318 -8.36 8.92 -32.73
N PRO B 319 -8.15 9.82 -31.79
CA PRO B 319 -8.38 11.24 -32.06
C PRO B 319 -7.37 11.77 -33.08
N THR B 320 -7.80 12.77 -33.83
CA THR B 320 -6.97 13.38 -34.86
C THR B 320 -6.15 14.55 -34.33
N GLU B 321 -6.70 15.34 -33.41
CA GLU B 321 -5.98 16.49 -32.87
C GLU B 321 -6.59 16.87 -31.53
N SER B 322 -5.90 17.76 -30.84
CA SER B 322 -6.37 18.29 -29.56
C SER B 322 -6.98 19.68 -29.76
N ILE B 323 -7.90 20.04 -28.87
CA ILE B 323 -8.60 21.31 -28.92
C ILE B 323 -8.48 21.97 -27.55
N VAL B 324 -8.03 23.22 -27.54
CA VAL B 324 -7.93 24.03 -26.32
C VAL B 324 -8.96 25.15 -26.44
N ARG B 325 -9.82 25.28 -25.43
CA ARG B 325 -10.92 26.24 -25.45
C ARG B 325 -10.88 27.08 -24.19
N PHE B 326 -10.88 28.40 -24.36
CA PHE B 326 -11.03 29.35 -23.27
C PHE B 326 -11.72 30.58 -23.83
N PRO B 327 -12.33 31.40 -22.98
CA PRO B 327 -12.96 32.62 -23.47
C PRO B 327 -11.93 33.55 -24.09
N ASN B 328 -12.39 34.44 -24.96
CA ASN B 328 -11.48 35.39 -25.60
C ASN B 328 -11.03 36.38 -24.54
N ILE B 329 -10.35 37.45 -24.96
CA ILE B 329 -9.55 38.30 -24.06
C ILE B 329 -10.28 38.46 -22.73
N THR B 330 -9.58 38.17 -21.64
CA THR B 330 -10.18 38.03 -20.32
C THR B 330 -9.81 39.16 -19.37
N ASN B 331 -8.52 39.38 -19.15
CA ASN B 331 -8.07 40.40 -18.22
C ASN B 331 -6.67 40.84 -18.63
N LEU B 332 -6.25 41.98 -18.10
CA LEU B 332 -4.93 42.51 -18.38
C LEU B 332 -4.42 43.22 -17.13
N CYS B 333 -3.33 42.72 -16.57
CA CYS B 333 -2.75 43.37 -15.41
C CYS B 333 -2.21 44.75 -15.79
N PRO B 334 -2.37 45.75 -14.94
CA PRO B 334 -1.94 47.12 -15.28
C PRO B 334 -0.43 47.31 -15.20
N PHE B 335 0.29 46.56 -16.03
CA PHE B 335 1.75 46.74 -16.12
C PHE B 335 2.14 47.90 -17.01
N GLY B 336 1.25 48.33 -17.90
CA GLY B 336 1.58 49.47 -18.76
C GLY B 336 1.85 50.73 -17.97
N GLU B 337 1.06 50.98 -16.93
CA GLU B 337 1.27 52.15 -16.10
C GLU B 337 2.55 52.08 -15.30
N VAL B 338 3.16 50.90 -15.21
CA VAL B 338 4.44 50.74 -14.52
C VAL B 338 5.61 50.79 -15.50
N PHE B 339 5.53 50.00 -16.57
CA PHE B 339 6.61 49.99 -17.56
C PHE B 339 6.56 51.23 -18.43
N ASN B 340 5.36 51.69 -18.80
CA ASN B 340 5.20 52.85 -19.65
C ASN B 340 4.93 54.11 -18.86
N ALA B 341 5.27 54.13 -17.58
CA ALA B 341 5.09 55.34 -16.78
C ALA B 341 5.93 56.48 -17.34
N THR B 342 5.35 57.68 -17.36
CA THR B 342 6.07 58.84 -17.87
C THR B 342 7.30 59.12 -17.02
N ARG B 343 7.17 59.03 -15.70
CA ARG B 343 8.26 59.32 -14.78
C ARG B 343 8.44 58.17 -13.81
N PHE B 344 9.69 57.93 -13.44
CA PHE B 344 10.05 56.92 -12.46
C PHE B 344 10.59 57.59 -11.21
N ALA B 345 10.23 57.03 -10.05
CA ALA B 345 10.71 57.58 -8.79
C ALA B 345 12.18 57.25 -8.59
N SER B 346 12.81 58.02 -7.70
CA SER B 346 14.22 57.81 -7.40
C SER B 346 14.42 56.44 -6.76
N VAL B 347 15.66 55.94 -6.86
CA VAL B 347 15.96 54.61 -6.34
C VAL B 347 15.75 54.57 -4.83
N TYR B 348 16.18 55.60 -4.11
CA TYR B 348 15.96 55.64 -2.67
C TYR B 348 14.47 55.76 -2.34
N ALA B 349 13.66 56.26 -3.29
CA ALA B 349 12.22 56.34 -3.12
C ALA B 349 11.54 55.48 -4.18
N TRP B 350 12.07 54.27 -4.38
CA TRP B 350 11.54 53.37 -5.39
C TRP B 350 10.05 53.15 -5.18
N ASN B 351 9.28 53.24 -6.27
CA ASN B 351 7.84 53.04 -6.19
C ASN B 351 7.52 51.55 -6.20
N ARG B 352 6.35 51.21 -5.66
CA ARG B 352 5.88 49.82 -5.63
C ARG B 352 4.40 49.79 -5.95
N LYS B 353 3.99 48.80 -6.74
CA LYS B 353 2.59 48.54 -7.05
C LYS B 353 2.28 47.08 -6.79
N ARG B 354 1.08 46.81 -6.30
CA ARG B 354 0.62 45.45 -6.05
C ARG B 354 -0.26 44.98 -7.21
N ILE B 355 0.00 43.77 -7.70
CA ILE B 355 -0.73 43.18 -8.81
C ILE B 355 -1.34 41.89 -8.31
N SER B 356 -2.65 41.74 -8.51
CA SER B 356 -3.37 40.56 -8.06
C SER B 356 -4.67 40.43 -8.85
N ASN B 357 -5.16 39.20 -8.96
CA ASN B 357 -6.46 38.92 -9.55
C ASN B 357 -6.55 39.51 -10.97
N CYS B 358 -5.55 39.19 -11.77
CA CYS B 358 -5.48 39.63 -13.15
C CYS B 358 -4.53 38.72 -13.90
N VAL B 359 -4.60 38.78 -15.22
CA VAL B 359 -3.72 38.01 -16.09
C VAL B 359 -2.90 38.98 -16.92
N ALA B 360 -1.67 38.57 -17.22
CA ALA B 360 -0.76 39.42 -17.99
C ALA B 360 -0.04 38.55 -19.01
N ASP B 361 0.08 39.06 -20.22
CA ASP B 361 0.77 38.35 -21.29
C ASP B 361 2.26 38.66 -21.18
N TYR B 362 2.99 37.78 -20.52
CA TYR B 362 4.43 37.95 -20.40
C TYR B 362 5.16 37.63 -21.69
N SER B 363 4.48 37.07 -22.69
CA SER B 363 5.11 36.88 -23.99
C SER B 363 5.51 38.20 -24.61
N VAL B 364 4.64 39.22 -24.50
CA VAL B 364 5.01 40.55 -24.96
C VAL B 364 6.20 41.05 -24.18
N LEU B 365 6.39 40.54 -22.96
CA LEU B 365 7.45 41.02 -22.08
C LEU B 365 8.80 40.39 -22.46
N TYR B 366 8.93 39.07 -22.31
CA TYR B 366 10.22 38.43 -22.52
C TYR B 366 10.54 38.25 -24.00
N ASN B 367 9.61 38.54 -24.90
CA ASN B 367 9.89 38.57 -26.33
C ASN B 367 10.17 39.98 -26.84
N SER B 368 10.17 40.98 -25.97
CA SER B 368 10.46 42.35 -26.35
C SER B 368 11.95 42.59 -26.26
N ALA B 369 12.50 43.27 -27.26
CA ALA B 369 13.93 43.55 -27.33
C ALA B 369 14.30 44.91 -26.73
N SER B 370 13.34 45.60 -26.12
CA SER B 370 13.59 46.95 -25.59
C SER B 370 14.26 46.94 -24.23
N PHE B 371 14.54 45.78 -23.65
CA PHE B 371 15.12 45.68 -22.32
C PHE B 371 16.58 45.24 -22.45
N SER B 372 17.48 46.04 -21.89
CA SER B 372 18.89 45.68 -21.87
C SER B 372 19.19 44.57 -20.90
N THR B 373 18.53 44.56 -19.74
CA THR B 373 18.73 43.52 -18.73
C THR B 373 17.40 42.85 -18.46
N PHE B 374 17.40 41.51 -18.48
CA PHE B 374 16.20 40.72 -18.20
C PHE B 374 16.64 39.41 -17.56
N LYS B 375 16.65 39.38 -16.24
CA LYS B 375 17.17 38.24 -15.48
C LYS B 375 16.14 37.76 -14.47
N CYS B 376 15.79 36.48 -14.54
CA CYS B 376 14.81 35.91 -13.64
C CYS B 376 15.47 34.89 -12.72
N TYR B 377 15.07 34.91 -11.45
CA TYR B 377 15.59 34.02 -10.41
C TYR B 377 14.43 33.27 -9.80
N GLY B 378 14.51 31.95 -9.81
CA GLY B 378 13.46 31.11 -9.29
C GLY B 378 12.37 30.76 -10.28
N VAL B 379 12.36 31.38 -11.46
CA VAL B 379 11.36 31.12 -12.49
C VAL B 379 12.01 31.23 -13.86
N SER B 380 11.43 30.52 -14.82
CA SER B 380 11.93 30.52 -16.19
C SER B 380 11.32 31.67 -16.98
N PRO B 381 12.14 32.50 -17.65
CA PRO B 381 11.55 33.63 -18.39
C PRO B 381 10.48 33.22 -19.39
N THR B 382 10.67 32.09 -20.08
CA THR B 382 9.72 31.63 -21.07
C THR B 382 8.61 30.77 -20.48
N LYS B 383 8.45 30.77 -19.15
CA LYS B 383 7.45 29.96 -18.48
C LYS B 383 6.48 30.80 -17.65
N LEU B 384 6.56 32.12 -17.73
CA LEU B 384 5.74 32.97 -16.86
C LEU B 384 4.26 32.75 -17.12
N ASN B 385 3.86 32.66 -18.39
CA ASN B 385 2.46 32.40 -18.71
C ASN B 385 1.98 31.05 -18.20
N ASP B 386 2.91 30.16 -17.87
CA ASP B 386 2.59 28.82 -17.39
C ASP B 386 2.60 28.71 -15.87
N LEU B 387 2.80 29.81 -15.16
CA LEU B 387 2.92 29.81 -13.71
C LEU B 387 1.88 30.72 -13.09
N CYS B 388 1.37 30.31 -11.94
CA CYS B 388 0.44 31.10 -11.14
C CYS B 388 1.14 31.60 -9.88
N PHE B 389 0.73 32.78 -9.41
CA PHE B 389 1.28 33.36 -8.21
C PHE B 389 0.17 34.05 -7.44
N THR B 390 0.25 33.98 -6.11
CA THR B 390 -0.78 34.58 -5.28
C THR B 390 -0.78 36.09 -5.42
N ASN B 391 0.40 36.71 -5.48
CA ASN B 391 0.47 38.16 -5.63
C ASN B 391 1.81 38.54 -6.25
N VAL B 392 1.80 39.61 -7.05
CA VAL B 392 3.01 40.11 -7.66
C VAL B 392 3.24 41.54 -7.17
N TYR B 393 4.49 41.93 -7.05
CA TYR B 393 4.85 43.29 -6.71
C TYR B 393 5.77 43.86 -7.78
N ALA B 394 5.36 44.97 -8.37
CA ALA B 394 6.12 45.64 -9.41
C ALA B 394 6.75 46.89 -8.78
N ASP B 395 8.04 46.80 -8.49
CA ASP B 395 8.81 47.93 -8.01
C ASP B 395 9.49 48.61 -9.20
N SER B 396 9.63 49.93 -9.10
CA SER B 396 10.13 50.71 -10.23
C SER B 396 11.03 51.82 -9.72
N PHE B 397 12.10 52.11 -10.47
CA PHE B 397 13.00 53.19 -10.12
C PHE B 397 13.96 53.42 -11.29
N VAL B 398 14.92 54.32 -11.08
CA VAL B 398 15.93 54.67 -12.07
C VAL B 398 17.30 54.63 -11.41
N ILE B 399 18.26 54.00 -12.08
CA ILE B 399 19.66 53.98 -11.63
C ILE B 399 20.56 53.97 -12.86
N ARG B 400 21.83 54.28 -12.64
CA ARG B 400 22.77 54.26 -13.75
C ARG B 400 23.21 52.83 -14.05
N GLY B 401 23.76 52.64 -15.25
CA GLY B 401 24.05 51.29 -15.72
C GLY B 401 24.95 50.52 -14.79
N ASP B 402 26.03 51.15 -14.31
CA ASP B 402 26.99 50.46 -13.45
C ASP B 402 26.35 49.93 -12.18
N GLU B 403 25.25 50.54 -11.73
CA GLU B 403 24.56 50.09 -10.52
C GLU B 403 23.55 49.00 -10.79
N VAL B 404 23.23 48.72 -12.06
CA VAL B 404 22.21 47.72 -12.37
C VAL B 404 22.61 46.37 -11.81
N ARG B 405 23.90 46.02 -11.88
CA ARG B 405 24.35 44.75 -11.35
C ARG B 405 24.02 44.59 -9.87
N GLN B 406 23.96 45.70 -9.13
CA GLN B 406 23.65 45.61 -7.70
C GLN B 406 22.23 45.14 -7.45
N ILE B 407 21.36 45.16 -8.47
CA ILE B 407 19.96 44.75 -8.29
C ILE B 407 19.92 43.25 -8.56
N ALA B 408 20.18 42.48 -7.51
CA ALA B 408 20.09 41.03 -7.56
C ALA B 408 20.32 40.47 -6.16
N PRO B 409 19.80 39.27 -5.86
CA PRO B 409 20.01 38.72 -4.53
C PRO B 409 21.49 38.54 -4.22
N GLY B 410 21.87 38.83 -2.98
CA GLY B 410 23.25 38.72 -2.56
C GLY B 410 24.15 39.82 -3.07
N GLN B 411 23.60 40.89 -3.61
CA GLN B 411 24.39 42.00 -4.13
C GLN B 411 24.53 43.10 -3.08
N THR B 412 25.67 43.77 -3.10
CA THR B 412 25.97 44.86 -2.19
C THR B 412 26.29 46.11 -3.00
N GLY B 413 26.47 47.22 -2.29
CA GLY B 413 26.76 48.50 -2.88
C GLY B 413 25.85 49.58 -2.34
N ASN B 414 26.05 50.79 -2.87
CA ASN B 414 25.25 51.92 -2.42
C ASN B 414 23.76 51.67 -2.69
N ILE B 415 23.42 51.23 -3.89
CA ILE B 415 22.02 50.97 -4.21
C ILE B 415 21.51 49.77 -3.44
N ALA B 416 22.29 48.69 -3.40
CA ALA B 416 21.86 47.48 -2.73
C ALA B 416 21.68 47.70 -1.24
N ASP B 417 22.53 48.53 -0.64
CA ASP B 417 22.57 48.65 0.82
C ASP B 417 21.71 49.81 1.34
N TYR B 418 21.65 50.93 0.63
CA TYR B 418 21.04 52.14 1.15
C TYR B 418 19.79 52.58 0.40
N ASN B 419 19.54 52.05 -0.79
CA ASN B 419 18.41 52.47 -1.61
C ASN B 419 17.40 51.37 -1.84
N TYR B 420 17.83 50.20 -2.29
CA TYR B 420 16.92 49.10 -2.55
C TYR B 420 17.67 47.79 -2.39
N LYS B 421 17.18 46.91 -1.52
CA LYS B 421 17.82 45.64 -1.23
C LYS B 421 16.87 44.50 -1.59
N LEU B 422 17.41 43.51 -2.30
CA LEU B 422 16.64 42.31 -2.63
C LEU B 422 16.99 41.17 -1.68
N PRO B 423 16.02 40.37 -1.25
CA PRO B 423 16.33 39.24 -0.39
C PRO B 423 17.11 38.16 -1.15
N ASP B 424 17.91 37.41 -0.39
CA ASP B 424 18.69 36.34 -1.00
C ASP B 424 17.78 35.30 -1.64
N ASP B 425 16.62 35.04 -1.04
CA ASP B 425 15.65 34.09 -1.59
C ASP B 425 14.65 34.76 -2.52
N PHE B 426 15.03 35.87 -3.14
CA PHE B 426 14.11 36.56 -4.04
C PHE B 426 13.68 35.64 -5.18
N THR B 427 12.37 35.62 -5.44
CA THR B 427 11.79 34.85 -6.53
C THR B 427 11.08 35.82 -7.46
N GLY B 428 11.68 36.09 -8.60
CA GLY B 428 11.10 37.02 -9.55
C GLY B 428 12.12 37.46 -10.57
N CYS B 429 11.71 38.46 -11.36
CA CYS B 429 12.51 38.92 -12.49
C CYS B 429 12.90 40.38 -12.30
N VAL B 430 14.06 40.72 -12.87
CA VAL B 430 14.58 42.08 -12.89
C VAL B 430 14.68 42.49 -14.36
N ILE B 431 14.11 43.65 -14.69
CA ILE B 431 14.10 44.18 -16.04
C ILE B 431 14.67 45.59 -15.98
N ALA B 432 15.51 45.93 -16.93
CA ALA B 432 16.11 47.26 -16.97
C ALA B 432 16.37 47.66 -18.42
N TRP B 433 16.17 48.94 -18.70
CA TRP B 433 16.38 49.46 -20.04
C TRP B 433 16.83 50.91 -19.95
N ASN B 434 17.68 51.31 -20.88
CA ASN B 434 18.22 52.67 -20.88
C ASN B 434 17.10 53.68 -21.02
N SER B 435 17.23 54.79 -20.29
CA SER B 435 16.28 55.89 -20.33
C SER B 435 17.02 57.21 -20.47
N ASN B 436 18.11 57.20 -21.24
CA ASN B 436 18.89 58.43 -21.41
C ASN B 436 18.07 59.51 -22.08
N ASN B 437 17.30 59.15 -23.12
CA ASN B 437 16.48 60.14 -23.81
C ASN B 437 15.36 60.68 -22.92
N LEU B 438 14.99 59.97 -21.87
CA LEU B 438 13.90 60.37 -21.00
C LEU B 438 14.36 60.98 -19.68
N ASP B 439 15.40 60.44 -19.07
CA ASP B 439 15.81 60.82 -17.73
C ASP B 439 17.07 61.69 -17.70
N SER B 440 17.63 62.03 -18.86
CA SER B 440 18.81 62.87 -18.93
C SER B 440 18.47 64.23 -19.48
N LYS B 441 19.23 65.24 -19.07
CA LYS B 441 19.06 66.61 -19.51
C LYS B 441 20.41 67.20 -19.88
N VAL B 442 20.40 68.18 -20.79
CA VAL B 442 21.64 68.81 -21.21
C VAL B 442 22.33 69.47 -20.03
N GLY B 443 21.57 70.19 -19.21
CA GLY B 443 22.09 70.80 -18.01
C GLY B 443 22.21 69.88 -16.83
N GLY B 444 21.85 68.61 -16.98
CA GLY B 444 21.91 67.67 -15.89
C GLY B 444 20.58 67.49 -15.21
N ASN B 445 20.05 66.27 -15.20
CA ASN B 445 18.78 65.98 -14.55
C ASN B 445 19.09 65.58 -13.11
N TYR B 446 18.94 66.54 -12.20
CA TYR B 446 19.25 66.33 -10.79
C TYR B 446 18.04 65.86 -9.98
N ASN B 447 16.90 65.61 -10.65
CA ASN B 447 15.71 65.15 -9.93
C ASN B 447 15.85 63.72 -9.45
N TYR B 448 16.82 62.97 -9.95
CA TYR B 448 17.05 61.59 -9.53
C TYR B 448 18.17 61.58 -8.51
N LEU B 449 17.88 61.04 -7.32
CA LEU B 449 18.84 60.96 -6.23
C LEU B 449 18.90 59.53 -5.71
N TYR B 450 20.02 59.22 -5.06
CA TYR B 450 20.20 57.94 -4.40
C TYR B 450 20.81 58.19 -3.02
N ARG B 451 20.49 57.32 -2.07
CA ARG B 451 20.99 57.46 -0.72
C ARG B 451 22.49 57.17 -0.70
N LEU B 452 23.28 58.15 -0.29
CA LEU B 452 24.73 58.01 -0.20
C LEU B 452 25.22 57.74 1.22
N PHE B 453 24.49 58.23 2.23
CA PHE B 453 24.86 58.03 3.62
C PHE B 453 23.80 57.18 4.30
N ARG B 454 24.27 56.22 5.10
CA ARG B 454 23.38 55.47 5.99
C ARG B 454 24.24 54.66 6.95
N LYS B 455 23.82 54.61 8.22
CA LYS B 455 24.58 53.89 9.22
C LYS B 455 24.33 52.38 9.18
N SER B 456 23.40 51.91 8.36
CA SER B 456 23.11 50.49 8.27
C SER B 456 22.58 50.19 6.87
N ASN B 457 22.61 48.91 6.52
CA ASN B 457 22.12 48.45 5.23
C ASN B 457 20.62 48.19 5.30
N LEU B 458 19.94 48.45 4.18
CA LEU B 458 18.50 48.26 4.13
C LEU B 458 18.14 46.78 4.14
N LYS B 459 17.05 46.47 4.83
CA LYS B 459 16.49 45.13 4.78
C LYS B 459 15.85 44.90 3.41
N PRO B 460 15.63 43.64 3.04
CA PRO B 460 15.02 43.37 1.73
C PRO B 460 13.69 44.10 1.58
N PHE B 461 13.52 44.73 0.41
CA PHE B 461 12.30 45.47 0.09
C PHE B 461 12.02 46.59 1.08
N GLU B 462 13.08 47.16 1.65
CA GLU B 462 12.94 48.28 2.57
C GLU B 462 13.18 49.59 1.83
N ARG B 463 12.31 50.56 2.07
CA ARG B 463 12.41 51.88 1.46
C ARG B 463 12.79 52.89 2.52
N ASP B 464 13.86 53.65 2.27
CA ASP B 464 14.34 54.70 3.16
C ASP B 464 14.24 56.02 2.43
N ILE B 465 13.40 56.92 2.94
CA ILE B 465 13.18 58.23 2.34
C ILE B 465 13.62 59.36 3.26
N SER B 466 14.33 59.05 4.34
CA SER B 466 14.77 60.08 5.26
C SER B 466 15.80 60.99 4.61
N THR B 467 15.62 62.30 4.81
CA THR B 467 16.54 63.31 4.30
C THR B 467 17.30 64.01 5.44
N GLU B 468 17.30 63.41 6.63
CA GLU B 468 17.98 64.03 7.76
C GLU B 468 19.47 64.17 7.48
N ILE B 469 20.04 65.30 7.92
CA ILE B 469 21.47 65.50 7.76
C ILE B 469 22.22 64.38 8.45
N TYR B 470 23.13 63.74 7.72
CA TYR B 470 23.85 62.59 8.24
C TYR B 470 24.94 63.06 9.19
N GLN B 471 24.88 62.62 10.44
CA GLN B 471 25.85 62.98 11.46
C GLN B 471 27.01 62.00 11.39
N ALA B 472 28.15 62.45 10.86
CA ALA B 472 29.34 61.63 10.73
C ALA B 472 30.30 61.79 11.90
N GLY B 473 29.91 62.54 12.93
CA GLY B 473 30.75 62.72 14.09
C GLY B 473 29.96 62.71 15.38
N SER B 474 30.62 62.98 16.50
CA SER B 474 29.93 63.01 17.79
C SER B 474 29.05 64.24 17.93
N THR B 475 29.42 65.34 17.30
CA THR B 475 28.65 66.58 17.44
C THR B 475 27.34 66.47 16.66
N PRO B 476 26.20 66.74 17.27
CA PRO B 476 24.94 66.70 16.51
C PRO B 476 24.90 67.81 15.47
N CYS B 477 24.16 67.55 14.39
CA CYS B 477 24.07 68.49 13.28
C CYS B 477 22.94 69.49 13.45
N ASN B 478 21.86 69.10 14.11
CA ASN B 478 20.71 70.00 14.34
C ASN B 478 20.17 70.53 13.01
N GLY B 479 20.23 69.69 11.98
CA GLY B 479 19.70 70.07 10.68
C GLY B 479 20.53 71.08 9.92
N VAL B 480 21.76 71.34 10.35
CA VAL B 480 22.65 72.30 9.70
C VAL B 480 23.81 71.54 9.09
N LYS B 481 24.02 71.71 7.79
CA LYS B 481 25.11 71.03 7.11
C LYS B 481 26.45 71.68 7.46
N GLY B 482 27.50 70.89 7.35
CA GLY B 482 28.83 71.33 7.71
C GLY B 482 29.75 70.13 7.85
N PHE B 483 30.84 70.35 8.59
CA PHE B 483 31.77 69.25 8.86
C PHE B 483 31.08 68.18 9.68
N ASN B 484 31.30 66.92 9.31
CA ASN B 484 30.63 65.77 9.91
C ASN B 484 29.12 65.88 9.79
N CYS B 485 28.63 66.65 8.82
CA CYS B 485 27.19 66.85 8.63
C CYS B 485 26.95 67.03 7.13
N TYR B 486 26.57 65.96 6.46
CA TYR B 486 26.40 65.95 5.01
C TYR B 486 25.02 65.42 4.65
N PHE B 487 24.48 65.90 3.54
CA PHE B 487 23.17 65.48 3.10
C PHE B 487 23.19 63.99 2.75
N PRO B 488 22.19 63.22 3.17
CA PRO B 488 22.25 61.76 2.95
C PRO B 488 22.05 61.34 1.50
N LEU B 489 21.48 62.18 0.66
CA LEU B 489 21.19 61.83 -0.72
C LEU B 489 22.17 62.53 -1.66
N GLN B 490 22.46 61.87 -2.78
CA GLN B 490 23.34 62.39 -3.82
C GLN B 490 22.62 62.31 -5.15
N SER B 491 22.65 63.39 -5.91
CA SER B 491 21.95 63.45 -7.18
C SER B 491 22.80 62.86 -8.30
N TYR B 492 22.14 62.14 -9.21
CA TYR B 492 22.85 61.58 -10.35
C TYR B 492 23.28 62.66 -11.33
N GLY B 493 22.40 63.64 -11.58
CA GLY B 493 22.69 64.66 -12.57
C GLY B 493 22.89 64.08 -13.95
N PHE B 494 22.01 63.17 -14.36
CA PHE B 494 22.16 62.50 -15.63
C PHE B 494 22.24 63.50 -16.77
N GLN B 495 23.14 63.25 -17.71
CA GLN B 495 23.29 64.05 -18.91
C GLN B 495 23.35 63.15 -20.13
N PRO B 496 22.89 63.61 -21.29
CA PRO B 496 22.95 62.77 -22.49
C PRO B 496 24.36 62.40 -22.90
N THR B 497 25.36 63.18 -22.50
CA THR B 497 26.74 62.93 -22.89
C THR B 497 27.46 61.98 -21.96
N TYR B 498 26.82 61.55 -20.87
CA TYR B 498 27.45 60.63 -19.95
C TYR B 498 27.60 59.25 -20.58
N GLY B 499 28.52 58.47 -20.03
CA GLY B 499 28.76 57.13 -20.54
C GLY B 499 27.62 56.19 -20.21
N VAL B 500 27.66 55.03 -20.88
CA VAL B 500 26.57 54.06 -20.73
C VAL B 500 26.44 53.63 -19.27
N GLY B 501 27.56 53.41 -18.60
CA GLY B 501 27.52 53.05 -17.19
C GLY B 501 26.96 54.12 -16.29
N TYR B 502 26.92 55.36 -16.77
CA TYR B 502 26.39 56.48 -16.00
C TYR B 502 25.08 57.01 -16.56
N GLN B 503 24.68 56.59 -17.76
CA GLN B 503 23.41 57.03 -18.28
C GLN B 503 22.25 56.42 -17.49
N PRO B 504 21.12 57.10 -17.41
CA PRO B 504 20.01 56.58 -16.62
C PRO B 504 19.41 55.33 -17.24
N TYR B 505 18.87 54.47 -16.38
CA TYR B 505 18.21 53.23 -16.77
C TYR B 505 17.00 53.05 -15.88
N ARG B 506 15.84 52.83 -16.51
CA ARG B 506 14.63 52.51 -15.77
C ARG B 506 14.61 51.02 -15.48
N VAL B 507 14.37 50.69 -14.21
CA VAL B 507 14.43 49.32 -13.71
C VAL B 507 13.10 48.99 -13.06
N VAL B 508 12.54 47.84 -13.45
CA VAL B 508 11.32 47.30 -12.87
C VAL B 508 11.61 45.90 -12.34
N VAL B 509 11.29 45.67 -11.08
CA VAL B 509 11.48 44.38 -10.43
C VAL B 509 10.11 43.78 -10.18
N LEU B 510 9.88 42.59 -10.73
CA LEU B 510 8.63 41.86 -10.53
C LEU B 510 8.89 40.73 -9.55
N SER B 511 8.33 40.86 -8.35
CA SER B 511 8.48 39.87 -7.29
C SER B 511 7.20 39.05 -7.25
N PHE B 512 7.30 37.77 -7.62
CA PHE B 512 6.16 36.87 -7.68
C PHE B 512 6.09 36.06 -6.40
N GLU B 513 4.90 35.96 -5.82
CA GLU B 513 4.68 35.28 -4.56
C GLU B 513 3.59 34.25 -4.75
N LEU B 514 3.94 32.98 -4.55
CA LEU B 514 3.02 31.86 -4.64
C LEU B 514 2.87 31.30 -3.22
N LEU B 515 1.96 31.91 -2.46
CA LEU B 515 1.72 31.54 -1.08
C LEU B 515 0.54 30.59 -0.98
N HIS B 516 0.11 30.31 0.25
CA HIS B 516 -1.05 29.45 0.47
C HIS B 516 -2.36 30.09 0.01
N ALA B 517 -2.34 31.39 -0.30
CA ALA B 517 -3.55 32.06 -0.75
C ALA B 517 -3.96 31.53 -2.11
N PRO B 518 -5.22 31.70 -2.50
CA PRO B 518 -5.67 31.22 -3.81
C PRO B 518 -4.88 31.86 -4.93
N ALA B 519 -4.66 31.11 -6.00
CA ALA B 519 -3.95 31.61 -7.16
C ALA B 519 -4.80 32.66 -7.86
N THR B 520 -4.22 33.84 -8.10
CA THR B 520 -4.94 34.95 -8.71
C THR B 520 -4.31 35.39 -10.03
N VAL B 521 -3.00 35.52 -10.08
CA VAL B 521 -2.29 35.97 -11.27
C VAL B 521 -1.63 34.74 -11.90
N CYS B 522 -2.16 34.31 -13.04
CA CYS B 522 -1.61 33.18 -13.78
C CYS B 522 -1.08 33.59 -15.14
N GLY B 523 -1.91 34.23 -15.97
CA GLY B 523 -1.51 34.62 -17.30
C GLY B 523 -2.41 33.98 -18.35
N PRO B 524 -2.62 34.67 -19.46
CA PRO B 524 -3.55 34.15 -20.47
C PRO B 524 -3.01 32.90 -21.15
N LYS B 525 -3.95 32.10 -21.66
CA LYS B 525 -3.64 30.87 -22.39
C LYS B 525 -4.35 30.92 -23.73
N LYS B 526 -3.60 30.81 -24.81
CA LYS B 526 -4.20 30.82 -26.14
C LYS B 526 -5.06 29.57 -26.33
N SER B 527 -6.21 29.76 -26.96
CA SER B 527 -7.13 28.68 -27.28
C SER B 527 -6.92 28.26 -28.72
N THR B 528 -7.60 27.18 -29.10
CA THR B 528 -7.52 26.62 -30.43
C THR B 528 -8.86 26.73 -31.13
N ASN B 529 -8.82 26.69 -32.46
CA ASN B 529 -10.05 26.72 -33.24
C ASN B 529 -10.88 25.47 -32.94
N LEU B 530 -12.19 25.64 -32.98
CA LEU B 530 -13.12 24.57 -32.65
C LEU B 530 -13.37 23.73 -33.89
N VAL B 531 -13.33 22.40 -33.72
CA VAL B 531 -13.52 21.46 -34.82
C VAL B 531 -14.67 20.54 -34.47
N LYS B 532 -15.58 20.35 -35.42
CA LYS B 532 -16.75 19.51 -35.23
C LYS B 532 -16.64 18.22 -36.05
N ASN B 533 -17.47 17.25 -35.66
CA ASN B 533 -17.66 16.03 -36.44
C ASN B 533 -16.36 15.25 -36.63
N LYS B 534 -15.55 15.17 -35.57
CA LYS B 534 -14.34 14.38 -35.63
C LYS B 534 -13.93 14.03 -34.20
N CYS B 535 -13.09 13.00 -34.09
CA CYS B 535 -12.57 12.58 -32.80
C CYS B 535 -11.34 13.43 -32.47
N VAL B 536 -11.44 14.23 -31.40
CA VAL B 536 -10.35 15.11 -30.98
C VAL B 536 -10.27 15.11 -29.46
N ASN B 537 -9.15 15.61 -28.97
CA ASN B 537 -8.94 15.79 -27.53
C ASN B 537 -9.24 17.24 -27.19
N PHE B 538 -10.32 17.45 -26.45
CA PHE B 538 -10.79 18.77 -26.08
C PHE B 538 -10.37 19.12 -24.66
N ASN B 539 -10.21 20.43 -24.43
CA ASN B 539 -9.98 20.97 -23.09
C ASN B 539 -10.76 22.27 -23.00
N PHE B 540 -11.93 22.21 -22.38
CA PHE B 540 -12.80 23.37 -22.22
C PHE B 540 -12.61 23.91 -20.81
N ASN B 541 -11.98 25.07 -20.72
CA ASN B 541 -11.81 25.75 -19.44
C ASN B 541 -11.18 24.82 -18.41
N GLY B 542 -10.23 24.00 -18.86
CA GLY B 542 -9.53 23.09 -17.99
C GLY B 542 -10.12 21.71 -17.88
N LEU B 543 -11.39 21.53 -18.21
CA LEU B 543 -12.00 20.21 -18.22
C LEU B 543 -11.58 19.52 -19.51
N THR B 544 -10.84 18.43 -19.37
CA THR B 544 -10.27 17.74 -20.52
C THR B 544 -11.05 16.47 -20.83
N GLY B 545 -10.88 16.00 -22.05
CA GLY B 545 -11.49 14.75 -22.47
C GLY B 545 -11.23 14.53 -23.94
N THR B 546 -11.80 13.46 -24.47
CA THR B 546 -11.67 13.13 -25.88
C THR B 546 -13.02 12.67 -26.41
N GLY B 547 -13.36 13.10 -27.62
CA GLY B 547 -14.67 12.79 -28.17
C GLY B 547 -14.92 13.56 -29.44
N VAL B 548 -16.19 13.56 -29.85
CA VAL B 548 -16.66 14.30 -31.00
C VAL B 548 -17.62 15.37 -30.52
N LEU B 549 -17.40 16.61 -30.97
CA LEU B 549 -18.22 17.75 -30.56
C LEU B 549 -19.25 18.01 -31.65
N THR B 550 -20.52 18.02 -31.27
CA THR B 550 -21.60 18.22 -32.22
C THR B 550 -22.53 19.32 -31.72
N GLU B 551 -23.18 19.99 -32.66
CA GLU B 551 -24.17 20.98 -32.30
C GLU B 551 -25.35 20.31 -31.59
N SER B 552 -25.95 21.04 -30.65
CA SER B 552 -27.00 20.49 -29.81
C SER B 552 -28.16 21.47 -29.76
N ASN B 553 -29.29 20.97 -29.26
CA ASN B 553 -30.48 21.78 -29.05
C ASN B 553 -30.79 21.94 -27.57
N LYS B 554 -29.79 21.75 -26.71
CA LYS B 554 -29.99 21.74 -25.27
C LYS B 554 -29.77 23.14 -24.71
N LYS B 555 -30.84 23.72 -24.16
CA LYS B 555 -30.82 25.09 -23.65
C LYS B 555 -30.28 25.07 -22.23
N PHE B 556 -28.99 25.36 -22.09
CA PHE B 556 -28.37 25.43 -20.77
C PHE B 556 -28.59 26.78 -20.13
N LEU B 557 -28.75 26.78 -18.82
CA LEU B 557 -28.96 28.02 -18.10
C LEU B 557 -27.69 28.87 -18.14
N PRO B 558 -27.82 30.20 -18.05
CA PRO B 558 -26.63 31.05 -18.18
C PRO B 558 -25.54 30.69 -17.19
N PHE B 559 -25.90 30.31 -15.97
CA PHE B 559 -24.90 29.95 -14.97
C PHE B 559 -24.41 28.52 -15.13
N GLN B 560 -25.01 27.74 -16.01
CA GLN B 560 -24.65 26.34 -16.19
C GLN B 560 -23.64 26.19 -17.32
N GLN B 561 -22.56 25.46 -17.06
CA GLN B 561 -21.47 25.34 -18.00
C GLN B 561 -21.14 23.91 -18.41
N PHE B 562 -21.52 22.92 -17.61
CA PHE B 562 -21.18 21.53 -17.89
C PHE B 562 -22.43 20.67 -17.90
N GLY B 563 -22.41 19.65 -18.74
CA GLY B 563 -23.51 18.71 -18.84
C GLY B 563 -23.08 17.31 -18.46
N ARG B 564 -23.99 16.58 -17.83
CA ARG B 564 -23.76 15.19 -17.47
C ARG B 564 -25.04 14.39 -17.69
N ASP B 565 -24.87 13.12 -18.02
CA ASP B 565 -25.98 12.20 -18.18
C ASP B 565 -26.19 11.44 -16.86
N ILE B 566 -27.04 10.42 -16.89
CA ILE B 566 -27.29 9.64 -15.68
C ILE B 566 -25.98 9.08 -15.15
N ALA B 567 -25.10 8.65 -16.05
CA ALA B 567 -23.82 8.09 -15.65
C ALA B 567 -22.91 9.10 -14.98
N ASP B 568 -23.33 10.36 -14.86
CA ASP B 568 -22.51 11.38 -14.23
C ASP B 568 -21.29 11.69 -15.08
N THR B 569 -21.19 11.08 -16.25
CA THR B 569 -20.13 11.39 -17.19
C THR B 569 -20.48 12.65 -17.97
N THR B 570 -19.44 13.34 -18.45
CA THR B 570 -19.65 14.57 -19.19
C THR B 570 -20.49 14.29 -20.43
N ASP B 571 -21.52 15.11 -20.64
CA ASP B 571 -22.43 14.96 -21.77
C ASP B 571 -22.27 16.08 -22.78
N ALA B 572 -22.30 17.33 -22.35
CA ALA B 572 -22.21 18.46 -23.27
C ALA B 572 -21.58 19.64 -22.53
N VAL B 573 -21.05 20.58 -23.32
CA VAL B 573 -20.39 21.75 -22.77
C VAL B 573 -20.70 22.96 -23.62
N ARG B 574 -20.58 24.13 -23.01
CA ARG B 574 -20.82 25.40 -23.69
C ARG B 574 -19.48 26.04 -24.05
N ASP B 575 -19.35 26.47 -25.29
CA ASP B 575 -18.09 27.05 -25.73
C ASP B 575 -17.78 28.28 -24.89
N PRO B 576 -16.59 28.38 -24.30
CA PRO B 576 -16.28 29.54 -23.46
C PRO B 576 -16.31 30.85 -24.19
N GLN B 577 -16.10 30.85 -25.51
CA GLN B 577 -16.09 32.08 -26.30
C GLN B 577 -17.45 32.38 -26.92
N THR B 578 -18.14 31.36 -27.40
CA THR B 578 -19.48 31.49 -27.97
C THR B 578 -20.47 30.78 -27.07
N LEU B 579 -21.55 31.47 -26.71
CA LEU B 579 -22.54 30.88 -25.83
C LEU B 579 -23.37 29.86 -26.59
N GLU B 580 -22.75 28.76 -26.98
CA GLU B 580 -23.42 27.69 -27.70
C GLU B 580 -23.13 26.36 -27.02
N ILE B 581 -24.12 25.48 -27.03
CA ILE B 581 -24.04 24.20 -26.33
C ILE B 581 -23.71 23.12 -27.35
N LEU B 582 -22.71 22.31 -27.04
CA LEU B 582 -22.24 21.25 -27.92
C LEU B 582 -22.23 19.94 -27.17
N ASP B 583 -22.84 18.92 -27.77
CA ASP B 583 -22.86 17.59 -27.18
C ASP B 583 -21.54 16.88 -27.46
N ILE B 584 -21.13 16.08 -26.48
CA ILE B 584 -19.88 15.33 -26.53
C ILE B 584 -20.24 13.87 -26.73
N THR B 585 -19.80 13.29 -27.84
CA THR B 585 -20.02 11.88 -28.12
C THR B 585 -18.70 11.14 -27.97
N PRO B 586 -18.59 10.17 -27.07
CA PRO B 586 -17.32 9.42 -26.96
C PRO B 586 -16.95 8.83 -28.30
N CYS B 587 -15.66 8.88 -28.62
CA CYS B 587 -15.20 8.51 -29.95
C CYS B 587 -15.60 7.07 -30.26
N SER B 588 -15.81 6.81 -31.55
CA SER B 588 -16.30 5.52 -31.97
C SER B 588 -15.35 4.41 -31.55
N PHE B 589 -15.91 3.30 -31.08
CA PHE B 589 -15.15 2.14 -30.67
C PHE B 589 -16.05 0.93 -30.75
N GLY B 590 -15.44 -0.26 -30.76
CA GLY B 590 -16.21 -1.48 -30.76
C GLY B 590 -15.35 -2.73 -30.77
N GLY B 591 -15.91 -3.83 -31.23
CA GLY B 591 -15.21 -5.10 -31.23
C GLY B 591 -15.24 -5.72 -32.62
N VAL B 592 -14.17 -6.45 -32.92
CA VAL B 592 -13.91 -6.99 -34.25
C VAL B 592 -14.09 -8.49 -34.19
N SER B 593 -15.05 -9.01 -34.96
CA SER B 593 -15.28 -10.44 -35.04
C SER B 593 -15.00 -10.92 -36.44
N VAL B 594 -14.16 -11.94 -36.56
CA VAL B 594 -13.78 -12.49 -37.86
C VAL B 594 -14.68 -13.68 -38.16
N ILE B 595 -15.55 -13.54 -39.16
CA ILE B 595 -16.40 -14.63 -39.59
C ILE B 595 -15.71 -15.32 -40.75
N THR B 596 -15.60 -16.65 -40.67
CA THR B 596 -15.00 -17.43 -41.73
C THR B 596 -15.48 -18.86 -41.62
N PRO B 597 -15.61 -19.56 -42.74
CA PRO B 597 -15.84 -21.00 -42.66
C PRO B 597 -14.61 -21.71 -42.14
N GLY B 598 -14.74 -23.01 -41.93
CA GLY B 598 -13.62 -23.79 -41.43
C GLY B 598 -12.41 -23.64 -42.33
N THR B 599 -11.25 -23.47 -41.71
CA THR B 599 -10.02 -23.28 -42.46
C THR B 599 -9.73 -24.43 -43.41
N ASN B 600 -10.22 -25.64 -43.11
CA ASN B 600 -9.99 -26.78 -43.98
C ASN B 600 -10.60 -26.58 -45.36
N THR B 601 -11.53 -25.66 -45.50
CA THR B 601 -12.24 -25.42 -46.76
C THR B 601 -11.68 -24.23 -47.52
N SER B 602 -11.39 -23.13 -46.84
CA SER B 602 -10.89 -21.93 -47.51
C SER B 602 -10.11 -21.10 -46.51
N ASN B 603 -9.52 -20.03 -47.02
CA ASN B 603 -8.91 -19.00 -46.21
C ASN B 603 -9.55 -17.64 -46.43
N GLN B 604 -10.59 -17.56 -47.26
CA GLN B 604 -11.32 -16.32 -47.45
C GLN B 604 -12.09 -15.99 -46.18
N VAL B 605 -11.99 -14.74 -45.72
CA VAL B 605 -12.58 -14.33 -44.45
C VAL B 605 -13.33 -13.03 -44.62
N ALA B 606 -14.31 -12.81 -43.75
CA ALA B 606 -15.08 -11.57 -43.71
C ALA B 606 -15.00 -11.01 -42.30
N VAL B 607 -15.09 -9.68 -42.19
CA VAL B 607 -14.91 -9.00 -40.92
C VAL B 607 -16.23 -8.39 -40.48
N LEU B 608 -16.40 -8.28 -39.17
CA LEU B 608 -17.57 -7.67 -38.57
C LEU B 608 -17.13 -6.64 -37.55
N TYR B 609 -17.53 -5.39 -37.74
CA TYR B 609 -17.26 -4.31 -36.81
C TYR B 609 -18.53 -4.02 -36.05
N GLN B 610 -18.49 -4.22 -34.72
CA GLN B 610 -19.67 -4.09 -33.88
C GLN B 610 -19.99 -2.63 -33.61
N GLY B 611 -21.29 -2.33 -33.60
CA GLY B 611 -21.74 -1.07 -33.04
C GLY B 611 -21.04 0.15 -33.58
N VAL B 612 -20.73 0.15 -34.87
CA VAL B 612 -20.10 1.29 -35.52
C VAL B 612 -20.73 1.48 -36.89
N ASN B 613 -20.77 2.74 -37.33
CA ASN B 613 -21.26 3.07 -38.65
C ASN B 613 -20.17 2.81 -39.69
N CYS B 614 -20.60 2.56 -40.92
CA CYS B 614 -19.65 2.23 -41.97
C CYS B 614 -18.95 3.49 -42.47
N THR B 615 -18.41 4.27 -41.54
CA THR B 615 -17.73 5.51 -41.87
C THR B 615 -16.30 5.55 -41.35
N GLU B 616 -16.09 5.16 -40.09
CA GLU B 616 -14.76 5.27 -39.50
C GLU B 616 -13.82 4.20 -40.03
N VAL B 617 -14.35 3.07 -40.47
CA VAL B 617 -13.52 1.98 -40.94
C VAL B 617 -12.82 2.39 -42.23
N ASN B 638 -17.52 -3.64 -51.59
CA ASN B 638 -18.10 -4.82 -50.97
C ASN B 638 -18.26 -4.62 -49.46
N VAL B 639 -19.25 -3.84 -49.07
CA VAL B 639 -19.54 -3.54 -47.67
C VAL B 639 -21.04 -3.59 -47.47
N PHE B 640 -21.47 -4.09 -46.31
CA PHE B 640 -22.89 -4.21 -45.99
C PHE B 640 -23.13 -3.61 -44.61
N GLN B 641 -24.17 -2.80 -44.49
CA GLN B 641 -24.54 -2.21 -43.20
C GLN B 641 -25.67 -3.01 -42.58
N THR B 642 -25.55 -3.31 -41.29
CA THR B 642 -26.60 -3.99 -40.55
C THR B 642 -26.67 -3.41 -39.15
N ARG B 643 -27.73 -3.76 -38.42
CA ARG B 643 -27.89 -3.26 -37.07
C ARG B 643 -26.76 -3.72 -36.16
N ALA B 644 -26.19 -4.88 -36.42
CA ALA B 644 -25.04 -5.34 -35.64
C ALA B 644 -23.80 -4.51 -35.90
N GLY B 645 -23.75 -3.79 -37.00
CA GLY B 645 -22.63 -2.94 -37.33
C GLY B 645 -22.29 -3.05 -38.79
N CYS B 646 -21.01 -2.85 -39.09
CA CYS B 646 -20.53 -2.84 -40.47
C CYS B 646 -19.88 -4.17 -40.80
N LEU B 647 -20.32 -4.81 -41.87
CA LEU B 647 -19.81 -6.10 -42.30
C LEU B 647 -19.03 -5.91 -43.59
N ILE B 648 -17.87 -6.54 -43.70
CA ILE B 648 -16.98 -6.37 -44.83
C ILE B 648 -16.60 -7.74 -45.38
N GLY B 649 -16.61 -7.85 -46.70
CA GLY B 649 -16.22 -9.06 -47.39
C GLY B 649 -17.38 -9.94 -47.80
N ALA B 650 -18.55 -9.78 -47.20
CA ALA B 650 -19.68 -10.65 -47.48
C ALA B 650 -20.58 -10.01 -48.52
N GLU B 651 -21.07 -10.83 -49.44
CA GLU B 651 -22.01 -10.37 -50.45
C GLU B 651 -23.43 -10.49 -49.92
N HIS B 652 -24.17 -9.38 -49.98
CA HIS B 652 -25.56 -9.39 -49.53
C HIS B 652 -26.43 -10.06 -50.57
N VAL B 653 -27.31 -10.95 -50.10
CA VAL B 653 -28.16 -11.75 -50.98
C VAL B 653 -29.60 -11.65 -50.48
N ASN B 654 -30.55 -11.61 -51.42
CA ASN B 654 -31.94 -11.53 -51.04
C ASN B 654 -32.51 -12.87 -50.58
N ASN B 655 -32.07 -13.97 -51.18
CA ASN B 655 -32.62 -15.27 -50.84
C ASN B 655 -32.36 -15.59 -49.37
N SER B 656 -33.31 -16.28 -48.75
CA SER B 656 -33.16 -16.70 -47.37
C SER B 656 -32.66 -18.14 -47.30
N TYR B 657 -32.09 -18.49 -46.15
CA TYR B 657 -31.62 -19.85 -45.90
C TYR B 657 -31.73 -20.12 -44.41
N GLU B 658 -31.22 -21.26 -43.98
CA GLU B 658 -31.06 -21.54 -42.57
C GLU B 658 -29.80 -20.88 -42.06
N CYS B 659 -29.88 -20.29 -40.88
CA CYS B 659 -28.72 -19.64 -40.29
C CYS B 659 -27.61 -20.66 -40.10
N ASP B 660 -26.41 -20.31 -40.57
CA ASP B 660 -25.26 -21.18 -40.40
C ASP B 660 -24.28 -20.60 -39.38
N ILE B 661 -23.87 -19.35 -39.55
CA ILE B 661 -23.01 -18.68 -38.59
C ILE B 661 -23.74 -17.42 -38.13
N PRO B 662 -24.22 -17.37 -36.89
CA PRO B 662 -25.01 -16.20 -36.47
C PRO B 662 -24.13 -14.98 -36.32
N ILE B 663 -24.55 -13.88 -36.94
CA ILE B 663 -23.93 -12.58 -36.76
C ILE B 663 -24.74 -11.72 -35.80
N GLY B 664 -26.04 -11.61 -36.05
CA GLY B 664 -26.93 -10.89 -35.16
C GLY B 664 -27.90 -10.03 -35.94
N ALA B 665 -28.88 -9.50 -35.23
CA ALA B 665 -29.94 -8.72 -35.86
C ALA B 665 -30.63 -9.54 -36.95
N GLY B 666 -30.64 -10.85 -36.80
CA GLY B 666 -31.25 -11.70 -37.79
C GLY B 666 -30.40 -11.96 -39.01
N ILE B 667 -29.17 -11.47 -39.04
CA ILE B 667 -28.28 -11.65 -40.17
C ILE B 667 -27.28 -12.73 -39.83
N CYS B 668 -27.13 -13.69 -40.73
CA CYS B 668 -26.20 -14.79 -40.60
C CYS B 668 -25.33 -14.89 -41.85
N ALA B 669 -24.15 -15.48 -41.68
CA ALA B 669 -23.17 -15.58 -42.74
C ALA B 669 -22.78 -17.04 -42.97
N SER B 670 -22.50 -17.34 -44.23
CA SER B 670 -22.10 -18.69 -44.62
C SER B 670 -21.27 -18.62 -45.89
N TYR B 671 -20.50 -19.67 -46.12
CA TYR B 671 -19.62 -19.77 -47.29
C TYR B 671 -20.32 -20.60 -48.35
N GLN B 672 -20.74 -19.96 -49.43
CA GLN B 672 -21.52 -20.62 -50.46
C GLN B 672 -21.25 -19.95 -51.80
N THR B 673 -21.81 -20.53 -52.85
CA THR B 673 -21.66 -19.99 -54.20
C THR B 673 -22.53 -18.76 -54.40
N SER B 686 -15.64 -18.80 -57.38
CA SER B 686 -17.10 -18.72 -57.40
C SER B 686 -17.65 -18.60 -55.99
N GLN B 687 -17.25 -19.52 -55.13
CA GLN B 687 -17.73 -19.52 -53.75
C GLN B 687 -17.12 -18.35 -52.98
N SER B 688 -17.83 -17.94 -51.93
CA SER B 688 -17.38 -16.83 -51.11
C SER B 688 -18.29 -16.72 -49.90
N ILE B 689 -17.92 -15.82 -49.00
CA ILE B 689 -18.72 -15.54 -47.81
C ILE B 689 -19.89 -14.65 -48.20
N ILE B 690 -21.08 -15.00 -47.73
CA ILE B 690 -22.29 -14.24 -48.01
C ILE B 690 -23.09 -14.10 -46.72
N ALA B 691 -23.81 -12.99 -46.63
CA ALA B 691 -24.66 -12.70 -45.48
C ALA B 691 -26.10 -12.60 -45.93
N TYR B 692 -27.02 -12.93 -45.03
CA TYR B 692 -28.42 -13.04 -45.42
C TYR B 692 -29.29 -12.99 -44.18
N THR B 693 -30.57 -12.65 -44.40
CA THR B 693 -31.56 -12.67 -43.34
C THR B 693 -32.16 -14.07 -43.25
N MET B 694 -32.07 -14.69 -42.07
CA MET B 694 -32.35 -16.11 -41.98
C MET B 694 -33.83 -16.40 -42.21
N SER B 695 -34.10 -17.60 -42.73
CA SER B 695 -35.45 -17.97 -43.13
C SER B 695 -36.34 -18.29 -41.93
N LEU B 696 -35.82 -19.02 -40.96
CA LEU B 696 -36.57 -19.62 -39.87
C LEU B 696 -37.29 -20.87 -40.34
N GLY B 697 -37.04 -21.32 -41.56
CA GLY B 697 -37.62 -22.55 -42.06
C GLY B 697 -38.43 -22.33 -43.32
N VAL B 698 -38.87 -23.45 -43.88
CA VAL B 698 -39.71 -23.42 -45.08
C VAL B 698 -41.16 -23.23 -44.67
N GLU B 699 -41.79 -22.19 -45.21
CA GLU B 699 -43.17 -21.88 -44.88
C GLU B 699 -44.08 -23.00 -45.39
N ASN B 700 -45.00 -23.43 -44.54
CA ASN B 700 -45.89 -24.53 -44.91
C ASN B 700 -47.22 -24.35 -44.16
N SER B 701 -48.17 -23.69 -44.81
CA SER B 701 -49.50 -23.60 -44.26
C SER B 701 -50.12 -25.00 -44.15
N VAL B 702 -51.33 -25.05 -43.60
CA VAL B 702 -52.06 -26.31 -43.44
C VAL B 702 -53.44 -26.13 -44.04
N ALA B 703 -53.89 -27.13 -44.79
CA ALA B 703 -55.21 -27.09 -45.41
C ALA B 703 -56.27 -27.35 -44.34
N TYR B 704 -56.32 -26.42 -43.40
CA TYR B 704 -57.27 -26.53 -42.31
C TYR B 704 -58.69 -26.42 -42.84
N SER B 705 -59.62 -27.02 -42.11
CA SER B 705 -61.02 -26.89 -42.41
C SER B 705 -61.80 -27.09 -41.13
N ASN B 706 -63.12 -27.04 -41.25
CA ASN B 706 -63.96 -27.47 -40.15
C ASN B 706 -64.35 -28.94 -40.25
N ASN B 707 -64.02 -29.62 -41.34
CA ASN B 707 -64.47 -31.00 -41.49
C ASN B 707 -63.48 -31.87 -42.25
N SER B 708 -62.18 -31.61 -42.16
CA SER B 708 -61.20 -32.40 -42.91
C SER B 708 -60.04 -32.73 -42.00
N ILE B 709 -59.85 -34.02 -41.72
CA ILE B 709 -58.84 -34.48 -40.77
C ILE B 709 -57.87 -35.39 -41.49
N ALA B 710 -56.59 -35.26 -41.15
CA ALA B 710 -55.55 -36.09 -41.71
C ALA B 710 -55.15 -37.15 -40.69
N ILE B 711 -55.20 -38.41 -41.10
CA ILE B 711 -54.84 -39.53 -40.24
C ILE B 711 -53.59 -40.17 -40.82
N PRO B 712 -52.62 -40.57 -40.01
CA PRO B 712 -51.45 -41.26 -40.57
C PRO B 712 -51.79 -42.69 -40.91
N THR B 713 -51.17 -43.19 -41.98
CA THR B 713 -51.35 -44.54 -42.43
C THR B 713 -50.18 -45.45 -42.13
N ASN B 714 -48.98 -44.90 -41.94
CA ASN B 714 -47.78 -45.68 -41.74
C ASN B 714 -46.90 -44.96 -40.74
N PHE B 715 -46.05 -45.74 -40.07
CA PHE B 715 -45.31 -45.22 -38.92
C PHE B 715 -43.86 -45.65 -38.99
N THR B 716 -43.00 -44.88 -38.34
CA THR B 716 -41.58 -45.18 -38.30
C THR B 716 -41.10 -45.16 -36.86
N ILE B 717 -40.37 -46.20 -36.49
CA ILE B 717 -39.62 -46.23 -35.24
C ILE B 717 -38.28 -45.56 -35.51
N SER B 718 -38.02 -44.45 -34.85
CA SER B 718 -36.76 -43.74 -35.04
C SER B 718 -35.98 -43.79 -33.74
N VAL B 719 -34.68 -43.54 -33.86
CA VAL B 719 -33.76 -43.56 -32.73
C VAL B 719 -32.99 -42.25 -32.73
N THR B 720 -32.97 -41.57 -31.59
CA THR B 720 -32.28 -40.31 -31.46
C THR B 720 -31.37 -40.35 -30.25
N THR B 721 -30.38 -39.46 -30.23
CA THR B 721 -29.37 -39.43 -29.20
C THR B 721 -29.48 -38.13 -28.42
N GLU B 722 -29.53 -38.24 -27.09
CA GLU B 722 -29.52 -37.07 -26.22
C GLU B 722 -28.38 -37.21 -25.23
N ILE B 723 -27.60 -36.15 -25.04
CA ILE B 723 -26.35 -36.23 -24.32
C ILE B 723 -26.35 -35.23 -23.19
N LEU B 724 -25.92 -35.65 -21.99
CA LEU B 724 -25.93 -34.78 -20.83
C LEU B 724 -24.68 -34.97 -19.98
N PRO B 725 -24.06 -33.91 -19.51
CA PRO B 725 -23.00 -34.08 -18.52
C PRO B 725 -23.58 -34.54 -17.19
N VAL B 726 -22.80 -35.32 -16.46
CA VAL B 726 -23.21 -35.84 -15.16
C VAL B 726 -22.31 -35.35 -14.03
N SER B 727 -21.01 -35.20 -14.30
CA SER B 727 -20.10 -34.69 -13.28
C SER B 727 -18.91 -34.02 -13.98
N MET B 728 -17.96 -33.58 -13.19
CA MET B 728 -16.75 -32.95 -13.69
C MET B 728 -15.54 -33.51 -12.93
N THR B 729 -14.36 -33.12 -13.38
CA THR B 729 -13.13 -33.58 -12.72
C THR B 729 -13.10 -33.12 -11.27
N LYS B 730 -12.74 -34.03 -10.37
CA LYS B 730 -12.65 -33.73 -8.95
C LYS B 730 -11.28 -33.10 -8.68
N THR B 731 -11.17 -31.82 -8.99
CA THR B 731 -9.93 -31.09 -8.76
C THR B 731 -9.74 -30.80 -7.29
N SER B 732 -8.49 -30.64 -6.89
CA SER B 732 -8.17 -30.28 -5.51
C SER B 732 -6.91 -29.43 -5.51
N VAL B 733 -6.84 -28.46 -4.59
CA VAL B 733 -5.74 -27.51 -4.56
C VAL B 733 -5.29 -27.33 -3.12
N ASP B 734 -3.98 -27.39 -2.90
CA ASP B 734 -3.39 -27.02 -1.62
C ASP B 734 -3.08 -25.53 -1.68
N CYS B 735 -3.96 -24.71 -1.09
CA CYS B 735 -3.74 -23.28 -1.10
C CYS B 735 -2.36 -22.94 -0.55
N THR B 736 -1.99 -23.56 0.56
CA THR B 736 -0.71 -23.24 1.19
C THR B 736 0.44 -23.52 0.25
N MET B 737 0.52 -24.73 -0.29
CA MET B 737 1.60 -25.05 -1.20
C MET B 737 1.56 -24.17 -2.43
N TYR B 738 0.36 -23.93 -2.97
CA TYR B 738 0.26 -23.17 -4.21
C TYR B 738 0.78 -21.75 -4.05
N ILE B 739 0.28 -21.03 -3.04
CA ILE B 739 0.66 -19.62 -2.91
C ILE B 739 2.14 -19.48 -2.55
N CYS B 740 2.61 -20.29 -1.61
CA CYS B 740 3.92 -20.13 -1.00
C CYS B 740 4.75 -21.39 -1.15
N GLY B 741 4.80 -21.92 -2.37
CA GLY B 741 5.49 -23.17 -2.58
C GLY B 741 6.91 -23.15 -2.03
N ASP B 742 7.12 -23.80 -0.90
CA ASP B 742 8.43 -23.88 -0.28
C ASP B 742 8.97 -22.50 0.10
N SER B 743 8.16 -21.74 0.84
CA SER B 743 8.59 -20.45 1.38
C SER B 743 8.01 -20.30 2.77
N THR B 744 8.85 -20.46 3.79
CA THR B 744 8.38 -20.35 5.17
C THR B 744 7.85 -18.95 5.45
N GLU B 745 8.60 -17.92 5.04
CA GLU B 745 8.19 -16.55 5.33
C GLU B 745 6.87 -16.23 4.63
N CYS B 746 6.72 -16.67 3.39
CA CYS B 746 5.48 -16.45 2.67
C CYS B 746 4.31 -17.09 3.40
N SER B 747 4.51 -18.32 3.88
CA SER B 747 3.45 -18.99 4.64
C SER B 747 3.12 -18.21 5.91
N ASN B 748 4.15 -17.74 6.61
CA ASN B 748 3.91 -17.00 7.85
C ASN B 748 3.09 -15.75 7.57
N LEU B 749 3.44 -15.00 6.53
CA LEU B 749 2.66 -13.83 6.18
C LEU B 749 1.24 -14.22 5.77
N LEU B 750 1.09 -15.32 5.03
CA LEU B 750 -0.23 -15.78 4.66
C LEU B 750 -1.08 -16.09 5.89
N LEU B 751 -0.45 -16.53 6.97
CA LEU B 751 -1.19 -16.86 8.17
C LEU B 751 -2.02 -15.68 8.68
N GLN B 752 -1.63 -14.45 8.34
CA GLN B 752 -2.38 -13.28 8.77
C GLN B 752 -3.75 -13.19 8.12
N TYR B 753 -4.02 -14.01 7.11
CA TYR B 753 -5.29 -13.99 6.41
C TYR B 753 -6.26 -15.05 6.92
N GLY B 754 -5.90 -15.75 7.98
CA GLY B 754 -6.85 -16.65 8.63
C GLY B 754 -7.32 -17.74 7.71
N SER B 755 -8.62 -18.01 7.75
CA SER B 755 -9.20 -19.18 7.11
C SER B 755 -9.43 -18.99 5.61
N PHE B 756 -8.91 -17.92 5.02
CA PHE B 756 -8.99 -17.78 3.57
C PHE B 756 -8.43 -19.03 2.90
N CYS B 757 -7.28 -19.50 3.38
CA CYS B 757 -6.66 -20.68 2.79
C CYS B 757 -7.57 -21.90 2.91
N THR B 758 -8.15 -22.11 4.10
CA THR B 758 -8.84 -23.36 4.37
C THR B 758 -10.21 -23.41 3.71
N GLN B 759 -10.91 -22.28 3.67
CA GLN B 759 -12.28 -22.29 3.16
C GLN B 759 -12.32 -22.74 1.71
N LEU B 760 -11.30 -22.38 0.92
CA LEU B 760 -11.28 -22.81 -0.47
C LEU B 760 -11.17 -24.32 -0.57
N ASN B 761 -10.32 -24.93 0.26
CA ASN B 761 -10.26 -26.38 0.32
C ASN B 761 -11.63 -26.94 0.67
N ARG B 762 -12.31 -26.31 1.61
CA ARG B 762 -13.63 -26.78 2.01
C ARG B 762 -14.59 -26.77 0.82
N ALA B 763 -14.61 -25.66 0.08
CA ALA B 763 -15.53 -25.55 -1.05
C ALA B 763 -15.21 -26.59 -2.11
N LEU B 764 -13.94 -26.76 -2.43
CA LEU B 764 -13.58 -27.74 -3.46
C LEU B 764 -13.94 -29.15 -3.02
N THR B 765 -13.70 -29.47 -1.75
CA THR B 765 -14.05 -30.80 -1.25
C THR B 765 -15.55 -31.02 -1.38
N GLY B 766 -16.34 -30.02 -1.00
CA GLY B 766 -17.78 -30.15 -1.19
C GLY B 766 -18.15 -30.37 -2.64
N ILE B 767 -17.48 -29.66 -3.54
CA ILE B 767 -17.78 -29.83 -4.97
C ILE B 767 -17.53 -31.28 -5.37
N ALA B 768 -16.39 -31.83 -4.98
CA ALA B 768 -16.07 -33.20 -5.38
C ALA B 768 -17.07 -34.19 -4.79
N VAL B 769 -17.42 -34.00 -3.52
CA VAL B 769 -18.38 -34.90 -2.89
C VAL B 769 -19.69 -34.89 -3.66
N GLU B 770 -20.15 -33.69 -4.03
CA GLU B 770 -21.38 -33.64 -4.80
C GLU B 770 -21.20 -34.21 -6.20
N GLN B 771 -19.98 -34.19 -6.76
CA GLN B 771 -19.77 -34.88 -8.02
C GLN B 771 -20.08 -36.37 -7.88
N ASP B 772 -19.47 -37.00 -6.89
CA ASP B 772 -19.73 -38.41 -6.69
C ASP B 772 -21.20 -38.66 -6.38
N LYS B 773 -21.82 -37.76 -5.62
CA LYS B 773 -23.24 -37.89 -5.32
C LYS B 773 -24.06 -37.82 -6.61
N ASN B 774 -23.71 -36.92 -7.52
CA ASN B 774 -24.44 -36.81 -8.76
C ASN B 774 -24.35 -38.09 -9.56
N THR B 775 -23.15 -38.65 -9.69
CA THR B 775 -23.03 -39.91 -10.43
C THR B 775 -23.87 -40.99 -9.78
N GLN B 776 -23.81 -41.08 -8.45
CA GLN B 776 -24.59 -42.09 -7.73
C GLN B 776 -26.08 -41.93 -8.03
N GLU B 777 -26.58 -40.70 -7.94
CA GLU B 777 -28.02 -40.49 -8.12
C GLU B 777 -28.43 -40.68 -9.57
N VAL B 778 -27.50 -40.53 -10.50
CA VAL B 778 -27.87 -40.71 -11.91
C VAL B 778 -27.93 -42.19 -12.26
N PHE B 779 -26.93 -42.97 -11.87
CA PHE B 779 -26.84 -44.34 -12.34
C PHE B 779 -27.38 -45.36 -11.35
N ALA B 780 -26.94 -45.33 -10.10
CA ALA B 780 -27.25 -46.38 -9.15
C ALA B 780 -28.67 -46.25 -8.59
N GLN B 781 -29.63 -46.23 -9.51
CA GLN B 781 -31.03 -46.18 -9.13
C GLN B 781 -31.66 -47.56 -9.07
N VAL B 782 -30.89 -48.62 -9.31
CA VAL B 782 -31.39 -49.98 -9.29
C VAL B 782 -30.60 -50.76 -8.25
N LYS B 783 -31.31 -51.51 -7.42
CA LYS B 783 -30.66 -52.16 -6.28
C LYS B 783 -29.77 -53.33 -6.68
N GLN B 784 -30.05 -53.98 -7.80
CA GLN B 784 -29.34 -55.18 -8.20
C GLN B 784 -28.63 -54.98 -9.52
N ILE B 785 -27.62 -55.80 -9.76
CA ILE B 785 -26.88 -55.79 -11.01
C ILE B 785 -27.36 -56.99 -11.82
N TYR B 786 -28.29 -56.75 -12.74
CA TYR B 786 -28.83 -57.83 -13.55
C TYR B 786 -27.90 -58.11 -14.73
N LYS B 787 -28.12 -59.25 -15.37
CA LYS B 787 -27.41 -59.60 -16.58
C LYS B 787 -28.37 -60.25 -17.56
N THR B 788 -28.22 -59.91 -18.83
CA THR B 788 -29.14 -60.42 -19.84
C THR B 788 -28.94 -61.92 -20.01
N PRO B 789 -29.96 -62.64 -20.47
CA PRO B 789 -29.84 -64.08 -20.62
C PRO B 789 -28.89 -64.44 -21.74
N PRO B 790 -28.33 -65.65 -21.72
CA PRO B 790 -27.43 -66.05 -22.79
C PRO B 790 -28.09 -66.05 -24.17
N ILE B 791 -29.39 -66.28 -24.24
CA ILE B 791 -30.11 -66.40 -25.50
C ILE B 791 -30.63 -65.04 -25.89
N LYS B 792 -30.28 -64.58 -27.08
CA LYS B 792 -30.73 -63.28 -27.59
C LYS B 792 -31.98 -63.43 -28.45
N ASP B 793 -33.02 -64.08 -27.93
CA ASP B 793 -34.27 -64.25 -28.67
C ASP B 793 -35.21 -63.11 -28.28
N PHE B 794 -35.01 -61.98 -28.94
CA PHE B 794 -35.77 -60.76 -28.67
C PHE B 794 -36.71 -60.42 -29.83
N GLY B 795 -37.37 -61.42 -30.38
CA GLY B 795 -38.41 -61.15 -31.35
C GLY B 795 -37.94 -60.33 -32.52
N GLY B 796 -36.69 -60.51 -32.93
CA GLY B 796 -36.15 -59.80 -34.07
C GLY B 796 -35.39 -58.54 -33.74
N PHE B 797 -35.56 -58.00 -32.54
CA PHE B 797 -34.82 -56.80 -32.16
C PHE B 797 -33.40 -57.20 -31.79
N ASN B 798 -32.44 -56.77 -32.57
CA ASN B 798 -31.05 -57.17 -32.41
C ASN B 798 -30.32 -56.11 -31.60
N PHE B 799 -30.02 -56.43 -30.34
CA PHE B 799 -29.40 -55.49 -29.41
C PHE B 799 -27.91 -55.71 -29.27
N SER B 800 -27.30 -56.44 -30.20
CA SER B 800 -25.91 -56.82 -30.04
C SER B 800 -24.99 -55.62 -29.90
N GLN B 801 -25.42 -54.46 -30.36
CA GLN B 801 -24.55 -53.30 -30.40
C GLN B 801 -24.64 -52.41 -29.16
N ILE B 802 -25.51 -52.74 -28.21
CA ILE B 802 -25.53 -52.01 -26.94
C ILE B 802 -25.28 -52.92 -25.75
N LEU B 803 -25.61 -54.21 -25.82
CA LEU B 803 -25.37 -55.09 -24.69
C LEU B 803 -23.86 -55.23 -24.47
N PRO B 804 -23.45 -55.66 -23.28
CA PRO B 804 -22.02 -55.80 -23.03
C PRO B 804 -21.37 -56.80 -23.98
N ASP B 805 -20.13 -56.50 -24.36
CA ASP B 805 -19.33 -57.42 -25.15
C ASP B 805 -18.36 -58.13 -24.22
N PRO B 806 -18.51 -59.43 -23.97
CA PRO B 806 -17.57 -60.10 -23.06
C PRO B 806 -16.14 -60.05 -23.53
N SER B 807 -15.90 -59.92 -24.83
CA SER B 807 -14.55 -59.99 -25.37
C SER B 807 -13.70 -58.79 -25.03
N LYS B 808 -14.30 -57.69 -24.57
CA LYS B 808 -13.47 -56.52 -24.31
C LYS B 808 -12.94 -56.53 -22.87
N PRO B 809 -11.76 -55.95 -22.65
CA PRO B 809 -11.22 -55.90 -21.29
C PRO B 809 -12.15 -55.20 -20.31
N SER B 810 -12.81 -54.14 -20.76
CA SER B 810 -13.89 -53.51 -20.01
C SER B 810 -15.18 -53.82 -20.74
N LYS B 811 -16.10 -54.51 -20.07
CA LYS B 811 -17.28 -55.03 -20.74
C LYS B 811 -18.20 -53.87 -21.08
N ARG B 812 -17.75 -53.00 -21.98
CA ARG B 812 -18.50 -51.82 -22.38
C ARG B 812 -19.06 -52.02 -23.79
N SER B 813 -20.30 -51.58 -23.97
CA SER B 813 -20.92 -51.69 -25.27
C SER B 813 -20.06 -51.05 -26.36
N PHE B 814 -20.28 -51.51 -27.59
CA PHE B 814 -19.53 -50.95 -28.71
C PHE B 814 -19.74 -49.46 -28.82
N ILE B 815 -20.98 -49.00 -28.61
CA ILE B 815 -21.25 -47.57 -28.60
C ILE B 815 -20.44 -46.88 -27.52
N GLU B 816 -20.36 -47.49 -26.34
CA GLU B 816 -19.57 -46.92 -25.27
C GLU B 816 -18.11 -46.83 -25.67
N ASP B 817 -17.61 -47.86 -26.35
CA ASP B 817 -16.23 -47.83 -26.81
C ASP B 817 -16.02 -46.67 -27.78
N LEU B 818 -16.96 -46.48 -28.70
CA LEU B 818 -16.85 -45.37 -29.63
C LEU B 818 -16.81 -44.05 -28.88
N LEU B 819 -17.68 -43.88 -27.89
CA LEU B 819 -17.68 -42.64 -27.14
C LEU B 819 -16.34 -42.42 -26.45
N PHE B 820 -15.82 -43.45 -25.78
CA PHE B 820 -14.53 -43.31 -25.13
C PHE B 820 -13.44 -42.98 -26.13
N ASN B 821 -13.57 -43.46 -27.36
CA ASN B 821 -12.59 -43.19 -28.39
C ASN B 821 -12.74 -41.79 -29.00
N LYS B 822 -13.91 -41.18 -28.87
CA LYS B 822 -14.12 -39.86 -29.47
C LYS B 822 -13.73 -38.72 -28.55
N VAL B 823 -14.00 -38.84 -27.25
CA VAL B 823 -13.68 -37.79 -26.29
C VAL B 823 -12.20 -37.89 -25.95
N THR B 824 -11.58 -36.75 -25.73
CA THR B 824 -10.16 -36.70 -25.38
C THR B 824 -9.94 -35.87 -24.13
N PHE B 852 1.77 -28.99 -11.83
CA PHE B 852 1.97 -29.51 -10.49
C PHE B 852 2.51 -28.42 -9.56
N ASN B 853 1.60 -27.68 -8.94
CA ASN B 853 1.94 -26.65 -7.97
C ASN B 853 0.97 -26.65 -6.81
N GLY B 854 0.59 -27.83 -6.34
CA GLY B 854 -0.48 -27.99 -5.38
C GLY B 854 -1.79 -28.43 -5.98
N LEU B 855 -1.82 -28.75 -7.26
CA LEU B 855 -3.05 -29.15 -7.95
C LEU B 855 -3.04 -30.66 -8.16
N THR B 856 -4.11 -31.31 -7.71
CA THR B 856 -4.23 -32.75 -7.76
C THR B 856 -5.61 -33.13 -8.27
N VAL B 857 -5.74 -34.39 -8.66
CA VAL B 857 -6.99 -34.92 -9.21
C VAL B 857 -7.34 -36.18 -8.43
N LEU B 858 -8.56 -36.23 -7.91
CA LEU B 858 -9.02 -37.44 -7.25
C LEU B 858 -9.90 -38.25 -8.21
N PRO B 859 -9.61 -39.52 -8.44
CA PRO B 859 -10.41 -40.28 -9.39
C PRO B 859 -11.84 -40.40 -8.90
N PRO B 860 -12.80 -40.50 -9.81
CA PRO B 860 -14.20 -40.59 -9.38
C PRO B 860 -14.45 -41.88 -8.63
N LEU B 861 -15.43 -41.83 -7.73
CA LEU B 861 -15.70 -42.98 -6.86
C LEU B 861 -15.94 -44.24 -7.68
N LEU B 862 -16.80 -44.15 -8.68
CA LEU B 862 -17.18 -45.32 -9.46
C LEU B 862 -16.19 -45.51 -10.61
N THR B 863 -15.63 -46.71 -10.72
CA THR B 863 -14.74 -46.98 -11.83
C THR B 863 -15.52 -46.98 -13.14
N ASP B 864 -14.84 -46.59 -14.21
CA ASP B 864 -15.48 -46.64 -15.51
C ASP B 864 -16.07 -48.03 -15.75
N GLU B 865 -15.38 -49.07 -15.28
CA GLU B 865 -15.94 -50.40 -15.33
C GLU B 865 -17.23 -50.48 -14.51
N MET B 866 -17.24 -49.84 -13.34
CA MET B 866 -18.44 -49.84 -12.53
C MET B 866 -19.58 -49.11 -13.24
N ILE B 867 -19.27 -47.97 -13.87
CA ILE B 867 -20.30 -47.27 -14.62
C ILE B 867 -20.85 -48.19 -15.70
N ALA B 868 -19.97 -48.91 -16.39
CA ALA B 868 -20.41 -49.81 -17.43
C ALA B 868 -21.32 -50.88 -16.85
N GLN B 869 -20.96 -51.43 -15.68
CA GLN B 869 -21.79 -52.46 -15.08
C GLN B 869 -23.17 -51.93 -14.74
N TYR B 870 -23.25 -50.72 -14.19
CA TYR B 870 -24.55 -50.15 -13.86
C TYR B 870 -25.38 -49.96 -15.12
N THR B 871 -24.77 -49.45 -16.18
CA THR B 871 -25.51 -49.26 -17.41
C THR B 871 -26.00 -50.59 -17.95
N SER B 872 -25.17 -51.62 -17.87
CA SER B 872 -25.60 -52.94 -18.31
C SER B 872 -26.79 -53.42 -17.49
N ALA B 873 -26.75 -53.19 -16.18
CA ALA B 873 -27.85 -53.62 -15.34
C ALA B 873 -29.14 -52.94 -15.75
N LEU B 874 -29.11 -51.61 -15.88
CA LEU B 874 -30.32 -50.90 -16.26
C LEU B 874 -30.82 -51.37 -17.62
N LEU B 875 -29.90 -51.56 -18.57
CA LEU B 875 -30.30 -51.98 -19.90
C LEU B 875 -30.97 -53.35 -19.85
N ALA B 876 -30.40 -54.28 -19.10
CA ALA B 876 -31.01 -55.60 -19.01
C ALA B 876 -32.38 -55.53 -18.35
N GLY B 877 -32.49 -54.72 -17.30
CA GLY B 877 -33.78 -54.61 -16.64
C GLY B 877 -34.85 -54.08 -17.56
N THR B 878 -34.53 -53.02 -18.30
CA THR B 878 -35.49 -52.48 -19.27
C THR B 878 -35.79 -53.51 -20.35
N ILE B 879 -34.77 -54.23 -20.82
CA ILE B 879 -34.98 -55.14 -21.93
C ILE B 879 -35.91 -56.27 -21.51
N THR B 880 -35.62 -56.95 -20.42
CA THR B 880 -36.32 -58.17 -20.09
C THR B 880 -37.42 -58.00 -19.05
N SER B 881 -37.67 -56.78 -18.57
CA SER B 881 -38.63 -56.63 -17.49
C SER B 881 -39.51 -55.39 -17.62
N GLY B 882 -39.61 -54.80 -18.79
CA GLY B 882 -40.48 -53.65 -18.92
C GLY B 882 -40.06 -52.58 -17.94
N TRP B 883 -41.00 -52.12 -17.14
CA TRP B 883 -40.73 -51.10 -16.15
C TRP B 883 -40.88 -51.59 -14.72
N THR B 884 -41.46 -52.76 -14.52
CA THR B 884 -41.73 -53.21 -13.16
C THR B 884 -40.46 -53.20 -12.33
N PHE B 885 -39.30 -53.44 -12.94
CA PHE B 885 -38.09 -53.43 -12.15
C PHE B 885 -37.85 -52.07 -11.52
N GLY B 886 -38.48 -51.03 -12.05
CA GLY B 886 -38.35 -49.72 -11.43
C GLY B 886 -38.98 -49.65 -10.06
N ALA B 887 -40.10 -50.34 -9.88
CA ALA B 887 -40.80 -50.32 -8.61
C ALA B 887 -40.35 -51.44 -7.69
N GLY B 888 -40.59 -52.68 -8.07
CA GLY B 888 -40.31 -53.81 -7.21
C GLY B 888 -39.50 -54.89 -7.88
N ALA B 889 -39.79 -56.15 -7.55
CA ALA B 889 -38.99 -57.24 -8.06
C ALA B 889 -39.05 -57.28 -9.58
N ALA B 890 -37.89 -57.46 -10.21
CA ALA B 890 -37.80 -57.47 -11.66
C ALA B 890 -38.53 -58.69 -12.21
N LEU B 891 -39.35 -58.50 -13.23
CA LEU B 891 -40.25 -59.51 -13.73
C LEU B 891 -39.89 -59.88 -15.16
N GLN B 892 -39.62 -61.15 -15.41
CA GLN B 892 -39.44 -61.63 -16.77
C GLN B 892 -40.75 -61.52 -17.54
N ILE B 893 -40.65 -61.03 -18.77
CA ILE B 893 -41.82 -60.85 -19.63
C ILE B 893 -41.34 -60.74 -21.07
N PRO B 894 -41.99 -61.40 -22.02
CA PRO B 894 -41.44 -61.41 -23.38
C PRO B 894 -41.37 -60.00 -23.96
N PHE B 895 -40.29 -59.73 -24.68
CA PHE B 895 -40.03 -58.35 -25.11
C PHE B 895 -41.13 -57.84 -26.02
N ALA B 896 -41.58 -58.65 -26.97
CA ALA B 896 -42.62 -58.21 -27.88
C ALA B 896 -43.82 -57.69 -27.10
N MET B 897 -44.23 -58.40 -26.07
CA MET B 897 -45.32 -57.91 -25.25
C MET B 897 -44.97 -56.59 -24.61
N GLN B 898 -43.70 -56.35 -24.33
CA GLN B 898 -43.33 -55.09 -23.71
C GLN B 898 -43.51 -53.94 -24.69
N MET B 899 -43.04 -54.10 -25.92
CA MET B 899 -43.35 -53.09 -26.92
C MET B 899 -44.84 -52.94 -27.06
N ALA B 900 -45.60 -54.03 -26.94
CA ALA B 900 -47.04 -53.90 -27.04
C ALA B 900 -47.58 -52.99 -25.96
N TYR B 901 -47.13 -53.19 -24.73
CA TYR B 901 -47.57 -52.31 -23.65
C TYR B 901 -47.22 -50.87 -23.93
N ARG B 902 -45.98 -50.62 -24.38
CA ARG B 902 -45.58 -49.24 -24.59
C ARG B 902 -46.43 -48.60 -25.69
N PHE B 903 -46.71 -49.35 -26.75
CA PHE B 903 -47.64 -48.85 -27.75
C PHE B 903 -48.97 -48.50 -27.12
N ASN B 904 -49.52 -49.39 -26.29
CA ASN B 904 -50.75 -49.06 -25.60
C ASN B 904 -50.60 -47.76 -24.83
N GLY B 905 -49.38 -47.48 -24.38
CA GLY B 905 -49.12 -46.25 -23.66
C GLY B 905 -49.10 -45.02 -24.52
N ILE B 906 -48.78 -45.16 -25.81
CA ILE B 906 -48.75 -43.99 -26.69
C ILE B 906 -49.93 -43.93 -27.64
N GLY B 907 -51.02 -44.63 -27.36
CA GLY B 907 -52.22 -44.47 -28.13
C GLY B 907 -52.32 -45.30 -29.38
N VAL B 908 -51.86 -46.55 -29.35
CA VAL B 908 -51.99 -47.45 -30.48
C VAL B 908 -52.38 -48.81 -29.94
N THR B 909 -53.55 -49.30 -30.34
CA THR B 909 -53.99 -50.60 -29.86
C THR B 909 -52.96 -51.66 -30.20
N GLN B 910 -52.68 -52.52 -29.22
CA GLN B 910 -51.50 -53.35 -29.30
C GLN B 910 -51.47 -54.20 -30.56
N ASN B 911 -52.62 -54.46 -31.17
CA ASN B 911 -52.63 -55.31 -32.35
C ASN B 911 -51.67 -54.82 -33.41
N VAL B 912 -51.47 -53.51 -33.52
CA VAL B 912 -50.61 -52.98 -34.58
C VAL B 912 -49.21 -53.56 -34.47
N LEU B 913 -48.63 -53.56 -33.27
CA LEU B 913 -47.26 -54.03 -33.13
C LEU B 913 -47.12 -55.44 -33.65
N TYR B 914 -47.96 -56.35 -33.17
CA TYR B 914 -47.85 -57.73 -33.61
C TYR B 914 -48.09 -57.85 -35.11
N GLU B 915 -49.09 -57.16 -35.64
CA GLU B 915 -49.35 -57.27 -37.06
C GLU B 915 -48.23 -56.67 -37.89
N ASN B 916 -47.30 -55.96 -37.26
CA ASN B 916 -46.13 -55.41 -37.94
C ASN B 916 -44.86 -55.67 -37.16
N GLN B 917 -44.80 -56.76 -36.40
CA GLN B 917 -43.64 -57.00 -35.55
C GLN B 917 -42.36 -57.00 -36.37
N LYS B 918 -42.34 -57.77 -37.47
CA LYS B 918 -41.13 -57.85 -38.26
C LYS B 918 -40.70 -56.49 -38.77
N LEU B 919 -41.67 -55.70 -39.26
CA LEU B 919 -41.33 -54.38 -39.77
C LEU B 919 -40.71 -53.52 -38.69
N ILE B 920 -41.30 -53.52 -37.50
CA ILE B 920 -40.78 -52.70 -36.43
C ILE B 920 -39.37 -53.15 -36.06
N ALA B 921 -39.17 -54.46 -35.97
CA ALA B 921 -37.84 -54.95 -35.63
C ALA B 921 -36.81 -54.51 -36.65
N ASN B 922 -37.13 -54.66 -37.93
CA ASN B 922 -36.17 -54.30 -38.96
C ASN B 922 -35.86 -52.82 -38.92
N GLN B 923 -36.89 -51.98 -38.76
CA GLN B 923 -36.65 -50.55 -38.71
C GLN B 923 -35.85 -50.18 -37.48
N PHE B 924 -36.08 -50.88 -36.36
CA PHE B 924 -35.33 -50.62 -35.14
C PHE B 924 -33.86 -50.92 -35.36
N ASN B 925 -33.56 -52.06 -35.99
CA ASN B 925 -32.18 -52.39 -36.27
C ASN B 925 -31.56 -51.34 -37.20
N SER B 926 -32.32 -50.91 -38.20
CA SER B 926 -31.81 -49.90 -39.12
C SER B 926 -31.47 -48.62 -38.38
N ALA B 927 -32.34 -48.19 -37.46
CA ALA B 927 -32.09 -46.97 -36.71
C ALA B 927 -30.88 -47.13 -35.80
N ILE B 928 -30.73 -48.30 -35.18
CA ILE B 928 -29.56 -48.53 -34.36
C ILE B 928 -28.29 -48.40 -35.19
N GLY B 929 -28.29 -49.01 -36.38
CA GLY B 929 -27.14 -48.88 -37.26
C GLY B 929 -26.88 -47.43 -37.65
N LYS B 930 -27.95 -46.68 -37.93
CA LYS B 930 -27.79 -45.27 -38.27
C LYS B 930 -27.15 -44.52 -37.12
N ILE B 931 -27.56 -44.80 -35.90
CA ILE B 931 -26.96 -44.15 -34.74
C ILE B 931 -25.49 -44.51 -34.65
N GLN B 932 -25.17 -45.79 -34.85
CA GLN B 932 -23.77 -46.21 -34.81
C GLN B 932 -22.96 -45.40 -35.80
N ASP B 933 -23.45 -45.29 -37.04
CA ASP B 933 -22.71 -44.55 -38.05
C ASP B 933 -22.59 -43.08 -37.70
N SER B 934 -23.67 -42.48 -37.21
CA SER B 934 -23.65 -41.07 -36.87
C SER B 934 -22.61 -40.80 -35.79
N LEU B 935 -22.57 -41.63 -34.75
CA LEU B 935 -21.57 -41.46 -33.72
C LEU B 935 -20.17 -41.69 -34.29
N SER B 936 -20.01 -42.71 -35.14
CA SER B 936 -18.70 -43.01 -35.71
C SER B 936 -18.21 -41.90 -36.61
N SER B 937 -19.10 -41.06 -37.12
CA SER B 937 -18.75 -40.03 -38.08
C SER B 937 -18.79 -38.62 -37.53
N THR B 938 -19.66 -38.33 -36.57
CA THR B 938 -19.86 -36.97 -36.07
C THR B 938 -19.09 -36.82 -34.76
N ALA B 939 -17.95 -36.13 -34.83
CA ALA B 939 -17.19 -35.84 -33.62
C ALA B 939 -17.91 -34.81 -32.76
N SER B 940 -18.59 -33.85 -33.40
CA SER B 940 -19.25 -32.77 -32.66
C SER B 940 -20.41 -33.26 -31.81
N ALA B 941 -20.87 -34.50 -32.00
CA ALA B 941 -22.02 -34.99 -31.26
C ALA B 941 -21.84 -34.82 -29.76
N LEU B 942 -20.62 -35.05 -29.26
CA LEU B 942 -20.33 -34.96 -27.83
C LEU B 942 -19.82 -33.59 -27.41
N GLY B 943 -20.12 -32.55 -28.18
CA GLY B 943 -19.60 -31.24 -27.84
C GLY B 943 -19.96 -30.84 -26.41
N LYS B 944 -21.20 -31.07 -26.01
CA LYS B 944 -21.61 -30.71 -24.66
C LYS B 944 -20.67 -31.29 -23.62
N LEU B 945 -20.22 -32.54 -23.82
CA LEU B 945 -19.21 -33.08 -22.92
C LEU B 945 -17.87 -32.40 -23.14
N GLN B 946 -17.41 -32.38 -24.40
CA GLN B 946 -16.06 -31.90 -24.68
C GLN B 946 -15.85 -30.51 -24.11
N ASP B 947 -16.75 -29.58 -24.44
CA ASP B 947 -16.63 -28.22 -23.93
C ASP B 947 -16.44 -28.24 -22.42
N VAL B 948 -17.28 -28.98 -21.71
CA VAL B 948 -17.15 -29.01 -20.25
C VAL B 948 -15.72 -29.32 -19.88
N VAL B 949 -15.17 -30.42 -20.42
CA VAL B 949 -13.81 -30.77 -20.09
C VAL B 949 -12.89 -29.61 -20.43
N ASN B 950 -12.99 -29.12 -21.67
CA ASN B 950 -12.14 -28.00 -22.06
C ASN B 950 -12.27 -26.87 -21.05
N GLN B 951 -13.50 -26.50 -20.69
CA GLN B 951 -13.67 -25.42 -19.74
C GLN B 951 -12.77 -25.65 -18.53
N ASN B 952 -12.95 -26.78 -17.86
CA ASN B 952 -12.13 -27.04 -16.68
C ASN B 952 -10.66 -26.92 -17.02
N ALA B 953 -10.22 -27.64 -18.07
CA ALA B 953 -8.82 -27.56 -18.44
C ALA B 953 -8.40 -26.12 -18.61
N GLN B 954 -9.15 -25.35 -19.40
CA GLN B 954 -8.76 -23.96 -19.60
C GLN B 954 -8.60 -23.27 -18.27
N ALA B 955 -9.60 -23.36 -17.40
CA ALA B 955 -9.48 -22.71 -16.10
C ALA B 955 -8.19 -23.11 -15.43
N LEU B 956 -7.96 -24.43 -15.33
CA LEU B 956 -6.74 -24.89 -14.68
C LEU B 956 -5.54 -24.23 -15.32
N ASN B 957 -5.42 -24.31 -16.64
CA ASN B 957 -4.29 -23.69 -17.30
C ASN B 957 -4.19 -22.22 -16.91
N THR B 958 -5.30 -21.49 -17.04
CA THR B 958 -5.28 -20.08 -16.65
C THR B 958 -4.74 -19.94 -15.24
N LEU B 959 -5.28 -20.69 -14.30
CA LEU B 959 -4.80 -20.59 -12.92
C LEU B 959 -3.30 -20.77 -12.89
N VAL B 960 -2.80 -21.85 -13.49
CA VAL B 960 -1.37 -22.09 -13.44
C VAL B 960 -0.62 -20.92 -14.05
N LYS B 961 -1.10 -20.43 -15.19
CA LYS B 961 -0.39 -19.35 -15.86
C LYS B 961 -0.33 -18.11 -14.96
N GLN B 962 -1.34 -17.93 -14.11
CA GLN B 962 -1.33 -16.75 -13.25
C GLN B 962 -0.08 -16.70 -12.39
N LEU B 963 0.52 -17.84 -12.06
CA LEU B 963 1.69 -17.82 -11.20
C LEU B 963 2.85 -17.07 -11.84
N SER B 964 2.84 -16.91 -13.16
CA SER B 964 3.89 -16.16 -13.83
C SER B 964 3.73 -14.65 -13.65
N SER B 965 2.60 -14.20 -13.12
CA SER B 965 2.34 -12.78 -13.00
C SER B 965 3.15 -12.16 -11.89
N ASN B 966 3.34 -10.85 -11.98
CA ASN B 966 4.05 -10.10 -10.94
C ASN B 966 3.11 -9.37 -10.00
N PHE B 967 1.98 -8.87 -10.51
CA PHE B 967 1.04 -8.12 -9.70
C PHE B 967 1.73 -6.96 -8.99
N GLY B 968 2.63 -6.29 -9.71
CA GLY B 968 3.36 -5.16 -9.16
C GLY B 968 4.67 -5.53 -8.52
N ALA B 969 4.90 -6.81 -8.25
CA ALA B 969 6.17 -7.23 -7.69
C ALA B 969 7.27 -7.13 -8.74
N ILE B 970 8.51 -7.00 -8.28
CA ILE B 970 9.62 -6.87 -9.20
C ILE B 970 9.81 -8.13 -10.02
N SER B 971 9.42 -9.29 -9.50
CA SER B 971 9.58 -10.53 -10.23
C SER B 971 8.53 -11.52 -9.76
N SER B 972 8.06 -12.36 -10.67
CA SER B 972 7.07 -13.36 -10.33
C SER B 972 7.67 -14.54 -9.54
N VAL B 973 8.98 -14.73 -9.61
CA VAL B 973 9.61 -15.82 -8.89
C VAL B 973 9.86 -15.39 -7.46
N LEU B 974 9.30 -16.16 -6.52
CA LEU B 974 9.42 -15.79 -5.10
C LEU B 974 10.86 -15.89 -4.64
N ASN B 975 11.59 -16.90 -5.09
CA ASN B 975 12.95 -17.12 -4.60
C ASN B 975 13.85 -15.95 -4.96
N ASP B 976 13.66 -15.34 -6.14
CA ASP B 976 14.44 -14.18 -6.50
C ASP B 976 14.21 -13.04 -5.51
N ILE B 977 12.95 -12.79 -5.17
CA ILE B 977 12.65 -11.75 -4.20
C ILE B 977 13.31 -12.07 -2.88
N LEU B 978 13.23 -13.32 -2.44
CA LEU B 978 13.85 -13.69 -1.17
C LEU B 978 15.35 -13.47 -1.20
N SER B 979 15.99 -13.80 -2.32
CA SER B 979 17.44 -13.75 -2.41
C SER B 979 17.98 -12.36 -2.72
N ARG B 980 17.14 -11.43 -3.17
CA ARG B 980 17.61 -10.11 -3.58
C ARG B 980 17.17 -8.97 -2.67
N LEU B 981 16.08 -9.13 -1.92
CA LEU B 981 15.52 -8.05 -1.14
C LEU B 981 15.53 -8.40 0.34
N ASP B 982 15.71 -7.38 1.18
CA ASP B 982 15.69 -7.56 2.61
C ASP B 982 14.25 -7.75 3.10
N PRO B 983 14.07 -8.25 4.32
CA PRO B 983 12.72 -8.52 4.82
C PRO B 983 11.84 -7.30 4.75
N PRO B 984 12.36 -6.10 5.06
CA PRO B 984 11.48 -4.92 5.02
C PRO B 984 10.79 -4.74 3.67
N GLU B 985 11.49 -4.99 2.56
CA GLU B 985 10.90 -4.85 1.23
C GLU B 985 10.42 -6.17 0.65
N ALA B 986 11.15 -7.26 0.93
CA ALA B 986 10.69 -8.57 0.50
C ALA B 986 9.32 -8.86 1.07
N GLU B 987 9.03 -8.39 2.28
CA GLU B 987 7.71 -8.56 2.85
C GLU B 987 6.67 -7.87 2.01
N VAL B 988 6.94 -6.64 1.57
CA VAL B 988 5.98 -5.91 0.75
C VAL B 988 5.74 -6.65 -0.55
N GLN B 989 6.82 -7.11 -1.19
CA GLN B 989 6.67 -7.82 -2.45
C GLN B 989 5.90 -9.11 -2.26
N ILE B 990 6.19 -9.84 -1.20
CA ILE B 990 5.47 -11.08 -0.92
C ILE B 990 4.01 -10.79 -0.64
N ASP B 991 3.72 -9.67 0.02
CA ASP B 991 2.33 -9.29 0.25
C ASP B 991 1.62 -9.06 -1.07
N ARG B 992 2.26 -8.36 -2.00
CA ARG B 992 1.67 -8.17 -3.32
C ARG B 992 1.41 -9.51 -3.98
N LEU B 993 2.40 -10.41 -3.94
CA LEU B 993 2.23 -11.71 -4.57
C LEU B 993 1.09 -12.49 -3.92
N ILE B 994 1.02 -12.47 -2.60
CA ILE B 994 -0.02 -13.19 -1.89
C ILE B 994 -1.38 -12.63 -2.27
N THR B 995 -1.51 -11.31 -2.29
CA THR B 995 -2.79 -10.70 -2.64
C THR B 995 -3.21 -11.12 -4.04
N GLY B 996 -2.31 -10.99 -5.01
CA GLY B 996 -2.66 -11.33 -6.37
C GLY B 996 -3.04 -12.79 -6.53
N ARG B 997 -2.20 -13.68 -5.97
CA ARG B 997 -2.47 -15.10 -6.13
C ARG B 997 -3.73 -15.52 -5.38
N LEU B 998 -3.98 -14.94 -4.21
CA LEU B 998 -5.20 -15.27 -3.48
C LEU B 998 -6.43 -14.81 -4.25
N GLN B 999 -6.37 -13.61 -4.84
CA GLN B 999 -7.50 -13.17 -5.64
C GLN B 999 -7.71 -14.11 -6.82
N SER B 1000 -6.63 -14.53 -7.47
CA SER B 1000 -6.76 -15.47 -8.56
C SER B 1000 -7.40 -16.76 -8.08
N LEU B 1001 -6.97 -17.27 -6.93
CA LEU B 1001 -7.52 -18.50 -6.40
C LEU B 1001 -9.00 -18.35 -6.11
N GLN B 1002 -9.39 -17.23 -5.52
CA GLN B 1002 -10.81 -17.03 -5.22
C GLN B 1002 -11.63 -16.96 -6.50
N THR B 1003 -11.11 -16.28 -7.52
CA THR B 1003 -11.84 -16.24 -8.79
C THR B 1003 -11.98 -17.65 -9.35
N TYR B 1004 -10.91 -18.44 -9.30
CA TYR B 1004 -10.99 -19.80 -9.77
C TYR B 1004 -12.01 -20.60 -8.97
N VAL B 1005 -12.03 -20.41 -7.65
CA VAL B 1005 -12.96 -21.16 -6.82
C VAL B 1005 -14.39 -20.80 -7.17
N THR B 1006 -14.68 -19.52 -7.32
CA THR B 1006 -16.03 -19.13 -7.66
C THR B 1006 -16.42 -19.65 -9.04
N GLN B 1007 -15.51 -19.58 -10.00
CA GLN B 1007 -15.80 -20.16 -11.31
C GLN B 1007 -16.12 -21.64 -11.18
N GLN B 1008 -15.31 -22.36 -10.40
CA GLN B 1008 -15.55 -23.79 -10.23
C GLN B 1008 -16.89 -24.03 -9.57
N LEU B 1009 -17.24 -23.22 -8.58
CA LEU B 1009 -18.51 -23.44 -7.88
C LEU B 1009 -19.68 -23.22 -8.81
N ILE B 1010 -19.63 -22.17 -9.62
CA ILE B 1010 -20.73 -21.92 -10.54
C ILE B 1010 -20.83 -23.03 -11.57
N ARG B 1011 -19.69 -23.44 -12.13
CA ARG B 1011 -19.72 -24.52 -13.10
C ARG B 1011 -20.26 -25.79 -12.47
N ALA B 1012 -19.91 -26.05 -11.22
CA ALA B 1012 -20.39 -27.25 -10.54
C ALA B 1012 -21.88 -27.17 -10.28
N ALA B 1013 -22.39 -25.98 -9.96
CA ALA B 1013 -23.83 -25.85 -9.79
C ALA B 1013 -24.55 -26.15 -11.10
N GLU B 1014 -24.02 -25.64 -12.20
CA GLU B 1014 -24.63 -25.94 -13.49
C GLU B 1014 -24.58 -27.44 -13.78
N ILE B 1015 -23.45 -28.07 -13.52
CA ILE B 1015 -23.33 -29.50 -13.78
C ILE B 1015 -24.29 -30.28 -12.89
N ARG B 1016 -24.44 -29.87 -11.63
CA ARG B 1016 -25.39 -30.56 -10.76
C ARG B 1016 -26.80 -30.43 -11.29
N ALA B 1017 -27.15 -29.24 -11.78
CA ALA B 1017 -28.46 -29.10 -12.41
C ALA B 1017 -28.59 -30.07 -13.56
N SER B 1018 -27.56 -30.16 -14.41
CA SER B 1018 -27.63 -31.04 -15.57
C SER B 1018 -27.78 -32.49 -15.13
N ALA B 1019 -27.06 -32.88 -14.10
CA ALA B 1019 -27.11 -34.27 -13.67
C ALA B 1019 -28.45 -34.59 -13.03
N ASN B 1020 -29.02 -33.65 -12.30
CA ASN B 1020 -30.38 -33.86 -11.80
C ASN B 1020 -31.35 -34.03 -12.96
N LEU B 1021 -31.20 -33.20 -14.00
CA LEU B 1021 -32.01 -33.38 -15.20
C LEU B 1021 -31.83 -34.78 -15.76
N ALA B 1022 -30.58 -35.22 -15.88
CA ALA B 1022 -30.32 -36.55 -16.44
C ALA B 1022 -30.92 -37.63 -15.56
N ALA B 1023 -30.83 -37.47 -14.25
CA ALA B 1023 -31.40 -38.46 -13.35
C ALA B 1023 -32.90 -38.54 -13.52
N THR B 1024 -33.56 -37.38 -13.60
CA THR B 1024 -35.01 -37.41 -13.79
C THR B 1024 -35.35 -38.06 -15.11
N LYS B 1025 -34.56 -37.80 -16.16
CA LYS B 1025 -34.83 -38.44 -17.44
C LYS B 1025 -34.60 -39.94 -17.37
N MET B 1026 -33.57 -40.35 -16.64
CA MET B 1026 -33.31 -41.78 -16.46
C MET B 1026 -34.51 -42.44 -15.79
N SER B 1027 -35.09 -41.75 -14.82
CA SER B 1027 -36.21 -42.32 -14.08
C SER B 1027 -37.49 -42.32 -14.91
N GLU B 1028 -37.77 -41.23 -15.61
CA GLU B 1028 -39.04 -41.05 -16.28
C GLU B 1028 -39.03 -41.61 -17.69
N CYS B 1029 -37.91 -42.01 -18.20
CA CYS B 1029 -37.85 -42.52 -19.55
C CYS B 1029 -37.33 -43.95 -19.62
N VAL B 1030 -36.31 -44.28 -18.85
CA VAL B 1030 -35.76 -45.63 -18.88
C VAL B 1030 -36.59 -46.58 -18.03
N LEU B 1031 -36.61 -46.37 -16.72
CA LEU B 1031 -37.31 -47.29 -15.83
C LEU B 1031 -38.76 -47.43 -16.23
N GLY B 1032 -39.37 -46.38 -16.74
CA GLY B 1032 -40.76 -46.42 -17.14
C GLY B 1032 -40.97 -45.82 -18.52
N GLN B 1033 -42.19 -45.36 -18.79
CA GLN B 1033 -42.51 -44.67 -20.04
C GLN B 1033 -43.23 -43.37 -19.69
N SER B 1034 -42.77 -42.27 -20.27
CA SER B 1034 -43.26 -40.94 -19.93
C SER B 1034 -44.25 -40.44 -20.97
N LYS B 1035 -45.28 -39.76 -20.49
CA LYS B 1035 -46.23 -39.12 -21.39
C LYS B 1035 -45.79 -37.75 -21.87
N ARG B 1036 -44.74 -37.19 -21.27
CA ARG B 1036 -44.36 -35.81 -21.52
C ARG B 1036 -43.81 -35.68 -22.93
N VAL B 1037 -44.51 -34.93 -23.78
CA VAL B 1037 -44.06 -34.77 -25.17
C VAL B 1037 -42.71 -34.09 -25.18
N ASP B 1038 -41.82 -34.56 -26.04
CA ASP B 1038 -40.50 -33.98 -26.22
C ASP B 1038 -39.66 -34.08 -24.94
N PHE B 1039 -40.14 -34.82 -23.94
CA PHE B 1039 -39.32 -35.03 -22.76
C PHE B 1039 -38.38 -36.21 -22.93
N CYS B 1040 -38.77 -37.19 -23.74
CA CYS B 1040 -37.92 -38.31 -24.11
C CYS B 1040 -37.39 -38.15 -25.52
N GLY B 1041 -37.17 -36.91 -25.94
CA GLY B 1041 -36.82 -36.64 -27.32
C GLY B 1041 -38.05 -36.53 -28.20
N LYS B 1042 -37.79 -36.31 -29.49
CA LYS B 1042 -38.86 -35.97 -30.41
C LYS B 1042 -39.86 -37.11 -30.53
N GLY B 1043 -41.13 -36.74 -30.73
CA GLY B 1043 -42.19 -37.68 -31.04
C GLY B 1043 -42.75 -38.36 -29.81
N TYR B 1044 -43.80 -39.14 -30.02
CA TYR B 1044 -44.25 -40.03 -28.96
C TYR B 1044 -43.10 -40.93 -28.58
N HIS B 1045 -42.88 -41.10 -27.29
CA HIS B 1045 -41.72 -41.86 -26.83
C HIS B 1045 -42.09 -43.29 -26.50
N LEU B 1046 -41.25 -44.23 -26.92
CA LEU B 1046 -41.42 -45.64 -26.60
C LEU B 1046 -40.52 -46.05 -25.43
N MET B 1047 -39.22 -45.87 -25.53
CA MET B 1047 -38.34 -46.25 -24.42
C MET B 1047 -36.98 -45.64 -24.66
N SER B 1048 -36.04 -45.99 -23.80
CA SER B 1048 -34.72 -45.41 -23.91
C SER B 1048 -33.70 -46.33 -23.28
N PHE B 1049 -32.48 -46.25 -23.79
CA PHE B 1049 -31.37 -47.04 -23.30
C PHE B 1049 -30.22 -46.10 -22.94
N PRO B 1050 -29.64 -46.19 -21.74
CA PRO B 1050 -28.53 -45.31 -21.39
C PRO B 1050 -27.19 -45.94 -21.76
N GLN B 1051 -26.17 -45.09 -21.84
CA GLN B 1051 -24.82 -45.53 -22.12
C GLN B 1051 -23.84 -44.59 -21.46
N SER B 1052 -22.85 -45.18 -20.79
CA SER B 1052 -21.84 -44.39 -20.12
C SER B 1052 -20.98 -43.67 -21.14
N ALA B 1053 -20.58 -42.45 -20.82
CA ALA B 1053 -19.60 -41.70 -21.57
C ALA B 1053 -18.75 -40.97 -20.57
N PRO B 1054 -17.57 -40.53 -20.96
CA PRO B 1054 -16.68 -39.92 -19.97
C PRO B 1054 -17.39 -38.81 -19.20
N HIS B 1055 -17.63 -39.03 -17.91
CA HIS B 1055 -18.25 -38.04 -17.05
C HIS B 1055 -19.64 -37.65 -17.54
N GLY B 1056 -20.34 -38.53 -18.24
CA GLY B 1056 -21.59 -38.12 -18.83
C GLY B 1056 -22.44 -39.28 -19.26
N VAL B 1057 -23.67 -38.96 -19.65
CA VAL B 1057 -24.68 -39.96 -19.99
C VAL B 1057 -25.16 -39.70 -21.41
N VAL B 1058 -25.22 -40.77 -22.21
CA VAL B 1058 -25.75 -40.72 -23.57
C VAL B 1058 -26.97 -41.62 -23.65
N PHE B 1059 -28.11 -41.04 -23.99
CA PHE B 1059 -29.37 -41.76 -24.08
C PHE B 1059 -29.73 -42.02 -25.53
N LEU B 1060 -30.12 -43.25 -25.81
CA LEU B 1060 -30.74 -43.61 -27.07
C LEU B 1060 -32.24 -43.64 -26.81
N HIS B 1061 -32.93 -42.60 -27.27
CA HIS B 1061 -34.38 -42.55 -27.21
C HIS B 1061 -34.95 -43.25 -28.44
N VAL B 1062 -35.68 -44.32 -28.23
CA VAL B 1062 -36.41 -44.99 -29.29
C VAL B 1062 -37.84 -44.50 -29.23
N THR B 1063 -38.30 -43.89 -30.33
CA THR B 1063 -39.56 -43.18 -30.36
C THR B 1063 -40.36 -43.54 -31.60
N TYR B 1064 -41.66 -43.31 -31.54
CA TYR B 1064 -42.59 -43.64 -32.61
C TYR B 1064 -43.04 -42.35 -33.27
N VAL B 1065 -43.01 -42.30 -34.60
CA VAL B 1065 -43.38 -41.08 -35.31
C VAL B 1065 -44.23 -41.42 -36.53
N PRO B 1066 -45.39 -40.79 -36.72
CA PRO B 1066 -46.19 -41.06 -37.92
C PRO B 1066 -45.43 -40.63 -39.17
N ALA B 1067 -45.70 -41.31 -40.28
CA ALA B 1067 -44.93 -41.11 -41.50
C ALA B 1067 -45.77 -40.55 -42.65
N GLN B 1068 -46.76 -41.29 -43.15
CA GLN B 1068 -47.54 -40.89 -44.30
C GLN B 1068 -48.94 -40.51 -43.84
N GLU B 1069 -49.51 -39.50 -44.50
CA GLU B 1069 -50.78 -38.93 -44.10
C GLU B 1069 -51.82 -39.18 -45.18
N LYS B 1070 -53.07 -39.27 -44.78
CA LYS B 1070 -54.17 -39.33 -45.72
C LYS B 1070 -55.32 -38.46 -45.21
N ASN B 1071 -55.91 -37.70 -46.13
CA ASN B 1071 -57.05 -36.85 -45.82
C ASN B 1071 -58.30 -37.70 -45.70
N PHE B 1072 -59.20 -37.29 -44.82
CA PHE B 1072 -60.51 -37.91 -44.69
C PHE B 1072 -61.51 -36.88 -44.24
N THR B 1073 -62.78 -37.14 -44.55
CA THR B 1073 -63.86 -36.31 -44.06
C THR B 1073 -64.35 -36.88 -42.75
N THR B 1074 -64.55 -36.00 -41.78
CA THR B 1074 -64.88 -36.39 -40.41
C THR B 1074 -66.24 -35.84 -40.01
N ALA B 1075 -66.68 -36.24 -38.84
CA ALA B 1075 -67.91 -35.73 -38.26
C ALA B 1075 -67.98 -36.13 -36.80
N PRO B 1076 -68.23 -35.19 -35.87
CA PRO B 1076 -68.10 -35.52 -34.45
C PRO B 1076 -69.05 -36.59 -33.98
N ALA B 1077 -70.12 -36.88 -34.71
CA ALA B 1077 -71.08 -37.85 -34.22
C ALA B 1077 -71.89 -38.40 -35.38
N ILE B 1078 -72.70 -39.41 -35.09
CA ILE B 1078 -73.48 -40.11 -36.10
C ILE B 1078 -74.90 -40.29 -35.60
N CYS B 1079 -75.87 -40.05 -36.48
CA CYS B 1079 -77.28 -40.20 -36.16
C CYS B 1079 -77.80 -41.48 -36.79
N HIS B 1080 -78.40 -42.34 -35.96
CA HIS B 1080 -78.95 -43.60 -36.41
C HIS B 1080 -80.47 -43.60 -36.37
N ASP B 1081 -81.06 -43.31 -35.22
CA ASP B 1081 -82.51 -43.29 -35.07
C ASP B 1081 -82.96 -42.06 -34.29
N GLY B 1082 -82.37 -40.90 -34.59
CA GLY B 1082 -82.59 -39.70 -33.83
C GLY B 1082 -81.65 -39.55 -32.65
N LYS B 1083 -81.09 -40.65 -32.17
CA LYS B 1083 -80.07 -40.59 -31.13
C LYS B 1083 -78.74 -40.17 -31.73
N ALA B 1084 -77.90 -39.59 -30.88
CA ALA B 1084 -76.54 -39.26 -31.26
C ALA B 1084 -75.61 -40.32 -30.71
N HIS B 1085 -74.72 -40.83 -31.57
CA HIS B 1085 -73.72 -41.82 -31.18
C HIS B 1085 -72.35 -41.18 -31.24
N PHE B 1086 -71.49 -41.50 -30.27
CA PHE B 1086 -70.16 -40.94 -30.24
C PHE B 1086 -69.14 -42.06 -30.04
N PRO B 1087 -68.01 -42.02 -30.75
CA PRO B 1087 -67.03 -43.11 -30.62
C PRO B 1087 -66.58 -43.30 -29.18
N ARG B 1088 -66.49 -44.56 -28.76
CA ARG B 1088 -65.87 -44.86 -27.47
C ARG B 1088 -64.41 -44.40 -27.46
N GLU B 1089 -63.69 -44.68 -28.53
CA GLU B 1089 -62.34 -44.22 -28.72
C GLU B 1089 -62.14 -43.93 -30.20
N GLY B 1090 -61.19 -43.06 -30.49
CA GLY B 1090 -60.93 -42.72 -31.86
C GLY B 1090 -61.99 -41.78 -32.42
N VAL B 1091 -61.93 -41.55 -33.73
CA VAL B 1091 -62.83 -40.64 -34.39
C VAL B 1091 -63.38 -41.28 -35.64
N PHE B 1092 -64.44 -40.67 -36.15
CA PHE B 1092 -65.07 -41.15 -37.37
C PHE B 1092 -64.33 -40.59 -38.58
N VAL B 1093 -64.45 -41.31 -39.69
CA VAL B 1093 -63.92 -40.87 -40.97
C VAL B 1093 -64.82 -41.41 -42.06
N SER B 1094 -64.67 -40.89 -43.26
CA SER B 1094 -65.31 -41.45 -44.44
C SER B 1094 -64.37 -41.33 -45.62
N ASN B 1095 -64.26 -42.41 -46.39
CA ASN B 1095 -63.50 -42.38 -47.64
C ASN B 1095 -64.32 -41.80 -48.78
N GLY B 1096 -65.40 -41.08 -48.46
CA GLY B 1096 -66.25 -40.47 -49.45
C GLY B 1096 -67.52 -41.24 -49.74
N THR B 1097 -67.57 -42.52 -49.38
CA THR B 1097 -68.72 -43.35 -49.66
C THR B 1097 -69.27 -44.03 -48.42
N HIS B 1098 -68.42 -44.44 -47.50
CA HIS B 1098 -68.82 -45.15 -46.30
C HIS B 1098 -68.13 -44.52 -45.10
N TRP B 1099 -68.77 -44.64 -43.95
CA TRP B 1099 -68.22 -44.12 -42.71
C TRP B 1099 -67.64 -45.25 -41.87
N PHE B 1100 -66.63 -44.91 -41.08
CA PHE B 1100 -65.99 -45.89 -40.21
C PHE B 1100 -65.45 -45.16 -38.99
N VAL B 1101 -65.11 -45.93 -37.97
CA VAL B 1101 -64.45 -45.42 -36.77
C VAL B 1101 -63.02 -45.95 -36.77
N THR B 1102 -62.07 -45.10 -36.38
CA THR B 1102 -60.69 -45.52 -36.36
C THR B 1102 -59.97 -44.92 -35.17
N GLN B 1103 -58.92 -45.62 -34.75
CA GLN B 1103 -58.06 -45.15 -33.68
C GLN B 1103 -57.24 -43.96 -34.15
N ARG B 1104 -56.73 -43.19 -33.19
CA ARG B 1104 -56.39 -41.81 -33.49
C ARG B 1104 -55.08 -41.69 -34.25
N ASN B 1105 -54.11 -42.57 -34.02
CA ASN B 1105 -52.77 -42.37 -34.52
C ASN B 1105 -52.31 -43.43 -35.50
N PHE B 1106 -53.22 -44.23 -36.05
CA PHE B 1106 -52.85 -45.16 -37.12
C PHE B 1106 -54.12 -45.64 -37.80
N TYR B 1107 -54.26 -45.30 -39.08
CA TYR B 1107 -55.48 -45.64 -39.80
C TYR B 1107 -55.74 -47.12 -39.70
N GLU B 1108 -56.95 -47.49 -39.32
CA GLU B 1108 -57.34 -48.89 -39.27
C GLU B 1108 -58.86 -48.96 -39.22
N PRO B 1109 -59.54 -48.66 -40.32
CA PRO B 1109 -60.99 -48.52 -40.27
C PRO B 1109 -61.66 -49.77 -39.76
N GLN B 1110 -62.70 -49.58 -38.97
CA GLN B 1110 -63.51 -50.67 -38.44
C GLN B 1110 -64.97 -50.32 -38.61
N ILE B 1111 -65.82 -51.34 -38.73
CA ILE B 1111 -67.25 -51.11 -38.94
C ILE B 1111 -67.87 -50.62 -37.64
N ILE B 1112 -68.63 -49.54 -37.73
CA ILE B 1112 -69.18 -48.88 -36.55
C ILE B 1112 -70.31 -49.74 -35.99
N THR B 1113 -70.31 -49.92 -34.67
CA THR B 1113 -71.31 -50.71 -33.99
C THR B 1113 -71.58 -50.12 -32.62
N THR B 1114 -72.62 -50.62 -31.96
CA THR B 1114 -72.94 -50.15 -30.62
C THR B 1114 -71.80 -50.39 -29.66
N ASP B 1115 -70.91 -51.32 -29.95
CA ASP B 1115 -69.76 -51.59 -29.10
C ASP B 1115 -68.58 -50.68 -29.39
N ASN B 1116 -68.68 -49.81 -30.40
CA ASN B 1116 -67.65 -48.83 -30.68
C ASN B 1116 -68.01 -47.43 -30.22
N THR B 1117 -69.29 -47.16 -30.01
CA THR B 1117 -69.76 -45.84 -29.61
C THR B 1117 -70.67 -45.98 -28.41
N PHE B 1118 -71.13 -44.83 -27.92
CA PHE B 1118 -72.15 -44.78 -26.89
C PHE B 1118 -73.14 -43.69 -27.22
N VAL B 1119 -74.33 -43.81 -26.64
CA VAL B 1119 -75.47 -42.94 -26.92
C VAL B 1119 -75.44 -41.77 -25.97
N SER B 1120 -75.85 -40.60 -26.45
CA SER B 1120 -75.92 -39.41 -25.61
C SER B 1120 -76.82 -38.39 -26.29
N GLY B 1121 -77.88 -37.98 -25.59
CA GLY B 1121 -78.69 -36.88 -26.08
C GLY B 1121 -79.42 -37.22 -27.38
N ASN B 1122 -79.70 -36.18 -28.16
CA ASN B 1122 -80.42 -36.31 -29.42
C ASN B 1122 -79.60 -35.66 -30.52
N CYS B 1123 -80.14 -35.68 -31.74
CA CYS B 1123 -79.40 -35.25 -32.90
C CYS B 1123 -79.62 -33.79 -33.28
N ASP B 1124 -80.38 -33.04 -32.49
CA ASP B 1124 -80.62 -31.63 -32.78
C ASP B 1124 -79.63 -30.70 -32.09
N VAL B 1125 -78.69 -31.23 -31.33
CA VAL B 1125 -77.80 -30.43 -30.50
C VAL B 1125 -76.39 -30.39 -31.10
N VAL B 1126 -75.83 -31.53 -31.41
CA VAL B 1126 -74.43 -31.63 -31.78
C VAL B 1126 -74.20 -30.93 -33.11
N ILE B 1127 -73.07 -30.24 -33.23
CA ILE B 1127 -72.74 -29.52 -34.45
C ILE B 1127 -72.00 -30.46 -35.41
N GLY B 1128 -72.35 -30.39 -36.68
CA GLY B 1128 -71.65 -31.16 -37.69
C GLY B 1128 -72.06 -32.61 -37.78
N ILE B 1129 -73.01 -33.05 -36.97
CA ILE B 1129 -73.42 -34.45 -37.00
C ILE B 1129 -73.93 -34.79 -38.39
N VAL B 1130 -73.76 -36.05 -38.79
CA VAL B 1130 -74.16 -36.50 -40.11
C VAL B 1130 -74.95 -37.79 -39.98
N ASN B 1131 -75.70 -38.09 -41.03
CA ASN B 1131 -76.59 -39.25 -41.04
C ASN B 1131 -75.86 -40.50 -41.51
N ASN B 1132 -76.07 -41.60 -40.81
CA ASN B 1132 -75.49 -42.88 -41.18
C ASN B 1132 -76.24 -43.96 -40.39
N THR B 1133 -75.92 -45.23 -40.66
CA THR B 1133 -76.52 -46.35 -39.97
C THR B 1133 -75.47 -47.04 -39.12
N VAL B 1134 -75.90 -47.50 -37.94
CA VAL B 1134 -75.04 -48.25 -37.03
C VAL B 1134 -75.46 -49.71 -37.07
N TYR B 1135 -74.52 -50.58 -37.39
CA TYR B 1135 -74.79 -52.00 -37.40
C TYR B 1135 -74.94 -52.53 -35.99
N ASP B 1136 -75.91 -53.43 -35.78
CA ASP B 1136 -76.11 -54.06 -34.49
C ASP B 1136 -75.63 -55.50 -34.54
N PRO B 1137 -74.56 -55.86 -33.82
CA PRO B 1137 -74.18 -57.27 -33.77
C PRO B 1137 -75.27 -58.16 -33.19
N LEU B 1138 -76.07 -57.64 -32.26
CA LEU B 1138 -77.08 -58.47 -31.62
C LEU B 1138 -78.19 -58.86 -32.58
N GLN B 1139 -78.56 -57.97 -33.49
CA GLN B 1139 -79.75 -58.18 -34.30
C GLN B 1139 -79.71 -59.48 -35.11
N PRO B 1140 -78.67 -59.76 -35.89
CA PRO B 1140 -78.69 -60.98 -36.71
C PRO B 1140 -78.82 -62.25 -35.89
N GLU B 1141 -78.24 -62.27 -34.68
CA GLU B 1141 -78.32 -63.46 -33.86
C GLU B 1141 -79.77 -63.78 -33.50
N LEU B 1142 -80.54 -62.77 -33.12
CA LEU B 1142 -81.96 -62.98 -32.84
C LEU B 1142 -82.74 -63.24 -34.11
N ASP B 1143 -82.33 -62.63 -35.23
CA ASP B 1143 -83.04 -62.84 -36.49
C ASP B 1143 -83.00 -64.30 -36.90
N SER B 1144 -81.85 -64.94 -36.77
CA SER B 1144 -81.71 -66.35 -37.13
C SER B 1144 -82.28 -67.24 -36.03
N CYS C 15 -19.01 59.24 10.16
CA CYS C 15 -20.13 58.55 10.78
C CYS C 15 -21.10 59.55 11.40
N VAL C 16 -22.39 59.24 11.35
CA VAL C 16 -23.42 60.04 12.00
C VAL C 16 -23.79 59.35 13.32
N ASN C 17 -23.69 60.10 14.42
CA ASN C 17 -23.96 59.57 15.74
C ASN C 17 -25.43 59.74 16.09
N PHE C 18 -25.99 58.73 16.76
CA PHE C 18 -27.37 58.76 17.21
C PHE C 18 -27.39 58.61 18.72
N THR C 19 -27.98 59.60 19.41
CA THR C 19 -28.04 59.55 20.86
C THR C 19 -28.92 58.40 21.34
N THR C 20 -30.03 58.15 20.66
CA THR C 20 -30.98 57.10 21.02
C THR C 20 -30.81 55.95 20.03
N ARG C 21 -30.22 54.86 20.48
CA ARG C 21 -30.02 53.66 19.67
C ARG C 21 -30.88 52.54 20.25
N THR C 22 -31.75 51.98 19.41
CA THR C 22 -32.64 50.90 19.82
C THR C 22 -32.73 49.89 18.69
N GLN C 23 -33.44 48.80 18.97
CA GLN C 23 -33.63 47.73 18.00
C GLN C 23 -34.87 46.94 18.35
N LEU C 24 -35.65 46.60 17.32
CA LEU C 24 -36.87 45.83 17.54
C LEU C 24 -36.52 44.42 18.00
N PRO C 25 -37.34 43.80 18.85
CA PRO C 25 -37.03 42.45 19.29
C PRO C 25 -37.11 41.48 18.13
N PRO C 26 -36.40 40.35 18.21
CA PRO C 26 -36.47 39.36 17.14
C PRO C 26 -37.84 38.71 17.06
N ALA C 27 -38.16 38.18 15.88
CA ALA C 27 -39.38 37.41 15.70
C ALA C 27 -39.03 36.06 15.07
N TYR C 28 -39.85 35.05 15.36
CA TYR C 28 -39.58 33.69 14.94
C TYR C 28 -40.66 33.19 14.00
N THR C 29 -40.24 32.47 12.96
CA THR C 29 -41.16 31.89 11.98
C THR C 29 -40.56 30.58 11.48
N ASN C 30 -41.21 29.98 10.49
CA ASN C 30 -40.85 28.68 9.97
C ASN C 30 -40.30 28.80 8.57
N SER C 31 -39.30 28.00 8.26
CA SER C 31 -38.63 28.05 6.97
C SER C 31 -39.40 27.34 5.87
N PHE C 32 -40.39 26.52 6.21
CA PHE C 32 -41.15 25.78 5.21
C PHE C 32 -40.23 24.91 4.36
N THR C 33 -40.04 25.27 3.08
CA THR C 33 -39.25 24.44 2.19
C THR C 33 -38.40 25.26 1.21
N ARG C 34 -38.12 26.51 1.54
CA ARG C 34 -37.29 27.33 0.68
C ARG C 34 -35.83 26.95 0.88
N GLY C 35 -34.91 27.78 0.39
CA GLY C 35 -33.50 27.61 0.66
C GLY C 35 -32.74 26.75 -0.32
N VAL C 36 -33.39 26.20 -1.34
CA VAL C 36 -32.68 25.35 -2.29
C VAL C 36 -31.95 26.22 -3.29
N TYR C 37 -30.67 25.92 -3.50
CA TYR C 37 -29.85 26.64 -4.46
C TYR C 37 -29.01 25.64 -5.24
N TYR C 38 -28.71 25.98 -6.48
CA TYR C 38 -27.99 25.05 -7.33
C TYR C 38 -26.64 24.73 -6.73
N PRO C 39 -26.32 23.48 -6.45
CA PRO C 39 -25.05 23.19 -5.78
C PRO C 39 -23.85 23.51 -6.65
N ASP C 40 -23.92 23.14 -7.92
CA ASP C 40 -22.86 23.40 -8.88
C ASP C 40 -23.45 24.05 -10.12
N LYS C 41 -22.65 24.10 -11.18
CA LYS C 41 -23.07 24.61 -12.47
C LYS C 41 -23.20 23.50 -13.52
N VAL C 42 -23.62 22.31 -13.11
CA VAL C 42 -23.71 21.17 -13.99
C VAL C 42 -25.17 21.00 -14.41
N PHE C 43 -25.42 21.02 -15.71
CA PHE C 43 -26.75 20.81 -16.23
C PHE C 43 -27.11 19.34 -16.19
N ARG C 44 -28.34 19.05 -15.80
CA ARG C 44 -28.87 17.70 -15.84
C ARG C 44 -30.32 17.76 -16.25
N SER C 45 -30.74 16.85 -17.13
CA SER C 45 -32.08 16.87 -17.70
C SER C 45 -32.86 15.67 -17.20
N SER C 46 -34.04 15.92 -16.63
CA SER C 46 -34.98 14.88 -16.24
C SER C 46 -34.28 13.79 -15.44
N VAL C 47 -33.85 14.15 -14.24
CA VAL C 47 -33.11 13.22 -13.40
C VAL C 47 -33.15 13.72 -11.96
N LEU C 48 -33.04 12.77 -11.04
CA LEU C 48 -32.94 13.07 -9.62
C LEU C 48 -31.48 12.93 -9.21
N HIS C 49 -30.98 13.93 -8.51
CA HIS C 49 -29.58 14.02 -8.14
C HIS C 49 -29.46 14.15 -6.63
N SER C 50 -28.56 13.37 -6.04
CA SER C 50 -28.34 13.36 -4.60
C SER C 50 -27.02 14.05 -4.31
N THR C 51 -27.02 14.94 -3.31
CA THR C 51 -25.79 15.64 -2.97
C THR C 51 -25.84 16.10 -1.52
N GLN C 52 -24.65 16.17 -0.90
CA GLN C 52 -24.52 16.61 0.49
C GLN C 52 -23.80 17.96 0.49
N ASP C 53 -24.43 18.96 1.10
CA ASP C 53 -23.85 20.29 1.17
C ASP C 53 -24.53 21.05 2.31
N LEU C 54 -24.16 22.31 2.49
CA LEU C 54 -24.75 23.16 3.51
C LEU C 54 -26.07 23.69 2.97
N PHE C 55 -27.17 23.20 3.55
CA PHE C 55 -28.51 23.62 3.16
C PHE C 55 -29.26 24.13 4.37
N LEU C 56 -30.29 24.93 4.12
CA LEU C 56 -31.20 25.33 5.18
C LEU C 56 -32.16 24.17 5.45
N PRO C 57 -32.03 23.47 6.56
CA PRO C 57 -32.88 22.30 6.78
C PRO C 57 -34.35 22.67 6.75
N PHE C 58 -35.15 21.79 6.16
CA PHE C 58 -36.57 22.08 5.96
C PHE C 58 -37.26 22.36 7.29
N PHE C 59 -38.20 23.30 7.26
CA PHE C 59 -39.02 23.63 8.42
C PHE C 59 -38.15 23.94 9.64
N SER C 60 -37.06 24.66 9.38
CA SER C 60 -36.19 25.13 10.44
C SER C 60 -36.67 26.47 10.97
N ASN C 61 -36.21 26.80 12.17
CA ASN C 61 -36.51 28.11 12.75
C ASN C 61 -35.94 29.20 11.85
N VAL C 62 -36.61 30.34 11.81
CA VAL C 62 -36.14 31.50 11.07
C VAL C 62 -36.34 32.74 11.96
N THR C 63 -35.30 33.55 12.07
CA THR C 63 -35.37 34.78 12.85
C THR C 63 -35.49 35.97 11.92
N TRP C 64 -36.54 36.76 12.08
CA TRP C 64 -36.82 37.86 11.18
C TRP C 64 -37.09 39.14 11.97
N PHE C 65 -36.76 40.26 11.32
CA PHE C 65 -36.87 41.58 11.91
C PHE C 65 -37.32 42.58 10.86
N HIS C 66 -37.43 43.85 11.26
CA HIS C 66 -37.81 44.95 10.40
C HIS C 66 -36.65 45.93 10.27
N ALA C 67 -36.65 46.68 9.18
CA ALA C 67 -35.62 47.67 8.93
C ALA C 67 -36.24 49.07 8.82
N LYS C 77 -35.99 58.36 16.99
CA LYS C 77 -35.31 57.18 17.54
C LYS C 77 -34.64 56.39 16.42
N ARG C 78 -33.39 56.02 16.65
CA ARG C 78 -32.60 55.27 15.68
C ARG C 78 -32.76 53.78 15.99
N PHE C 79 -33.52 53.08 15.15
CA PHE C 79 -33.67 51.63 15.26
C PHE C 79 -32.55 50.99 14.46
N ALA C 80 -31.57 50.41 15.16
CA ALA C 80 -30.38 49.88 14.53
C ALA C 80 -30.50 48.37 14.35
N ASN C 81 -30.04 47.90 13.20
CA ASN C 81 -30.04 46.47 12.93
C ASN C 81 -29.06 45.77 13.88
N PRO C 82 -29.36 44.54 14.29
CA PRO C 82 -28.45 43.84 15.20
C PRO C 82 -27.37 43.08 14.44
N VAL C 83 -26.31 42.75 15.17
CA VAL C 83 -25.24 41.93 14.64
C VAL C 83 -25.57 40.47 14.93
N LEU C 84 -25.55 39.64 13.89
CA LEU C 84 -25.92 38.24 14.03
C LEU C 84 -24.77 37.34 13.60
N PRO C 85 -24.65 36.15 14.19
CA PRO C 85 -23.57 35.24 13.79
C PRO C 85 -23.76 34.75 12.37
N PHE C 86 -22.64 34.30 11.79
CA PHE C 86 -22.66 33.71 10.45
C PHE C 86 -22.65 32.19 10.48
N ASN C 87 -22.02 31.59 11.48
CA ASN C 87 -21.89 30.13 11.57
C ASN C 87 -21.16 29.67 10.30
N ASP C 88 -21.64 28.68 9.57
CA ASP C 88 -20.98 28.19 8.37
C ASP C 88 -21.66 28.65 7.09
N GLY C 89 -22.69 29.46 7.18
CA GLY C 89 -23.47 29.87 6.03
C GLY C 89 -24.83 30.37 6.47
N VAL C 90 -25.38 31.29 5.70
CA VAL C 90 -26.61 31.96 6.08
C VAL C 90 -27.53 32.08 4.87
N TYR C 91 -28.81 31.78 5.09
CA TYR C 91 -29.87 32.03 4.14
C TYR C 91 -30.61 33.29 4.57
N PHE C 92 -30.40 34.38 3.83
CA PHE C 92 -31.02 35.66 4.12
C PHE C 92 -32.15 35.90 3.13
N ALA C 93 -33.18 36.61 3.57
CA ALA C 93 -34.32 36.94 2.70
C ALA C 93 -34.83 38.32 3.05
N SER C 94 -35.42 38.98 2.06
CA SER C 94 -36.03 40.29 2.26
C SER C 94 -37.33 40.37 1.47
N THR C 95 -38.33 41.00 2.08
CA THR C 95 -39.62 41.22 1.42
C THR C 95 -39.93 42.70 1.53
N GLU C 96 -39.91 43.39 0.39
CA GLU C 96 -40.09 44.84 0.41
C GLU C 96 -40.60 45.29 -0.94
N LYS C 97 -41.17 46.50 -0.98
CA LYS C 97 -41.61 47.07 -2.26
C LYS C 97 -40.46 47.77 -2.96
N SER C 98 -39.88 48.76 -2.30
CA SER C 98 -38.67 49.42 -2.81
C SER C 98 -37.44 48.70 -2.27
N ASN C 99 -36.31 48.92 -2.95
CA ASN C 99 -35.07 48.25 -2.58
C ASN C 99 -34.54 48.88 -1.30
N ILE C 100 -35.21 48.57 -0.20
CA ILE C 100 -34.79 49.10 1.10
C ILE C 100 -33.46 48.48 1.52
N ILE C 101 -33.35 47.16 1.42
CA ILE C 101 -32.13 46.46 1.79
C ILE C 101 -31.08 46.73 0.73
N ARG C 102 -29.89 47.16 1.16
CA ARG C 102 -28.82 47.47 0.22
C ARG C 102 -27.62 46.54 0.32
N GLY C 103 -27.36 45.96 1.49
CA GLY C 103 -26.23 45.08 1.61
C GLY C 103 -25.95 44.73 3.06
N TRP C 104 -24.76 44.18 3.27
CA TRP C 104 -24.38 43.66 4.58
C TRP C 104 -22.89 43.85 4.78
N ILE C 105 -22.47 43.64 6.03
CA ILE C 105 -21.08 43.65 6.43
C ILE C 105 -20.79 42.32 7.12
N PHE C 106 -19.66 41.71 6.77
CA PHE C 106 -19.30 40.39 7.26
C PHE C 106 -17.91 40.40 7.86
N GLY C 107 -17.72 39.55 8.86
CA GLY C 107 -16.43 39.42 9.51
C GLY C 107 -16.59 38.73 10.85
N THR C 108 -15.52 38.81 11.64
CA THR C 108 -15.49 38.27 12.99
C THR C 108 -15.42 39.39 14.03
N THR C 109 -14.41 40.24 13.94
CA THR C 109 -14.30 41.40 14.83
C THR C 109 -15.02 42.62 14.28
N LEU C 110 -15.19 42.71 12.97
CA LEU C 110 -15.89 43.82 12.34
C LEU C 110 -15.27 45.16 12.74
N ASP C 111 -13.93 45.17 12.82
CA ASP C 111 -13.20 46.37 13.21
C ASP C 111 -11.96 46.46 12.32
N SER C 112 -11.14 47.49 12.57
CA SER C 112 -9.89 47.63 11.85
C SER C 112 -8.86 46.57 12.23
N LYS C 113 -9.06 45.88 13.36
CA LYS C 113 -8.11 44.87 13.79
C LYS C 113 -8.05 43.70 12.81
N THR C 114 -9.19 43.34 12.22
CA THR C 114 -9.28 42.21 11.32
C THR C 114 -9.86 42.66 9.99
N GLN C 115 -9.52 41.94 8.94
CA GLN C 115 -10.11 42.19 7.63
C GLN C 115 -11.61 41.93 7.69
N SER C 116 -12.36 42.75 6.95
CA SER C 116 -13.81 42.69 6.96
C SER C 116 -14.34 42.89 5.55
N LEU C 117 -15.42 42.17 5.24
CA LEU C 117 -16.08 42.24 3.94
C LEU C 117 -17.26 43.20 4.03
N LEU C 118 -17.50 43.94 2.96
CA LEU C 118 -18.60 44.88 2.86
C LEU C 118 -19.22 44.73 1.47
N ILE C 119 -20.49 44.36 1.42
CA ILE C 119 -21.22 44.22 0.16
C ILE C 119 -22.37 45.21 0.22
N VAL C 120 -22.54 46.00 -0.85
CA VAL C 120 -23.62 46.98 -0.93
C VAL C 120 -24.04 47.13 -2.38
N ASN C 121 -25.25 47.64 -2.58
CA ASN C 121 -25.82 47.89 -3.90
C ASN C 121 -26.40 49.29 -3.90
N ASN C 122 -25.59 50.27 -4.27
CA ASN C 122 -26.03 51.65 -4.31
C ASN C 122 -26.79 51.92 -5.61
N ALA C 123 -27.31 53.14 -5.76
CA ALA C 123 -28.09 53.48 -6.94
C ALA C 123 -27.27 53.32 -8.22
N THR C 124 -25.95 53.48 -8.12
CA THR C 124 -25.12 53.37 -9.31
C THR C 124 -24.85 51.91 -9.67
N ASN C 125 -24.26 51.16 -8.74
CA ASN C 125 -23.86 49.78 -9.02
C ASN C 125 -23.61 49.07 -7.70
N VAL C 126 -23.10 47.85 -7.79
CA VAL C 126 -22.83 47.01 -6.62
C VAL C 126 -21.35 47.11 -6.28
N VAL C 127 -21.05 47.32 -5.00
CA VAL C 127 -19.68 47.50 -4.52
C VAL C 127 -19.40 46.43 -3.47
N ILE C 128 -18.28 45.73 -3.63
CA ILE C 128 -17.84 44.70 -2.70
C ILE C 128 -16.38 44.96 -2.37
N LYS C 129 -16.09 45.21 -1.11
CA LYS C 129 -14.74 45.56 -0.68
C LYS C 129 -14.37 44.80 0.58
N VAL C 130 -13.15 44.25 0.58
CA VAL C 130 -12.59 43.57 1.74
C VAL C 130 -11.41 44.40 2.21
N CYS C 131 -11.56 45.02 3.39
CA CYS C 131 -10.55 45.92 3.96
C CYS C 131 -10.68 45.88 5.47
N GLU C 132 -9.68 46.46 6.15
CA GLU C 132 -9.72 46.58 7.61
C GLU C 132 -10.57 47.79 7.98
N PHE C 133 -11.87 47.65 7.71
CA PHE C 133 -12.79 48.76 7.92
C PHE C 133 -12.97 49.04 9.41
N GLN C 134 -13.21 50.31 9.74
CA GLN C 134 -13.65 50.72 11.07
C GLN C 134 -15.10 51.17 10.92
N PHE C 135 -16.02 50.23 11.09
CA PHE C 135 -17.42 50.47 10.78
C PHE C 135 -18.03 51.47 11.75
N CYS C 136 -19.02 52.22 11.26
CA CYS C 136 -19.74 53.16 12.09
C CYS C 136 -20.65 52.43 13.07
N ASN C 137 -21.00 53.12 14.16
CA ASN C 137 -21.93 52.56 15.13
C ASN C 137 -23.28 52.29 14.50
N ASP C 138 -23.77 53.22 13.68
CA ASP C 138 -25.07 53.11 13.02
C ASP C 138 -24.86 53.32 11.53
N PRO C 139 -24.53 52.27 10.80
CA PRO C 139 -24.33 52.42 9.34
C PRO C 139 -25.54 53.08 8.70
N PHE C 140 -25.29 54.19 8.01
CA PHE C 140 -26.36 55.05 7.50
C PHE C 140 -26.27 55.17 5.99
N LEU C 141 -27.42 55.01 5.34
CA LEU C 141 -27.57 55.23 3.91
C LEU C 141 -28.83 56.08 3.74
N GLY C 142 -28.69 57.27 3.19
CA GLY C 142 -29.77 58.24 3.14
C GLY C 142 -30.14 58.60 1.72
N VAL C 143 -31.43 58.84 1.52
CA VAL C 143 -31.97 59.34 0.25
C VAL C 143 -32.88 60.52 0.56
N TYR C 144 -32.99 61.43 -0.39
CA TYR C 144 -33.82 62.61 -0.25
C TYR C 144 -34.59 62.81 -1.56
N TYR C 145 -35.75 63.45 -1.45
CA TYR C 145 -36.58 63.73 -2.61
C TYR C 145 -36.49 65.20 -3.01
N SER C 151 -37.82 62.71 -7.97
CA SER C 151 -36.94 61.55 -8.03
C SER C 151 -36.04 61.48 -6.81
N TRP C 152 -35.99 60.32 -6.17
CA TRP C 152 -35.16 60.12 -5.00
C TRP C 152 -33.70 59.98 -5.42
N MET C 153 -32.83 60.72 -4.76
CA MET C 153 -31.40 60.70 -5.05
C MET C 153 -30.64 60.49 -3.74
N GLU C 154 -29.73 59.52 -3.74
CA GLU C 154 -28.94 59.20 -2.56
C GLU C 154 -27.74 60.13 -2.49
N SER C 155 -27.49 60.68 -1.30
CA SER C 155 -26.36 61.55 -1.07
C SER C 155 -25.64 61.30 0.25
N GLU C 156 -26.14 60.39 1.08
CA GLU C 156 -25.56 60.12 2.39
C GLU C 156 -25.13 58.66 2.47
N PHE C 157 -23.84 58.44 2.71
CA PHE C 157 -23.27 57.10 2.84
C PHE C 157 -22.23 57.17 3.96
N ARG C 158 -22.64 56.80 5.18
CA ARG C 158 -21.77 56.86 6.34
C ARG C 158 -21.85 55.49 7.02
N VAL C 159 -21.03 54.55 6.56
CA VAL C 159 -21.06 53.18 7.04
C VAL C 159 -19.80 52.84 7.84
N TYR C 160 -18.66 53.33 7.40
CA TYR C 160 -17.39 53.06 8.07
C TYR C 160 -16.61 54.34 8.23
N SER C 161 -15.89 54.44 9.34
CA SER C 161 -15.02 55.58 9.59
C SER C 161 -13.65 55.43 8.94
N SER C 162 -13.24 54.20 8.62
CA SER C 162 -11.93 53.97 8.04
C SER C 162 -11.98 52.74 7.15
N ALA C 163 -11.02 52.67 6.23
CA ALA C 163 -10.87 51.52 5.34
C ALA C 163 -9.41 51.49 4.90
N ASN C 164 -8.62 50.60 5.51
CA ASN C 164 -7.19 50.55 5.29
C ASN C 164 -6.75 49.12 5.04
N ASN C 165 -5.59 48.98 4.40
CA ASN C 165 -5.03 47.69 4.04
C ASN C 165 -6.06 46.86 3.28
N CYS C 166 -6.70 47.51 2.31
CA CYS C 166 -7.72 46.84 1.52
C CYS C 166 -7.14 45.61 0.84
N THR C 167 -7.89 44.50 0.90
CA THR C 167 -7.46 43.25 0.30
C THR C 167 -8.27 42.85 -0.91
N PHE C 168 -9.48 43.38 -1.09
CA PHE C 168 -10.22 43.10 -2.31
C PHE C 168 -11.14 44.27 -2.64
N GLU C 169 -11.41 44.44 -3.93
CA GLU C 169 -12.32 45.47 -4.41
C GLU C 169 -12.95 45.00 -5.71
N TYR C 170 -14.26 45.18 -5.84
CA TYR C 170 -14.95 44.90 -7.10
C TYR C 170 -16.24 45.71 -7.17
N VAL C 171 -16.44 46.42 -8.27
CA VAL C 171 -17.63 47.22 -8.49
C VAL C 171 -18.30 46.71 -9.76
N SER C 172 -19.60 46.47 -9.69
CA SER C 172 -20.37 46.00 -10.83
C SER C 172 -20.63 47.14 -11.81
N PHE C 186 -48.23 44.15 -4.26
CA PHE C 186 -47.12 43.72 -5.11
C PHE C 186 -45.78 44.00 -4.44
N LYS C 187 -45.28 43.02 -3.70
CA LYS C 187 -43.98 43.11 -3.05
C LYS C 187 -42.95 42.29 -3.80
N ASN C 188 -41.69 42.52 -3.47
CA ASN C 188 -40.55 41.81 -4.05
C ASN C 188 -39.89 40.99 -2.95
N LEU C 189 -39.70 39.71 -3.21
CA LEU C 189 -38.99 38.80 -2.33
C LEU C 189 -37.64 38.51 -2.95
N ARG C 190 -36.58 38.95 -2.28
CA ARG C 190 -35.22 38.72 -2.72
C ARG C 190 -34.54 37.81 -1.70
N GLU C 191 -34.14 36.63 -2.14
CA GLU C 191 -33.53 35.62 -1.29
C GLU C 191 -32.08 35.42 -1.71
N PHE C 192 -31.20 35.22 -0.73
CA PHE C 192 -29.78 35.07 -0.97
C PHE C 192 -29.22 34.03 -0.02
N VAL C 193 -28.19 33.32 -0.50
CA VAL C 193 -27.50 32.30 0.27
C VAL C 193 -26.02 32.64 0.24
N PHE C 194 -25.42 32.73 1.43
CA PHE C 194 -24.02 33.10 1.60
C PHE C 194 -23.29 31.92 2.23
N LYS C 195 -22.23 31.47 1.55
CA LYS C 195 -21.48 30.30 2.01
C LYS C 195 -19.99 30.57 1.87
N ASN C 196 -19.28 30.60 2.99
CA ASN C 196 -17.84 30.86 3.02
C ASN C 196 -17.13 29.52 3.17
N ILE C 197 -16.65 28.98 2.05
CA ILE C 197 -16.02 27.67 2.01
C ILE C 197 -14.74 27.77 1.18
N ASP C 198 -13.64 27.23 1.72
CA ASP C 198 -12.38 27.12 1.00
C ASP C 198 -11.91 28.48 0.47
N GLY C 199 -12.01 29.50 1.33
CA GLY C 199 -11.60 30.83 0.94
C GLY C 199 -12.49 31.49 -0.09
N TYR C 200 -13.60 30.86 -0.45
CA TYR C 200 -14.53 31.40 -1.42
C TYR C 200 -15.84 31.76 -0.73
N PHE C 201 -16.22 33.03 -0.83
CA PHE C 201 -17.53 33.48 -0.40
C PHE C 201 -18.45 33.35 -1.61
N LYS C 202 -19.31 32.34 -1.58
CA LYS C 202 -20.21 32.04 -2.68
C LYS C 202 -21.59 32.59 -2.35
N ILE C 203 -22.18 33.29 -3.31
CA ILE C 203 -23.48 33.93 -3.14
C ILE C 203 -24.42 33.41 -4.21
N TYR C 204 -25.58 32.93 -3.79
CA TYR C 204 -26.62 32.49 -4.72
C TYR C 204 -27.86 33.31 -4.45
N SER C 205 -28.61 33.63 -5.49
CA SER C 205 -29.67 34.63 -5.37
C SER C 205 -30.92 34.18 -6.11
N LYS C 206 -32.04 34.78 -5.70
CA LYS C 206 -33.31 34.63 -6.41
C LYS C 206 -34.16 35.86 -6.09
N HIS C 207 -35.00 36.26 -7.04
CA HIS C 207 -35.86 37.42 -6.90
C HIS C 207 -37.21 37.11 -7.53
N THR C 208 -38.29 37.28 -6.76
CA THR C 208 -39.62 36.95 -7.24
C THR C 208 -40.62 38.01 -6.82
N PRO C 209 -41.68 38.23 -7.61
CA PRO C 209 -42.77 39.10 -7.17
C PRO C 209 -43.76 38.33 -6.31
N ILE C 210 -43.79 38.65 -5.02
CA ILE C 210 -44.66 37.99 -4.07
C ILE C 210 -45.84 38.90 -3.75
N ASN C 211 -47.00 38.29 -3.52
CA ASN C 211 -48.23 39.02 -3.22
C ASN C 211 -48.66 38.89 -1.77
N LEU C 212 -48.08 37.98 -1.00
CA LEU C 212 -48.41 37.89 0.40
C LEU C 212 -48.07 39.19 1.11
N VAL C 213 -48.85 39.53 2.13
CA VAL C 213 -48.77 40.84 2.76
C VAL C 213 -47.78 40.81 3.92
N ARG C 214 -47.77 39.73 4.69
CA ARG C 214 -46.90 39.64 5.86
C ARG C 214 -46.49 38.19 6.06
N GLY C 215 -45.29 38.01 6.60
CA GLY C 215 -44.76 36.68 6.84
C GLY C 215 -44.06 36.13 5.60
N LEU C 216 -43.14 35.23 5.84
CA LEU C 216 -42.39 34.63 4.74
C LEU C 216 -43.33 33.75 3.91
N PRO C 217 -43.37 33.92 2.59
CA PRO C 217 -44.27 33.09 1.77
C PRO C 217 -43.82 31.64 1.76
N GLN C 218 -44.80 30.75 1.56
CA GLN C 218 -44.54 29.32 1.45
C GLN C 218 -44.63 28.90 -0.01
N GLY C 219 -43.60 28.22 -0.49
CA GLY C 219 -43.57 27.78 -1.87
C GLY C 219 -42.20 27.23 -2.21
N PHE C 220 -42.04 26.90 -3.49
CA PHE C 220 -40.81 26.31 -4.00
C PHE C 220 -40.17 27.23 -5.02
N SER C 221 -38.87 27.48 -4.87
CA SER C 221 -38.13 28.29 -5.82
C SER C 221 -36.64 28.16 -5.51
N ALA C 222 -35.83 27.96 -6.54
CA ALA C 222 -34.41 27.77 -6.37
C ALA C 222 -33.66 29.10 -6.46
N LEU C 223 -32.46 29.14 -5.88
CA LEU C 223 -31.59 30.28 -6.01
C LEU C 223 -30.46 29.99 -6.98
N GLU C 224 -30.18 30.98 -7.89
CA GLU C 224 -29.09 30.90 -8.85
C GLU C 224 -27.79 31.39 -8.22
N PRO C 225 -26.64 30.96 -8.74
CA PRO C 225 -25.37 31.52 -8.26
C PRO C 225 -25.16 32.92 -8.81
N LEU C 226 -24.78 33.84 -7.92
CA LEU C 226 -24.45 35.19 -8.33
C LEU C 226 -22.95 35.33 -8.60
N VAL C 227 -22.13 35.02 -7.60
CA VAL C 227 -20.68 35.10 -7.76
C VAL C 227 -19.99 34.45 -6.57
N ASP C 228 -18.78 33.94 -6.79
CA ASP C 228 -17.92 33.44 -5.74
C ASP C 228 -16.64 34.27 -5.71
N LEU C 229 -16.31 34.76 -4.52
CA LEU C 229 -15.18 35.66 -4.36
C LEU C 229 -14.08 34.99 -3.56
N PRO C 230 -12.86 34.88 -4.07
CA PRO C 230 -11.76 34.27 -3.29
C PRO C 230 -11.15 35.23 -2.28
N ILE C 231 -11.98 35.68 -1.34
CA ILE C 231 -11.51 36.61 -0.33
C ILE C 231 -10.55 35.93 0.63
N GLY C 232 -10.82 34.69 1.00
CA GLY C 232 -9.94 33.97 1.90
C GLY C 232 -9.84 34.59 3.28
N ILE C 233 -10.97 35.01 3.85
CA ILE C 233 -11.00 35.60 5.17
C ILE C 233 -11.87 34.75 6.08
N ASN C 234 -11.96 35.16 7.34
CA ASN C 234 -12.80 34.50 8.32
C ASN C 234 -14.00 35.39 8.64
N ILE C 235 -15.18 34.77 8.69
CA ILE C 235 -16.42 35.47 8.98
C ILE C 235 -17.18 34.65 10.02
N THR C 236 -17.63 35.31 11.09
CA THR C 236 -18.46 34.68 12.09
C THR C 236 -19.69 35.49 12.46
N ARG C 237 -19.72 36.78 12.15
CA ARG C 237 -20.88 37.63 12.39
C ARG C 237 -21.11 38.51 11.17
N PHE C 238 -22.25 39.19 11.15
CA PHE C 238 -22.58 40.08 10.06
C PHE C 238 -23.69 41.02 10.51
N GLN C 239 -23.89 42.09 9.74
CA GLN C 239 -24.98 43.03 10.00
C GLN C 239 -25.56 43.51 8.68
N THR C 240 -26.86 43.78 8.70
CA THR C 240 -27.59 44.19 7.50
C THR C 240 -27.51 45.70 7.32
N LEU C 241 -27.58 46.13 6.07
CA LEU C 241 -27.51 47.54 5.71
C LEU C 241 -28.78 47.95 4.99
N HIS C 242 -29.41 49.01 5.47
CA HIS C 242 -30.68 49.50 4.93
C HIS C 242 -30.54 50.95 4.50
N ILE C 243 -31.58 51.43 3.82
CA ILE C 243 -31.63 52.80 3.32
C ILE C 243 -32.52 53.62 4.24
N SER C 244 -32.18 54.90 4.37
CA SER C 244 -32.94 55.84 5.19
C SER C 244 -33.52 56.91 4.28
N TYR C 245 -34.83 57.17 4.44
CA TYR C 245 -35.54 58.16 3.64
C TYR C 245 -35.63 59.45 4.45
N LEU C 246 -35.00 60.50 3.95
CA LEU C 246 -35.01 61.79 4.61
C LEU C 246 -36.15 62.66 4.10
N ALA C 259 -42.40 49.44 6.43
CA ALA C 259 -40.99 49.12 6.61
C ALA C 259 -40.67 47.74 6.05
N ALA C 260 -39.49 47.59 5.46
CA ALA C 260 -39.07 46.31 4.92
C ALA C 260 -38.81 45.32 6.04
N ALA C 261 -38.95 44.04 5.70
CA ALA C 261 -38.76 42.95 6.65
C ALA C 261 -37.76 41.96 6.07
N TYR C 262 -36.93 41.39 6.94
CA TYR C 262 -35.93 40.42 6.51
C TYR C 262 -35.90 39.22 7.45
N TYR C 263 -35.51 38.08 6.88
CA TYR C 263 -35.51 36.79 7.54
C TYR C 263 -34.14 36.17 7.44
N VAL C 264 -33.75 35.41 8.46
CA VAL C 264 -32.41 34.85 8.58
C VAL C 264 -32.51 33.40 9.04
N GLY C 265 -31.80 32.52 8.35
CA GLY C 265 -31.61 31.15 8.80
C GLY C 265 -30.18 30.71 8.56
N TYR C 266 -29.84 29.55 9.09
CA TYR C 266 -28.47 29.04 9.04
C TYR C 266 -28.42 27.70 8.33
N LEU C 267 -27.41 27.53 7.50
CA LEU C 267 -27.19 26.28 6.78
C LEU C 267 -26.51 25.26 7.69
N GLN C 268 -26.66 23.99 7.33
CA GLN C 268 -26.02 22.88 8.02
C GLN C 268 -25.67 21.81 7.00
N PRO C 269 -24.67 20.97 7.30
CA PRO C 269 -24.36 19.87 6.38
C PRO C 269 -25.48 18.85 6.33
N ARG C 270 -26.15 18.77 5.19
CA ARG C 270 -27.31 17.93 5.01
C ARG C 270 -27.28 17.31 3.63
N THR C 271 -27.98 16.19 3.49
CA THR C 271 -28.11 15.49 2.22
C THR C 271 -29.45 15.82 1.59
N PHE C 272 -29.45 16.15 0.32
CA PHE C 272 -30.64 16.59 -0.40
C PHE C 272 -30.75 15.84 -1.73
N LEU C 273 -31.99 15.54 -2.11
CA LEU C 273 -32.30 14.95 -3.40
C LEU C 273 -33.10 15.97 -4.20
N LEU C 274 -32.49 16.49 -5.26
CA LEU C 274 -33.14 17.46 -6.12
C LEU C 274 -33.65 16.76 -7.38
N LYS C 275 -34.67 17.35 -8.00
CA LYS C 275 -35.21 16.86 -9.25
C LYS C 275 -35.04 17.95 -10.30
N TYR C 276 -34.33 17.64 -11.38
CA TYR C 276 -34.14 18.58 -12.47
C TYR C 276 -35.18 18.32 -13.54
N ASN C 277 -35.48 19.36 -14.33
CA ASN C 277 -36.50 19.27 -15.34
C ASN C 277 -35.86 19.09 -16.72
N GLU C 278 -36.69 19.00 -17.76
CA GLU C 278 -36.15 18.90 -19.11
C GLU C 278 -35.34 20.13 -19.46
N ASN C 279 -35.71 21.29 -18.92
CA ASN C 279 -34.93 22.50 -19.08
C ASN C 279 -33.78 22.59 -18.08
N GLY C 280 -33.65 21.61 -17.18
CA GLY C 280 -32.60 21.60 -16.20
C GLY C 280 -32.90 22.41 -14.96
N THR C 281 -34.04 23.10 -14.92
CA THR C 281 -34.40 23.83 -13.72
C THR C 281 -34.79 22.86 -12.62
N ILE C 282 -34.57 23.27 -11.38
CA ILE C 282 -34.90 22.45 -10.22
C ILE C 282 -36.37 22.63 -9.90
N THR C 283 -37.14 21.55 -9.93
CA THR C 283 -38.57 21.60 -9.71
C THR C 283 -38.97 21.24 -8.28
N ASP C 284 -38.32 20.25 -7.67
CA ASP C 284 -38.64 19.87 -6.31
C ASP C 284 -37.41 19.32 -5.63
N ALA C 285 -37.44 19.32 -4.30
CA ALA C 285 -36.31 18.84 -3.51
C ALA C 285 -36.83 18.12 -2.28
N VAL C 286 -35.99 17.23 -1.74
CA VAL C 286 -36.31 16.47 -0.54
C VAL C 286 -35.10 16.48 0.38
N ASP C 287 -35.34 16.72 1.66
CA ASP C 287 -34.31 16.63 2.68
C ASP C 287 -34.26 15.19 3.19
N CYS C 288 -33.07 14.60 3.18
CA CYS C 288 -32.91 13.22 3.63
C CYS C 288 -32.88 13.09 5.15
N ALA C 289 -33.35 14.09 5.90
CA ALA C 289 -33.38 13.97 7.34
C ALA C 289 -34.65 14.56 7.96
N LEU C 290 -35.60 15.02 7.16
CA LEU C 290 -36.81 15.61 7.73
C LEU C 290 -37.59 14.60 8.54
N ASP C 291 -37.84 13.42 7.97
CA ASP C 291 -38.71 12.43 8.57
C ASP C 291 -38.50 11.11 7.86
N PRO C 292 -39.03 10.01 8.39
CA PRO C 292 -38.84 8.71 7.74
C PRO C 292 -39.32 8.68 6.31
N LEU C 293 -40.39 9.40 5.96
CA LEU C 293 -40.82 9.39 4.57
C LEU C 293 -39.73 9.95 3.66
N SER C 294 -39.10 11.05 4.08
CA SER C 294 -38.04 11.61 3.27
C SER C 294 -36.84 10.66 3.19
N GLU C 295 -36.54 9.98 4.29
CA GLU C 295 -35.45 9.00 4.25
C GLU C 295 -35.75 7.93 3.21
N THR C 296 -37.00 7.46 3.18
CA THR C 296 -37.37 6.48 2.18
C THR C 296 -37.20 7.03 0.78
N LYS C 297 -37.65 8.27 0.57
CA LYS C 297 -37.53 8.86 -0.75
C LYS C 297 -36.08 8.90 -1.19
N CYS C 298 -35.18 9.30 -0.29
CA CYS C 298 -33.77 9.34 -0.63
C CYS C 298 -33.25 7.95 -0.93
N THR C 299 -33.69 6.95 -0.15
CA THR C 299 -33.21 5.60 -0.37
C THR C 299 -33.60 5.09 -1.75
N LEU C 300 -34.85 5.29 -2.15
CA LEU C 300 -35.31 4.81 -3.43
C LEU C 300 -35.00 5.75 -4.57
N LYS C 301 -34.43 6.92 -4.29
CA LYS C 301 -34.04 7.85 -5.34
C LYS C 301 -35.23 8.20 -6.24
N SER C 302 -36.37 8.45 -5.61
CA SER C 302 -37.56 8.86 -6.34
C SER C 302 -38.39 9.78 -5.46
N PHE C 303 -39.15 10.66 -6.11
CA PHE C 303 -40.13 11.48 -5.41
C PHE C 303 -41.45 10.76 -5.25
N THR C 304 -41.55 9.53 -5.73
CA THR C 304 -42.75 8.71 -5.60
C THR C 304 -42.37 7.40 -4.93
N VAL C 305 -43.12 7.01 -3.90
CA VAL C 305 -42.84 5.80 -3.14
C VAL C 305 -44.03 4.87 -3.30
N GLU C 306 -43.74 3.61 -3.61
CA GLU C 306 -44.76 2.60 -3.81
C GLU C 306 -45.04 1.87 -2.50
N LYS C 307 -46.25 1.34 -2.39
CA LYS C 307 -46.65 0.62 -1.19
C LYS C 307 -45.71 -0.55 -0.95
N GLY C 308 -45.30 -0.73 0.30
CA GLY C 308 -44.41 -1.83 0.64
C GLY C 308 -43.62 -1.51 1.90
N ILE C 309 -42.48 -2.17 2.01
CA ILE C 309 -41.53 -1.96 3.10
C ILE C 309 -40.16 -1.72 2.50
N TYR C 310 -39.40 -0.80 3.10
CA TYR C 310 -38.08 -0.44 2.61
C TYR C 310 -37.17 -0.11 3.78
N GLN C 311 -35.87 -0.29 3.56
CA GLN C 311 -34.86 -0.11 4.60
C GLN C 311 -33.98 1.08 4.23
N THR C 312 -33.86 2.05 5.14
CA THR C 312 -33.12 3.27 4.89
C THR C 312 -31.79 3.36 5.63
N SER C 313 -31.81 3.28 6.95
CA SER C 313 -30.60 3.48 7.72
C SER C 313 -30.66 2.62 8.97
N ASN C 314 -29.51 2.46 9.61
CA ASN C 314 -29.38 1.59 10.77
C ASN C 314 -29.48 2.43 12.04
N PHE C 315 -30.32 1.96 12.96
CA PHE C 315 -30.47 2.61 14.26
C PHE C 315 -29.45 2.03 15.24
N ARG C 316 -28.68 2.90 15.87
CA ARG C 316 -27.57 2.48 16.71
C ARG C 316 -27.56 3.30 17.98
N VAL C 317 -27.60 2.62 19.13
CA VAL C 317 -27.55 3.31 20.42
C VAL C 317 -26.15 3.85 20.64
N GLN C 318 -26.06 5.08 21.08
CA GLN C 318 -24.76 5.66 21.36
C GLN C 318 -24.44 5.57 22.84
N PRO C 319 -23.16 5.46 23.20
CA PRO C 319 -22.80 5.37 24.61
C PRO C 319 -23.11 6.68 25.34
N THR C 320 -23.39 6.56 26.63
CA THR C 320 -23.66 7.71 27.47
C THR C 320 -22.41 8.22 28.17
N GLU C 321 -21.53 7.33 28.63
CA GLU C 321 -20.31 7.73 29.32
C GLU C 321 -19.30 6.60 29.25
N SER C 322 -18.06 6.94 29.55
CA SER C 322 -16.99 5.96 29.63
C SER C 322 -16.79 5.51 31.07
N ILE C 323 -16.42 4.24 31.24
CA ILE C 323 -16.19 3.65 32.55
C ILE C 323 -14.77 3.13 32.59
N VAL C 324 -13.99 3.58 33.57
CA VAL C 324 -12.62 3.14 33.77
C VAL C 324 -12.58 2.29 35.03
N ARG C 325 -12.15 1.04 34.90
CA ARG C 325 -12.15 0.08 35.99
C ARG C 325 -10.75 -0.44 36.22
N PHE C 326 -10.22 -0.20 37.42
CA PHE C 326 -8.93 -0.73 37.86
C PHE C 326 -9.05 -1.12 39.32
N PRO C 327 -8.17 -2.00 39.80
CA PRO C 327 -8.26 -2.42 41.20
C PRO C 327 -8.02 -1.25 42.14
N ASN C 328 -8.64 -1.32 43.31
CA ASN C 328 -8.46 -0.30 44.32
C ASN C 328 -7.13 -0.54 45.04
N ILE C 329 -6.93 0.11 46.18
CA ILE C 329 -5.63 0.16 46.83
C ILE C 329 -5.00 -1.22 46.88
N THR C 330 -3.81 -1.36 46.29
CA THR C 330 -3.08 -2.63 46.26
C THR C 330 -1.91 -2.62 47.23
N ASN C 331 -1.00 -1.66 47.09
CA ASN C 331 0.13 -1.53 48.02
C ASN C 331 0.65 -0.11 47.92
N LEU C 332 0.52 0.66 48.99
CA LEU C 332 0.94 2.05 48.96
C LEU C 332 2.46 2.15 48.90
N CYS C 333 2.94 3.31 48.48
CA CYS C 333 4.37 3.59 48.48
C CYS C 333 4.75 4.26 49.80
N PRO C 334 5.72 3.72 50.54
CA PRO C 334 6.02 4.29 51.87
C PRO C 334 6.68 5.65 51.80
N PHE C 335 5.95 6.64 51.27
CA PHE C 335 6.45 8.02 51.26
C PHE C 335 6.31 8.70 52.60
N GLY C 336 5.47 8.19 53.49
CA GLY C 336 5.29 8.82 54.79
C GLY C 336 6.58 8.86 55.60
N GLU C 337 7.36 7.79 55.56
CA GLU C 337 8.61 7.76 56.31
C GLU C 337 9.67 8.69 55.74
N VAL C 338 9.46 9.23 54.55
CA VAL C 338 10.40 10.17 53.93
C VAL C 338 9.97 11.61 54.16
N PHE C 339 8.72 11.93 53.84
CA PHE C 339 8.24 13.30 54.01
C PHE C 339 7.99 13.61 55.49
N ASN C 340 7.41 12.67 56.23
CA ASN C 340 7.10 12.87 57.64
C ASN C 340 8.17 12.30 58.56
N ALA C 341 9.39 12.14 58.06
CA ALA C 341 10.48 11.68 58.91
C ALA C 341 10.73 12.69 60.03
N THR C 342 11.00 12.18 61.23
CA THR C 342 11.23 13.06 62.37
C THR C 342 12.46 13.93 62.15
N ARG C 343 13.54 13.35 61.63
CA ARG C 343 14.77 14.06 61.37
C ARG C 343 15.22 13.80 59.94
N PHE C 344 15.85 14.81 59.35
CA PHE C 344 16.40 14.74 58.01
C PHE C 344 17.92 14.77 58.06
N ALA C 345 18.54 14.00 57.18
CA ALA C 345 19.99 13.94 57.14
C ALA C 345 20.55 15.22 56.54
N SER C 346 21.82 15.49 56.86
CA SER C 346 22.49 16.67 56.35
C SER C 346 22.59 16.60 54.82
N VAL C 347 22.72 17.78 54.21
CA VAL C 347 22.78 17.83 52.75
C VAL C 347 24.00 17.10 52.23
N TYR C 348 25.14 17.21 52.91
CA TYR C 348 26.33 16.48 52.50
C TYR C 348 26.16 14.98 52.68
N ALA C 349 25.20 14.55 53.50
CA ALA C 349 24.88 13.14 53.70
C ALA C 349 23.39 12.91 53.41
N TRP C 350 22.92 13.46 52.29
CA TRP C 350 21.51 13.34 51.93
C TRP C 350 21.11 11.87 51.86
N ASN C 351 19.97 11.56 52.48
CA ASN C 351 19.47 10.19 52.48
C ASN C 351 18.78 9.88 51.16
N ARG C 352 18.73 8.58 50.82
CA ARG C 352 18.07 8.13 49.61
C ARG C 352 17.26 6.87 49.91
N LYS C 353 16.06 6.80 49.34
CA LYS C 353 15.21 5.61 49.45
C LYS C 353 14.72 5.22 48.06
N ARG C 354 14.74 3.93 47.77
CA ARG C 354 14.25 3.43 46.50
C ARG C 354 12.79 3.02 46.63
N ILE C 355 11.98 3.42 45.66
CA ILE C 355 10.56 3.11 45.61
C ILE C 355 10.29 2.33 44.34
N SER C 356 9.68 1.16 44.47
CA SER C 356 9.41 0.30 43.33
C SER C 356 8.26 -0.62 43.66
N ASN C 357 7.44 -0.90 42.66
CA ASN C 357 6.33 -1.85 42.76
C ASN C 357 5.37 -1.44 43.88
N CYS C 358 4.79 -0.25 43.70
CA CYS C 358 3.81 0.26 44.64
C CYS C 358 3.03 1.37 43.95
N VAL C 359 1.95 1.79 44.60
CA VAL C 359 1.11 2.87 44.09
C VAL C 359 1.14 4.02 45.08
N ALA C 360 1.31 5.23 44.56
CA ALA C 360 1.38 6.43 45.39
C ALA C 360 0.36 7.43 44.88
N ASP C 361 -0.47 7.95 45.80
CA ASP C 361 -1.47 8.94 45.46
C ASP C 361 -0.80 10.31 45.49
N TYR C 362 -0.36 10.76 44.32
CA TYR C 362 0.30 12.05 44.22
C TYR C 362 -0.69 13.21 44.35
N SER C 363 -1.99 12.93 44.35
CA SER C 363 -2.97 13.99 44.57
C SER C 363 -2.78 14.63 45.94
N VAL C 364 -2.53 13.81 46.96
CA VAL C 364 -2.24 14.36 48.29
C VAL C 364 -0.97 15.19 48.24
N LEU C 365 -0.10 14.93 47.27
CA LEU C 365 1.18 15.63 47.21
C LEU C 365 1.05 17.02 46.59
N TYR C 366 0.63 17.08 45.32
CA TYR C 366 0.59 18.36 44.63
C TYR C 366 -0.65 19.19 44.98
N ASN C 367 -1.60 18.63 45.73
CA ASN C 367 -2.73 19.39 46.26
C ASN C 367 -2.46 19.89 47.67
N SER C 368 -1.28 19.64 48.23
CA SER C 368 -0.96 20.08 49.57
C SER C 368 -0.32 21.46 49.52
N ALA C 369 -0.78 22.34 50.40
CA ALA C 369 -0.28 23.71 50.47
C ALA C 369 0.90 23.86 51.43
N SER C 370 1.37 22.76 52.03
CA SER C 370 2.45 22.81 53.00
C SER C 370 3.84 22.88 52.36
N PHE C 371 3.93 22.86 51.03
CA PHE C 371 5.20 22.87 50.32
C PHE C 371 5.46 24.28 49.79
N SER C 372 6.59 24.86 50.19
CA SER C 372 6.96 26.18 49.70
C SER C 372 7.48 26.13 48.26
N THR C 373 8.21 25.08 47.91
CA THR C 373 8.73 24.90 46.56
C THR C 373 8.26 23.56 46.03
N PHE C 374 7.72 23.56 44.81
CA PHE C 374 7.20 22.34 44.20
C PHE C 374 7.38 22.48 42.67
N LYS C 375 8.51 21.98 42.17
CA LYS C 375 8.88 22.16 40.77
C LYS C 375 9.24 20.82 40.14
N CYS C 376 8.56 20.49 39.05
CA CYS C 376 8.80 19.23 38.35
C CYS C 376 9.41 19.48 36.98
N TYR C 377 10.37 18.64 36.61
CA TYR C 377 11.06 18.72 35.32
C TYR C 377 10.89 17.38 34.61
N GLY C 378 10.41 17.44 33.37
CA GLY C 378 10.17 16.25 32.59
C GLY C 378 8.81 15.61 32.79
N VAL C 379 8.06 16.02 33.81
CA VAL C 379 6.73 15.49 34.08
C VAL C 379 5.86 16.60 34.63
N SER C 380 4.58 16.55 34.29
CA SER C 380 3.63 17.57 34.75
C SER C 380 3.26 17.29 36.20
N PRO C 381 3.31 18.27 37.10
CA PRO C 381 2.99 17.99 38.51
C PRO C 381 1.61 17.39 38.69
N THR C 382 0.63 17.81 37.89
CA THR C 382 -0.74 17.32 38.00
C THR C 382 -0.97 16.04 37.20
N LYS C 383 0.05 15.52 36.52
CA LYS C 383 -0.09 14.32 35.70
C LYS C 383 0.59 13.11 36.33
N LEU C 384 1.12 13.25 37.56
CA LEU C 384 1.84 12.15 38.18
C LEU C 384 0.95 10.92 38.37
N ASN C 385 -0.32 11.14 38.74
CA ASN C 385 -1.25 10.02 38.89
C ASN C 385 -1.52 9.32 37.58
N ASP C 386 -1.24 9.96 36.44
CA ASP C 386 -1.49 9.39 35.13
C ASP C 386 -0.23 8.81 34.50
N LEU C 387 0.88 8.77 35.22
CA LEU C 387 2.15 8.30 34.68
C LEU C 387 2.67 7.13 35.49
N CYS C 388 3.28 6.17 34.80
CA CYS C 388 3.95 5.04 35.41
C CYS C 388 5.45 5.21 35.28
N PHE C 389 6.18 4.72 36.29
CA PHE C 389 7.63 4.79 36.29
C PHE C 389 8.21 3.47 36.78
N THR C 390 9.31 3.05 36.15
CA THR C 390 9.92 1.78 36.53
C THR C 390 10.46 1.83 37.96
N ASN C 391 11.09 2.94 38.33
CA ASN C 391 11.65 3.07 39.67
C ASN C 391 11.72 4.54 40.05
N VAL C 392 11.47 4.83 41.33
CA VAL C 392 11.54 6.20 41.84
C VAL C 392 12.59 6.23 42.93
N TYR C 393 13.26 7.37 43.08
CA TYR C 393 14.21 7.56 44.15
C TYR C 393 13.87 8.83 44.92
N ALA C 394 13.62 8.68 46.22
CA ALA C 394 13.27 9.79 47.10
C ALA C 394 14.52 10.13 47.90
N ASP C 395 15.18 11.22 47.52
CA ASP C 395 16.29 11.76 48.28
C ASP C 395 15.77 12.84 49.22
N SER C 396 16.41 12.96 50.37
CA SER C 396 15.94 13.86 51.41
C SER C 396 17.14 14.52 52.08
N PHE C 397 16.99 15.80 52.42
CA PHE C 397 18.03 16.52 53.14
C PHE C 397 17.45 17.83 53.64
N VAL C 398 18.30 18.64 54.27
CA VAL C 398 17.93 19.94 54.82
C VAL C 398 18.95 20.97 54.35
N ILE C 399 18.46 22.11 53.87
CA ILE C 399 19.30 23.21 53.43
C ILE C 399 18.60 24.53 53.76
N ARG C 400 19.37 25.61 53.80
CA ARG C 400 18.76 26.90 54.05
C ARG C 400 18.03 27.40 52.80
N GLY C 401 17.14 28.37 53.00
CA GLY C 401 16.26 28.79 51.92
C GLY C 401 17.02 29.27 50.70
N ASP C 402 18.04 30.10 50.91
CA ASP C 402 18.79 30.66 49.78
C ASP C 402 19.45 29.59 48.92
N GLU C 403 19.68 28.40 49.47
CA GLU C 403 20.30 27.31 48.73
C GLU C 403 19.29 26.43 48.02
N VAL C 404 17.99 26.63 48.27
CA VAL C 404 16.98 25.77 47.64
C VAL C 404 17.04 25.87 46.13
N ARG C 405 17.31 27.07 45.61
CA ARG C 405 17.42 27.25 44.16
C ARG C 405 18.52 26.38 43.56
N GLN C 406 19.53 26.01 44.34
CA GLN C 406 20.63 25.21 43.81
C GLN C 406 20.20 23.77 43.50
N ILE C 407 19.05 23.34 44.01
CA ILE C 407 18.59 21.95 43.77
C ILE C 407 17.75 22.00 42.50
N ALA C 408 18.45 21.91 41.36
CA ALA C 408 17.80 21.88 40.06
C ALA C 408 18.84 21.60 38.98
N PRO C 409 18.45 21.05 37.84
CA PRO C 409 19.44 20.78 36.79
C PRO C 409 20.11 22.05 36.32
N GLY C 410 21.41 21.95 36.02
CA GLY C 410 22.16 23.08 35.53
C GLY C 410 22.48 24.14 36.57
N GLN C 411 22.29 23.85 37.85
CA GLN C 411 22.54 24.79 38.93
C GLN C 411 23.89 24.50 39.57
N THR C 412 24.54 25.57 40.01
CA THR C 412 25.84 25.50 40.66
C THR C 412 25.75 26.15 42.04
N GLY C 413 26.86 26.09 42.77
CA GLY C 413 26.93 26.64 44.11
C GLY C 413 27.50 25.65 45.09
N ASN C 414 27.51 26.01 46.38
CA ASN C 414 28.05 25.10 47.39
C ASN C 414 27.26 23.79 47.43
N ILE C 415 25.93 23.89 47.51
CA ILE C 415 25.11 22.69 47.61
C ILE C 415 25.12 21.92 46.30
N ALA C 416 24.96 22.62 45.18
CA ALA C 416 24.91 21.95 43.88
C ALA C 416 26.20 21.22 43.58
N ASP C 417 27.34 21.81 43.94
CA ASP C 417 28.63 21.28 43.54
C ASP C 417 29.24 20.32 44.54
N TYR C 418 29.12 20.60 45.84
CA TYR C 418 29.84 19.86 46.86
C TYR C 418 28.95 18.97 47.73
N ASN C 419 27.64 19.16 47.71
CA ASN C 419 26.73 18.42 48.57
C ASN C 419 25.75 17.55 47.81
N TYR C 420 25.03 18.12 46.84
CA TYR C 420 24.02 17.38 46.10
C TYR C 420 23.88 17.99 44.72
N LYS C 421 24.17 17.20 43.68
CA LYS C 421 24.11 17.65 42.30
C LYS C 421 23.04 16.86 41.55
N LEU C 422 22.21 17.58 40.80
CA LEU C 422 21.20 16.93 39.97
C LEU C 422 21.68 16.89 38.51
N PRO C 423 21.39 15.82 37.78
CA PRO C 423 21.80 15.77 36.37
C PRO C 423 21.00 16.75 35.53
N ASP C 424 21.63 17.19 34.43
CA ASP C 424 20.95 18.13 33.54
C ASP C 424 19.69 17.52 32.95
N ASP C 425 19.70 16.21 32.69
CA ASP C 425 18.53 15.50 32.17
C ASP C 425 17.67 14.92 33.29
N PHE C 426 17.70 15.54 34.47
CA PHE C 426 16.92 15.03 35.59
C PHE C 426 15.44 15.01 35.24
N THR C 427 14.80 13.88 35.50
CA THR C 427 13.36 13.70 35.28
C THR C 427 12.72 13.42 36.63
N GLY C 428 12.08 14.43 37.21
CA GLY C 428 11.47 14.29 38.51
C GLY C 428 11.13 15.63 39.11
N CYS C 429 10.70 15.59 40.36
CA CYS C 429 10.21 16.76 41.07
C CYS C 429 11.09 17.08 42.26
N VAL C 430 11.14 18.36 42.58
CA VAL C 430 11.83 18.87 43.76
C VAL C 430 10.78 19.55 44.64
N ILE C 431 10.75 19.16 45.92
CA ILE C 431 9.80 19.68 46.89
C ILE C 431 10.60 20.20 48.06
N ALA C 432 10.21 21.35 48.59
CA ALA C 432 10.89 21.92 49.75
C ALA C 432 9.87 22.65 50.60
N TRP C 433 10.05 22.54 51.92
CA TRP C 433 9.16 23.23 52.85
C TRP C 433 9.95 23.64 54.08
N ASN C 434 9.54 24.78 54.66
CA ASN C 434 10.23 25.32 55.81
C ASN C 434 10.15 24.35 56.99
N SER C 435 11.27 24.22 57.70
CA SER C 435 11.37 23.36 58.87
C SER C 435 12.03 24.11 60.03
N ASN C 436 11.75 25.42 60.13
CA ASN C 436 12.35 26.21 61.20
C ASN C 436 11.95 25.68 62.57
N ASN C 437 10.68 25.34 62.74
CA ASN C 437 10.21 24.84 64.03
C ASN C 437 10.80 23.48 64.38
N LEU C 438 11.34 22.75 63.39
CA LEU C 438 11.85 21.41 63.61
C LEU C 438 13.38 21.34 63.60
N ASP C 439 14.03 22.08 62.71
CA ASP C 439 15.48 21.97 62.53
C ASP C 439 16.25 23.15 63.11
N SER C 440 15.59 24.07 63.79
CA SER C 440 16.25 25.21 64.40
C SER C 440 16.20 25.11 65.92
N LYS C 441 17.20 25.67 66.58
CA LYS C 441 17.30 25.68 68.03
C LYS C 441 17.70 27.06 68.51
N VAL C 442 17.34 27.38 69.75
CA VAL C 442 17.65 28.69 70.31
C VAL C 442 19.16 28.92 70.34
N GLY C 443 19.89 27.91 70.79
CA GLY C 443 21.34 27.98 70.84
C GLY C 443 22.04 27.69 69.52
N GLY C 444 21.27 27.40 68.47
CA GLY C 444 21.85 27.07 67.19
C GLY C 444 21.94 25.58 66.97
N ASN C 445 21.29 25.08 65.93
CA ASN C 445 21.29 23.65 65.62
C ASN C 445 22.46 23.38 64.69
N TYR C 446 23.55 22.86 65.26
CA TYR C 446 24.77 22.59 64.51
C TYR C 446 24.84 21.15 64.00
N ASN C 447 23.80 20.36 64.21
CA ASN C 447 23.79 18.98 63.73
C ASN C 447 23.65 18.90 62.22
N TYR C 448 23.23 19.98 61.56
CA TYR C 448 23.12 20.03 60.11
C TYR C 448 24.39 20.68 59.55
N LEU C 449 25.02 20.00 58.60
CA LEU C 449 26.28 20.45 58.02
C LEU C 449 26.20 20.35 56.50
N TYR C 450 27.00 21.17 55.83
CA TYR C 450 27.12 21.13 54.38
C TYR C 450 28.60 21.20 54.00
N ARG C 451 28.94 20.51 52.92
CA ARG C 451 30.32 20.48 52.47
C ARG C 451 30.70 21.84 51.90
N LEU C 452 31.73 22.45 52.48
CA LEU C 452 32.18 23.79 52.08
C LEU C 452 33.49 23.78 51.31
N PHE C 453 34.34 22.79 51.54
CA PHE C 453 35.60 22.64 50.81
C PHE C 453 35.54 21.37 49.99
N ARG C 454 35.95 21.46 48.72
CA ARG C 454 36.09 20.29 47.86
C ARG C 454 36.83 20.70 46.61
N LYS C 455 37.74 19.84 46.16
CA LYS C 455 38.56 20.14 44.99
C LYS C 455 37.84 19.90 43.67
N SER C 456 36.64 19.33 43.70
CA SER C 456 35.90 19.05 42.48
C SER C 456 34.41 19.07 42.79
N ASN C 457 33.61 19.24 41.73
CA ASN C 457 32.16 19.25 41.86
C ASN C 457 31.62 17.83 41.83
N LEU C 458 30.56 17.60 42.61
CA LEU C 458 29.96 16.28 42.69
C LEU C 458 29.28 15.92 41.38
N LYS C 459 29.38 14.65 41.01
CA LYS C 459 28.62 14.13 39.90
C LYS C 459 27.14 14.04 40.26
N PRO C 460 26.25 13.96 39.27
CA PRO C 460 24.83 13.87 39.58
C PRO C 460 24.53 12.71 40.52
N PHE C 461 23.71 12.98 41.53
CA PHE C 461 23.32 11.99 42.53
C PHE C 461 24.53 11.38 43.22
N GLU C 462 25.57 12.19 43.45
CA GLU C 462 26.76 11.74 44.16
C GLU C 462 26.73 12.23 45.60
N ARG C 463 27.07 11.35 46.53
CA ARG C 463 27.12 11.67 47.96
C ARG C 463 28.56 11.61 48.43
N ASP C 464 29.02 12.69 49.06
CA ASP C 464 30.37 12.77 49.62
C ASP C 464 30.25 12.99 51.12
N ILE C 465 30.64 11.98 51.90
CA ILE C 465 30.57 12.03 53.35
C ILE C 465 31.96 12.13 53.98
N SER C 466 33.00 12.30 53.18
CA SER C 466 34.35 12.37 53.70
C SER C 466 34.50 13.57 54.62
N THR C 467 35.11 13.33 55.79
CA THR C 467 35.39 14.39 56.77
C THR C 467 36.89 14.66 56.88
N GLU C 468 37.68 14.21 55.90
CA GLU C 468 39.12 14.42 55.95
C GLU C 468 39.44 15.90 55.90
N ILE C 469 40.48 16.29 56.64
CA ILE C 469 40.91 17.68 56.65
C ILE C 469 41.26 18.10 55.23
N TYR C 470 40.76 19.25 54.82
CA TYR C 470 40.98 19.74 53.47
C TYR C 470 42.35 20.38 53.37
N GLN C 471 43.18 19.88 52.46
CA GLN C 471 44.53 20.40 52.26
C GLN C 471 44.48 21.51 51.21
N ALA C 472 44.64 22.75 51.64
CA ALA C 472 44.61 23.90 50.76
C ALA C 472 46.01 24.32 50.29
N GLY C 473 47.04 23.57 50.65
CA GLY C 473 48.39 23.90 50.25
C GLY C 473 49.22 22.66 49.93
N SER C 474 50.52 22.85 49.71
CA SER C 474 51.39 21.73 49.39
C SER C 474 51.70 20.87 50.62
N THR C 475 51.74 21.49 51.80
CA THR C 475 52.10 20.75 53.00
C THR C 475 50.93 19.86 53.42
N PRO C 476 51.15 18.56 53.62
CA PRO C 476 50.05 17.71 54.09
C PRO C 476 49.61 18.08 55.49
N CYS C 477 48.33 17.85 55.77
CA CYS C 477 47.75 18.21 57.06
C CYS C 477 47.90 17.12 58.11
N ASN C 478 47.94 15.85 57.69
CA ASN C 478 48.09 14.73 58.62
C ASN C 478 46.97 14.72 59.67
N GLY C 479 45.77 15.15 59.27
CA GLY C 479 44.63 15.14 60.16
C GLY C 479 44.64 16.20 61.22
N VAL C 480 45.51 17.22 61.10
CA VAL C 480 45.61 18.28 62.09
C VAL C 480 45.19 19.59 61.43
N LYS C 481 44.24 20.29 62.04
CA LYS C 481 43.78 21.56 61.51
C LYS C 481 44.83 22.64 61.71
N GLY C 482 44.77 23.65 60.84
CA GLY C 482 45.72 24.75 60.91
C GLY C 482 45.67 25.55 59.62
N PHE C 483 46.74 26.32 59.41
CA PHE C 483 46.85 27.09 58.17
C PHE C 483 46.86 26.15 56.98
N ASN C 484 46.06 26.48 55.96
CA ASN C 484 45.89 25.64 54.78
C ASN C 484 45.35 24.26 55.13
N CYS C 485 44.68 24.14 56.28
CA CYS C 485 44.13 22.85 56.72
C CYS C 485 42.85 23.16 57.50
N TYR C 486 41.70 23.01 56.83
CA TYR C 486 40.41 23.38 57.38
C TYR C 486 39.41 22.25 57.21
N PHE C 487 38.47 22.16 58.15
CA PHE C 487 37.47 21.09 58.12
C PHE C 487 36.58 21.26 56.88
N PRO C 488 36.29 20.17 56.15
CA PRO C 488 35.54 20.32 54.90
C PRO C 488 34.06 20.65 55.09
N LEU C 489 33.50 20.40 56.26
CA LEU C 489 32.08 20.65 56.51
C LEU C 489 31.89 21.92 57.33
N GLN C 490 30.82 22.63 57.03
CA GLN C 490 30.45 23.86 57.73
C GLN C 490 29.04 23.71 58.29
N SER C 491 28.86 24.13 59.54
CA SER C 491 27.57 23.99 60.21
C SER C 491 26.69 25.19 59.95
N TYR C 492 25.42 24.93 59.64
CA TYR C 492 24.46 26.02 59.45
C TYR C 492 24.20 26.76 60.75
N GLY C 493 24.11 26.04 61.86
CA GLY C 493 23.77 26.65 63.13
C GLY C 493 22.41 27.31 63.09
N PHE C 494 21.42 26.60 62.55
CA PHE C 494 20.09 27.18 62.36
C PHE C 494 19.54 27.69 63.68
N GLN C 495 18.93 28.87 63.64
CA GLN C 495 18.27 29.48 64.78
C GLN C 495 16.91 29.99 64.36
N PRO C 496 15.93 30.00 65.28
CA PRO C 496 14.59 30.47 64.91
C PRO C 496 14.55 31.93 64.51
N THR C 497 15.53 32.74 64.94
CA THR C 497 15.53 34.17 64.65
C THR C 497 16.20 34.51 63.33
N TYR C 498 16.76 33.53 62.62
CA TYR C 498 17.39 33.81 61.34
C TYR C 498 16.34 34.16 60.30
N GLY C 499 16.81 34.78 59.22
CA GLY C 499 15.92 35.15 58.13
C GLY C 499 15.42 33.93 57.37
N VAL C 500 14.39 34.17 56.55
CA VAL C 500 13.76 33.08 55.81
C VAL C 500 14.78 32.37 54.93
N GLY C 501 15.66 33.14 54.28
CA GLY C 501 16.67 32.54 53.43
C GLY C 501 17.69 31.71 54.17
N TYR C 502 17.81 31.91 55.49
CA TYR C 502 18.74 31.16 56.30
C TYR C 502 18.06 30.14 57.21
N GLN C 503 16.73 30.19 57.33
CA GLN C 503 16.04 29.20 58.13
C GLN C 503 16.11 27.83 57.43
N PRO C 504 16.08 26.75 58.21
CA PRO C 504 16.18 25.42 57.60
C PRO C 504 14.95 25.10 56.76
N TYR C 505 15.18 24.32 55.71
CA TYR C 505 14.12 23.85 54.81
C TYR C 505 14.39 22.39 54.51
N ARG C 506 13.39 21.55 54.70
CA ARG C 506 13.48 20.15 54.34
C ARG C 506 13.13 19.97 52.87
N VAL C 507 14.03 19.33 52.14
CA VAL C 507 13.91 19.18 50.69
C VAL C 507 13.89 17.69 50.37
N VAL C 508 12.89 17.28 49.58
CA VAL C 508 12.76 15.93 49.08
C VAL C 508 12.74 15.99 47.56
N VAL C 509 13.64 15.24 46.92
CA VAL C 509 13.73 15.17 45.47
C VAL C 509 13.29 13.78 45.04
N LEU C 510 12.26 13.72 44.21
CA LEU C 510 11.75 12.48 43.65
C LEU C 510 12.25 12.36 42.22
N SER C 511 13.11 11.37 41.98
CA SER C 511 13.67 11.10 40.66
C SER C 511 12.90 9.93 40.07
N PHE C 512 12.10 10.20 39.04
CA PHE C 512 11.33 9.17 38.36
C PHE C 512 12.16 8.61 37.21
N GLU C 513 12.11 7.28 37.05
CA GLU C 513 12.86 6.59 36.01
C GLU C 513 11.93 5.61 35.32
N LEU C 514 11.71 5.83 34.03
CA LEU C 514 10.85 5.00 33.19
C LEU C 514 11.75 4.34 32.16
N LEU C 515 12.34 3.21 32.54
CA LEU C 515 13.28 2.49 31.70
C LEU C 515 12.54 1.37 30.95
N HIS C 516 13.29 0.51 30.27
CA HIS C 516 12.71 -0.62 29.56
C HIS C 516 12.12 -1.65 30.50
N ALA C 517 12.40 -1.56 31.80
CA ALA C 517 11.84 -2.49 32.76
C ALA C 517 10.33 -2.29 32.86
N PRO C 518 9.60 -3.31 33.33
CA PRO C 518 8.15 -3.16 33.45
C PRO C 518 7.77 -2.01 34.36
N ALA C 519 6.64 -1.38 34.05
CA ALA C 519 6.14 -0.28 34.88
C ALA C 519 5.79 -0.80 36.26
N THR C 520 6.44 -0.25 37.28
CA THR C 520 6.22 -0.66 38.66
C THR C 520 5.59 0.44 39.51
N VAL C 521 6.18 1.63 39.52
CA VAL C 521 5.66 2.75 40.30
C VAL C 521 4.66 3.50 39.43
N CYS C 522 3.38 3.38 39.78
CA CYS C 522 2.30 4.08 39.08
C CYS C 522 1.44 4.80 40.09
N GLY C 523 0.85 5.91 39.65
CA GLY C 523 -0.16 6.59 40.44
C GLY C 523 -1.48 5.84 40.36
N PRO C 524 -2.37 6.09 41.31
CA PRO C 524 -3.66 5.37 41.30
C PRO C 524 -4.43 5.64 40.02
N LYS C 525 -4.62 4.58 39.23
CA LYS C 525 -5.37 4.71 37.99
C LYS C 525 -6.79 5.18 38.29
N LYS C 526 -7.29 6.09 37.45
CA LYS C 526 -8.60 6.65 37.67
C LYS C 526 -9.66 5.57 37.55
N SER C 527 -10.21 5.14 38.68
CA SER C 527 -11.22 4.08 38.71
C SER C 527 -12.59 4.74 38.83
N THR C 528 -13.23 4.96 37.69
CA THR C 528 -14.55 5.58 37.69
C THR C 528 -15.58 4.63 38.28
N ASN C 529 -16.64 5.21 38.83
CA ASN C 529 -17.71 4.40 39.40
C ASN C 529 -18.38 3.58 38.31
N LEU C 530 -18.90 2.42 38.70
CA LEU C 530 -19.49 1.48 37.76
C LEU C 530 -21.00 1.73 37.69
N VAL C 531 -21.51 1.81 36.46
CA VAL C 531 -22.92 2.04 36.21
C VAL C 531 -23.47 0.82 35.48
N LYS C 532 -24.67 0.39 35.87
CA LYS C 532 -25.26 -0.81 35.33
C LYS C 532 -26.42 -0.49 34.40
N ASN C 533 -26.65 -1.37 33.43
CA ASN C 533 -27.79 -1.30 32.54
C ASN C 533 -27.83 0.00 31.73
N LYS C 534 -26.68 0.43 31.22
CA LYS C 534 -26.62 1.56 30.32
C LYS C 534 -25.48 1.36 29.33
N CYS C 535 -25.71 1.78 28.09
CA CYS C 535 -24.68 1.68 27.06
C CYS C 535 -23.53 2.61 27.43
N VAL C 536 -22.40 2.02 27.84
CA VAL C 536 -21.25 2.79 28.29
C VAL C 536 -19.99 2.23 27.65
N ASN C 537 -18.95 3.06 27.62
CA ASN C 537 -17.63 2.66 27.16
C ASN C 537 -16.82 2.25 28.38
N PHE C 538 -16.63 0.95 28.54
CA PHE C 538 -15.97 0.36 29.68
C PHE C 538 -14.50 0.09 29.39
N ASN C 539 -13.71 0.14 30.46
CA ASN C 539 -12.29 -0.23 30.41
C ASN C 539 -11.97 -0.96 31.70
N PHE C 540 -11.73 -2.26 31.58
CA PHE C 540 -11.37 -3.11 32.70
C PHE C 540 -9.91 -3.52 32.55
N ASN C 541 -9.05 -2.94 33.39
CA ASN C 541 -7.64 -3.31 33.43
C ASN C 541 -7.01 -3.20 32.04
N GLY C 542 -7.37 -2.14 31.32
CA GLY C 542 -6.82 -1.90 30.01
C GLY C 542 -7.60 -2.51 28.87
N LEU C 543 -8.49 -3.46 29.14
CA LEU C 543 -9.34 -4.04 28.12
C LEU C 543 -10.54 -3.12 27.91
N THR C 544 -10.64 -2.53 26.73
CA THR C 544 -11.65 -1.53 26.44
C THR C 544 -12.77 -2.13 25.60
N GLY C 545 -13.92 -1.48 25.64
CA GLY C 545 -15.04 -1.87 24.81
C GLY C 545 -16.22 -0.99 25.12
N THR C 546 -17.33 -1.27 24.44
CA THR C 546 -18.56 -0.52 24.64
C THR C 546 -19.73 -1.48 24.67
N GLY C 547 -20.63 -1.30 25.64
CA GLY C 547 -21.74 -2.21 25.78
C GLY C 547 -22.53 -1.92 27.03
N VAL C 548 -23.42 -2.86 27.36
CA VAL C 548 -24.21 -2.83 28.58
C VAL C 548 -23.63 -3.87 29.53
N LEU C 549 -23.32 -3.43 30.74
CA LEU C 549 -22.75 -4.29 31.78
C LEU C 549 -23.87 -4.68 32.73
N THR C 550 -24.04 -5.97 32.97
CA THR C 550 -25.13 -6.46 33.79
C THR C 550 -24.61 -7.52 34.75
N GLU C 551 -25.34 -7.71 35.84
CA GLU C 551 -24.97 -8.74 36.80
C GLU C 551 -25.09 -10.12 36.16
N SER C 552 -24.27 -11.06 36.63
CA SER C 552 -24.20 -12.38 36.06
C SER C 552 -24.02 -13.41 37.16
N ASN C 553 -24.36 -14.66 36.84
CA ASN C 553 -24.23 -15.79 37.74
C ASN C 553 -23.11 -16.73 37.34
N LYS C 554 -22.32 -16.35 36.34
CA LYS C 554 -21.29 -17.23 35.80
C LYS C 554 -20.08 -17.20 36.73
N LYS C 555 -19.72 -18.37 37.26
CA LYS C 555 -18.71 -18.47 38.31
C LYS C 555 -17.33 -18.52 37.68
N PHE C 556 -16.67 -17.36 37.61
CA PHE C 556 -15.30 -17.30 37.14
C PHE C 556 -14.38 -18.00 38.14
N LEU C 557 -13.37 -18.68 37.60
CA LEU C 557 -12.36 -19.28 38.45
C LEU C 557 -11.48 -18.19 39.06
N PRO C 558 -10.85 -18.45 40.20
CA PRO C 558 -10.09 -17.39 40.87
C PRO C 558 -9.04 -16.76 39.98
N PHE C 559 -8.39 -17.54 39.13
CA PHE C 559 -7.32 -17.02 38.28
C PHE C 559 -7.83 -16.37 37.01
N GLN C 560 -9.08 -16.58 36.64
CA GLN C 560 -9.63 -16.08 35.40
C GLN C 560 -10.05 -14.63 35.57
N GLN C 561 -9.94 -13.85 34.48
CA GLN C 561 -10.29 -12.44 34.52
C GLN C 561 -11.34 -12.04 33.49
N PHE C 562 -11.37 -12.70 32.33
CA PHE C 562 -12.27 -12.32 31.25
C PHE C 562 -13.07 -13.52 30.78
N GLY C 563 -14.19 -13.24 30.13
CA GLY C 563 -14.98 -14.25 29.46
C GLY C 563 -15.07 -13.95 27.97
N ARG C 564 -15.19 -15.00 27.18
CA ARG C 564 -15.29 -14.86 25.74
C ARG C 564 -16.35 -15.81 25.21
N ASP C 565 -16.87 -15.49 24.04
CA ASP C 565 -17.90 -16.28 23.38
C ASP C 565 -17.27 -17.21 22.36
N ILE C 566 -18.09 -18.05 21.73
CA ILE C 566 -17.59 -18.93 20.67
C ILE C 566 -16.89 -18.11 19.61
N ALA C 567 -17.39 -16.90 19.35
CA ALA C 567 -16.77 -15.98 18.41
C ALA C 567 -15.52 -15.33 18.97
N ASP C 568 -15.04 -15.74 20.14
CA ASP C 568 -13.86 -15.22 20.80
C ASP C 568 -14.05 -13.80 21.31
N THR C 569 -15.18 -13.17 21.02
CA THR C 569 -15.41 -11.83 21.53
C THR C 569 -15.60 -11.87 23.05
N THR C 570 -15.25 -10.77 23.69
CA THR C 570 -15.37 -10.69 25.14
C THR C 570 -16.81 -10.93 25.56
N ASP C 571 -16.99 -11.79 26.56
CA ASP C 571 -18.31 -12.16 27.06
C ASP C 571 -18.62 -11.53 28.40
N ALA C 572 -17.76 -11.75 29.40
CA ALA C 572 -18.01 -11.24 30.74
C ALA C 572 -16.67 -11.01 31.43
N VAL C 573 -16.69 -10.17 32.46
CA VAL C 573 -15.47 -9.77 33.14
C VAL C 573 -15.73 -9.62 34.64
N ARG C 574 -14.66 -9.75 35.41
CA ARG C 574 -14.69 -9.59 36.85
C ARG C 574 -14.19 -8.20 37.22
N ASP C 575 -14.96 -7.47 38.01
CA ASP C 575 -14.59 -6.11 38.36
C ASP C 575 -13.27 -6.12 39.12
N PRO C 576 -12.30 -5.28 38.75
CA PRO C 576 -11.00 -5.32 39.42
C PRO C 576 -11.05 -4.92 40.88
N GLN C 577 -12.09 -4.22 41.31
CA GLN C 577 -12.22 -3.78 42.70
C GLN C 577 -13.12 -4.68 43.52
N THR C 578 -14.21 -5.17 42.92
CA THR C 578 -15.11 -6.12 43.55
C THR C 578 -15.04 -7.42 42.77
N LEU C 579 -14.82 -8.53 43.47
CA LEU C 579 -14.70 -9.82 42.79
C LEU C 579 -16.08 -10.34 42.42
N GLU C 580 -16.75 -9.63 41.51
CA GLU C 580 -18.02 -10.08 40.97
C GLU C 580 -17.95 -10.03 39.45
N ILE C 581 -18.74 -10.90 38.82
CA ILE C 581 -18.69 -11.10 37.38
C ILE C 581 -19.87 -10.39 36.75
N LEU C 582 -19.61 -9.67 35.67
CA LEU C 582 -20.63 -8.93 34.93
C LEU C 582 -20.59 -9.35 33.47
N ASP C 583 -21.77 -9.62 32.92
CA ASP C 583 -21.91 -9.92 31.50
C ASP C 583 -21.91 -8.64 30.69
N ILE C 584 -21.30 -8.71 29.51
CA ILE C 584 -21.19 -7.59 28.59
C ILE C 584 -22.06 -7.93 27.38
N THR C 585 -23.05 -7.08 27.09
CA THR C 585 -23.90 -7.25 25.92
C THR C 585 -23.72 -6.07 25.00
N PRO C 586 -23.39 -6.25 23.73
CA PRO C 586 -23.20 -5.09 22.86
C PRO C 586 -24.44 -4.21 22.83
N CYS C 587 -24.23 -2.90 22.76
CA CYS C 587 -25.33 -1.96 22.84
C CYS C 587 -26.34 -2.23 21.73
N SER C 588 -27.60 -1.94 22.01
CA SER C 588 -28.67 -2.26 21.08
C SER C 588 -28.46 -1.54 19.75
N PHE C 589 -28.77 -2.25 18.67
CA PHE C 589 -28.67 -1.71 17.32
C PHE C 589 -29.61 -2.50 16.43
N GLY C 590 -29.65 -2.11 15.16
CA GLY C 590 -30.45 -2.85 14.20
C GLY C 590 -30.65 -2.12 12.89
N GLY C 591 -31.85 -2.21 12.34
CA GLY C 591 -32.16 -1.54 11.09
C GLY C 591 -33.49 -0.86 11.17
N VAL C 592 -33.63 0.23 10.42
CA VAL C 592 -34.83 1.05 10.41
C VAL C 592 -35.53 0.84 9.07
N SER C 593 -36.72 0.26 9.11
CA SER C 593 -37.50 0.04 7.91
C SER C 593 -38.77 0.88 7.98
N VAL C 594 -39.36 1.17 6.83
CA VAL C 594 -40.53 2.04 6.75
C VAL C 594 -41.68 1.24 6.20
N ILE C 595 -42.82 1.31 6.88
CA ILE C 595 -44.07 0.74 6.39
C ILE C 595 -44.94 1.89 5.93
N THR C 596 -45.40 1.85 4.68
CA THR C 596 -46.26 2.91 4.20
C THR C 596 -46.99 2.48 2.94
N PRO C 597 -48.22 2.95 2.73
CA PRO C 597 -48.84 2.78 1.42
C PRO C 597 -48.16 3.66 0.40
N GLY C 598 -48.62 3.62 -0.84
CA GLY C 598 -47.99 4.42 -1.88
C GLY C 598 -48.16 5.90 -1.66
N THR C 599 -47.18 6.67 -2.12
CA THR C 599 -47.26 8.12 -1.99
C THR C 599 -48.48 8.68 -2.70
N ASN C 600 -49.02 7.97 -3.67
CA ASN C 600 -50.24 8.40 -4.33
C ASN C 600 -51.46 8.28 -3.43
N THR C 601 -51.30 7.69 -2.25
CA THR C 601 -52.39 7.52 -1.31
C THR C 601 -52.30 8.46 -0.12
N SER C 602 -51.15 8.50 0.56
CA SER C 602 -51.00 9.34 1.74
C SER C 602 -49.52 9.55 2.03
N ASN C 603 -49.25 10.55 2.87
CA ASN C 603 -47.90 10.79 3.38
C ASN C 603 -47.70 10.21 4.77
N GLN C 604 -48.73 9.59 5.35
CA GLN C 604 -48.58 8.96 6.65
C GLN C 604 -47.69 7.74 6.54
N VAL C 605 -46.90 7.48 7.57
CA VAL C 605 -45.93 6.38 7.55
C VAL C 605 -45.81 5.77 8.93
N ALA C 606 -45.16 4.62 8.98
CA ALA C 606 -44.85 3.94 10.23
C ALA C 606 -43.41 3.43 10.17
N VAL C 607 -42.79 3.29 11.34
CA VAL C 607 -41.38 2.94 11.45
C VAL C 607 -41.27 1.57 12.11
N LEU C 608 -40.26 0.82 11.69
CA LEU C 608 -39.97 -0.50 12.23
C LEU C 608 -38.51 -0.54 12.67
N TYR C 609 -38.28 -0.85 13.93
CA TYR C 609 -36.95 -1.07 14.48
C TYR C 609 -36.74 -2.57 14.60
N GLN C 610 -35.69 -3.09 13.97
CA GLN C 610 -35.49 -4.52 13.85
C GLN C 610 -34.80 -5.08 15.08
N GLY C 611 -35.38 -6.13 15.66
CA GLY C 611 -34.68 -6.90 16.68
C GLY C 611 -34.22 -6.10 17.87
N VAL C 612 -35.02 -5.14 18.31
CA VAL C 612 -34.72 -4.37 19.51
C VAL C 612 -36.00 -4.24 20.33
N ASN C 613 -35.82 -3.95 21.61
CA ASN C 613 -36.95 -3.78 22.51
C ASN C 613 -37.50 -2.36 22.39
N CYS C 614 -38.77 -2.22 22.77
CA CYS C 614 -39.42 -0.91 22.68
C CYS C 614 -39.02 -0.04 23.87
N THR C 615 -37.73 0.12 24.09
CA THR C 615 -37.23 0.92 25.20
C THR C 615 -36.29 2.03 24.76
N GLU C 616 -35.30 1.72 23.92
CA GLU C 616 -34.26 2.69 23.62
C GLU C 616 -34.78 3.84 22.78
N VAL C 617 -35.73 3.58 21.90
CA VAL C 617 -36.24 4.62 21.01
C VAL C 617 -36.95 5.70 21.83
N ASN C 638 -48.59 5.51 21.03
CA ASN C 638 -48.91 4.43 20.11
C ASN C 638 -47.67 3.65 19.70
N VAL C 639 -47.42 2.53 20.39
CA VAL C 639 -46.26 1.69 20.13
C VAL C 639 -46.72 0.25 20.20
N PHE C 640 -46.08 -0.62 19.41
CA PHE C 640 -46.39 -2.03 19.43
C PHE C 640 -45.09 -2.84 19.50
N GLN C 641 -45.13 -3.94 20.24
CA GLN C 641 -44.01 -4.87 20.33
C GLN C 641 -44.34 -6.13 19.55
N THR C 642 -43.48 -6.50 18.62
CA THR C 642 -43.60 -7.75 17.89
C THR C 642 -42.27 -8.50 17.96
N ARG C 643 -42.30 -9.78 17.60
CA ARG C 643 -41.06 -10.51 17.54
C ARG C 643 -40.14 -9.99 16.45
N ALA C 644 -40.67 -9.19 15.51
CA ALA C 644 -39.83 -8.52 14.54
C ALA C 644 -39.08 -7.34 15.12
N GLY C 645 -39.51 -6.84 16.28
CA GLY C 645 -38.90 -5.71 16.92
C GLY C 645 -39.94 -4.73 17.40
N CYS C 646 -39.58 -3.46 17.37
CA CYS C 646 -40.47 -2.42 17.86
C CYS C 646 -41.11 -1.68 16.68
N LEU C 647 -42.43 -1.62 16.67
CA LEU C 647 -43.17 -0.94 15.63
C LEU C 647 -43.75 0.35 16.19
N ILE C 648 -43.58 1.44 15.45
CA ILE C 648 -44.05 2.74 15.86
C ILE C 648 -44.90 3.32 14.74
N GLY C 649 -45.93 4.07 15.10
CA GLY C 649 -46.81 4.65 14.13
C GLY C 649 -47.92 3.73 13.67
N ALA C 650 -48.01 2.54 14.23
CA ALA C 650 -49.04 1.58 13.88
C ALA C 650 -49.91 1.31 15.10
N GLU C 651 -51.22 1.38 14.91
CA GLU C 651 -52.18 1.04 15.96
C GLU C 651 -52.53 -0.43 15.87
N HIS C 652 -52.24 -1.18 16.93
CA HIS C 652 -52.41 -2.61 16.90
C HIS C 652 -53.89 -2.97 16.84
N VAL C 653 -54.20 -4.07 16.18
CA VAL C 653 -55.58 -4.52 16.00
C VAL C 653 -55.65 -6.02 16.26
N ASN C 654 -56.86 -6.50 16.56
CA ASN C 654 -57.09 -7.93 16.72
C ASN C 654 -57.57 -8.59 15.43
N ASN C 655 -58.45 -7.93 14.69
CA ASN C 655 -59.06 -8.55 13.52
C ASN C 655 -57.99 -8.95 12.50
N SER C 656 -58.12 -10.17 11.98
CA SER C 656 -57.18 -10.70 11.02
C SER C 656 -57.64 -10.42 9.59
N TYR C 657 -56.67 -10.30 8.68
CA TYR C 657 -56.95 -10.04 7.28
C TYR C 657 -55.86 -10.67 6.44
N GLU C 658 -55.97 -10.53 5.13
CA GLU C 658 -54.91 -10.98 4.24
C GLU C 658 -53.69 -10.08 4.39
N CYS C 659 -52.51 -10.71 4.41
CA CYS C 659 -51.29 -9.94 4.53
C CYS C 659 -51.16 -8.96 3.38
N ASP C 660 -50.81 -7.71 3.69
CA ASP C 660 -50.66 -6.67 2.68
C ASP C 660 -49.20 -6.28 2.50
N ILE C 661 -48.57 -5.77 3.55
CA ILE C 661 -47.15 -5.48 3.55
C ILE C 661 -46.49 -6.39 4.57
N PRO C 662 -45.77 -7.43 4.15
CA PRO C 662 -45.16 -8.33 5.13
C PRO C 662 -44.20 -7.59 6.05
N ILE C 663 -44.33 -7.83 7.34
CA ILE C 663 -43.39 -7.33 8.34
C ILE C 663 -42.60 -8.48 8.94
N GLY C 664 -43.27 -9.57 9.29
CA GLY C 664 -42.61 -10.76 9.78
C GLY C 664 -43.19 -11.22 11.09
N ALA C 665 -42.81 -12.44 11.47
CA ALA C 665 -43.33 -13.06 12.67
C ALA C 665 -44.85 -13.03 12.67
N GLY C 666 -45.45 -13.27 11.51
CA GLY C 666 -46.88 -13.29 11.39
C GLY C 666 -47.53 -11.93 11.39
N ILE C 667 -46.74 -10.86 11.40
CA ILE C 667 -47.25 -9.50 11.50
C ILE C 667 -47.19 -8.85 10.12
N CYS C 668 -48.35 -8.44 9.63
CA CYS C 668 -48.48 -7.69 8.39
C CYS C 668 -49.32 -6.44 8.66
N ALA C 669 -49.08 -5.40 7.88
CA ALA C 669 -49.73 -4.12 8.09
C ALA C 669 -50.29 -3.59 6.79
N SER C 670 -51.24 -2.66 6.95
CA SER C 670 -51.85 -2.00 5.80
C SER C 670 -52.42 -0.67 6.27
N TYR C 671 -52.71 0.19 5.31
CA TYR C 671 -53.35 1.48 5.55
C TYR C 671 -54.83 1.32 5.24
N GLN C 672 -55.68 1.43 6.25
CA GLN C 672 -57.10 1.15 6.09
C GLN C 672 -57.89 2.03 7.07
N THR C 673 -59.16 1.69 7.27
CA THR C 673 -59.98 2.42 8.22
C THR C 673 -59.96 1.73 9.58
N SER C 686 -60.09 9.25 9.16
CA SER C 686 -60.60 7.99 9.68
C SER C 686 -59.62 6.86 9.42
N GLN C 687 -58.89 6.95 8.31
CA GLN C 687 -57.94 5.92 7.94
C GLN C 687 -56.58 6.18 8.60
N SER C 688 -55.81 5.12 8.75
CA SER C 688 -54.48 5.17 9.33
C SER C 688 -53.79 3.85 9.05
N ILE C 689 -52.55 3.76 9.51
CA ILE C 689 -51.78 2.53 9.42
C ILE C 689 -52.20 1.60 10.54
N ILE C 690 -52.33 0.31 10.23
CA ILE C 690 -52.67 -0.71 11.21
C ILE C 690 -51.83 -1.94 10.94
N ALA C 691 -51.62 -2.73 12.00
CA ALA C 691 -50.86 -3.97 11.94
C ALA C 691 -51.66 -5.08 12.59
N TYR C 692 -51.38 -6.31 12.19
CA TYR C 692 -52.22 -7.42 12.59
C TYR C 692 -51.57 -8.74 12.20
N THR C 693 -52.22 -9.82 12.58
CA THR C 693 -51.79 -11.16 12.23
C THR C 693 -52.49 -11.62 10.96
N MET C 694 -51.72 -12.01 9.95
CA MET C 694 -52.31 -12.40 8.68
C MET C 694 -53.14 -13.66 8.84
N SER C 695 -54.20 -13.76 8.03
CA SER C 695 -55.21 -14.80 8.22
C SER C 695 -54.81 -16.13 7.59
N LEU C 696 -54.17 -16.08 6.42
CA LEU C 696 -53.88 -17.26 5.60
C LEU C 696 -55.12 -17.73 4.87
N GLY C 697 -56.17 -16.90 4.80
CA GLY C 697 -57.37 -17.27 4.10
C GLY C 697 -58.53 -17.53 5.04
N VAL C 698 -59.74 -17.58 4.48
CA VAL C 698 -60.92 -17.83 5.31
C VAL C 698 -61.02 -19.32 5.62
N GLU C 699 -61.14 -19.63 6.90
CA GLU C 699 -61.31 -21.02 7.32
C GLU C 699 -62.60 -21.58 6.75
N ASN C 700 -62.54 -22.81 6.24
CA ASN C 700 -63.71 -23.46 5.65
C ASN C 700 -63.68 -24.93 6.02
N SER C 701 -64.67 -25.36 6.79
CA SER C 701 -64.80 -26.77 7.11
C SER C 701 -65.29 -27.55 5.89
N VAL C 702 -64.97 -28.85 5.88
CA VAL C 702 -65.40 -29.76 4.82
C VAL C 702 -66.32 -30.79 5.46
N ALA C 703 -67.51 -30.95 4.86
CA ALA C 703 -68.53 -31.86 5.40
C ALA C 703 -68.23 -33.28 4.92
N TYR C 704 -67.20 -33.87 5.52
CA TYR C 704 -66.88 -35.25 5.20
C TYR C 704 -67.92 -36.19 5.76
N SER C 705 -68.08 -37.32 5.08
CA SER C 705 -68.80 -38.45 5.66
C SER C 705 -68.40 -39.69 4.88
N ASN C 706 -68.72 -40.84 5.44
CA ASN C 706 -68.38 -42.08 4.76
C ASN C 706 -69.37 -42.44 3.66
N ASN C 707 -70.35 -41.58 3.39
CA ASN C 707 -71.33 -41.88 2.36
C ASN C 707 -71.78 -40.64 1.60
N SER C 708 -70.98 -39.58 1.62
CA SER C 708 -71.37 -38.30 1.03
C SER C 708 -70.32 -37.87 0.03
N ILE C 709 -70.73 -37.63 -1.21
CA ILE C 709 -69.80 -37.24 -2.27
C ILE C 709 -70.32 -35.98 -2.95
N ALA C 710 -69.39 -35.14 -3.37
CA ALA C 710 -69.72 -33.91 -4.08
C ALA C 710 -69.32 -34.05 -5.54
N ILE C 711 -70.30 -33.93 -6.44
CA ILE C 711 -70.07 -33.95 -7.88
C ILE C 711 -70.42 -32.58 -8.42
N PRO C 712 -69.59 -32.01 -9.31
CA PRO C 712 -69.98 -30.76 -9.95
C PRO C 712 -70.93 -31.00 -11.10
N THR C 713 -71.71 -29.97 -11.43
CA THR C 713 -72.64 -30.02 -12.55
C THR C 713 -72.33 -29.02 -13.65
N ASN C 714 -71.52 -28.00 -13.37
CA ASN C 714 -71.26 -26.95 -14.34
C ASN C 714 -69.78 -26.60 -14.27
N PHE C 715 -69.24 -26.18 -15.41
CA PHE C 715 -67.81 -26.04 -15.56
C PHE C 715 -67.47 -24.73 -16.26
N THR C 716 -66.33 -24.16 -15.90
CA THR C 716 -65.89 -22.89 -16.45
C THR C 716 -64.51 -23.03 -17.06
N ILE C 717 -64.27 -22.26 -18.11
CA ILE C 717 -62.97 -22.16 -18.76
C ILE C 717 -62.32 -20.88 -18.27
N SER C 718 -61.15 -21.00 -17.66
CA SER C 718 -60.42 -19.83 -17.21
C SER C 718 -59.15 -19.69 -18.02
N VAL C 719 -58.84 -18.45 -18.40
CA VAL C 719 -57.62 -18.12 -19.12
C VAL C 719 -56.70 -17.40 -18.15
N THR C 720 -55.68 -18.09 -17.69
CA THR C 720 -54.75 -17.51 -16.72
C THR C 720 -53.42 -17.23 -17.38
N THR C 721 -52.71 -16.25 -16.84
CA THR C 721 -51.45 -15.80 -17.38
C THR C 721 -50.30 -16.40 -16.59
N GLU C 722 -49.29 -16.88 -17.29
CA GLU C 722 -48.07 -17.37 -16.65
C GLU C 722 -46.89 -16.78 -17.41
N ILE C 723 -46.08 -15.99 -16.73
CA ILE C 723 -45.03 -15.21 -17.39
C ILE C 723 -43.68 -15.73 -16.93
N LEU C 724 -42.75 -15.84 -17.87
CA LEU C 724 -41.42 -16.34 -17.56
C LEU C 724 -40.35 -15.49 -18.25
N PRO C 725 -39.31 -15.06 -17.54
CA PRO C 725 -38.15 -14.50 -18.23
C PRO C 725 -37.46 -15.59 -19.04
N VAL C 726 -36.85 -15.19 -20.15
CA VAL C 726 -36.16 -16.11 -21.03
C VAL C 726 -34.71 -15.68 -21.26
N SER C 727 -34.49 -14.40 -21.53
CA SER C 727 -33.14 -13.92 -21.77
C SER C 727 -32.95 -12.57 -21.09
N MET C 728 -31.70 -12.24 -20.83
CA MET C 728 -31.32 -10.96 -20.30
C MET C 728 -30.51 -10.21 -21.34
N THR C 729 -30.48 -8.88 -21.22
CA THR C 729 -29.76 -8.08 -22.19
C THR C 729 -28.32 -8.55 -22.29
N LYS C 730 -27.86 -8.78 -23.52
CA LYS C 730 -26.51 -9.28 -23.76
C LYS C 730 -25.54 -8.14 -23.53
N THR C 731 -25.10 -8.00 -22.30
CA THR C 731 -24.10 -7.00 -21.98
C THR C 731 -22.72 -7.51 -22.33
N SER C 732 -21.80 -6.57 -22.57
CA SER C 732 -20.39 -6.89 -22.74
C SER C 732 -19.57 -5.70 -22.28
N VAL C 733 -18.37 -5.97 -21.79
CA VAL C 733 -17.49 -4.95 -21.24
C VAL C 733 -16.10 -5.14 -21.83
N ASP C 734 -15.50 -4.04 -22.28
CA ASP C 734 -14.09 -4.06 -22.70
C ASP C 734 -13.23 -3.86 -21.47
N CYS C 735 -12.71 -4.97 -20.93
CA CYS C 735 -11.93 -4.89 -19.69
C CYS C 735 -10.82 -3.86 -19.79
N THR C 736 -10.00 -3.96 -20.85
CA THR C 736 -8.86 -3.06 -20.98
C THR C 736 -9.32 -1.61 -21.03
N MET C 737 -10.25 -1.30 -21.92
CA MET C 737 -10.71 0.08 -22.05
C MET C 737 -11.34 0.56 -20.74
N TYR C 738 -12.16 -0.28 -20.11
CA TYR C 738 -12.85 0.15 -18.91
C TYR C 738 -11.87 0.48 -17.80
N ILE C 739 -10.87 -0.38 -17.58
CA ILE C 739 -9.95 -0.13 -16.48
C ILE C 739 -9.01 1.02 -16.81
N CYS C 740 -8.46 1.04 -18.02
CA CYS C 740 -7.39 1.96 -18.39
C CYS C 740 -7.78 2.74 -19.65
N GLY C 741 -8.98 3.30 -19.65
CA GLY C 741 -9.46 4.01 -20.82
C GLY C 741 -8.46 5.04 -21.32
N ASP C 742 -7.84 4.74 -22.47
CA ASP C 742 -6.92 5.68 -23.12
C ASP C 742 -5.77 6.07 -22.21
N SER C 743 -5.12 5.07 -21.60
CA SER C 743 -3.95 5.30 -20.76
C SER C 743 -2.93 4.20 -21.05
N THR C 744 -1.87 4.55 -21.77
CA THR C 744 -0.87 3.56 -22.12
C THR C 744 -0.15 3.02 -20.89
N GLU C 745 0.25 3.91 -19.98
CA GLU C 745 0.96 3.48 -18.78
C GLU C 745 0.07 2.60 -17.92
N CYS C 746 -1.20 2.98 -17.79
CA CYS C 746 -2.15 2.15 -17.05
C CYS C 746 -2.26 0.78 -17.68
N SER C 747 -2.31 0.72 -19.00
CA SER C 747 -2.35 -0.58 -19.68
C SER C 747 -1.10 -1.39 -19.40
N ASN C 748 0.06 -0.74 -19.43
CA ASN C 748 1.31 -1.45 -19.16
C ASN C 748 1.29 -2.05 -17.77
N LEU C 749 0.87 -1.28 -16.79
CA LEU C 749 0.78 -1.82 -15.44
C LEU C 749 -0.27 -2.91 -15.36
N LEU C 750 -1.37 -2.78 -16.10
CA LEU C 750 -2.40 -3.80 -16.10
C LEU C 750 -1.87 -5.12 -16.63
N LEU C 751 -0.96 -5.07 -17.60
CA LEU C 751 -0.45 -6.29 -18.21
C LEU C 751 0.12 -7.24 -17.17
N GLN C 752 0.63 -6.72 -16.05
CA GLN C 752 1.18 -7.59 -15.02
C GLN C 752 0.13 -8.46 -14.36
N TYR C 753 -1.15 -8.16 -14.57
CA TYR C 753 -2.23 -9.00 -14.04
C TYR C 753 -2.60 -10.13 -14.97
N GLY C 754 -1.97 -10.23 -16.13
CA GLY C 754 -2.19 -11.38 -16.98
C GLY C 754 -3.62 -11.47 -17.48
N SER C 755 -4.18 -12.67 -17.38
CA SER C 755 -5.42 -13.02 -18.07
C SER C 755 -6.67 -12.55 -17.35
N PHE C 756 -6.53 -11.73 -16.30
CA PHE C 756 -7.71 -11.16 -15.68
C PHE C 756 -8.57 -10.43 -16.71
N CYS C 757 -7.93 -9.65 -17.57
CA CYS C 757 -8.68 -8.93 -18.60
C CYS C 757 -9.40 -9.90 -19.53
N THR C 758 -8.71 -10.96 -19.95
CA THR C 758 -9.24 -11.82 -21.00
C THR C 758 -10.37 -12.71 -20.49
N GLN C 759 -10.20 -13.29 -19.30
CA GLN C 759 -11.19 -14.26 -18.84
C GLN C 759 -12.54 -13.62 -18.57
N LEU C 760 -12.58 -12.37 -18.16
CA LEU C 760 -13.87 -11.71 -17.99
C LEU C 760 -14.61 -11.61 -19.31
N ASN C 761 -13.91 -11.22 -20.37
CA ASN C 761 -14.53 -11.19 -21.69
C ASN C 761 -14.99 -12.58 -22.09
N ARG C 762 -14.18 -13.59 -21.80
CA ARG C 762 -14.59 -14.96 -22.11
C ARG C 762 -15.91 -15.30 -21.45
N ALA C 763 -16.01 -15.02 -20.14
CA ALA C 763 -17.21 -15.41 -19.39
C ALA C 763 -18.43 -14.65 -19.89
N LEU C 764 -18.30 -13.34 -20.11
CA LEU C 764 -19.45 -12.58 -20.57
C LEU C 764 -19.87 -13.01 -21.96
N THR C 765 -18.89 -13.33 -22.82
CA THR C 765 -19.23 -13.85 -24.14
C THR C 765 -20.02 -15.14 -24.02
N GLY C 766 -19.59 -16.02 -23.11
CA GLY C 766 -20.35 -17.23 -22.87
C GLY C 766 -21.75 -16.94 -22.41
N ILE C 767 -21.92 -15.92 -21.56
CA ILE C 767 -23.26 -15.58 -21.10
C ILE C 767 -24.12 -15.16 -22.26
N ALA C 768 -23.59 -14.32 -23.15
CA ALA C 768 -24.38 -13.89 -24.31
C ALA C 768 -24.72 -15.08 -25.19
N VAL C 769 -23.76 -15.97 -25.41
CA VAL C 769 -24.01 -17.14 -26.25
C VAL C 769 -25.12 -17.98 -25.65
N GLU C 770 -25.06 -18.21 -24.34
CA GLU C 770 -26.11 -19.01 -23.71
C GLU C 770 -27.44 -18.28 -23.69
N GLN C 771 -27.44 -16.95 -23.74
CA GLN C 771 -28.69 -16.23 -23.88
C GLN C 771 -29.34 -16.55 -25.22
N ASP C 772 -28.56 -16.46 -26.29
CA ASP C 772 -29.12 -16.82 -27.59
C ASP C 772 -29.56 -18.28 -27.59
N LYS C 773 -28.80 -19.15 -26.93
CA LYS C 773 -29.20 -20.55 -26.84
C LYS C 773 -30.52 -20.69 -26.10
N ASN C 774 -30.70 -19.93 -25.03
CA ASN C 774 -31.95 -19.97 -24.28
C ASN C 774 -33.12 -19.62 -25.18
N THR C 775 -33.01 -18.50 -25.90
CA THR C 775 -34.12 -18.11 -26.77
C THR C 775 -34.37 -19.17 -27.83
N GLN C 776 -33.30 -19.69 -28.43
CA GLN C 776 -33.46 -20.72 -29.44
C GLN C 776 -34.23 -21.91 -28.90
N GLU C 777 -33.82 -22.42 -27.74
CA GLU C 777 -34.47 -23.61 -27.20
C GLU C 777 -35.90 -23.31 -26.77
N VAL C 778 -36.17 -22.11 -26.25
CA VAL C 778 -37.51 -21.79 -25.79
C VAL C 778 -38.47 -21.73 -26.96
N PHE C 779 -38.04 -21.14 -28.09
CA PHE C 779 -38.95 -20.93 -29.20
C PHE C 779 -38.80 -21.95 -30.31
N ALA C 780 -37.62 -22.06 -30.91
CA ALA C 780 -37.47 -22.83 -32.15
C ALA C 780 -37.64 -24.33 -31.88
N GLN C 781 -38.82 -24.67 -31.35
CA GLN C 781 -39.19 -26.06 -31.13
C GLN C 781 -40.11 -26.58 -32.22
N VAL C 782 -40.32 -25.80 -33.28
CA VAL C 782 -41.14 -26.20 -34.41
C VAL C 782 -40.25 -26.22 -35.64
N LYS C 783 -40.27 -27.33 -36.36
CA LYS C 783 -39.41 -27.49 -37.51
C LYS C 783 -39.90 -26.74 -38.74
N GLN C 784 -41.17 -26.34 -38.76
CA GLN C 784 -41.73 -25.66 -39.91
C GLN C 784 -42.53 -24.43 -39.46
N ILE C 785 -42.67 -23.47 -40.36
CA ILE C 785 -43.38 -22.23 -40.09
C ILE C 785 -44.79 -22.39 -40.63
N TYR C 786 -45.76 -22.54 -39.73
CA TYR C 786 -47.15 -22.61 -40.14
C TYR C 786 -47.76 -21.21 -40.20
N LYS C 787 -48.85 -21.11 -40.95
CA LYS C 787 -49.66 -19.89 -40.94
C LYS C 787 -51.13 -20.29 -40.95
N THR C 788 -51.94 -19.48 -40.29
CA THR C 788 -53.34 -19.83 -40.10
C THR C 788 -54.07 -19.82 -41.44
N PRO C 789 -55.15 -20.60 -41.55
CA PRO C 789 -55.89 -20.67 -42.82
C PRO C 789 -56.64 -19.39 -43.09
N PRO C 790 -57.09 -19.18 -44.32
CA PRO C 790 -57.79 -17.93 -44.64
C PRO C 790 -59.06 -17.70 -43.84
N ILE C 791 -59.80 -18.74 -43.49
CA ILE C 791 -61.12 -18.61 -42.88
C ILE C 791 -61.00 -18.84 -41.38
N LYS C 792 -61.53 -17.90 -40.59
CA LYS C 792 -61.51 -18.00 -39.13
C LYS C 792 -62.71 -18.77 -38.61
N ASP C 793 -62.91 -19.98 -39.15
CA ASP C 793 -64.08 -20.79 -38.83
C ASP C 793 -63.70 -21.89 -37.84
N PHE C 794 -63.39 -21.45 -36.63
CA PHE C 794 -63.01 -22.35 -35.54
C PHE C 794 -64.20 -22.72 -34.65
N GLY C 795 -65.27 -23.22 -35.24
CA GLY C 795 -66.37 -23.70 -34.43
C GLY C 795 -66.96 -22.66 -33.52
N GLY C 796 -66.70 -21.38 -33.79
CA GLY C 796 -67.22 -20.30 -32.98
C GLY C 796 -66.20 -19.71 -32.02
N PHE C 797 -65.16 -20.45 -31.67
CA PHE C 797 -64.11 -19.89 -30.83
C PHE C 797 -63.47 -18.73 -31.56
N ASN C 798 -63.22 -17.65 -30.85
CA ASN C 798 -62.65 -16.44 -31.44
C ASN C 798 -61.20 -16.31 -31.00
N PHE C 799 -60.28 -16.22 -31.96
CA PHE C 799 -58.87 -16.01 -31.67
C PHE C 799 -58.31 -14.77 -32.36
N SER C 800 -59.19 -13.88 -32.82
CA SER C 800 -58.71 -12.68 -33.49
C SER C 800 -57.81 -11.86 -32.60
N GLN C 801 -57.88 -12.04 -31.28
CA GLN C 801 -57.11 -11.22 -30.38
C GLN C 801 -55.76 -11.83 -29.99
N ILE C 802 -55.42 -13.01 -30.50
CA ILE C 802 -54.08 -13.56 -30.30
C ILE C 802 -53.40 -13.97 -31.59
N LEU C 803 -54.11 -14.07 -32.69
CA LEU C 803 -53.41 -14.36 -33.93
C LEU C 803 -52.66 -13.13 -34.42
N PRO C 804 -51.66 -13.30 -35.28
CA PRO C 804 -50.96 -12.14 -35.82
C PRO C 804 -51.90 -11.24 -36.60
N ASP C 805 -51.66 -9.93 -36.51
CA ASP C 805 -52.44 -8.95 -37.25
C ASP C 805 -51.62 -8.49 -38.45
N PRO C 806 -52.03 -8.79 -39.68
CA PRO C 806 -51.23 -8.35 -40.84
C PRO C 806 -51.09 -6.84 -40.96
N SER C 807 -52.02 -6.08 -40.40
CA SER C 807 -52.04 -4.64 -40.60
C SER C 807 -50.89 -3.92 -39.91
N LYS C 808 -50.36 -4.47 -38.83
CA LYS C 808 -49.32 -3.77 -38.10
C LYS C 808 -47.99 -3.83 -38.86
N PRO C 809 -47.10 -2.86 -38.63
CA PRO C 809 -45.76 -2.97 -39.23
C PRO C 809 -45.03 -4.23 -38.83
N SER C 810 -45.22 -4.68 -37.59
CA SER C 810 -44.67 -5.94 -37.11
C SER C 810 -45.81 -6.93 -36.92
N LYS C 811 -45.68 -8.10 -37.53
CA LYS C 811 -46.78 -9.05 -37.53
C LYS C 811 -46.97 -9.63 -36.14
N ARG C 812 -47.53 -8.84 -35.23
CA ARG C 812 -47.71 -9.24 -33.85
C ARG C 812 -49.19 -9.18 -33.50
N SER C 813 -49.60 -10.10 -32.63
CA SER C 813 -50.99 -10.15 -32.22
C SER C 813 -51.30 -9.05 -31.22
N PHE C 814 -52.58 -8.84 -30.96
CA PHE C 814 -53.00 -7.72 -30.13
C PHE C 814 -52.39 -7.82 -28.74
N ILE C 815 -52.55 -8.97 -28.07
CA ILE C 815 -52.03 -9.11 -26.72
C ILE C 815 -50.51 -8.93 -26.72
N GLU C 816 -49.85 -9.40 -27.77
CA GLU C 816 -48.42 -9.18 -27.87
C GLU C 816 -48.12 -7.69 -27.92
N ASP C 817 -48.93 -6.92 -28.66
CA ASP C 817 -48.73 -5.48 -28.72
C ASP C 817 -48.90 -4.87 -27.34
N LEU C 818 -49.91 -5.31 -26.61
CA LEU C 818 -50.10 -4.81 -25.25
C LEU C 818 -48.86 -5.07 -24.41
N LEU C 819 -48.36 -6.30 -24.43
CA LEU C 819 -47.19 -6.63 -23.62
C LEU C 819 -45.99 -5.78 -24.02
N PHE C 820 -45.79 -5.60 -25.32
CA PHE C 820 -44.69 -4.74 -25.76
C PHE C 820 -44.84 -3.34 -25.23
N ASN C 821 -46.05 -2.79 -25.24
CA ASN C 821 -46.27 -1.43 -24.80
C ASN C 821 -46.13 -1.26 -23.30
N LYS C 822 -46.45 -2.29 -22.51
CA LYS C 822 -46.41 -2.15 -21.07
C LYS C 822 -45.00 -2.06 -20.50
N VAL C 823 -44.08 -2.83 -21.04
CA VAL C 823 -42.71 -2.87 -20.52
C VAL C 823 -41.91 -1.76 -21.19
N THR C 824 -40.97 -1.19 -20.43
CA THR C 824 -40.11 -0.13 -20.93
C THR C 824 -38.64 -0.53 -20.84
N LYS C 851 -21.72 2.19 -20.15
CA LYS C 851 -22.33 2.87 -21.28
C LYS C 851 -21.30 3.09 -22.39
N PHE C 852 -20.36 4.00 -22.15
CA PHE C 852 -19.34 4.34 -23.15
C PHE C 852 -17.95 4.43 -22.54
N ASN C 853 -17.65 3.58 -21.56
CA ASN C 853 -16.29 3.37 -21.09
C ASN C 853 -15.83 1.95 -21.39
N GLY C 854 -16.25 1.41 -22.53
CA GLY C 854 -16.01 0.03 -22.87
C GLY C 854 -17.18 -0.89 -22.65
N LEU C 855 -18.35 -0.36 -22.28
CA LEU C 855 -19.53 -1.17 -22.04
C LEU C 855 -20.45 -1.04 -23.24
N THR C 856 -20.89 -2.17 -23.79
CA THR C 856 -21.74 -2.19 -24.96
C THR C 856 -22.78 -3.29 -24.81
N VAL C 857 -23.75 -3.28 -25.71
CA VAL C 857 -24.78 -4.31 -25.78
C VAL C 857 -24.81 -4.84 -27.19
N LEU C 858 -24.56 -6.07 -27.34
CA LEU C 858 -24.73 -6.66 -28.65
C LEU C 858 -26.21 -6.93 -28.90
N PRO C 859 -26.65 -6.94 -30.15
CA PRO C 859 -28.05 -7.23 -30.42
C PRO C 859 -28.35 -8.70 -30.16
N PRO C 860 -29.57 -9.04 -29.80
CA PRO C 860 -29.93 -10.45 -29.70
C PRO C 860 -29.94 -11.09 -31.07
N LEU C 861 -29.72 -12.41 -31.10
CA LEU C 861 -29.62 -13.09 -32.38
C LEU C 861 -30.91 -12.95 -33.18
N LEU C 862 -32.06 -13.09 -32.52
CA LEU C 862 -33.35 -13.09 -33.21
C LEU C 862 -34.02 -11.73 -33.02
N THR C 863 -34.53 -11.17 -34.12
CA THR C 863 -35.29 -9.93 -34.03
C THR C 863 -36.68 -10.20 -33.49
N ASP C 864 -37.25 -9.18 -32.86
CA ASP C 864 -38.56 -9.36 -32.25
C ASP C 864 -39.57 -9.89 -33.26
N GLU C 865 -39.48 -9.44 -34.51
CA GLU C 865 -40.43 -9.92 -35.52
C GLU C 865 -40.30 -11.42 -35.73
N MET C 866 -39.07 -11.94 -35.75
CA MET C 866 -38.89 -13.38 -35.85
C MET C 866 -39.46 -14.08 -34.64
N ILE C 867 -39.35 -13.45 -33.47
CA ILE C 867 -39.99 -14.03 -32.29
C ILE C 867 -41.48 -14.13 -32.51
N ALA C 868 -42.10 -13.07 -33.00
CA ALA C 868 -43.54 -13.10 -33.25
C ALA C 868 -43.88 -14.15 -34.30
N GLN C 869 -43.03 -14.31 -35.31
CA GLN C 869 -43.30 -15.32 -36.33
C GLN C 869 -43.28 -16.72 -35.73
N TYR C 870 -42.28 -17.03 -34.90
CA TYR C 870 -42.23 -18.34 -34.28
C TYR C 870 -43.44 -18.55 -33.38
N THR C 871 -43.79 -17.55 -32.59
CA THR C 871 -44.95 -17.70 -31.71
C THR C 871 -46.21 -17.87 -32.52
N SER C 872 -46.31 -17.17 -33.65
CA SER C 872 -47.44 -17.35 -34.54
C SER C 872 -47.51 -18.77 -35.06
N ALA C 873 -46.37 -19.32 -35.46
CA ALA C 873 -46.36 -20.69 -35.95
C ALA C 873 -46.80 -21.66 -34.86
N LEU C 874 -46.25 -21.50 -33.66
CA LEU C 874 -46.63 -22.38 -32.56
C LEU C 874 -48.13 -22.31 -32.33
N LEU C 875 -48.68 -21.10 -32.24
CA LEU C 875 -50.10 -20.97 -31.98
C LEU C 875 -50.91 -21.57 -33.11
N ALA C 876 -50.50 -21.35 -34.36
CA ALA C 876 -51.28 -21.86 -35.48
C ALA C 876 -51.28 -23.38 -35.48
N GLY C 877 -50.13 -23.98 -35.17
CA GLY C 877 -50.09 -25.43 -35.08
C GLY C 877 -50.98 -25.95 -33.98
N THR C 878 -50.96 -25.27 -32.82
CA THR C 878 -51.84 -25.66 -31.73
C THR C 878 -53.30 -25.58 -32.16
N ILE C 879 -53.66 -24.52 -32.87
CA ILE C 879 -55.05 -24.36 -33.28
C ILE C 879 -55.46 -25.42 -34.28
N THR C 880 -54.65 -25.62 -35.32
CA THR C 880 -55.10 -26.42 -36.46
C THR C 880 -54.91 -27.91 -36.25
N SER C 881 -53.85 -28.32 -35.55
CA SER C 881 -53.44 -29.71 -35.62
C SER C 881 -53.41 -30.40 -34.27
N GLY C 882 -53.83 -29.75 -33.20
CA GLY C 882 -53.74 -30.36 -31.90
C GLY C 882 -52.30 -30.55 -31.51
N TRP C 883 -51.99 -31.69 -30.89
CA TRP C 883 -50.65 -31.96 -30.41
C TRP C 883 -49.85 -32.87 -31.32
N THR C 884 -50.43 -33.32 -32.42
CA THR C 884 -49.67 -34.19 -33.32
C THR C 884 -48.45 -33.48 -33.89
N PHE C 885 -48.60 -32.21 -34.27
CA PHE C 885 -47.50 -31.53 -34.94
C PHE C 885 -46.29 -31.36 -34.04
N GLY C 886 -46.45 -31.54 -32.73
CA GLY C 886 -45.27 -31.58 -31.88
C GLY C 886 -44.40 -32.78 -32.20
N ALA C 887 -45.01 -33.89 -32.60
CA ALA C 887 -44.26 -35.11 -32.86
C ALA C 887 -43.70 -35.14 -34.28
N GLY C 888 -44.58 -35.22 -35.28
CA GLY C 888 -44.14 -35.38 -36.65
C GLY C 888 -44.65 -34.28 -37.54
N ALA C 889 -45.32 -34.64 -38.63
CA ALA C 889 -45.90 -33.64 -39.52
C ALA C 889 -47.26 -33.21 -38.99
N ALA C 890 -47.53 -31.91 -39.10
CA ALA C 890 -48.81 -31.39 -38.65
C ALA C 890 -49.96 -31.98 -39.47
N LEU C 891 -51.04 -32.36 -38.80
CA LEU C 891 -52.21 -32.93 -39.44
C LEU C 891 -53.40 -32.00 -39.19
N GLN C 892 -54.08 -31.59 -40.25
CA GLN C 892 -55.27 -30.77 -40.09
C GLN C 892 -56.35 -31.58 -39.40
N ILE C 893 -57.14 -30.91 -38.55
CA ILE C 893 -58.15 -31.58 -37.76
C ILE C 893 -59.04 -30.51 -37.14
N PRO C 894 -60.36 -30.64 -37.19
CA PRO C 894 -61.22 -29.52 -36.78
C PRO C 894 -61.01 -29.21 -35.31
N PHE C 895 -61.26 -27.95 -34.95
CA PHE C 895 -61.00 -27.51 -33.59
C PHE C 895 -61.89 -28.23 -32.59
N ALA C 896 -63.19 -28.33 -32.89
CA ALA C 896 -64.10 -28.95 -31.93
C ALA C 896 -63.64 -30.33 -31.54
N MET C 897 -63.27 -31.16 -32.53
CA MET C 897 -62.81 -32.50 -32.21
C MET C 897 -61.54 -32.47 -31.39
N GLN C 898 -60.67 -31.48 -31.63
CA GLN C 898 -59.47 -31.39 -30.82
C GLN C 898 -59.82 -31.12 -29.36
N MET C 899 -60.76 -30.22 -29.12
CA MET C 899 -61.17 -30.00 -27.74
C MET C 899 -61.80 -31.24 -27.15
N ALA C 900 -62.59 -31.97 -27.95
CA ALA C 900 -63.16 -33.21 -27.43
C ALA C 900 -62.06 -34.16 -26.99
N TYR C 901 -61.02 -34.27 -27.82
CA TYR C 901 -59.89 -35.10 -27.45
C TYR C 901 -59.28 -34.65 -26.13
N ARG C 902 -59.06 -33.34 -25.98
CA ARG C 902 -58.43 -32.88 -24.75
C ARG C 902 -59.31 -33.21 -23.54
N PHE C 903 -60.62 -33.01 -23.68
CA PHE C 903 -61.52 -33.39 -22.61
C PHE C 903 -61.34 -34.85 -22.26
N ASN C 904 -61.31 -35.73 -23.26
CA ASN C 904 -61.01 -37.12 -22.97
C ASN C 904 -59.70 -37.22 -22.21
N GLY C 905 -58.77 -36.33 -22.50
CA GLY C 905 -57.48 -36.36 -21.85
C GLY C 905 -57.53 -36.06 -20.38
N ILE C 906 -58.48 -35.24 -19.93
CA ILE C 906 -58.59 -34.91 -18.52
C ILE C 906 -59.70 -35.68 -17.82
N GLY C 907 -60.50 -36.45 -18.54
CA GLY C 907 -61.49 -37.31 -17.92
C GLY C 907 -62.92 -36.83 -17.97
N VAL C 908 -63.35 -36.23 -19.08
CA VAL C 908 -64.74 -35.87 -19.30
C VAL C 908 -65.18 -36.53 -20.59
N THR C 909 -66.29 -37.27 -20.52
CA THR C 909 -66.78 -37.94 -21.71
C THR C 909 -67.00 -36.94 -22.82
N GLN C 910 -66.48 -37.26 -24.01
CA GLN C 910 -66.36 -36.25 -25.04
C GLN C 910 -67.69 -35.70 -25.51
N ASN C 911 -68.80 -36.37 -25.20
CA ASN C 911 -70.09 -35.79 -25.54
C ASN C 911 -70.30 -34.43 -24.89
N VAL C 912 -69.70 -34.20 -23.73
CA VAL C 912 -69.98 -32.99 -22.98
C VAL C 912 -69.60 -31.75 -23.79
N LEU C 913 -68.42 -31.75 -24.41
CA LEU C 913 -68.00 -30.56 -25.15
C LEU C 913 -69.04 -30.17 -26.19
N TYR C 914 -69.44 -31.12 -27.04
CA TYR C 914 -70.41 -30.79 -28.05
C TYR C 914 -71.71 -30.32 -27.44
N GLU C 915 -72.23 -31.05 -26.44
CA GLU C 915 -73.53 -30.69 -25.91
C GLU C 915 -73.53 -29.32 -25.25
N ASN C 916 -72.35 -28.78 -24.96
CA ASN C 916 -72.21 -27.42 -24.44
C ASN C 916 -71.29 -26.57 -25.29
N GLN C 917 -71.26 -26.80 -26.61
CA GLN C 917 -70.26 -26.15 -27.43
C GLN C 917 -70.35 -24.64 -27.35
N LYS C 918 -71.54 -24.10 -27.63
CA LYS C 918 -71.67 -22.64 -27.72
C LYS C 918 -71.32 -21.97 -26.41
N LEU C 919 -71.74 -22.58 -25.30
CA LEU C 919 -71.41 -22.02 -24.00
C LEU C 919 -69.91 -21.97 -23.79
N ILE C 920 -69.21 -23.03 -24.16
CA ILE C 920 -67.76 -23.02 -23.99
C ILE C 920 -67.16 -21.93 -24.84
N ALA C 921 -67.63 -21.78 -26.08
CA ALA C 921 -67.08 -20.75 -26.94
C ALA C 921 -67.24 -19.38 -26.30
N ASN C 922 -68.44 -19.07 -25.83
CA ASN C 922 -68.68 -17.76 -25.26
C ASN C 922 -67.83 -17.55 -24.02
N GLN C 923 -67.70 -18.58 -23.18
CA GLN C 923 -66.88 -18.43 -21.97
C GLN C 923 -65.43 -18.18 -22.33
N PHE C 924 -64.91 -18.90 -23.32
CA PHE C 924 -63.53 -18.70 -23.72
C PHE C 924 -63.32 -17.28 -24.25
N ASN C 925 -64.24 -16.81 -25.09
CA ASN C 925 -64.10 -15.45 -25.61
C ASN C 925 -64.14 -14.42 -24.50
N SER C 926 -65.08 -14.59 -23.57
CA SER C 926 -65.16 -13.66 -22.45
C SER C 926 -63.88 -13.67 -21.63
N ALA C 927 -63.33 -14.86 -21.40
CA ALA C 927 -62.09 -14.94 -20.63
C ALA C 927 -60.95 -14.26 -21.36
N ILE C 928 -60.87 -14.44 -22.69
CA ILE C 928 -59.81 -13.79 -23.44
C ILE C 928 -59.94 -12.29 -23.31
N GLY C 929 -61.16 -11.77 -23.41
CA GLY C 929 -61.35 -10.35 -23.20
C GLY C 929 -60.94 -9.91 -21.81
N LYS C 930 -61.23 -10.75 -20.81
CA LYS C 930 -60.84 -10.42 -19.44
C LYS C 930 -59.34 -10.31 -19.32
N ILE C 931 -58.60 -11.24 -19.91
CA ILE C 931 -57.15 -11.17 -19.87
C ILE C 931 -56.66 -9.93 -20.61
N GLN C 932 -57.28 -9.63 -21.74
CA GLN C 932 -56.95 -8.40 -22.45
C GLN C 932 -57.04 -7.21 -21.51
N ASP C 933 -58.17 -7.10 -20.80
CA ASP C 933 -58.37 -5.96 -19.91
C ASP C 933 -57.36 -5.95 -18.77
N SER C 934 -57.13 -7.12 -18.17
CA SER C 934 -56.21 -7.18 -17.03
C SER C 934 -54.81 -6.77 -17.44
N LEU C 935 -54.34 -7.27 -18.59
CA LEU C 935 -53.01 -6.90 -19.04
C LEU C 935 -52.95 -5.45 -19.49
N SER C 936 -54.06 -4.92 -20.02
CA SER C 936 -54.08 -3.52 -20.42
C SER C 936 -54.15 -2.58 -19.24
N SER C 937 -54.57 -3.07 -18.07
CA SER C 937 -54.77 -2.23 -16.90
C SER C 937 -53.72 -2.39 -15.83
N THR C 938 -53.15 -3.58 -15.66
CA THR C 938 -52.21 -3.87 -14.59
C THR C 938 -50.80 -3.96 -15.17
N ALA C 939 -49.97 -2.98 -14.85
CA ALA C 939 -48.56 -3.05 -15.24
C ALA C 939 -47.81 -4.09 -14.41
N SER C 940 -48.15 -4.18 -13.12
CA SER C 940 -47.43 -5.07 -12.21
C SER C 940 -47.54 -6.53 -12.63
N ALA C 941 -48.49 -6.88 -13.50
CA ALA C 941 -48.56 -8.24 -13.99
C ALA C 941 -47.27 -8.66 -14.66
N LEU C 942 -46.49 -7.70 -15.16
CA LEU C 942 -45.24 -8.00 -15.85
C LEU C 942 -44.03 -7.81 -14.93
N GLY C 943 -44.27 -7.67 -13.62
CA GLY C 943 -43.18 -7.34 -12.73
C GLY C 943 -42.00 -8.28 -12.89
N LYS C 944 -42.27 -9.58 -12.92
CA LYS C 944 -41.17 -10.55 -13.05
C LYS C 944 -40.24 -10.18 -14.19
N LEU C 945 -40.80 -9.85 -15.36
CA LEU C 945 -39.94 -9.40 -16.45
C LEU C 945 -39.25 -8.09 -16.08
N GLN C 946 -40.03 -7.09 -15.69
CA GLN C 946 -39.46 -5.78 -15.43
C GLN C 946 -38.33 -5.86 -14.42
N ASP C 947 -38.56 -6.59 -13.33
CA ASP C 947 -37.53 -6.74 -12.31
C ASP C 947 -36.20 -7.10 -12.96
N VAL C 948 -36.18 -8.13 -13.80
CA VAL C 948 -34.91 -8.57 -14.36
C VAL C 948 -34.24 -7.41 -15.07
N VAL C 949 -34.99 -6.72 -15.93
CA VAL C 949 -34.41 -5.59 -16.65
C VAL C 949 -33.77 -4.64 -15.65
N ASN C 950 -34.54 -4.23 -14.63
CA ASN C 950 -34.02 -3.27 -13.68
C ASN C 950 -32.69 -3.75 -13.11
N GLN C 951 -32.63 -5.00 -12.66
CA GLN C 951 -31.39 -5.47 -12.08
C GLN C 951 -30.23 -5.24 -13.03
N ASN C 952 -30.36 -5.68 -14.28
CA ASN C 952 -29.29 -5.46 -15.23
C ASN C 952 -28.94 -3.98 -15.28
N ALA C 953 -29.94 -3.13 -15.51
CA ALA C 953 -29.67 -1.71 -15.53
C ALA C 953 -28.93 -1.29 -14.28
N GLN C 954 -29.45 -1.66 -13.11
CA GLN C 954 -28.78 -1.30 -11.87
C GLN C 954 -27.31 -1.70 -11.94
N ALA C 955 -27.05 -2.97 -12.26
CA ALA C 955 -25.66 -3.42 -12.30
C ALA C 955 -24.86 -2.51 -13.21
N LEU C 956 -25.32 -2.30 -14.44
CA LEU C 956 -24.57 -1.44 -15.34
C LEU C 956 -24.32 -0.09 -14.71
N ASN C 957 -25.40 0.55 -14.20
CA ASN C 957 -25.20 1.82 -13.54
C ASN C 957 -24.15 1.69 -12.46
N THR C 958 -24.31 0.70 -11.59
CA THR C 958 -23.30 0.48 -10.56
C THR C 958 -21.93 0.39 -11.19
N LEU C 959 -21.77 -0.47 -12.19
CA LEU C 959 -20.46 -0.66 -12.78
C LEU C 959 -19.89 0.66 -13.26
N VAL C 960 -20.73 1.52 -13.84
CA VAL C 960 -20.24 2.81 -14.31
C VAL C 960 -19.92 3.72 -13.14
N LYS C 961 -20.82 3.77 -12.16
CA LYS C 961 -20.65 4.74 -11.09
C LYS C 961 -19.36 4.50 -10.33
N GLN C 962 -18.95 3.23 -10.20
CA GLN C 962 -17.74 2.93 -9.47
C GLN C 962 -16.54 3.66 -10.03
N LEU C 963 -16.56 4.02 -11.31
CA LEU C 963 -15.43 4.72 -11.89
C LEU C 963 -15.14 6.04 -11.17
N SER C 964 -16.12 6.60 -10.48
CA SER C 964 -15.92 7.85 -9.76
C SER C 964 -15.17 7.68 -8.45
N SER C 965 -14.99 6.44 -7.98
CA SER C 965 -14.35 6.21 -6.71
C SER C 965 -12.86 6.47 -6.79
N ASN C 966 -12.25 6.69 -5.63
CA ASN C 966 -10.81 6.89 -5.54
C ASN C 966 -10.07 5.65 -5.08
N PHE C 967 -10.69 4.82 -4.24
CA PHE C 967 -10.04 3.65 -3.70
C PHE C 967 -8.73 4.00 -3.02
N GLY C 968 -8.70 5.12 -2.29
CA GLY C 968 -7.49 5.58 -1.66
C GLY C 968 -6.62 6.44 -2.55
N ALA C 969 -6.99 6.60 -3.82
CA ALA C 969 -6.22 7.45 -4.73
C ALA C 969 -6.49 8.92 -4.44
N ILE C 970 -5.54 9.75 -4.84
CA ILE C 970 -5.72 11.19 -4.66
C ILE C 970 -6.90 11.70 -5.49
N SER C 971 -7.18 11.04 -6.61
CA SER C 971 -8.30 11.45 -7.45
C SER C 971 -8.79 10.25 -8.24
N SER C 972 -10.07 10.26 -8.58
CA SER C 972 -10.64 9.21 -9.40
C SER C 972 -10.34 9.40 -10.88
N VAL C 973 -9.83 10.56 -11.27
CA VAL C 973 -9.49 10.83 -12.66
C VAL C 973 -8.03 10.45 -12.88
N LEU C 974 -7.79 9.50 -13.78
CA LEU C 974 -6.44 9.03 -14.01
C LEU C 974 -5.55 10.13 -14.58
N ASN C 975 -6.06 10.91 -15.52
CA ASN C 975 -5.23 11.91 -16.19
C ASN C 975 -4.70 12.93 -15.21
N ASP C 976 -5.54 13.37 -14.27
CA ASP C 976 -5.09 14.36 -13.29
C ASP C 976 -3.89 13.85 -12.52
N ILE C 977 -3.94 12.60 -12.06
CA ILE C 977 -2.79 12.01 -11.39
C ILE C 977 -1.60 11.96 -12.35
N LEU C 978 -1.85 11.52 -13.59
CA LEU C 978 -0.77 11.50 -14.58
C LEU C 978 -0.20 12.88 -14.80
N SER C 979 -1.02 13.92 -14.66
CA SER C 979 -0.57 15.29 -14.89
C SER C 979 0.00 15.95 -13.64
N ARG C 980 0.01 15.27 -12.49
CA ARG C 980 0.44 15.88 -11.26
C ARG C 980 1.57 15.13 -10.54
N LEU C 981 1.64 13.81 -10.67
CA LEU C 981 2.61 13.02 -9.94
C LEU C 981 3.60 12.35 -10.89
N ASP C 982 4.84 12.24 -10.44
CA ASP C 982 5.87 11.59 -11.22
C ASP C 982 5.64 10.07 -11.22
N PRO C 983 6.24 9.36 -12.16
CA PRO C 983 5.99 7.91 -12.26
C PRO C 983 6.26 7.21 -10.95
N PRO C 984 7.31 7.56 -10.22
CA PRO C 984 7.53 6.90 -8.93
C PRO C 984 6.34 7.02 -7.99
N GLU C 985 5.63 8.14 -8.03
CA GLU C 985 4.42 8.32 -7.26
C GLU C 985 3.17 7.96 -8.04
N ALA C 986 3.14 8.27 -9.33
CA ALA C 986 1.96 8.01 -10.13
C ALA C 986 1.65 6.52 -10.20
N GLU C 987 2.69 5.69 -10.23
CA GLU C 987 2.46 4.25 -10.35
C GLU C 987 1.70 3.71 -9.16
N VAL C 988 1.98 4.19 -7.96
CA VAL C 988 1.28 3.69 -6.78
C VAL C 988 -0.21 4.02 -6.89
N GLN C 989 -0.53 5.25 -7.27
CA GLN C 989 -1.92 5.64 -7.40
C GLN C 989 -2.60 4.83 -8.50
N ILE C 990 -1.91 4.63 -9.61
CA ILE C 990 -2.48 3.83 -10.70
C ILE C 990 -2.71 2.40 -10.22
N ASP C 991 -1.81 1.88 -9.39
CA ASP C 991 -1.99 0.54 -8.86
C ASP C 991 -3.25 0.47 -8.02
N ARG C 992 -3.45 1.46 -7.15
CA ARG C 992 -4.67 1.46 -6.35
C ARG C 992 -5.90 1.54 -7.24
N LEU C 993 -5.85 2.39 -8.26
CA LEU C 993 -6.97 2.50 -9.17
C LEU C 993 -7.26 1.18 -9.85
N ILE C 994 -6.21 0.52 -10.32
CA ILE C 994 -6.37 -0.76 -11.01
C ILE C 994 -6.94 -1.79 -10.06
N THR C 995 -6.42 -1.85 -8.84
CA THR C 995 -6.95 -2.82 -7.87
C THR C 995 -8.43 -2.59 -7.64
N GLY C 996 -8.82 -1.35 -7.35
CA GLY C 996 -10.21 -1.08 -7.05
C GLY C 996 -11.12 -1.38 -8.23
N ARG C 997 -10.74 -0.90 -9.41
CA ARG C 997 -11.60 -1.09 -10.57
C ARG C 997 -11.65 -2.55 -10.97
N LEU C 998 -10.56 -3.29 -10.82
CA LEU C 998 -10.57 -4.71 -11.13
C LEU C 998 -11.44 -5.48 -10.15
N GLN C 999 -11.40 -5.10 -8.88
CA GLN C 999 -12.30 -5.72 -7.91
C GLN C 999 -13.75 -5.43 -8.27
N SER C 1000 -14.04 -4.20 -8.66
CA SER C 1000 -15.39 -3.87 -9.08
C SER C 1000 -15.81 -4.70 -10.30
N LEU C 1001 -14.91 -4.83 -11.27
CA LEU C 1001 -15.23 -5.60 -12.46
C LEU C 1001 -15.50 -7.06 -12.12
N GLN C 1002 -14.68 -7.64 -11.25
CA GLN C 1002 -14.90 -9.02 -10.86
C GLN C 1002 -16.25 -9.17 -10.16
N THR C 1003 -16.57 -8.23 -9.28
CA THR C 1003 -17.86 -8.30 -8.63
C THR C 1003 -18.98 -8.27 -9.66
N TYR C 1004 -18.88 -7.37 -10.63
CA TYR C 1004 -19.91 -7.28 -11.65
C TYR C 1004 -20.03 -8.58 -12.42
N VAL C 1005 -18.89 -9.19 -12.77
CA VAL C 1005 -18.95 -10.40 -13.57
C VAL C 1005 -19.58 -11.54 -12.77
N THR C 1006 -19.24 -11.65 -11.50
CA THR C 1006 -19.85 -12.70 -10.69
C THR C 1006 -21.36 -12.48 -10.57
N GLN C 1007 -21.78 -11.23 -10.36
CA GLN C 1007 -23.21 -10.94 -10.31
C GLN C 1007 -23.89 -11.36 -11.61
N GLN C 1008 -23.28 -11.00 -12.74
CA GLN C 1008 -23.87 -11.37 -14.02
C GLN C 1008 -23.94 -12.87 -14.17
N LEU C 1009 -22.88 -13.59 -13.79
CA LEU C 1009 -22.89 -15.03 -13.95
C LEU C 1009 -24.00 -15.66 -13.11
N ILE C 1010 -24.15 -15.21 -11.88
CA ILE C 1010 -25.20 -15.78 -11.03
C ILE C 1010 -26.57 -15.49 -11.64
N ARG C 1011 -26.80 -14.25 -12.05
CA ARG C 1011 -28.10 -13.92 -12.61
C ARG C 1011 -28.34 -14.67 -13.91
N ALA C 1012 -27.30 -14.92 -14.68
CA ALA C 1012 -27.46 -15.67 -15.92
C ALA C 1012 -27.79 -17.11 -15.64
N ALA C 1013 -27.17 -17.69 -14.61
CA ALA C 1013 -27.53 -19.05 -14.22
C ALA C 1013 -29.00 -19.13 -13.82
N GLU C 1014 -29.45 -18.17 -13.02
CA GLU C 1014 -30.86 -18.15 -12.64
C GLU C 1014 -31.74 -18.02 -13.87
N ILE C 1015 -31.36 -17.14 -14.80
CA ILE C 1015 -32.15 -16.95 -16.00
C ILE C 1015 -32.15 -18.23 -16.83
N ARG C 1016 -31.03 -18.94 -16.86
CA ARG C 1016 -30.98 -20.17 -17.63
C ARG C 1016 -31.88 -21.23 -17.02
N ALA C 1017 -31.91 -21.32 -15.70
CA ALA C 1017 -32.86 -22.22 -15.06
C ALA C 1017 -34.28 -21.84 -15.44
N SER C 1018 -34.58 -20.54 -15.37
CA SER C 1018 -35.92 -20.09 -15.75
C SER C 1018 -36.22 -20.44 -17.19
N ALA C 1019 -35.24 -20.28 -18.07
CA ALA C 1019 -35.44 -20.58 -19.47
C ALA C 1019 -35.72 -22.05 -19.67
N ASN C 1020 -34.99 -22.90 -18.98
CA ASN C 1020 -35.24 -24.33 -19.07
C ASN C 1020 -36.66 -24.64 -18.62
N LEU C 1021 -37.10 -24.01 -17.53
CA LEU C 1021 -38.47 -24.23 -17.08
C LEU C 1021 -39.46 -23.79 -18.15
N ALA C 1022 -39.23 -22.61 -18.74
CA ALA C 1022 -40.17 -22.11 -19.74
C ALA C 1022 -40.20 -23.01 -20.96
N ALA C 1023 -39.04 -23.50 -21.40
CA ALA C 1023 -39.02 -24.38 -22.56
C ALA C 1023 -39.74 -25.67 -22.24
N THR C 1024 -39.54 -26.22 -21.05
CA THR C 1024 -40.26 -27.42 -20.68
C THR C 1024 -41.76 -27.18 -20.71
N LYS C 1025 -42.19 -26.01 -20.22
CA LYS C 1025 -43.61 -25.70 -20.29
C LYS C 1025 -44.08 -25.59 -21.73
N MET C 1026 -43.28 -24.96 -22.59
CA MET C 1026 -43.65 -24.87 -23.99
C MET C 1026 -43.88 -26.25 -24.56
N SER C 1027 -43.02 -27.20 -24.19
CA SER C 1027 -43.10 -28.53 -24.76
C SER C 1027 -44.26 -29.32 -24.18
N GLU C 1028 -44.49 -29.22 -22.88
CA GLU C 1028 -45.47 -30.06 -22.19
C GLU C 1028 -46.81 -29.37 -21.99
N CYS C 1029 -46.99 -28.18 -22.53
CA CYS C 1029 -48.18 -27.38 -22.30
C CYS C 1029 -48.81 -26.87 -23.57
N VAL C 1030 -48.01 -26.56 -24.59
CA VAL C 1030 -48.51 -26.18 -25.90
C VAL C 1030 -48.45 -27.36 -26.86
N LEU C 1031 -47.25 -27.85 -27.14
CA LEU C 1031 -47.11 -28.93 -28.09
C LEU C 1031 -47.94 -30.14 -27.71
N GLY C 1032 -48.27 -30.31 -26.44
CA GLY C 1032 -49.11 -31.40 -26.00
C GLY C 1032 -50.05 -31.02 -24.89
N GLN C 1033 -50.55 -32.01 -24.15
CA GLN C 1033 -51.36 -31.78 -22.97
C GLN C 1033 -50.75 -32.53 -21.80
N SER C 1034 -50.68 -31.89 -20.65
CA SER C 1034 -49.95 -32.40 -19.50
C SER C 1034 -50.90 -32.84 -18.39
N LYS C 1035 -50.53 -33.92 -17.72
CA LYS C 1035 -51.26 -34.39 -16.56
C LYS C 1035 -50.73 -33.82 -15.26
N ARG C 1036 -49.64 -33.08 -15.30
CA ARG C 1036 -49.07 -32.51 -14.09
C ARG C 1036 -49.96 -31.38 -13.61
N VAL C 1037 -50.57 -31.55 -12.44
CA VAL C 1037 -51.55 -30.59 -11.97
C VAL C 1037 -50.84 -29.37 -11.39
N ASP C 1038 -51.35 -28.19 -11.71
CA ASP C 1038 -50.80 -26.93 -11.24
C ASP C 1038 -49.39 -26.69 -11.77
N PHE C 1039 -48.94 -27.53 -12.69
CA PHE C 1039 -47.74 -27.23 -13.46
C PHE C 1039 -48.08 -26.44 -14.70
N CYS C 1040 -49.34 -26.48 -15.14
CA CYS C 1040 -49.82 -25.75 -16.31
C CYS C 1040 -51.13 -25.04 -15.98
N GLY C 1041 -51.13 -24.30 -14.88
CA GLY C 1041 -52.25 -23.46 -14.52
C GLY C 1041 -53.20 -24.16 -13.57
N LYS C 1042 -53.95 -23.37 -12.82
CA LYS C 1042 -54.84 -23.93 -11.82
C LYS C 1042 -55.86 -24.84 -12.48
N GLY C 1043 -56.12 -25.97 -11.85
CA GLY C 1043 -57.11 -26.90 -12.37
C GLY C 1043 -56.56 -27.76 -13.48
N TYR C 1044 -57.46 -28.58 -14.02
CA TYR C 1044 -57.10 -29.45 -15.13
C TYR C 1044 -56.78 -28.60 -16.35
N HIS C 1045 -55.71 -28.93 -17.04
CA HIS C 1045 -55.25 -28.14 -18.17
C HIS C 1045 -55.90 -28.63 -19.47
N LEU C 1046 -56.39 -27.68 -20.27
CA LEU C 1046 -57.00 -27.99 -21.55
C LEU C 1046 -56.08 -27.64 -22.72
N MET C 1047 -55.55 -26.43 -22.77
CA MET C 1047 -54.56 -26.12 -23.80
C MET C 1047 -53.81 -24.86 -23.41
N SER C 1048 -52.81 -24.52 -24.19
CA SER C 1048 -51.92 -23.44 -23.84
C SER C 1048 -51.53 -22.66 -25.09
N PHE C 1049 -51.60 -21.34 -25.00
CA PHE C 1049 -51.25 -20.47 -26.12
C PHE C 1049 -50.07 -19.59 -25.71
N PRO C 1050 -48.92 -19.69 -26.37
CA PRO C 1050 -47.80 -18.82 -26.00
C PRO C 1050 -47.91 -17.45 -26.64
N GLN C 1051 -47.08 -16.54 -26.15
CA GLN C 1051 -46.95 -15.20 -26.71
C GLN C 1051 -45.56 -14.67 -26.41
N SER C 1052 -45.01 -13.94 -27.36
CA SER C 1052 -43.71 -13.32 -27.17
C SER C 1052 -43.85 -12.05 -26.35
N ALA C 1053 -42.76 -11.63 -25.74
CA ALA C 1053 -42.73 -10.37 -25.03
C ALA C 1053 -41.28 -10.01 -24.76
N PRO C 1054 -41.00 -8.78 -24.38
CA PRO C 1054 -39.60 -8.36 -24.26
C PRO C 1054 -38.80 -9.32 -23.41
N HIS C 1055 -37.86 -10.02 -24.03
CA HIS C 1055 -36.94 -10.89 -23.30
C HIS C 1055 -37.67 -11.99 -22.54
N GLY C 1056 -38.91 -12.29 -22.90
CA GLY C 1056 -39.64 -13.26 -22.11
C GLY C 1056 -40.85 -13.79 -22.85
N VAL C 1057 -41.55 -14.70 -22.19
CA VAL C 1057 -42.67 -15.39 -22.80
C VAL C 1057 -43.86 -15.34 -21.85
N VAL C 1058 -45.05 -15.17 -22.43
CA VAL C 1058 -46.29 -15.11 -21.67
C VAL C 1058 -47.21 -16.20 -22.18
N PHE C 1059 -47.51 -17.17 -21.35
CA PHE C 1059 -48.43 -18.23 -21.70
C PHE C 1059 -49.82 -17.86 -21.22
N LEU C 1060 -50.81 -18.18 -22.04
CA LEU C 1060 -52.22 -18.17 -21.63
C LEU C 1060 -52.62 -19.62 -21.49
N HIS C 1061 -52.76 -20.08 -20.26
CA HIS C 1061 -53.29 -21.41 -20.01
C HIS C 1061 -54.81 -21.32 -20.06
N VAL C 1062 -55.40 -22.07 -20.99
CA VAL C 1062 -56.84 -22.27 -21.05
C VAL C 1062 -57.12 -23.54 -20.26
N THR C 1063 -57.70 -23.38 -19.08
CA THR C 1063 -57.85 -24.47 -18.11
C THR C 1063 -59.32 -24.65 -17.74
N TYR C 1064 -59.64 -25.85 -17.28
CA TYR C 1064 -61.00 -26.27 -16.99
C TYR C 1064 -61.17 -26.34 -15.47
N VAL C 1065 -62.32 -25.89 -14.97
CA VAL C 1065 -62.57 -25.82 -13.54
C VAL C 1065 -64.03 -26.15 -13.25
N PRO C 1066 -64.32 -27.17 -12.43
CA PRO C 1066 -65.71 -27.39 -12.02
C PRO C 1066 -66.22 -26.20 -11.21
N ALA C 1067 -67.51 -25.90 -11.34
CA ALA C 1067 -68.05 -24.67 -10.78
C ALA C 1067 -69.07 -24.91 -9.67
N GLN C 1068 -70.23 -25.49 -9.97
CA GLN C 1068 -71.29 -25.68 -8.98
C GLN C 1068 -71.37 -27.16 -8.63
N GLU C 1069 -71.73 -27.47 -7.39
CA GLU C 1069 -71.74 -28.83 -6.91
C GLU C 1069 -73.11 -29.19 -6.39
N LYS C 1070 -73.38 -30.49 -6.33
CA LYS C 1070 -74.58 -31.00 -5.67
C LYS C 1070 -74.21 -32.19 -4.80
N ASN C 1071 -74.67 -32.19 -3.56
CA ASN C 1071 -74.41 -33.31 -2.68
C ASN C 1071 -75.06 -34.56 -3.24
N PHE C 1072 -74.45 -35.71 -2.96
CA PHE C 1072 -75.08 -36.96 -3.30
C PHE C 1072 -74.69 -38.03 -2.29
N THR C 1073 -75.57 -39.00 -2.15
CA THR C 1073 -75.27 -40.18 -1.36
C THR C 1073 -74.70 -41.26 -2.28
N THR C 1074 -73.56 -41.81 -1.88
CA THR C 1074 -72.78 -42.70 -2.71
C THR C 1074 -72.77 -44.10 -2.11
N ALA C 1075 -72.19 -45.02 -2.84
CA ALA C 1075 -72.04 -46.40 -2.40
C ALA C 1075 -70.98 -47.07 -3.25
N PRO C 1076 -69.90 -47.56 -2.63
CA PRO C 1076 -68.75 -48.00 -3.44
C PRO C 1076 -69.06 -49.11 -4.39
N ALA C 1077 -70.20 -49.78 -4.25
CA ALA C 1077 -70.55 -50.86 -5.17
C ALA C 1077 -72.02 -51.16 -5.00
N ILE C 1078 -72.52 -52.08 -5.83
CA ILE C 1078 -73.95 -52.39 -5.86
C ILE C 1078 -74.13 -53.90 -5.85
N CYS C 1079 -75.04 -54.37 -5.01
CA CYS C 1079 -75.41 -55.78 -4.95
C CYS C 1079 -76.79 -55.97 -5.52
N HIS C 1080 -76.90 -56.82 -6.53
CA HIS C 1080 -78.15 -57.03 -7.25
C HIS C 1080 -78.70 -58.44 -7.02
N ASP C 1081 -77.90 -59.47 -7.28
CA ASP C 1081 -78.31 -60.85 -7.06
C ASP C 1081 -77.27 -61.59 -6.21
N GLY C 1082 -76.68 -60.90 -5.25
CA GLY C 1082 -75.57 -61.45 -4.49
C GLY C 1082 -74.23 -61.26 -5.14
N LYS C 1083 -74.20 -60.88 -6.40
CA LYS C 1083 -72.95 -60.57 -7.08
C LYS C 1083 -72.56 -59.12 -6.82
N ALA C 1084 -71.26 -58.88 -6.76
CA ALA C 1084 -70.72 -57.55 -6.54
C ALA C 1084 -70.46 -56.89 -7.89
N HIS C 1085 -71.00 -55.70 -8.08
CA HIS C 1085 -70.84 -54.94 -9.32
C HIS C 1085 -70.09 -53.64 -9.01
N PHE C 1086 -69.24 -53.22 -9.94
CA PHE C 1086 -68.48 -52.00 -9.78
C PHE C 1086 -68.55 -51.16 -11.04
N PRO C 1087 -68.43 -49.85 -10.93
CA PRO C 1087 -68.42 -48.99 -12.12
C PRO C 1087 -67.18 -49.24 -12.97
N ARG C 1088 -67.38 -49.36 -14.27
CA ARG C 1088 -66.24 -49.39 -15.18
C ARG C 1088 -65.51 -48.05 -15.15
N GLU C 1089 -66.27 -46.97 -15.10
CA GLU C 1089 -65.74 -45.63 -14.90
C GLU C 1089 -66.73 -44.87 -14.03
N GLY C 1090 -66.29 -43.73 -13.54
CA GLY C 1090 -67.17 -42.94 -12.70
C GLY C 1090 -67.42 -43.60 -11.37
N VAL C 1091 -68.51 -43.18 -10.73
CA VAL C 1091 -68.95 -43.78 -9.48
C VAL C 1091 -70.47 -43.76 -9.44
N PHE C 1092 -71.02 -44.32 -8.37
CA PHE C 1092 -72.44 -44.33 -8.14
C PHE C 1092 -72.82 -43.19 -7.21
N VAL C 1093 -73.99 -42.61 -7.43
CA VAL C 1093 -74.51 -41.55 -6.58
C VAL C 1093 -76.02 -41.66 -6.58
N SER C 1094 -76.62 -41.19 -5.49
CA SER C 1094 -78.07 -41.26 -5.34
C SER C 1094 -78.64 -39.87 -5.16
N ASN C 1095 -79.72 -39.59 -5.88
CA ASN C 1095 -80.50 -38.39 -5.64
C ASN C 1095 -81.59 -38.62 -4.61
N GLY C 1096 -81.64 -39.81 -4.00
CA GLY C 1096 -82.55 -40.12 -2.91
C GLY C 1096 -83.35 -41.40 -3.13
N THR C 1097 -83.62 -41.76 -4.38
CA THR C 1097 -84.49 -42.89 -4.66
C THR C 1097 -83.85 -43.92 -5.58
N HIS C 1098 -83.07 -43.47 -6.54
CA HIS C 1098 -82.49 -44.36 -7.54
C HIS C 1098 -81.00 -44.04 -7.69
N TRP C 1099 -80.22 -45.08 -7.96
CA TRP C 1099 -78.78 -44.95 -8.09
C TRP C 1099 -78.39 -44.72 -9.54
N PHE C 1100 -77.42 -43.84 -9.75
CA PHE C 1100 -76.94 -43.52 -11.08
C PHE C 1100 -75.42 -43.58 -11.12
N VAL C 1101 -74.88 -44.03 -12.25
CA VAL C 1101 -73.46 -44.02 -12.50
C VAL C 1101 -73.13 -42.75 -13.26
N THR C 1102 -72.04 -42.10 -12.89
CA THR C 1102 -71.70 -40.87 -13.59
C THR C 1102 -70.20 -40.67 -13.53
N GLN C 1103 -69.71 -39.84 -14.45
CA GLN C 1103 -68.28 -39.56 -14.50
C GLN C 1103 -67.82 -38.90 -13.21
N ARG C 1104 -66.52 -38.72 -13.09
CA ARG C 1104 -65.96 -38.26 -11.84
C ARG C 1104 -65.79 -36.75 -11.79
N ASN C 1105 -66.05 -36.04 -12.89
CA ASN C 1105 -65.84 -34.60 -12.93
C ASN C 1105 -67.00 -33.82 -13.53
N PHE C 1106 -68.10 -34.46 -13.90
CA PHE C 1106 -69.24 -33.71 -14.39
C PHE C 1106 -70.49 -34.58 -14.27
N TYR C 1107 -71.44 -34.13 -13.46
CA TYR C 1107 -72.65 -34.89 -13.20
C TYR C 1107 -73.33 -35.26 -14.51
N GLU C 1108 -73.61 -36.53 -14.69
CA GLU C 1108 -74.21 -37.04 -15.92
C GLU C 1108 -74.75 -38.43 -15.67
N PRO C 1109 -75.83 -38.54 -14.91
CA PRO C 1109 -76.34 -39.85 -14.53
C PRO C 1109 -76.76 -40.68 -15.73
N GLN C 1110 -76.53 -41.99 -15.63
CA GLN C 1110 -76.98 -42.94 -16.62
C GLN C 1110 -77.60 -44.14 -15.91
N ILE C 1111 -78.53 -44.81 -16.57
CA ILE C 1111 -79.13 -46.01 -16.01
C ILE C 1111 -78.05 -47.06 -15.84
N ILE C 1112 -78.00 -47.67 -14.67
CA ILE C 1112 -76.91 -48.57 -14.32
C ILE C 1112 -77.18 -49.93 -14.98
N THR C 1113 -76.44 -50.24 -16.02
CA THR C 1113 -76.60 -51.47 -16.78
C THR C 1113 -75.27 -52.22 -16.80
N THR C 1114 -75.34 -53.47 -17.26
CA THR C 1114 -74.17 -54.32 -17.29
C THR C 1114 -73.04 -53.69 -18.09
N ASP C 1115 -73.37 -52.86 -19.09
CA ASP C 1115 -72.36 -52.26 -19.94
C ASP C 1115 -71.64 -51.11 -19.28
N ASN C 1116 -72.16 -50.56 -18.20
CA ASN C 1116 -71.48 -49.51 -17.45
C ASN C 1116 -70.72 -50.04 -16.25
N THR C 1117 -70.90 -51.30 -15.91
CA THR C 1117 -70.30 -51.90 -14.72
C THR C 1117 -69.70 -53.25 -15.08
N PHE C 1118 -69.02 -53.85 -14.11
CA PHE C 1118 -68.52 -55.20 -14.26
C PHE C 1118 -68.58 -55.93 -12.93
N VAL C 1119 -68.57 -57.27 -13.02
CA VAL C 1119 -68.85 -58.14 -11.89
C VAL C 1119 -67.54 -58.71 -11.36
N SER C 1120 -67.40 -58.72 -10.04
CA SER C 1120 -66.21 -59.30 -9.40
C SER C 1120 -66.56 -59.60 -7.95
N GLY C 1121 -66.51 -60.88 -7.59
CA GLY C 1121 -66.76 -61.27 -6.22
C GLY C 1121 -68.24 -61.28 -5.87
N ASN C 1122 -68.50 -61.34 -4.56
CA ASN C 1122 -69.86 -61.48 -4.04
C ASN C 1122 -70.12 -60.36 -3.05
N CYS C 1123 -71.23 -60.47 -2.34
CA CYS C 1123 -71.73 -59.41 -1.47
C CYS C 1123 -71.28 -59.54 -0.02
N ASP C 1124 -70.44 -60.51 0.30
CA ASP C 1124 -70.07 -60.77 1.69
C ASP C 1124 -68.68 -60.25 2.04
N VAL C 1125 -68.02 -59.50 1.16
CA VAL C 1125 -66.66 -59.02 1.39
C VAL C 1125 -66.61 -57.50 1.39
N VAL C 1126 -67.13 -56.86 0.34
CA VAL C 1126 -67.03 -55.42 0.20
C VAL C 1126 -67.73 -54.75 1.37
N ILE C 1127 -67.18 -53.63 1.82
CA ILE C 1127 -67.77 -52.87 2.93
C ILE C 1127 -68.67 -51.78 2.36
N GLY C 1128 -69.80 -51.55 3.03
CA GLY C 1128 -70.64 -50.43 2.70
C GLY C 1128 -71.45 -50.58 1.44
N ILE C 1129 -71.45 -51.76 0.83
CA ILE C 1129 -72.24 -51.95 -0.39
C ILE C 1129 -73.72 -51.84 -0.06
N VAL C 1130 -74.51 -51.49 -1.08
CA VAL C 1130 -75.95 -51.32 -0.90
C VAL C 1130 -76.68 -52.07 -2.02
N ASN C 1131 -77.93 -52.38 -1.75
CA ASN C 1131 -78.75 -53.17 -2.65
C ASN C 1131 -79.36 -52.30 -3.75
N ASN C 1132 -79.54 -52.89 -4.92
CA ASN C 1132 -80.29 -52.27 -6.00
C ASN C 1132 -80.48 -53.30 -7.11
N THR C 1133 -81.03 -52.87 -8.24
CA THR C 1133 -81.21 -53.73 -9.40
C THR C 1133 -80.39 -53.19 -10.58
N VAL C 1134 -79.82 -54.10 -11.36
CA VAL C 1134 -79.08 -53.75 -12.56
C VAL C 1134 -79.87 -54.27 -13.75
N TYR C 1135 -80.40 -53.36 -14.55
CA TYR C 1135 -81.13 -53.74 -15.74
C TYR C 1135 -80.18 -54.24 -16.83
N ASP C 1136 -80.64 -55.20 -17.62
CA ASP C 1136 -79.87 -55.74 -18.74
C ASP C 1136 -80.57 -55.42 -20.05
N PRO C 1137 -79.90 -54.76 -21.00
CA PRO C 1137 -80.55 -54.52 -22.29
C PRO C 1137 -80.95 -55.79 -23.03
N LEU C 1138 -80.23 -56.89 -22.82
CA LEU C 1138 -80.50 -58.10 -23.60
C LEU C 1138 -81.83 -58.73 -23.23
N GLN C 1139 -82.28 -58.56 -21.98
CA GLN C 1139 -83.49 -59.22 -21.54
C GLN C 1139 -84.72 -58.80 -22.33
N PRO C 1140 -85.03 -57.51 -22.48
CA PRO C 1140 -86.21 -57.14 -23.28
C PRO C 1140 -86.12 -57.63 -24.71
N GLU C 1141 -84.94 -57.61 -25.31
CA GLU C 1141 -84.80 -58.08 -26.68
C GLU C 1141 -85.12 -59.57 -26.77
N LEU C 1142 -84.63 -60.36 -25.83
CA LEU C 1142 -84.91 -61.79 -25.86
C LEU C 1142 -86.36 -62.09 -25.50
N ASP C 1143 -86.97 -61.26 -24.65
CA ASP C 1143 -88.33 -61.52 -24.22
C ASP C 1143 -89.31 -61.43 -25.39
N SER C 1144 -89.16 -60.41 -26.23
CA SER C 1144 -90.07 -60.21 -27.35
C SER C 1144 -89.74 -61.18 -28.47
N SER D 1 81.22 44.13 -10.18
CA SER D 1 80.75 42.83 -9.62
C SER D 1 79.71 43.04 -8.52
N TYR D 2 78.68 42.21 -8.52
CA TYR D 2 77.66 42.27 -7.48
C TYR D 2 78.30 42.09 -6.10
N GLU D 3 77.96 42.98 -5.17
CA GLU D 3 78.53 42.97 -3.83
C GLU D 3 77.43 43.08 -2.79
N LEU D 4 77.66 42.44 -1.64
CA LEU D 4 76.76 42.53 -0.49
C LEU D 4 77.49 43.19 0.67
N THR D 5 76.81 44.14 1.32
CA THR D 5 77.38 44.91 2.41
C THR D 5 76.64 44.57 3.70
N GLN D 6 77.40 44.25 4.74
CA GLN D 6 76.88 43.97 6.07
C GLN D 6 77.58 44.84 7.09
N PRO D 7 76.92 45.17 8.20
CA PRO D 7 77.60 45.91 9.27
C PRO D 7 78.74 45.10 9.84
N PRO D 8 79.87 45.76 10.16
CA PRO D 8 81.02 44.99 10.67
C PRO D 8 80.73 44.25 11.96
N SER D 9 79.90 44.80 12.84
CA SER D 9 79.62 44.18 14.13
C SER D 9 78.31 44.72 14.67
N VAL D 10 77.60 43.86 15.40
CA VAL D 10 76.37 44.24 16.09
C VAL D 10 76.44 43.69 17.51
N SER D 11 76.19 44.56 18.49
CA SER D 11 76.22 44.18 19.90
C SER D 11 74.82 44.33 20.46
N VAL D 12 74.29 43.24 21.02
CA VAL D 12 72.95 43.22 21.59
C VAL D 12 72.99 42.44 22.90
N ALA D 13 72.35 42.99 23.93
CA ALA D 13 72.33 42.34 25.23
C ALA D 13 71.44 41.11 25.19
N PRO D 14 71.64 40.16 26.12
CA PRO D 14 70.78 38.97 26.14
C PRO D 14 69.32 39.35 26.33
N GLY D 15 68.44 38.64 25.62
CA GLY D 15 67.01 38.87 25.71
C GLY D 15 66.47 39.93 24.78
N GLN D 16 67.32 40.66 24.08
CA GLN D 16 66.90 41.69 23.16
C GLN D 16 66.89 41.16 21.73
N THR D 17 66.43 42.00 20.80
CA THR D 17 66.30 41.64 19.40
C THR D 17 67.48 42.22 18.62
N ALA D 18 68.20 41.36 17.92
CA ALA D 18 69.33 41.77 17.10
C ALA D 18 68.94 41.75 15.63
N ARG D 19 69.22 42.84 14.93
CA ARG D 19 68.89 42.97 13.50
C ARG D 19 70.19 43.17 12.73
N ILE D 20 70.47 42.25 11.81
CA ILE D 20 71.65 42.32 10.96
C ILE D 20 71.18 42.60 9.54
N THR D 21 71.74 43.64 8.93
CA THR D 21 71.31 44.10 7.62
C THR D 21 72.33 43.74 6.55
N CYS D 22 71.82 43.40 5.38
CA CYS D 22 72.62 43.04 4.21
C CYS D 22 72.15 43.91 3.05
N GLY D 23 73.05 44.74 2.54
CA GLY D 23 72.73 45.68 1.49
C GLY D 23 73.24 45.20 0.14
N GLY D 24 72.45 45.48 -0.90
CA GLY D 24 72.83 45.12 -2.25
C GLY D 24 71.80 45.54 -3.26
N ASN D 25 72.24 46.09 -4.38
CA ASN D 25 71.32 46.55 -5.41
C ASN D 25 70.53 45.37 -5.96
N ASN D 26 69.21 45.49 -5.98
CA ASN D 26 68.30 44.49 -6.51
C ASN D 26 68.31 43.20 -5.68
N ILE D 27 68.84 43.25 -4.46
CA ILE D 27 68.86 42.04 -3.63
C ILE D 27 67.45 41.55 -3.34
N GLY D 28 66.47 42.45 -3.36
CA GLY D 28 65.10 42.05 -3.14
C GLY D 28 64.56 41.08 -4.18
N SER D 29 65.13 41.11 -5.38
CA SER D 29 64.73 40.21 -6.45
C SER D 29 65.46 38.86 -6.39
N LYS D 30 66.39 38.70 -5.45
CA LYS D 30 67.15 37.47 -5.29
C LYS D 30 66.79 36.80 -3.97
N SER D 31 67.03 35.50 -3.90
CA SER D 31 66.85 34.75 -2.67
C SER D 31 68.05 34.97 -1.76
N VAL D 32 67.80 35.53 -0.58
CA VAL D 32 68.86 35.83 0.39
C VAL D 32 68.88 34.73 1.44
N HIS D 33 70.08 34.27 1.76
CA HIS D 33 70.28 33.23 2.76
C HIS D 33 71.25 33.74 3.83
N TRP D 34 71.04 33.29 5.05
CA TRP D 34 71.86 33.68 6.19
C TRP D 34 72.51 32.46 6.81
N PHE D 35 73.84 32.54 6.96
CA PHE D 35 74.66 31.50 7.58
C PHE D 35 75.26 32.03 8.87
N GLN D 36 75.40 31.14 9.85
CA GLN D 36 76.03 31.44 11.11
C GLN D 36 77.33 30.66 11.23
N GLN D 37 78.39 31.32 11.69
CA GLN D 37 79.71 30.71 11.81
C GLN D 37 80.28 31.08 13.17
N LYS D 38 80.48 30.07 14.03
CA LYS D 38 81.10 30.28 15.32
C LYS D 38 82.62 30.20 15.19
N PRO D 39 83.36 30.80 16.14
CA PRO D 39 84.83 30.76 16.06
C PRO D 39 85.35 29.33 15.95
N GLY D 40 86.07 29.06 14.87
CA GLY D 40 86.64 27.76 14.63
C GLY D 40 85.70 26.73 14.06
N GLN D 41 84.46 27.11 13.74
CA GLN D 41 83.48 26.20 13.19
C GLN D 41 83.10 26.62 11.78
N ALA D 42 82.62 25.66 11.00
CA ALA D 42 82.21 25.93 9.63
C ALA D 42 80.89 26.68 9.61
N PRO D 43 80.62 27.46 8.55
CA PRO D 43 79.35 28.17 8.47
C PRO D 43 78.16 27.20 8.51
N VAL D 44 77.11 27.62 9.20
CA VAL D 44 75.88 26.84 9.32
C VAL D 44 74.73 27.67 8.80
N LEU D 45 73.93 27.08 7.92
CA LEU D 45 72.77 27.76 7.37
C LEU D 45 71.72 27.95 8.46
N VAL D 46 71.28 29.20 8.65
CA VAL D 46 70.26 29.54 9.62
C VAL D 46 68.96 29.95 8.94
N VAL D 47 69.05 30.63 7.80
CA VAL D 47 67.86 31.07 7.07
C VAL D 47 68.08 30.87 5.58
N TYR D 48 67.04 30.45 4.86
CA TYR D 48 67.09 30.34 3.41
C TYR D 48 65.76 30.77 2.83
N ASP D 49 65.79 31.16 1.55
CA ASP D 49 64.59 31.59 0.83
C ASP D 49 63.97 32.83 1.48
N ASP D 50 64.78 33.56 2.24
CA ASP D 50 64.43 34.85 2.81
C ASP D 50 63.45 34.74 3.98
N SER D 51 62.85 33.56 4.21
CA SER D 51 62.02 33.39 5.39
C SER D 51 62.18 32.00 6.01
N ASP D 52 62.75 31.06 5.28
CA ASP D 52 62.71 29.66 5.68
C ASP D 52 63.90 29.30 6.56
N ARG D 53 63.66 28.38 7.50
CA ARG D 53 64.65 27.91 8.43
C ARG D 53 64.89 26.42 8.23
N PRO D 54 66.13 25.98 8.09
CA PRO D 54 66.39 24.53 8.07
C PRO D 54 65.99 23.89 9.40
N SER D 55 65.64 22.61 9.33
CA SER D 55 65.20 21.89 10.53
C SER D 55 66.27 21.96 11.61
N GLY D 56 65.83 22.26 12.83
CA GLY D 56 66.71 22.39 13.97
C GLY D 56 67.07 23.82 14.33
N ILE D 57 66.77 24.78 13.45
CA ILE D 57 67.07 26.19 13.71
C ILE D 57 65.98 26.75 14.62
N PRO D 58 66.32 27.34 15.76
CA PRO D 58 65.28 27.87 16.64
C PRO D 58 64.44 28.93 15.94
N GLU D 59 63.18 29.01 16.35
CA GLU D 59 62.24 29.94 15.72
C GLU D 59 62.63 31.40 15.92
N ARG D 60 63.48 31.70 16.91
CA ARG D 60 63.84 33.09 17.17
C ARG D 60 64.52 33.73 15.97
N PHE D 61 65.21 32.95 15.14
CA PHE D 61 65.80 33.45 13.92
C PHE D 61 64.70 33.67 12.88
N SER D 62 64.78 34.80 12.17
CA SER D 62 63.82 35.07 11.10
C SER D 62 64.52 35.90 10.03
N GLY D 63 64.07 35.75 8.79
CA GLY D 63 64.64 36.47 7.67
C GLY D 63 63.60 37.29 6.94
N SER D 64 64.04 38.39 6.35
CA SER D 64 63.21 39.21 5.49
C SER D 64 64.07 39.81 4.40
N ASN D 65 63.44 40.13 3.26
CA ASN D 65 64.15 40.70 2.12
C ASN D 65 63.20 41.67 1.41
N SER D 66 63.50 42.97 1.48
CA SER D 66 62.66 43.99 0.87
C SER D 66 63.54 45.01 0.17
N GLY D 67 63.13 45.40 -1.03
CA GLY D 67 63.88 46.41 -1.76
C GLY D 67 65.32 45.99 -1.94
N ASN D 68 66.24 46.84 -1.48
CA ASN D 68 67.67 46.59 -1.58
C ASN D 68 68.28 46.17 -0.25
N THR D 69 67.47 45.68 0.69
CA THR D 69 67.96 45.33 2.01
C THR D 69 67.34 44.02 2.48
N ALA D 70 68.18 43.12 2.99
CA ALA D 70 67.76 41.92 3.67
C ALA D 70 68.08 42.05 5.15
N SER D 71 67.26 41.44 6.00
CA SER D 71 67.40 41.57 7.44
C SER D 71 67.27 40.21 8.11
N LEU D 72 68.21 39.90 8.99
CA LEU D 72 68.15 38.74 9.87
C LEU D 72 67.83 39.23 11.27
N THR D 73 66.74 38.74 11.83
CA THR D 73 66.27 39.14 13.15
C THR D 73 66.39 37.97 14.12
N ILE D 74 67.10 38.20 15.21
CA ILE D 74 67.28 37.21 16.26
C ILE D 74 66.58 37.76 17.50
N SER D 75 65.41 37.19 17.81
CA SER D 75 64.65 37.62 18.98
C SER D 75 65.20 36.92 20.22
N ARG D 76 65.24 37.65 21.33
CA ARG D 76 65.76 37.08 22.58
C ARG D 76 67.18 36.56 22.37
N VAL D 77 68.11 37.46 22.03
CA VAL D 77 69.48 37.05 21.79
C VAL D 77 70.02 36.32 23.00
N GLU D 78 70.76 35.23 22.74
CA GLU D 78 71.34 34.41 23.79
C GLU D 78 72.86 34.42 23.66
N ALA D 79 73.53 34.02 24.73
CA ALA D 79 74.99 33.99 24.73
C ALA D 79 75.54 33.13 23.60
N GLY D 80 74.80 32.11 23.18
CA GLY D 80 75.25 31.24 22.11
C GLY D 80 75.13 31.85 20.73
N ASP D 81 74.49 33.01 20.59
CA ASP D 81 74.34 33.66 19.30
C ASP D 81 75.58 34.44 18.88
N GLU D 82 76.58 34.58 19.76
CA GLU D 82 77.80 35.29 19.42
C GLU D 82 78.52 34.57 18.29
N ALA D 83 78.57 35.18 17.11
CA ALA D 83 79.14 34.51 15.95
C ALA D 83 79.13 35.47 14.76
N ASP D 84 79.75 35.04 13.67
CA ASP D 84 79.75 35.81 12.43
C ASP D 84 78.58 35.36 11.56
N TYR D 85 77.74 36.32 11.17
CA TYR D 85 76.59 36.05 10.31
C TYR D 85 76.88 36.57 8.91
N TYR D 86 76.66 35.72 7.91
CA TYR D 86 76.97 36.04 6.53
C TYR D 86 75.71 35.92 5.68
N CYS D 87 75.47 36.95 4.86
CA CYS D 87 74.39 36.90 3.88
C CYS D 87 74.93 36.49 2.53
N GLN D 88 74.23 35.56 1.88
CA GLN D 88 74.65 35.00 0.61
C GLN D 88 73.48 35.05 -0.36
N VAL D 89 73.77 35.47 -1.58
CA VAL D 89 72.80 35.49 -2.67
C VAL D 89 73.44 34.86 -3.89
N TRP D 90 72.64 34.67 -4.93
CA TRP D 90 73.11 34.08 -6.17
C TRP D 90 72.92 35.08 -7.30
N ASP D 91 74.03 35.46 -7.94
CA ASP D 91 73.99 36.31 -9.11
C ASP D 91 73.81 35.41 -10.34
N SER D 92 72.60 35.43 -10.90
CA SER D 92 72.33 34.64 -12.10
C SER D 92 73.09 35.18 -13.30
N ALA D 93 73.40 36.48 -13.31
CA ALA D 93 74.19 37.04 -14.41
C ALA D 93 75.56 36.38 -14.48
N SER D 94 76.22 36.19 -13.34
CA SER D 94 77.47 35.45 -13.27
C SER D 94 77.26 34.03 -12.74
N ASP D 95 76.03 33.67 -12.38
CA ASP D 95 75.71 32.34 -11.88
C ASP D 95 76.67 31.95 -10.76
N SER D 96 76.86 32.88 -9.82
CA SER D 96 77.86 32.72 -8.78
C SER D 96 77.29 33.11 -7.42
N GLY D 97 77.83 32.48 -6.38
CA GLY D 97 77.42 32.82 -5.02
C GLY D 97 78.20 34.02 -4.51
N VAL D 98 77.47 35.04 -4.07
CA VAL D 98 78.05 36.27 -3.53
C VAL D 98 77.73 36.32 -2.05
N PHE D 99 78.77 36.38 -1.22
CA PHE D 99 78.64 36.45 0.22
C PHE D 99 78.87 37.87 0.71
N GLY D 100 78.19 38.23 1.79
CA GLY D 100 78.41 39.51 2.42
C GLY D 100 79.71 39.55 3.20
N THR D 101 80.07 40.76 3.62
CA THR D 101 81.31 40.95 4.37
C THR D 101 81.26 40.31 5.75
N GLY D 102 80.08 39.93 6.24
CA GLY D 102 79.96 39.32 7.54
C GLY D 102 79.75 40.32 8.66
N THR D 103 78.92 39.96 9.63
CA THR D 103 78.65 40.81 10.79
C THR D 103 78.96 40.01 12.05
N LYS D 104 79.79 40.57 12.92
CA LYS D 104 80.13 39.91 14.18
C LYS D 104 79.10 40.28 15.24
N LEU D 105 78.25 39.32 15.58
CA LEU D 105 77.26 39.50 16.63
C LEU D 105 77.90 39.12 17.96
N THR D 106 77.94 40.06 18.89
CA THR D 106 78.47 39.86 20.24
C THR D 106 77.35 40.09 21.25
N VAL D 107 77.42 39.36 22.36
CA VAL D 107 76.39 39.41 23.40
C VAL D 107 77.07 39.78 24.73
N PRO D 108 77.18 41.07 25.07
CA PRO D 108 77.82 41.45 26.34
C PRO D 108 77.00 41.08 27.56
N SER E 1 45.83 79.26 21.20
CA SER E 1 45.45 78.55 19.96
C SER E 1 46.16 77.20 19.86
N TYR E 2 45.43 76.19 19.39
CA TYR E 2 46.01 74.86 19.18
C TYR E 2 47.20 74.96 18.24
N GLU E 3 48.32 74.35 18.62
CA GLU E 3 49.56 74.39 17.85
C GLU E 3 50.13 72.99 17.70
N LEU E 4 50.76 72.75 16.56
CA LEU E 4 51.46 71.50 16.28
C LEU E 4 52.95 71.78 16.13
N THR E 5 53.77 70.95 16.78
CA THR E 5 55.22 71.12 16.78
C THR E 5 55.87 69.95 16.05
N GLN E 6 56.75 70.27 15.11
CA GLN E 6 57.51 69.28 14.37
C GLN E 6 58.99 69.61 14.46
N PRO E 7 59.86 68.61 14.35
CA PRO E 7 61.30 68.89 14.31
C PRO E 7 61.65 69.71 13.09
N PRO E 8 62.57 70.67 13.22
CA PRO E 8 62.90 71.52 12.06
C PRO E 8 63.46 70.74 10.88
N SER E 9 64.22 69.67 11.13
CA SER E 9 64.83 68.91 10.06
C SER E 9 65.17 67.51 10.55
N VAL E 10 65.11 66.54 9.65
CA VAL E 10 65.49 65.17 9.92
C VAL E 10 66.36 64.68 8.77
N SER E 11 67.54 64.16 9.10
CA SER E 11 68.49 63.65 8.11
C SER E 11 68.62 62.16 8.29
N VAL E 12 68.35 61.40 7.22
CA VAL E 12 68.42 59.95 7.25
C VAL E 12 69.07 59.47 5.96
N ALA E 13 70.00 58.53 6.08
CA ALA E 13 70.69 58.00 4.92
C ALA E 13 69.76 57.12 4.10
N PRO E 14 70.06 56.92 2.81
CA PRO E 14 69.21 56.04 1.99
C PRO E 14 69.16 54.63 2.57
N GLY E 15 67.97 54.03 2.50
CA GLY E 15 67.77 52.68 2.98
C GLY E 15 67.41 52.56 4.44
N GLN E 16 67.47 53.65 5.20
CA GLN E 16 67.15 53.64 6.61
C GLN E 16 65.72 54.13 6.83
N THR E 17 65.29 54.09 8.09
CA THR E 17 63.94 54.48 8.48
C THR E 17 63.97 55.89 9.06
N ALA E 18 63.15 56.78 8.49
CA ALA E 18 63.05 58.15 8.97
C ALA E 18 61.75 58.33 9.73
N ARG E 19 61.83 58.91 10.93
CA ARG E 19 60.67 59.15 11.77
C ARG E 19 60.53 60.64 12.00
N ILE E 20 59.37 61.19 11.63
CA ILE E 20 59.06 62.60 11.82
C ILE E 20 57.93 62.70 12.84
N THR E 21 58.16 63.49 13.89
CA THR E 21 57.24 63.58 15.01
C THR E 21 56.47 64.89 14.96
N CYS E 22 55.20 64.81 15.36
CA CYS E 22 54.30 65.97 15.43
C CYS E 22 53.71 65.99 16.83
N GLY E 23 53.99 67.06 17.56
CA GLY E 23 53.57 67.19 18.94
C GLY E 23 52.39 68.13 19.07
N GLY E 24 51.48 67.81 19.99
CA GLY E 24 50.32 68.64 20.24
C GLY E 24 49.44 68.07 21.33
N ASN E 25 48.96 68.93 22.23
CA ASN E 25 48.12 68.47 23.32
C ASN E 25 46.83 67.87 22.77
N ASN E 26 46.50 66.66 23.20
CA ASN E 26 45.29 65.94 22.82
C ASN E 26 45.26 65.60 21.34
N ILE E 27 46.41 65.64 20.65
CA ILE E 27 46.44 65.30 19.23
C ILE E 27 46.00 63.86 19.02
N GLY E 28 46.21 63.00 20.01
CA GLY E 28 45.80 61.61 19.89
C GLY E 28 44.31 61.44 19.69
N SER E 29 43.50 62.38 20.15
CA SER E 29 42.06 62.35 19.97
C SER E 29 41.61 62.90 18.62
N LYS E 30 42.52 63.42 17.82
CA LYS E 30 42.21 63.99 16.52
C LYS E 30 42.82 63.14 15.42
N SER E 31 42.26 63.29 14.22
CA SER E 31 42.81 62.63 13.03
C SER E 31 43.98 63.45 12.51
N VAL E 32 45.15 62.81 12.43
CA VAL E 32 46.38 63.47 12.00
C VAL E 32 46.65 63.07 10.55
N HIS E 33 47.00 64.04 9.73
CA HIS E 33 47.30 63.81 8.33
C HIS E 33 48.69 64.36 8.02
N TRP E 34 49.39 63.70 7.10
CA TRP E 34 50.73 64.06 6.71
C TRP E 34 50.78 64.39 5.22
N PHE E 35 51.33 65.56 4.92
CA PHE E 35 51.51 66.04 3.55
C PHE E 35 52.99 66.15 3.23
N GLN E 36 53.34 65.86 1.99
CA GLN E 36 54.71 65.99 1.49
C GLN E 36 54.75 67.11 0.46
N GLN E 37 55.76 67.98 0.57
CA GLN E 37 55.91 69.13 -0.33
C GLN E 37 57.35 69.18 -0.80
N LYS E 38 57.56 69.00 -2.10
CA LYS E 38 58.88 69.13 -2.68
C LYS E 38 59.18 70.57 -3.04
N PRO E 39 60.45 70.93 -3.18
CA PRO E 39 60.80 72.32 -3.53
C PRO E 39 60.12 72.75 -4.82
N GLY E 40 59.31 73.81 -4.72
CA GLY E 40 58.61 74.35 -5.86
C GLY E 40 57.33 73.63 -6.23
N GLN E 41 56.91 72.63 -5.45
CA GLN E 41 55.71 71.87 -5.73
C GLN E 41 54.72 72.06 -4.59
N ALA E 42 53.44 71.86 -4.92
CA ALA E 42 52.38 71.99 -3.93
C ALA E 42 52.38 70.81 -2.97
N PRO E 43 51.86 70.98 -1.76
CA PRO E 43 51.81 69.86 -0.82
C PRO E 43 51.01 68.70 -1.39
N VAL E 44 51.48 67.49 -1.10
CA VAL E 44 50.84 66.26 -1.54
C VAL E 44 50.52 65.42 -0.31
N LEU E 45 49.27 64.98 -0.20
CA LEU E 45 48.86 64.14 0.92
C LEU E 45 49.54 62.79 0.83
N VAL E 46 50.21 62.40 1.92
CA VAL E 46 50.89 61.11 1.98
C VAL E 46 50.20 60.17 2.97
N VAL E 47 49.63 60.71 4.06
CA VAL E 47 48.94 59.88 5.05
C VAL E 47 47.71 60.63 5.53
N TYR E 48 46.64 59.90 5.81
CA TYR E 48 45.44 60.47 6.39
C TYR E 48 44.81 59.45 7.36
N ASP E 49 43.98 59.97 8.26
CA ASP E 49 43.29 59.14 9.25
C ASP E 49 44.29 58.38 10.13
N ASP E 50 45.51 58.88 10.20
CA ASP E 50 46.55 58.40 11.10
C ASP E 50 47.14 57.05 10.68
N SER E 51 46.52 56.36 9.73
CA SER E 51 47.11 55.12 9.22
C SER E 51 46.89 54.92 7.73
N ASP E 52 46.12 55.80 7.09
CA ASP E 52 45.66 55.53 5.74
C ASP E 52 46.49 56.29 4.71
N ARG E 53 46.66 55.68 3.55
CA ARG E 53 47.44 56.23 2.45
C ARG E 53 46.56 56.42 1.23
N PRO E 54 46.56 57.60 0.60
CA PRO E 54 45.85 57.75 -0.67
C PRO E 54 46.48 56.88 -1.75
N SER E 55 45.65 56.51 -2.73
CA SER E 55 46.11 55.64 -3.80
C SER E 55 47.32 56.25 -4.50
N GLY E 56 48.34 55.43 -4.73
CA GLY E 56 49.57 55.86 -5.36
C GLY E 56 50.71 56.13 -4.41
N ILE E 57 50.44 56.21 -3.12
CA ILE E 57 51.48 56.47 -2.12
C ILE E 57 52.20 55.15 -1.82
N PRO E 58 53.53 55.09 -1.93
CA PRO E 58 54.23 53.82 -1.65
C PRO E 58 53.96 53.35 -0.22
N GLU E 59 53.99 52.03 -0.06
CA GLU E 59 53.69 51.43 1.25
C GLU E 59 54.73 51.80 2.31
N ARG E 60 55.92 52.25 1.89
CA ARG E 60 56.95 52.57 2.87
C ARG E 60 56.53 53.67 3.83
N PHE E 61 55.65 54.57 3.40
CA PHE E 61 55.10 55.59 4.28
C PHE E 61 54.08 54.96 5.21
N SER E 62 54.12 55.35 6.49
CA SER E 62 53.13 54.88 7.45
C SER E 62 52.92 55.96 8.50
N GLY E 63 51.73 55.98 9.07
CA GLY E 63 51.37 56.96 10.07
C GLY E 63 50.92 56.30 11.36
N SER E 64 51.13 56.99 12.48
CA SER E 64 50.64 56.55 13.77
C SER E 64 50.32 57.78 14.61
N ASN E 65 49.41 57.61 15.56
CA ASN E 65 49.00 58.71 16.44
C ASN E 65 48.68 58.12 17.80
N SER E 66 49.51 58.45 18.80
CA SER E 66 49.34 57.91 20.14
C SER E 66 49.64 59.00 21.17
N GLY E 67 48.86 59.01 22.24
CA GLY E 67 49.07 60.01 23.28
C GLY E 67 48.98 61.40 22.70
N ASN E 68 50.03 62.19 22.91
CA ASN E 68 50.12 63.55 22.39
C ASN E 68 51.12 63.66 21.24
N THR E 69 51.41 62.55 20.56
CA THR E 69 52.41 62.55 19.50
C THR E 69 51.93 61.74 18.31
N ALA E 70 52.13 62.28 17.12
CA ALA E 70 51.93 61.57 15.86
C ALA E 70 53.28 61.33 15.21
N SER E 71 53.41 60.22 14.49
CA SER E 71 54.67 59.82 13.89
C SER E 71 54.44 59.41 12.45
N LEU E 72 55.25 59.96 11.55
CA LEU E 72 55.32 59.52 10.16
C LEU E 72 56.62 58.74 9.97
N THR E 73 56.49 57.50 9.54
CA THR E 73 57.62 56.60 9.37
C THR E 73 57.81 56.29 7.89
N ILE E 74 59.01 56.56 7.38
CA ILE E 74 59.38 56.29 6.00
C ILE E 74 60.46 55.21 6.03
N SER E 75 60.07 53.98 5.69
CA SER E 75 61.01 52.87 5.67
C SER E 75 61.80 52.87 4.37
N ARG E 76 63.09 52.58 4.45
CA ARG E 76 63.95 52.56 3.27
C ARG E 76 63.91 53.92 2.57
N VAL E 77 64.37 54.97 3.27
CA VAL E 77 64.33 56.31 2.71
C VAL E 77 65.06 56.33 1.37
N GLU E 78 64.50 57.05 0.41
CA GLU E 78 65.07 57.18 -0.92
C GLU E 78 65.40 58.64 -1.20
N ALA E 79 66.23 58.86 -2.22
CA ALA E 79 66.64 60.21 -2.58
C ALA E 79 65.44 61.09 -2.90
N GLY E 80 64.36 60.50 -3.40
CA GLY E 80 63.18 61.27 -3.73
C GLY E 80 62.35 61.71 -2.53
N ASP E 81 62.68 61.21 -1.33
CA ASP E 81 61.94 61.58 -0.14
C ASP E 81 62.37 62.92 0.44
N GLU E 82 63.43 63.53 -0.10
CA GLU E 82 63.88 64.83 0.37
C GLU E 82 62.79 65.87 0.14
N ALA E 83 62.17 66.37 1.21
CA ALA E 83 61.05 67.29 1.06
C ALA E 83 60.60 67.74 2.44
N ASP E 84 59.67 68.70 2.46
CA ASP E 84 59.09 69.19 3.70
C ASP E 84 57.83 68.40 4.01
N TYR E 85 57.78 67.81 5.21
CA TYR E 85 56.63 67.05 5.67
C TYR E 85 55.87 67.86 6.70
N TYR E 86 54.56 67.97 6.51
CA TYR E 86 53.70 68.79 7.35
C TYR E 86 52.61 67.92 7.97
N CYS E 87 52.41 68.05 9.27
CA CYS E 87 51.30 67.41 9.96
C CYS E 87 50.16 68.40 10.12
N GLN E 88 48.95 67.93 9.80
CA GLN E 88 47.76 68.75 9.83
C GLN E 88 46.66 68.02 10.60
N VAL E 89 45.98 68.76 11.46
CA VAL E 89 44.85 68.27 12.23
C VAL E 89 43.71 69.27 12.12
N TRP E 90 42.55 68.87 12.62
CA TRP E 90 41.36 69.71 12.59
C TRP E 90 40.93 70.01 14.02
N ASP E 91 40.92 71.29 14.37
CA ASP E 91 40.42 71.74 15.67
C ASP E 91 38.92 71.97 15.55
N SER E 92 38.14 71.08 16.16
CA SER E 92 36.70 71.23 16.15
C SER E 92 36.25 72.42 16.99
N ALA E 93 37.02 72.79 18.01
CA ALA E 93 36.67 73.95 18.81
C ALA E 93 36.65 75.21 17.96
N SER E 94 37.64 75.39 17.09
CA SER E 94 37.68 76.47 16.13
C SER E 94 37.29 76.02 14.74
N ASP E 95 37.04 74.72 14.55
CA ASP E 95 36.64 74.18 13.25
C ASP E 95 37.62 74.63 12.16
N SER E 96 38.91 74.52 12.47
CA SER E 96 39.94 75.07 11.61
C SER E 96 41.06 74.06 11.42
N GLY E 97 41.71 74.13 10.26
CA GLY E 97 42.86 73.28 9.99
C GLY E 97 44.12 73.87 10.58
N VAL E 98 44.81 73.08 11.40
CA VAL E 98 46.05 73.49 12.05
C VAL E 98 47.18 72.67 11.46
N PHE E 99 48.17 73.35 10.89
CA PHE E 99 49.33 72.72 10.28
C PHE E 99 50.54 72.82 11.21
N GLY E 100 51.38 71.80 11.16
CA GLY E 100 52.62 71.84 11.92
C GLY E 100 53.64 72.77 11.28
N THR E 101 54.72 73.00 12.01
CA THR E 101 55.79 73.87 11.53
C THR E 101 56.54 73.29 10.35
N GLY E 102 56.42 71.99 10.10
CA GLY E 102 57.09 71.37 8.98
C GLY E 102 58.46 70.82 9.35
N THR E 103 58.81 69.68 8.75
CA THR E 103 60.10 69.04 8.98
C THR E 103 60.77 68.82 7.63
N LYS E 104 62.00 69.31 7.49
CA LYS E 104 62.74 69.14 6.25
C LYS E 104 63.50 67.83 6.29
N LEU E 105 63.02 66.84 5.53
CA LEU E 105 63.69 65.55 5.41
C LEU E 105 64.72 65.64 4.30
N THR E 106 65.98 65.38 4.66
CA THR E 106 67.09 65.37 3.72
C THR E 106 67.71 63.98 3.68
N VAL E 107 68.25 63.62 2.52
CA VAL E 107 68.81 62.29 2.30
C VAL E 107 70.25 62.44 1.81
N PRO E 108 71.25 62.51 2.73
CA PRO E 108 72.64 62.67 2.29
C PRO E 108 73.19 61.44 1.58
N GLN F 1 73.86 10.37 8.07
CA GLN F 1 74.18 11.83 8.02
C GLN F 1 75.35 12.10 7.09
N VAL F 2 75.16 12.99 6.13
CA VAL F 2 76.19 13.29 5.15
C VAL F 2 77.31 14.08 5.81
N GLN F 3 78.55 13.66 5.57
CA GLN F 3 79.73 14.31 6.14
C GLN F 3 80.71 14.62 5.02
N LEU F 4 81.35 15.79 5.11
CA LEU F 4 82.34 16.23 4.14
C LEU F 4 83.68 16.39 4.85
N GLN F 5 84.72 15.82 4.26
CA GLN F 5 86.07 15.87 4.86
C GLN F 5 87.04 16.45 3.85
N GLN F 6 87.82 17.44 4.29
CA GLN F 6 88.78 18.11 3.41
C GLN F 6 90.19 17.63 3.70
N SER F 7 90.94 17.38 2.63
CA SER F 7 92.33 16.97 2.72
C SER F 7 93.15 17.75 1.70
N GLY F 8 94.41 17.99 2.04
CA GLY F 8 95.30 18.70 1.15
C GLY F 8 96.57 19.16 1.83
N PRO F 9 97.45 19.84 1.08
CA PRO F 9 98.69 20.33 1.68
C PRO F 9 98.43 21.55 2.56
N GLY F 10 98.89 21.46 3.81
CA GLY F 10 98.79 22.61 4.70
C GLY F 10 99.70 23.76 4.34
N LEU F 11 100.76 23.49 3.58
CA LEU F 11 101.68 24.52 3.15
C LEU F 11 102.02 24.29 1.68
N VAL F 12 101.86 25.33 0.87
CA VAL F 12 102.13 25.28 -0.56
C VAL F 12 103.02 26.46 -0.93
N LYS F 13 104.06 26.20 -1.70
CA LYS F 13 104.96 27.26 -2.12
C LYS F 13 104.27 28.15 -3.17
N PRO F 14 104.67 29.41 -3.27
CA PRO F 14 104.06 30.29 -4.28
C PRO F 14 104.30 29.77 -5.69
N SER F 15 103.33 30.01 -6.56
CA SER F 15 103.34 29.65 -7.98
C SER F 15 103.08 28.16 -8.19
N GLU F 16 102.99 27.36 -7.14
CA GLU F 16 102.69 25.95 -7.28
C GLU F 16 101.18 25.74 -7.34
N THR F 17 100.78 24.51 -7.64
CA THR F 17 99.38 24.17 -7.77
C THR F 17 98.86 23.59 -6.45
N LEU F 18 97.82 24.22 -5.91
CA LEU F 18 97.17 23.74 -4.70
C LEU F 18 96.08 22.75 -5.08
N SER F 19 96.14 21.55 -4.49
CA SER F 19 95.19 20.49 -4.77
C SER F 19 94.50 20.10 -3.47
N LEU F 20 93.20 20.36 -3.39
CA LEU F 20 92.39 20.00 -2.24
C LEU F 20 91.35 18.97 -2.67
N THR F 21 91.07 18.02 -1.78
CA THR F 21 90.08 16.98 -2.06
C THR F 21 89.03 16.99 -0.96
N CYS F 22 87.77 16.88 -1.37
CA CYS F 22 86.64 16.79 -0.44
C CYS F 22 85.99 15.44 -0.65
N THR F 23 85.91 14.66 0.43
CA THR F 23 85.31 13.33 0.43
C THR F 23 83.95 13.40 1.09
N VAL F 24 82.97 12.77 0.44
CA VAL F 24 81.59 12.74 0.92
C VAL F 24 81.31 11.35 1.47
N SER F 25 80.84 11.27 2.70
CA SER F 25 80.49 10.01 3.33
C SER F 25 79.06 10.06 3.84
N GLY F 26 78.41 8.89 3.86
CA GLY F 26 77.04 8.78 4.31
C GLY F 26 76.00 9.02 3.24
N ALA F 27 76.40 9.44 2.05
CA ALA F 27 75.46 9.65 0.95
C ALA F 27 76.24 9.69 -0.36
N SER F 28 75.52 9.49 -1.45
CA SER F 28 76.12 9.52 -2.78
C SER F 28 76.47 10.95 -3.18
N ILE F 29 77.57 11.10 -3.89
CA ILE F 29 78.03 12.40 -4.35
C ILE F 29 77.19 12.87 -5.52
N SER F 30 76.26 12.04 -5.97
CA SER F 30 75.44 12.34 -7.13
C SER F 30 74.21 13.17 -6.73
N ASN F 31 73.68 13.91 -7.70
CA ASN F 31 72.41 14.62 -7.58
C ASN F 31 72.52 15.83 -6.66
N TYR F 32 73.75 16.23 -6.32
CA TYR F 32 73.99 17.39 -5.48
C TYR F 32 75.07 18.27 -6.09
N TYR F 33 74.93 19.57 -5.89
CA TYR F 33 75.98 20.51 -6.27
C TYR F 33 76.99 20.62 -5.14
N TRP F 34 78.27 20.47 -5.48
CA TRP F 34 79.34 20.51 -4.51
C TRP F 34 80.18 21.75 -4.78
N SER F 35 80.30 22.63 -3.79
CA SER F 35 80.90 23.93 -3.97
C SER F 35 82.08 24.09 -3.03
N TRP F 36 83.04 24.91 -3.45
CA TRP F 36 84.21 25.27 -2.66
C TRP F 36 84.10 26.72 -2.24
N ILE F 37 84.31 26.98 -0.94
CA ILE F 37 84.28 28.33 -0.39
C ILE F 37 85.61 28.57 0.32
N ARG F 38 86.16 29.76 0.17
CA ARG F 38 87.41 30.11 0.82
C ARG F 38 87.20 31.32 1.72
N GLN F 39 87.75 31.24 2.92
CA GLN F 39 87.72 32.34 3.89
C GLN F 39 89.15 32.79 4.14
N PRO F 40 89.59 33.88 3.53
CA PRO F 40 90.92 34.40 3.83
C PRO F 40 90.96 34.94 5.26
N PRO F 41 92.14 34.94 5.89
CA PRO F 41 92.23 35.49 7.24
C PRO F 41 91.78 36.94 7.26
N GLY F 42 90.85 37.25 8.17
CA GLY F 42 90.33 38.59 8.32
C GLY F 42 89.30 39.00 7.29
N LYS F 43 88.91 38.10 6.39
CA LYS F 43 87.94 38.39 5.35
C LYS F 43 86.76 37.43 5.46
N GLY F 44 85.65 37.82 4.84
CA GLY F 44 84.46 37.00 4.85
C GLY F 44 84.55 35.85 3.87
N LEU F 45 83.50 35.03 3.87
CA LEU F 45 83.46 33.86 2.99
C LEU F 45 83.46 34.30 1.54
N GLU F 46 84.22 33.60 0.71
CA GLU F 46 84.30 33.86 -0.72
C GLU F 46 84.01 32.58 -1.48
N TRP F 47 83.05 32.64 -2.40
CA TRP F 47 82.69 31.48 -3.20
C TRP F 47 83.71 31.27 -4.30
N VAL F 48 84.16 30.03 -4.45
CA VAL F 48 85.19 29.69 -5.43
C VAL F 48 84.58 29.05 -6.68
N GLY F 49 83.64 28.13 -6.49
CA GLY F 49 83.02 27.46 -7.62
C GLY F 49 82.14 26.33 -7.16
N TYR F 50 81.41 25.76 -8.11
CA TYR F 50 80.57 24.60 -7.86
C TYR F 50 80.67 23.63 -9.02
N ILE F 51 80.42 22.36 -8.71
CA ILE F 51 80.40 21.29 -9.71
C ILE F 51 79.18 20.41 -9.46
N TYR F 52 78.52 20.02 -10.55
CA TYR F 52 77.35 19.16 -10.50
C TYR F 52 77.73 17.73 -10.86
N TYR F 53 76.87 16.79 -10.44
CA TYR F 53 77.19 15.38 -10.65
C TYR F 53 77.31 15.03 -12.12
N THR F 54 76.71 15.83 -13.00
CA THR F 54 76.77 15.58 -14.43
C THR F 54 78.04 16.12 -15.07
N GLY F 55 78.91 16.79 -14.30
CA GLY F 55 80.11 17.39 -14.83
C GLY F 55 80.03 18.87 -15.06
N SER F 56 78.83 19.47 -14.97
CA SER F 56 78.69 20.90 -15.13
C SER F 56 79.43 21.62 -14.01
N THR F 57 80.26 22.60 -14.38
CA THR F 57 81.07 23.34 -13.43
C THR F 57 80.94 24.84 -13.69
N ASN F 58 80.97 25.61 -12.62
CA ASN F 58 81.03 27.05 -12.70
C ASN F 58 82.01 27.55 -11.64
N HIS F 59 82.59 28.72 -11.89
CA HIS F 59 83.60 29.27 -11.00
C HIS F 59 83.38 30.76 -10.83
N ASN F 60 83.90 31.29 -9.72
CA ASN F 60 83.85 32.72 -9.49
C ASN F 60 84.61 33.44 -10.60
N PRO F 61 84.06 34.50 -11.19
CA PRO F 61 84.78 35.18 -12.28
C PRO F 61 86.18 35.61 -11.92
N SER F 62 86.40 36.05 -10.67
CA SER F 62 87.73 36.47 -10.25
C SER F 62 88.71 35.31 -10.18
N LEU F 63 88.21 34.08 -10.08
CA LEU F 63 89.06 32.90 -9.96
C LEU F 63 88.86 31.91 -11.11
N LYS F 64 88.15 32.30 -12.17
CA LYS F 64 87.83 31.36 -13.23
C LYS F 64 89.10 30.86 -13.93
N SER F 65 90.07 31.75 -14.15
CA SER F 65 91.25 31.41 -14.93
C SER F 65 92.24 30.53 -14.18
N ARG F 66 92.04 30.31 -12.87
CA ARG F 66 92.97 29.53 -12.08
C ARG F 66 92.34 28.35 -11.36
N VAL F 67 91.01 28.23 -11.36
CA VAL F 67 90.31 27.23 -10.57
C VAL F 67 89.78 26.14 -11.50
N THR F 68 90.01 24.89 -11.13
CA THR F 68 89.45 23.74 -11.81
C THR F 68 88.82 22.82 -10.78
N ILE F 69 87.57 22.43 -11.02
CA ILE F 69 86.82 21.56 -10.12
C ILE F 69 86.52 20.26 -10.85
N SER F 70 86.90 19.13 -10.26
CA SER F 70 86.71 17.82 -10.85
C SER F 70 85.93 16.93 -9.90
N LEU F 71 85.24 15.95 -10.47
CA LEU F 71 84.40 15.03 -9.71
C LEU F 71 84.85 13.60 -9.98
N ASP F 72 84.97 12.80 -8.92
CA ASP F 72 85.27 11.38 -9.00
C ASP F 72 84.14 10.66 -8.26
N THR F 73 83.16 10.17 -9.02
CA THR F 73 82.03 9.47 -8.41
C THR F 73 82.41 8.09 -7.91
N SER F 74 83.41 7.46 -8.54
CA SER F 74 83.84 6.15 -8.09
C SER F 74 84.39 6.21 -6.67
N LYS F 75 84.98 7.34 -6.28
CA LYS F 75 85.51 7.55 -4.95
C LYS F 75 84.64 8.45 -4.10
N ASN F 76 83.53 8.95 -4.65
CA ASN F 76 82.65 9.87 -3.93
C ASN F 76 83.42 11.08 -3.42
N GLN F 77 84.22 11.67 -4.31
CA GLN F 77 85.06 12.80 -3.96
C GLN F 77 84.97 13.86 -5.05
N PHE F 78 85.38 15.08 -4.70
CA PHE F 78 85.58 16.12 -5.69
C PHE F 78 86.76 16.99 -5.29
N SER F 79 87.53 17.42 -6.29
CA SER F 79 88.82 18.05 -6.08
C SER F 79 88.82 19.46 -6.67
N LEU F 80 89.51 20.35 -5.95
CA LEU F 80 89.74 21.73 -6.34
C LEU F 80 91.22 21.93 -6.61
N ARG F 81 91.54 22.41 -7.82
CA ARG F 81 92.91 22.68 -8.21
C ARG F 81 93.04 24.17 -8.52
N LEU F 82 93.98 24.82 -7.83
CA LEU F 82 94.25 26.24 -8.00
C LEU F 82 95.67 26.39 -8.51
N SER F 83 95.81 26.94 -9.73
CA SER F 83 97.11 27.09 -10.36
C SER F 83 97.70 28.46 -10.05
N SER F 84 99.02 28.51 -9.96
CA SER F 84 99.75 29.75 -9.67
C SER F 84 99.24 30.38 -8.39
N VAL F 85 99.26 29.58 -7.31
CA VAL F 85 98.76 30.04 -6.03
C VAL F 85 99.66 31.15 -5.50
N THR F 86 99.05 32.13 -4.85
CA THR F 86 99.76 33.27 -4.28
C THR F 86 99.41 33.40 -2.80
N ALA F 87 100.05 34.37 -2.15
CA ALA F 87 99.78 34.62 -0.74
C ALA F 87 98.31 34.96 -0.51
N ALA F 88 97.67 35.59 -1.50
CA ALA F 88 96.25 35.93 -1.38
C ALA F 88 95.37 34.69 -1.29
N ASP F 89 95.88 33.53 -1.69
CA ASP F 89 95.14 32.28 -1.63
C ASP F 89 95.24 31.61 -0.27
N THR F 90 96.07 32.11 0.63
CA THR F 90 96.13 31.58 1.99
C THR F 90 94.77 31.80 2.65
N ALA F 91 94.12 30.71 3.03
CA ALA F 91 92.75 30.81 3.52
C ALA F 91 92.31 29.45 4.05
N VAL F 92 91.16 29.46 4.72
CA VAL F 92 90.50 28.22 5.11
C VAL F 92 89.52 27.83 4.01
N TYR F 93 89.71 26.63 3.45
CA TYR F 93 88.88 26.14 2.36
C TYR F 93 87.88 25.13 2.90
N TYR F 94 86.60 25.38 2.66
CA TYR F 94 85.51 24.48 3.03
C TYR F 94 84.85 23.97 1.76
N CYS F 95 84.34 22.74 1.81
CA CYS F 95 83.46 22.23 0.79
C CYS F 95 82.04 22.13 1.35
N ALA F 96 81.07 22.49 0.53
CA ALA F 96 79.68 22.60 0.96
C ALA F 96 78.77 21.94 -0.06
N ARG F 97 77.63 21.48 0.43
CA ARG F 97 76.60 20.87 -0.40
C ARG F 97 75.43 21.82 -0.57
N ALA F 98 74.98 21.99 -1.81
CA ALA F 98 73.83 22.82 -2.07
C ALA F 98 72.58 22.20 -1.45
N TYR F 99 71.78 23.03 -0.81
CA TYR F 99 70.57 22.55 -0.15
C TYR F 99 69.51 22.20 -1.19
N CYS F 100 69.12 20.93 -1.21
CA CYS F 100 68.14 20.42 -2.17
C CYS F 100 66.95 19.88 -1.39
N SER F 101 65.82 20.57 -1.49
CA SER F 101 64.57 20.15 -0.86
C SER F 101 63.50 20.03 -1.94
N GLY F 102 62.79 18.92 -1.94
CA GLY F 102 61.85 18.65 -3.01
C GLY F 102 62.50 18.46 -4.35
N GLY F 103 63.81 18.15 -4.36
CA GLY F 103 64.53 17.94 -5.61
C GLY F 103 65.14 19.18 -6.20
N SER F 104 64.75 20.37 -5.74
CA SER F 104 65.25 21.63 -6.26
C SER F 104 66.37 22.11 -5.35
N CYS F 105 67.58 22.21 -5.91
CA CYS F 105 68.75 22.60 -5.14
C CYS F 105 68.81 24.12 -5.09
N PHE F 106 68.69 24.66 -3.88
CA PHE F 106 68.67 26.10 -3.67
C PHE F 106 70.08 26.66 -3.71
N ASP F 107 70.16 27.99 -3.71
CA ASP F 107 71.43 28.69 -3.80
C ASP F 107 72.12 28.78 -2.44
N THR F 108 71.62 28.05 -1.46
CA THR F 108 72.21 28.02 -0.13
C THR F 108 72.97 26.72 0.06
N PHE F 109 73.73 26.67 1.16
CA PHE F 109 74.52 25.50 1.53
C PHE F 109 74.07 25.03 2.90
N ASP F 110 73.69 23.76 3.00
CA ASP F 110 73.19 23.20 4.24
C ASP F 110 74.21 22.36 5.00
N ILE F 111 75.17 21.75 4.31
CA ILE F 111 76.20 20.94 4.92
C ILE F 111 77.56 21.50 4.51
N TRP F 112 78.42 21.74 5.50
CA TRP F 112 79.74 22.29 5.29
C TRP F 112 80.80 21.38 5.90
N GLY F 113 81.97 21.35 5.29
CA GLY F 113 83.09 20.65 5.87
C GLY F 113 83.76 21.46 6.97
N GLN F 114 84.60 20.78 7.75
CA GLN F 114 85.29 21.45 8.85
C GLN F 114 86.31 22.46 8.37
N GLY F 115 86.67 22.44 7.10
CA GLY F 115 87.62 23.41 6.57
C GLY F 115 89.06 22.99 6.79
N THR F 116 89.90 23.32 5.80
CA THR F 116 91.32 23.03 5.86
C THR F 116 92.09 24.33 5.64
N MET F 117 93.06 24.60 6.50
CA MET F 117 93.86 25.81 6.38
C MET F 117 94.99 25.60 5.39
N VAL F 118 95.05 26.46 4.37
CA VAL F 118 96.13 26.43 3.37
C VAL F 118 96.90 27.73 3.49
N THR F 119 98.21 27.62 3.69
CA THR F 119 99.09 28.77 3.82
C THR F 119 100.08 28.76 2.68
N VAL F 120 100.13 29.87 1.93
CA VAL F 120 101.06 30.03 0.82
C VAL F 120 102.21 30.89 1.32
N SER F 121 103.33 30.26 1.63
CA SER F 121 104.50 30.95 2.14
C SER F 121 105.75 30.30 1.58
N SER F 122 106.74 31.13 1.25
CA SER F 122 108.01 30.66 0.72
C SER F 122 108.95 30.41 1.89
N GLN G 1 40.55 64.02 -14.38
CA GLN G 1 41.37 64.39 -13.20
C GLN G 1 41.11 65.85 -12.81
N VAL G 2 40.70 66.06 -11.55
CA VAL G 2 40.37 67.39 -11.09
C VAL G 2 41.64 68.23 -11.00
N GLN G 3 41.59 69.44 -11.54
CA GLN G 3 42.71 70.37 -11.54
C GLN G 3 42.27 71.71 -10.98
N LEU G 4 43.13 72.32 -10.18
CA LEU G 4 42.87 73.62 -9.57
C LEU G 4 43.90 74.61 -10.09
N GLN G 5 43.42 75.77 -10.54
CA GLN G 5 44.28 76.81 -11.10
C GLN G 5 44.06 78.11 -10.36
N GLN G 6 45.15 78.73 -9.90
CA GLN G 6 45.07 79.96 -9.13
C GLN G 6 45.46 81.14 -10.01
N SER G 7 44.67 82.22 -9.90
CA SER G 7 44.93 83.46 -10.61
C SER G 7 44.75 84.63 -9.66
N GLY G 8 45.54 85.69 -9.89
CA GLY G 8 45.46 86.87 -9.08
C GLY G 8 46.63 87.81 -9.30
N PRO G 9 46.63 88.93 -8.58
CA PRO G 9 47.73 89.90 -8.73
C PRO G 9 49.00 89.41 -8.05
N GLY G 10 50.08 89.36 -8.82
CA GLY G 10 51.37 88.99 -8.24
C GLY G 10 51.94 90.05 -7.32
N LEU G 11 51.48 91.30 -7.45
CA LEU G 11 51.93 92.39 -6.59
C LEU G 11 50.72 93.21 -6.18
N VAL G 12 50.59 93.44 -4.87
CA VAL G 12 49.49 94.21 -4.31
C VAL G 12 50.07 95.24 -3.34
N LYS G 13 49.60 96.48 -3.43
CA LYS G 13 50.08 97.51 -2.54
C LYS G 13 49.51 97.31 -1.13
N PRO G 14 50.22 97.78 -0.10
CA PRO G 14 49.70 97.64 1.26
C PRO G 14 48.37 98.37 1.42
N SER G 15 47.51 97.80 2.27
CA SER G 15 46.19 98.31 2.63
C SER G 15 45.17 98.08 1.53
N GLU G 16 45.56 97.54 0.39
CA GLU G 16 44.62 97.22 -0.68
C GLU G 16 44.03 95.83 -0.47
N THR G 17 43.04 95.50 -1.29
CA THR G 17 42.35 94.22 -1.18
C THR G 17 42.96 93.23 -2.17
N LEU G 18 43.42 92.10 -1.65
CA LEU G 18 43.95 91.02 -2.47
C LEU G 18 42.81 90.09 -2.88
N SER G 19 42.69 89.85 -4.18
CA SER G 19 41.64 88.99 -4.72
C SER G 19 42.28 87.86 -5.50
N LEU G 20 42.06 86.63 -5.05
CA LEU G 20 42.55 85.45 -5.72
C LEU G 20 41.38 84.58 -6.15
N THR G 21 41.50 83.94 -7.31
CA THR G 21 40.46 83.08 -7.84
C THR G 21 41.03 81.70 -8.12
N CYS G 22 40.31 80.67 -7.68
CA CYS G 22 40.68 79.28 -7.91
C CYS G 22 39.62 78.68 -8.82
N THR G 23 40.08 78.19 -9.98
CA THR G 23 39.20 77.57 -10.97
C THR G 23 39.38 76.07 -10.92
N VAL G 24 38.26 75.35 -10.91
CA VAL G 24 38.24 73.89 -10.83
C VAL G 24 37.86 73.35 -12.21
N SER G 25 38.68 72.46 -12.75
CA SER G 25 38.42 71.85 -14.04
C SER G 25 38.44 70.34 -13.90
N GLY G 26 37.64 69.68 -14.74
CA GLY G 26 37.54 68.24 -14.73
C GLY G 26 36.52 67.68 -13.76
N ALA G 27 35.91 68.51 -12.93
CA ALA G 27 34.89 68.05 -12.00
C ALA G 27 34.08 69.25 -11.51
N SER G 28 32.89 68.97 -11.01
CA SER G 28 32.03 70.01 -10.48
C SER G 28 32.55 70.52 -9.14
N ILE G 29 32.41 71.82 -8.92
CA ILE G 29 32.85 72.45 -7.68
C ILE G 29 31.91 72.08 -6.55
N SER G 30 30.80 71.41 -6.87
CA SER G 30 29.80 71.07 -5.89
C SER G 30 30.20 69.82 -5.10
N ASN G 31 29.70 69.73 -3.86
CA ASN G 31 29.81 68.53 -3.04
C ASN G 31 31.22 68.36 -2.48
N TYR G 32 32.03 69.41 -2.55
CA TYR G 32 33.38 69.38 -2.00
C TYR G 32 33.65 70.65 -1.21
N TYR G 33 34.40 70.49 -0.12
CA TYR G 33 34.88 71.64 0.64
C TYR G 33 36.15 72.16 -0.01
N TRP G 34 36.16 73.45 -0.33
CA TRP G 34 37.29 74.07 -1.01
C TRP G 34 37.97 75.04 -0.06
N SER G 35 39.26 74.84 0.17
CA SER G 35 39.98 75.57 1.20
C SER G 35 41.14 76.34 0.59
N TRP G 36 41.52 77.42 1.27
CA TRP G 36 42.68 78.24 0.90
C TRP G 36 43.75 78.08 1.96
N ILE G 37 44.98 77.83 1.52
CA ILE G 37 46.13 77.69 2.40
C ILE G 37 47.18 78.69 1.94
N ARG G 38 47.89 79.29 2.90
CA ARG G 38 48.95 80.24 2.58
C ARG G 38 50.25 79.78 3.23
N GLN G 39 51.33 79.89 2.45
CA GLN G 39 52.67 79.55 2.92
C GLN G 39 53.51 80.82 2.84
N PRO G 40 53.73 81.51 3.96
CA PRO G 40 54.62 82.66 3.93
C PRO G 40 56.06 82.23 3.71
N PRO G 41 56.90 83.09 3.14
CA PRO G 41 58.30 82.72 2.96
C PRO G 41 58.95 82.37 4.29
N GLY G 42 59.59 81.20 4.34
CA GLY G 42 60.26 80.74 5.53
C GLY G 42 59.37 80.18 6.60
N LYS G 43 58.07 80.08 6.36
CA LYS G 43 57.12 79.55 7.33
C LYS G 43 56.37 78.37 6.72
N GLY G 44 55.74 77.59 7.60
CA GLY G 44 54.98 76.44 7.17
C GLY G 44 53.61 76.82 6.63
N LEU G 45 52.88 75.80 6.19
CA LEU G 45 51.55 76.01 5.64
C LEU G 45 50.62 76.56 6.71
N GLU G 46 49.79 77.53 6.34
CA GLU G 46 48.81 78.12 7.23
C GLU G 46 47.44 78.06 6.57
N TRP G 47 46.47 77.50 7.29
CA TRP G 47 45.11 77.38 6.78
C TRP G 47 44.40 78.73 6.89
N VAL G 48 43.78 79.15 5.79
CA VAL G 48 43.10 80.43 5.73
C VAL G 48 41.60 80.29 5.93
N GLY G 49 40.98 79.31 5.30
CA GLY G 49 39.55 79.11 5.41
C GLY G 49 39.07 78.07 4.43
N TYR G 50 37.79 77.73 4.57
CA TYR G 50 37.14 76.79 3.65
C TYR G 50 35.72 77.27 3.36
N ILE G 51 35.22 76.84 2.20
CA ILE G 51 33.86 77.14 1.76
C ILE G 51 33.24 75.87 1.20
N TYR G 52 31.98 75.64 1.55
CA TYR G 52 31.23 74.48 1.06
C TYR G 52 30.31 74.90 -0.09
N TYR G 53 29.91 73.91 -0.88
CA TYR G 53 29.14 74.21 -2.09
C TYR G 53 27.79 74.84 -1.75
N THR G 54 27.30 74.66 -0.53
CA THR G 54 26.06 75.29 -0.11
C THR G 54 26.25 76.73 0.36
N GLY G 55 27.49 77.22 0.39
CA GLY G 55 27.78 78.54 0.87
C GLY G 55 28.32 78.60 2.28
N SER G 56 28.34 77.48 2.99
CA SER G 56 28.90 77.47 4.34
C SER G 56 30.38 77.78 4.29
N THR G 57 30.82 78.75 5.08
CA THR G 57 32.20 79.20 5.10
C THR G 57 32.72 79.27 6.53
N ASN G 58 33.99 78.93 6.68
CA ASN G 58 34.71 79.11 7.94
C ASN G 58 36.08 79.67 7.63
N HIS G 59 36.65 80.38 8.60
CA HIS G 59 37.94 81.04 8.42
C HIS G 59 38.80 80.83 9.66
N ASN G 60 40.11 80.92 9.45
CA ASN G 60 41.04 80.85 10.56
C ASN G 60 40.76 82.02 11.52
N PRO G 61 40.66 81.78 12.82
CA PRO G 61 40.34 82.88 13.74
C PRO G 61 41.26 84.07 13.62
N SER G 62 42.55 83.85 13.34
CA SER G 62 43.48 84.96 13.19
C SER G 62 43.21 85.79 11.95
N LEU G 63 42.53 85.21 10.95
CA LEU G 63 42.24 85.90 9.70
C LEU G 63 40.75 86.06 9.45
N LYS G 64 39.90 85.81 10.46
CA LYS G 64 38.46 85.86 10.25
C LYS G 64 38.00 87.26 9.86
N SER G 65 38.56 88.28 10.48
CA SER G 65 38.10 89.65 10.29
C SER G 65 38.50 90.24 8.94
N ARG G 66 39.39 89.57 8.20
CA ARG G 66 39.89 90.11 6.93
C ARG G 66 39.66 89.19 5.74
N VAL G 67 39.22 87.95 5.95
CA VAL G 67 39.13 86.95 4.89
C VAL G 67 37.67 86.74 4.54
N THR G 68 37.37 86.74 3.25
CA THR G 68 36.05 86.41 2.73
C THR G 68 36.21 85.40 1.61
N ILE G 69 35.47 84.29 1.68
CA ILE G 69 35.53 83.24 0.69
C ILE G 69 34.17 83.15 0.01
N SER G 70 34.16 83.22 -1.32
CA SER G 70 32.94 83.20 -2.11
C SER G 70 33.01 82.07 -3.12
N LEU G 71 31.83 81.60 -3.54
CA LEU G 71 31.71 80.49 -4.49
C LEU G 71 30.88 80.93 -5.69
N ASP G 72 31.37 80.63 -6.88
CA ASP G 72 30.64 80.88 -8.13
C ASP G 72 30.53 79.52 -8.82
N THR G 73 29.37 78.87 -8.65
CA THR G 73 29.17 77.56 -9.26
C THR G 73 28.94 77.68 -10.76
N SER G 74 28.42 78.82 -11.22
CA SER G 74 28.20 79.01 -12.65
C SER G 74 29.52 79.00 -13.42
N LYS G 75 30.57 79.54 -12.81
CA LYS G 75 31.90 79.56 -13.43
C LYS G 75 32.81 78.47 -12.89
N ASN G 76 32.35 77.64 -11.96
CA ASN G 76 33.14 76.55 -11.41
C ASN G 76 34.40 77.11 -10.73
N GLN G 77 34.21 78.14 -9.93
CA GLN G 77 35.32 78.85 -9.30
C GLN G 77 34.97 79.22 -7.87
N PHE G 78 36.00 79.55 -7.09
CA PHE G 78 35.80 80.17 -5.79
C PHE G 78 36.92 81.16 -5.52
N SER G 79 36.56 82.25 -4.84
CA SER G 79 37.45 83.40 -4.70
C SER G 79 37.73 83.70 -3.23
N LEU G 80 38.95 84.14 -2.98
CA LEU G 80 39.43 84.57 -1.68
C LEU G 80 39.74 86.05 -1.72
N ARG G 81 39.14 86.82 -0.80
CA ARG G 81 39.37 88.25 -0.69
C ARG G 81 39.95 88.55 0.67
N LEU G 82 41.11 89.22 0.69
CA LEU G 82 41.79 89.62 1.92
C LEU G 82 41.87 91.14 1.96
N SER G 83 41.23 91.73 2.96
CA SER G 83 41.17 93.17 3.09
C SER G 83 42.31 93.68 3.97
N SER G 84 42.78 94.89 3.66
CA SER G 84 43.87 95.52 4.40
C SER G 84 45.09 94.61 4.44
N VAL G 85 45.54 94.23 3.25
CA VAL G 85 46.68 93.32 3.13
C VAL G 85 47.95 94.04 3.60
N THR G 86 48.80 93.31 4.32
CA THR G 86 50.06 93.83 4.83
C THR G 86 51.20 92.98 4.31
N ALA G 87 52.42 93.39 4.67
CA ALA G 87 53.60 92.63 4.27
C ALA G 87 53.54 91.19 4.78
N ALA G 88 52.89 90.99 5.94
CA ALA G 88 52.77 89.64 6.49
C ALA G 88 51.93 88.72 5.60
N ASP G 89 51.15 89.28 4.68
CA ASP G 89 50.33 88.50 3.78
C ASP G 89 51.06 88.05 2.53
N THR G 90 52.29 88.52 2.33
CA THR G 90 53.11 88.03 1.22
C THR G 90 53.38 86.54 1.42
N ALA G 91 52.96 85.74 0.44
CA ALA G 91 53.02 84.29 0.61
C ALA G 91 52.62 83.62 -0.69
N VAL G 92 52.83 82.31 -0.73
CA VAL G 92 52.30 81.49 -1.82
C VAL G 92 50.94 80.96 -1.39
N TYR G 93 49.91 81.27 -2.17
CA TYR G 93 48.54 80.87 -1.87
C TYR G 93 48.16 79.69 -2.73
N TYR G 94 47.72 78.61 -2.09
CA TYR G 94 47.23 77.41 -2.76
C TYR G 94 45.76 77.24 -2.44
N CYS G 95 45.01 76.67 -3.39
CA CYS G 95 43.65 76.24 -3.14
C CYS G 95 43.60 74.71 -3.22
N ALA G 96 42.88 74.11 -2.28
CA ALA G 96 42.89 72.67 -2.11
C ALA G 96 41.48 72.14 -1.93
N ARG G 97 41.30 70.87 -2.27
CA ARG G 97 40.02 70.20 -2.16
C ARG G 97 40.06 69.23 -0.98
N ALA G 98 39.02 69.27 -0.15
CA ALA G 98 38.91 68.33 0.95
C ALA G 98 38.72 66.92 0.41
N TYR G 99 39.44 65.96 1.01
CA TYR G 99 39.39 64.58 0.56
C TYR G 99 38.06 63.96 1.00
N CYS G 100 37.26 63.52 0.03
CA CYS G 100 35.95 62.92 0.29
C CYS G 100 35.96 61.50 -0.25
N SER G 101 35.81 60.53 0.65
CA SER G 101 35.75 59.12 0.29
C SER G 101 34.53 58.50 0.96
N GLY G 102 33.76 57.74 0.20
CA GLY G 102 32.50 57.22 0.71
C GLY G 102 31.48 58.30 0.97
N GLY G 103 31.66 59.49 0.39
CA GLY G 103 30.76 60.59 0.59
C GLY G 103 31.12 61.51 1.73
N SER G 104 31.96 61.07 2.66
CA SER G 104 32.34 61.85 3.83
C SER G 104 33.65 62.55 3.55
N CYS G 105 33.66 63.88 3.68
CA CYS G 105 34.86 64.66 3.41
C CYS G 105 35.70 64.77 4.67
N PHE G 106 36.94 64.32 4.57
CA PHE G 106 37.86 64.30 5.70
C PHE G 106 38.51 65.67 5.87
N ASP G 107 39.29 65.79 6.93
CA ASP G 107 39.95 67.05 7.27
C ASP G 107 41.27 67.21 6.52
N THR G 108 41.54 66.32 5.58
CA THR G 108 42.75 66.37 4.78
C THR G 108 42.45 66.92 3.39
N PHE G 109 43.51 67.29 2.69
CA PHE G 109 43.41 67.84 1.34
C PHE G 109 44.13 66.88 0.39
N ASP G 110 43.43 66.41 -0.62
CA ASP G 110 43.97 65.45 -1.57
C ASP G 110 44.42 66.06 -2.88
N ILE G 111 43.84 67.19 -3.28
CA ILE G 111 44.21 67.88 -4.52
C ILE G 111 44.57 69.33 -4.16
N TRP G 112 45.73 69.77 -4.64
CA TRP G 112 46.23 71.12 -4.39
C TRP G 112 46.54 71.81 -5.70
N GLY G 113 46.38 73.13 -5.72
CA GLY G 113 46.80 73.91 -6.86
C GLY G 113 48.30 74.18 -6.85
N GLN G 114 48.81 74.64 -7.99
CA GLN G 114 50.23 74.91 -8.12
C GLN G 114 50.68 76.10 -7.26
N GLY G 115 49.75 76.88 -6.75
CA GLY G 115 50.10 78.01 -5.90
C GLY G 115 50.47 79.25 -6.69
N THR G 116 50.10 80.39 -6.14
CA THR G 116 50.40 81.69 -6.74
C THR G 116 51.12 82.56 -5.72
N MET G 117 52.22 83.16 -6.13
CA MET G 117 52.99 84.02 -5.24
C MET G 117 52.39 85.42 -5.21
N VAL G 118 52.05 85.90 -4.02
CA VAL G 118 51.53 87.25 -3.83
C VAL G 118 52.52 88.00 -2.96
N THR G 119 52.98 89.15 -3.44
CA THR G 119 53.95 89.98 -2.74
C THR G 119 53.29 91.31 -2.42
N VAL G 120 53.29 91.68 -1.14
CA VAL G 120 52.74 92.94 -0.68
C VAL G 120 53.91 93.88 -0.45
N SER G 121 54.14 94.79 -1.41
CA SER G 121 55.24 95.73 -1.33
C SER G 121 54.79 97.06 -1.90
N SER G 122 55.24 98.14 -1.26
CA SER G 122 54.93 99.50 -1.71
C SER G 122 56.01 99.93 -2.70
N GLN H 1 28.28 43.27 58.02
CA GLN H 1 29.71 43.60 57.80
C GLN H 1 30.52 43.35 59.07
N VAL H 2 31.58 42.56 58.95
CA VAL H 2 32.40 42.21 60.11
C VAL H 2 33.20 43.43 60.54
N GLN H 3 33.19 43.71 61.84
CA GLN H 3 33.91 44.83 62.42
C GLN H 3 34.77 44.34 63.59
N LEU H 4 35.98 44.90 63.69
CA LEU H 4 36.92 44.56 64.75
C LEU H 4 37.18 45.80 65.59
N GLN H 5 37.08 45.67 66.90
CA GLN H 5 37.28 46.80 67.81
C GLN H 5 38.35 46.45 68.83
N GLN H 6 39.32 47.33 68.99
CA GLN H 6 40.44 47.11 69.90
C GLN H 6 40.26 47.92 71.18
N SER H 7 40.51 47.27 72.32
CA SER H 7 40.45 47.92 73.63
C SER H 7 41.67 47.50 74.44
N GLY H 8 42.11 48.40 75.32
CA GLY H 8 43.24 48.14 76.17
C GLY H 8 43.77 49.39 76.84
N PRO H 9 44.83 49.23 77.64
CA PRO H 9 45.42 50.39 78.32
C PRO H 9 46.22 51.24 77.34
N GLY H 10 45.90 52.53 77.30
CA GLY H 10 46.65 53.46 76.47
C GLY H 10 48.05 53.73 76.99
N LEU H 11 48.28 53.50 78.28
CA LEU H 11 49.59 53.70 78.89
C LEU H 11 49.89 52.52 79.79
N VAL H 12 51.06 51.90 79.61
CA VAL H 12 51.49 50.77 80.40
C VAL H 12 52.90 51.02 80.89
N LYS H 13 53.14 50.77 82.17
CA LYS H 13 54.47 50.97 82.73
C LYS H 13 55.43 49.89 82.23
N PRO H 14 56.72 50.18 82.17
CA PRO H 14 57.68 49.16 81.72
C PRO H 14 57.67 47.95 82.63
N SER H 15 57.91 46.78 82.04
CA SER H 15 58.01 45.48 82.71
C SER H 15 56.63 44.94 83.08
N GLU H 16 55.56 45.70 82.89
CA GLU H 16 54.22 45.21 83.17
C GLU H 16 53.68 44.44 81.96
N THR H 17 52.53 43.81 82.16
CA THR H 17 51.90 43.01 81.12
C THR H 17 50.87 43.84 80.38
N LEU H 18 51.03 43.96 79.07
CA LEU H 18 50.06 44.65 78.22
C LEU H 18 49.00 43.67 77.78
N SER H 19 47.74 44.02 78.02
CA SER H 19 46.60 43.17 77.66
C SER H 19 45.70 43.95 76.72
N LEU H 20 45.59 43.47 75.48
CA LEU H 20 44.72 44.06 74.48
C LEU H 20 43.64 43.05 74.11
N THR H 21 42.44 43.55 73.86
CA THR H 21 41.31 42.70 73.48
C THR H 21 40.74 43.19 72.16
N CYS H 22 40.45 42.25 71.26
CA CYS H 22 39.83 42.55 69.99
C CYS H 22 38.47 41.86 69.96
N THR H 23 37.42 42.65 69.76
CA THR H 23 36.05 42.17 69.71
C THR H 23 35.58 42.14 68.26
N VAL H 24 34.96 41.03 67.88
CA VAL H 24 34.45 40.83 66.52
C VAL H 24 32.94 40.95 66.56
N SER H 25 32.38 41.82 65.72
CA SER H 25 30.95 42.02 65.62
C SER H 25 30.50 41.84 64.18
N GLY H 26 29.26 41.37 64.03
CA GLY H 26 28.69 41.13 62.71
C GLY H 26 28.97 39.76 62.14
N ALA H 27 29.80 38.96 62.79
CA ALA H 27 30.09 37.62 62.32
C ALA H 27 30.71 36.82 63.47
N SER H 28 30.67 35.50 63.32
CA SER H 28 31.22 34.61 64.33
C SER H 28 32.75 34.64 64.28
N ILE H 29 33.36 34.53 65.45
CA ILE H 29 34.82 34.56 65.56
C ILE H 29 35.40 33.22 65.11
N SER H 30 34.52 32.27 64.77
CA SER H 30 34.95 30.93 64.39
C SER H 30 35.29 30.86 62.91
N ASN H 31 36.14 29.89 62.55
CA ASN H 31 36.44 29.54 61.17
C ASN H 31 37.32 30.60 60.50
N TYR H 32 37.89 31.51 61.29
CA TYR H 32 38.77 32.54 60.78
C TYR H 32 40.02 32.63 61.64
N TYR H 33 41.14 32.96 60.98
CA TYR H 33 42.37 33.24 61.70
C TYR H 33 42.39 34.70 62.12
N TRP H 34 42.66 34.95 63.38
CA TRP H 34 42.68 36.30 63.95
C TRP H 34 44.11 36.64 64.34
N SER H 35 44.65 37.71 63.76
CA SER H 35 46.06 38.02 63.89
C SER H 35 46.22 39.41 64.50
N TRP H 36 47.34 39.60 65.20
CA TRP H 36 47.71 40.88 65.78
C TRP H 36 48.91 41.43 65.04
N ILE H 37 48.82 42.70 64.63
CA ILE H 37 49.90 43.40 63.93
C ILE H 37 50.23 44.65 64.73
N ARG H 38 51.52 44.95 64.84
CA ARG H 38 51.96 46.15 65.55
C ARG H 38 52.76 47.03 64.62
N GLN H 39 52.47 48.33 64.67
CA GLN H 39 53.18 49.35 63.89
C GLN H 39 53.88 50.28 64.88
N PRO H 40 55.18 50.12 65.10
CA PRO H 40 55.89 51.06 65.95
C PRO H 40 55.98 52.42 65.27
N PRO H 41 56.08 53.50 66.04
CA PRO H 41 56.22 54.82 65.42
C PRO H 41 57.45 54.87 64.52
N GLY H 42 57.23 55.30 63.28
CA GLY H 42 58.30 55.42 62.32
C GLY H 42 58.73 54.12 61.67
N LYS H 43 58.07 53.01 61.98
CA LYS H 43 58.40 51.69 61.44
C LYS H 43 57.20 51.12 60.71
N GLY H 44 57.47 50.13 59.85
CA GLY H 44 56.42 49.47 59.11
C GLY H 44 55.67 48.47 59.96
N LEU H 45 54.65 47.87 59.35
CA LEU H 45 53.82 46.90 60.05
C LEU H 45 54.66 45.68 60.43
N GLU H 46 54.44 45.18 61.65
CA GLU H 46 55.12 44.00 62.15
C GLU H 46 54.08 43.00 62.63
N TRP H 47 54.17 41.77 62.14
CA TRP H 47 53.25 40.71 62.52
C TRP H 47 53.63 40.16 63.89
N VAL H 48 52.64 40.05 64.77
CA VAL H 48 52.86 39.58 66.13
C VAL H 48 52.49 38.12 66.29
N GLY H 49 51.36 37.71 65.74
CA GLY H 49 50.92 36.33 65.85
C GLY H 49 49.51 36.16 65.32
N TYR H 50 49.09 34.90 65.24
CA TYR H 50 47.74 34.56 64.83
C TYR H 50 47.21 33.43 65.69
N ILE H 51 45.88 33.38 65.80
CA ILE H 51 45.18 32.33 66.53
C ILE H 51 44.01 31.85 65.69
N TYR H 52 43.80 30.54 65.66
CA TYR H 52 42.71 29.92 64.93
C TYR H 52 41.57 29.55 65.89
N TYR H 53 40.38 29.38 65.33
CA TYR H 53 39.21 29.11 66.17
C TYR H 53 39.35 27.81 66.95
N THR H 54 40.21 26.90 66.48
CA THR H 54 40.41 25.63 67.16
C THR H 54 41.41 25.73 68.31
N GLY H 55 42.00 26.89 68.52
CA GLY H 55 43.01 27.07 69.56
C GLY H 55 44.44 27.06 69.05
N SER H 56 44.66 26.70 67.79
CA SER H 56 46.01 26.73 67.23
C SER H 56 46.52 28.16 67.20
N THR H 57 47.73 28.36 67.71
CA THR H 57 48.33 29.68 67.79
C THR H 57 49.75 29.63 67.26
N ASN H 58 50.16 30.72 66.61
CA ASN H 58 51.55 30.91 66.20
C ASN H 58 51.93 32.35 66.47
N HIS H 59 53.22 32.59 66.66
CA HIS H 59 53.72 33.91 67.01
C HIS H 59 55.00 34.21 66.24
N ASN H 60 55.28 35.49 66.08
CA ASN H 60 56.53 35.91 65.46
C ASN H 60 57.70 35.38 66.28
N PRO H 61 58.72 34.79 65.65
CA PRO H 61 59.84 34.25 66.45
C PRO H 61 60.49 35.29 67.36
N SER H 62 60.58 36.55 66.94
CA SER H 62 61.16 37.58 67.78
C SER H 62 60.30 37.90 68.99
N LEU H 63 59.01 37.56 68.96
CA LEU H 63 58.10 37.85 70.05
C LEU H 63 57.47 36.60 70.64
N LYS H 64 57.97 35.41 70.30
CA LYS H 64 57.34 34.18 70.76
C LYS H 64 57.40 34.06 72.28
N SER H 65 58.52 34.44 72.89
CA SER H 65 58.72 34.24 74.31
C SER H 65 57.92 35.19 75.19
N ARG H 66 57.29 36.22 74.61
CA ARG H 66 56.56 37.22 75.37
C ARG H 66 55.11 37.37 74.97
N VAL H 67 54.68 36.75 73.87
CA VAL H 67 53.34 36.97 73.31
C VAL H 67 52.49 35.75 73.59
N THR H 68 51.28 35.97 74.08
CA THR H 68 50.27 34.93 74.26
C THR H 68 48.96 35.40 73.64
N ILE H 69 48.37 34.57 72.79
CA ILE H 69 47.12 34.90 72.12
C ILE H 69 46.06 33.90 72.58
N SER H 70 44.94 34.43 73.07
CA SER H 70 43.86 33.60 73.59
C SER H 70 42.57 33.94 72.87
N LEU H 71 41.65 32.97 72.82
CA LEU H 71 40.37 33.11 72.14
C LEU H 71 39.24 32.84 73.12
N ASP H 72 38.22 33.71 73.10
CA ASP H 72 37.00 33.53 73.88
C ASP H 72 35.86 33.57 72.88
N THR H 73 35.37 32.37 72.50
CA THR H 73 34.29 32.30 71.53
C THR H 73 32.95 32.68 72.16
N SER H 74 32.79 32.47 73.46
CA SER H 74 31.55 32.86 74.13
C SER H 74 31.33 34.36 74.05
N LYS H 75 32.41 35.15 74.02
CA LYS H 75 32.33 36.59 73.90
C LYS H 75 32.71 37.09 72.52
N ASN H 76 33.06 36.20 71.60
CA ASN H 76 33.48 36.58 70.25
C ASN H 76 34.64 37.57 70.31
N GLN H 77 35.64 37.23 71.12
CA GLN H 77 36.79 38.10 71.32
C GLN H 77 38.06 37.27 71.29
N PHE H 78 39.19 37.96 71.09
CA PHE H 78 40.49 37.34 71.27
C PHE H 78 41.47 38.37 71.84
N SER H 79 42.34 37.90 72.72
CA SER H 79 43.18 38.77 73.52
C SER H 79 44.65 38.49 73.26
N LEU H 80 45.43 39.57 73.28
CA LEU H 80 46.88 39.54 73.14
C LEU H 80 47.50 40.00 74.45
N ARG H 81 48.37 39.17 75.01
CA ARG H 81 49.09 39.48 76.24
C ARG H 81 50.58 39.51 75.96
N LEU H 82 51.21 40.64 76.27
CA LEU H 82 52.64 40.84 76.08
C LEU H 82 53.28 41.05 77.45
N SER H 83 54.17 40.13 77.83
CA SER H 83 54.82 40.19 79.13
C SER H 83 56.13 40.94 79.05
N SER H 84 56.48 41.62 80.14
CA SER H 84 57.71 42.39 80.23
C SER H 84 57.79 43.40 79.07
N VAL H 85 56.74 44.22 78.98
CA VAL H 85 56.67 45.21 77.90
C VAL H 85 57.76 46.26 78.10
N THR H 86 58.33 46.71 76.99
CA THR H 86 59.38 47.71 76.99
C THR H 86 58.99 48.87 76.09
N ALA H 87 59.85 49.89 76.06
CA ALA H 87 59.60 51.05 75.20
C ALA H 87 59.49 50.65 73.74
N ALA H 88 60.20 49.59 73.34
CA ALA H 88 60.13 49.12 71.96
C ALA H 88 58.75 48.60 71.60
N ASP H 89 57.92 48.30 72.60
CA ASP H 89 56.57 47.81 72.36
C ASP H 89 55.56 48.94 72.17
N THR H 90 55.98 50.19 72.38
CA THR H 90 55.10 51.32 72.09
C THR H 90 54.77 51.34 70.61
N ALA H 91 53.50 51.20 70.28
CA ALA H 91 53.11 51.03 68.88
C ALA H 91 51.59 51.08 68.78
N VAL H 92 51.12 51.15 67.53
CA VAL H 92 49.70 51.00 67.26
C VAL H 92 49.42 49.53 66.97
N TYR H 93 48.53 48.93 67.75
CA TYR H 93 48.18 47.52 67.61
C TYR H 93 46.84 47.38 66.90
N TYR H 94 46.84 46.64 65.80
CA TYR H 94 45.64 46.33 65.04
C TYR H 94 45.38 44.84 65.13
N CYS H 95 44.10 44.47 65.10
CA CYS H 95 43.71 43.08 64.89
C CYS H 95 43.12 42.93 63.50
N ALA H 96 43.45 41.82 62.85
CA ALA H 96 43.08 41.60 61.46
C ALA H 96 42.56 40.19 61.27
N ARG H 97 41.71 40.03 60.27
CA ARG H 97 41.13 38.74 59.92
C ARG H 97 41.78 38.22 58.64
N ALA H 98 42.19 36.95 58.67
CA ALA H 98 42.76 36.34 57.48
C ALA H 98 41.69 36.22 56.40
N TYR H 99 42.07 36.57 55.17
CA TYR H 99 41.14 36.53 54.04
C TYR H 99 40.86 35.09 53.66
N CYS H 100 39.60 34.68 53.77
CA CYS H 100 39.17 33.32 53.45
C CYS H 100 38.16 33.38 52.33
N SER H 101 38.55 32.90 51.16
CA SER H 101 37.67 32.83 49.99
C SER H 101 37.62 31.38 49.52
N GLY H 102 36.41 30.88 49.29
CA GLY H 102 36.25 29.48 48.98
C GLY H 102 36.63 28.56 50.12
N GLY H 103 36.66 29.07 51.34
CA GLY H 103 37.01 28.28 52.50
C GLY H 103 38.47 28.37 52.85
N SER H 104 39.35 28.54 51.87
CA SER H 104 40.79 28.62 52.09
C SER H 104 41.24 30.00 52.56
N CYS H 105 41.78 30.06 53.76
CA CYS H 105 42.21 31.32 54.34
C CYS H 105 43.62 31.66 53.85
N PHE H 106 43.72 32.74 53.10
CA PHE H 106 44.99 33.14 52.51
C PHE H 106 45.87 33.83 53.55
N ASP H 107 47.12 34.08 53.16
CA ASP H 107 48.09 34.70 54.04
C ASP H 107 47.95 36.22 54.09
N THR H 108 46.86 36.74 53.54
CA THR H 108 46.59 38.16 53.56
C THR H 108 45.52 38.47 54.59
N PHE H 109 45.34 39.76 54.85
CA PHE H 109 44.34 40.24 55.79
C PHE H 109 43.40 41.18 55.06
N ASP H 110 42.09 40.89 55.15
CA ASP H 110 41.09 41.66 54.44
C ASP H 110 40.35 42.65 55.32
N ILE H 111 40.22 42.38 56.61
CA ILE H 111 39.53 43.25 57.55
C ILE H 111 40.51 43.59 58.67
N TRP H 112 40.64 44.88 58.96
CA TRP H 112 41.54 45.38 59.99
C TRP H 112 40.78 46.24 60.98
N GLY H 113 41.22 46.23 62.23
CA GLY H 113 40.67 47.14 63.22
C GLY H 113 41.26 48.52 63.09
N GLN H 114 40.62 49.48 63.76
CA GLN H 114 41.07 50.86 63.72
C GLN H 114 42.40 51.06 64.43
N GLY H 115 42.85 50.09 65.21
CA GLY H 115 44.13 50.21 65.90
C GLY H 115 44.02 50.98 67.20
N THR H 116 44.83 50.55 68.17
CA THR H 116 44.88 51.20 69.48
C THR H 116 46.34 51.55 69.78
N MET H 117 46.58 52.79 70.19
CA MET H 117 47.92 53.23 70.50
C MET H 117 48.29 52.83 71.92
N VAL H 118 49.40 52.11 72.06
CA VAL H 118 49.92 51.71 73.36
C VAL H 118 51.29 52.36 73.53
N THR H 119 51.44 53.11 74.63
CA THR H 119 52.68 53.82 74.93
C THR H 119 53.26 53.24 76.22
N VAL H 120 54.51 52.78 76.16
CA VAL H 120 55.21 52.25 77.31
C VAL H 120 56.14 53.34 77.82
N SER H 121 55.73 54.02 78.89
CA SER H 121 56.51 55.10 79.45
C SER H 121 56.39 55.06 80.97
N SER H 122 57.49 55.35 81.65
CA SER H 122 57.52 55.38 83.12
C SER H 122 57.17 56.79 83.57
N SER I 1 66.62 35.96 59.51
CA SER I 1 65.15 36.02 59.34
C SER I 1 64.77 36.57 57.96
N TYR I 2 63.75 35.97 57.36
CA TYR I 2 63.25 36.43 56.07
C TYR I 2 62.85 37.90 56.16
N GLU I 3 63.31 38.71 55.22
CA GLU I 3 63.04 40.15 55.21
C GLU I 3 62.56 40.59 53.83
N LEU I 4 61.70 41.60 53.81
CA LEU I 4 61.21 42.22 52.59
C LEU I 4 61.66 43.67 52.55
N THR I 5 62.18 44.09 51.39
CA THR I 5 62.71 45.43 51.20
C THR I 5 61.84 46.18 50.20
N GLN I 6 61.42 47.39 50.58
CA GLN I 6 60.65 48.27 49.72
C GLN I 6 61.32 49.63 49.64
N PRO I 7 61.14 50.35 48.55
CA PRO I 7 61.68 51.71 48.46
C PRO I 7 61.05 52.61 49.53
N PRO I 8 61.83 53.49 50.14
CA PRO I 8 61.26 54.33 51.21
C PRO I 8 60.11 55.22 50.73
N SER I 9 60.17 55.71 49.49
CA SER I 9 59.15 56.61 48.99
C SER I 9 59.16 56.59 47.47
N VAL I 10 57.98 56.79 46.88
CA VAL I 10 57.82 56.90 45.43
C VAL I 10 56.92 58.09 45.15
N SER I 11 57.38 58.98 44.28
CA SER I 11 56.63 60.17 43.89
C SER I 11 56.25 60.06 42.42
N VAL I 12 54.95 60.14 42.15
CA VAL I 12 54.43 60.04 40.78
C VAL I 12 53.34 61.08 40.60
N ALA I 13 53.39 61.79 39.47
CA ALA I 13 52.40 62.82 39.20
C ALA I 13 51.06 62.18 38.86
N PRO I 14 49.96 62.93 39.03
CA PRO I 14 48.65 62.38 38.68
C PRO I 14 48.58 61.95 37.23
N GLY I 15 47.93 60.82 36.98
CA GLY I 15 47.76 60.30 35.64
C GLY I 15 48.87 59.40 35.15
N GLN I 16 49.97 59.28 35.91
CA GLN I 16 51.09 58.45 35.52
C GLN I 16 51.02 57.10 36.23
N THR I 17 51.96 56.22 35.90
CA THR I 17 52.00 54.87 36.44
C THR I 17 53.05 54.81 37.54
N ALA I 18 52.64 54.37 38.73
CA ALA I 18 53.53 54.23 39.86
C ALA I 18 53.85 52.75 40.09
N ARG I 19 55.14 52.43 40.21
CA ARG I 19 55.59 51.06 40.42
C ARG I 19 56.32 50.99 41.75
N ILE I 20 55.81 50.16 42.65
CA ILE I 20 56.41 49.95 43.97
C ILE I 20 56.97 48.54 44.01
N THR I 21 58.25 48.43 44.35
CA THR I 21 58.97 47.16 44.31
C THR I 21 59.18 46.62 45.72
N CYS I 22 59.10 45.29 45.83
CA CYS I 22 59.30 44.58 47.07
C CYS I 22 60.32 43.49 46.81
N GLY I 23 61.46 43.57 47.49
CA GLY I 23 62.57 42.65 47.28
C GLY I 23 62.64 41.62 48.39
N GLY I 24 63.02 40.40 48.02
CA GLY I 24 63.16 39.33 48.98
C GLY I 24 63.60 38.04 48.32
N ASN I 25 64.55 37.34 48.93
CA ASN I 25 65.05 36.09 48.36
C ASN I 25 63.93 35.06 48.31
N ASN I 26 63.73 34.48 47.13
CA ASN I 26 62.73 33.44 46.88
C ASN I 26 61.30 33.97 47.03
N ILE I 27 61.10 35.29 47.02
CA ILE I 27 59.76 35.84 47.14
C ILE I 27 58.88 35.37 45.99
N GLY I 28 59.47 35.07 44.85
CA GLY I 28 58.70 34.58 43.72
C GLY I 28 57.99 33.28 43.99
N SER I 29 58.51 32.47 44.90
CA SER I 29 57.88 31.21 45.28
C SER I 29 56.80 31.38 46.35
N LYS I 30 56.60 32.59 46.85
CA LYS I 30 55.61 32.88 47.87
C LYS I 30 54.52 33.76 47.30
N SER I 31 53.35 33.72 47.94
CA SER I 31 52.24 34.60 47.57
C SER I 31 52.48 35.98 48.19
N VAL I 32 52.58 36.99 47.35
CA VAL I 32 52.83 38.36 47.78
C VAL I 32 51.52 39.13 47.79
N HIS I 33 51.29 39.87 48.86
CA HIS I 33 50.09 40.67 49.02
C HIS I 33 50.48 42.12 49.27
N TRP I 34 49.64 43.04 48.80
CA TRP I 34 49.89 44.46 48.93
C TRP I 34 48.73 45.10 49.68
N PHE I 35 49.08 45.85 50.74
CA PHE I 35 48.15 46.59 51.57
C PHE I 35 48.39 48.08 51.42
N GLN I 36 47.32 48.86 51.48
CA GLN I 36 47.38 50.32 51.45
C GLN I 36 46.94 50.87 52.79
N GLN I 37 47.68 51.85 53.30
CA GLN I 37 47.40 52.46 54.60
C GLN I 37 47.48 53.97 54.45
N LYS I 38 46.35 54.64 54.66
CA LYS I 38 46.33 56.09 54.63
C LYS I 38 46.66 56.65 56.01
N PRO I 39 47.09 57.91 56.08
CA PRO I 39 47.45 58.49 57.39
C PRO I 39 46.29 58.40 58.37
N GLY I 40 46.53 57.72 59.49
CA GLY I 40 45.53 57.57 60.52
C GLY I 40 44.52 56.47 60.29
N GLN I 41 44.66 55.70 59.21
CA GLN I 41 43.75 54.63 58.88
C GLN I 41 44.46 53.28 58.94
N ALA I 42 43.68 52.23 59.16
CA ALA I 42 44.23 50.89 59.23
C ALA I 42 44.61 50.40 57.83
N PRO I 43 45.57 49.47 57.73
CA PRO I 43 45.94 48.94 56.42
C PRO I 43 44.75 48.29 55.73
N VAL I 44 44.68 48.49 54.41
CA VAL I 44 43.62 47.93 53.58
C VAL I 44 44.26 47.08 52.49
N LEU I 45 43.77 45.86 52.35
CA LEU I 45 44.27 44.96 51.32
C LEU I 45 43.88 45.47 49.95
N VAL I 46 44.88 45.65 49.07
CA VAL I 46 44.65 46.09 47.70
C VAL I 46 44.92 44.99 46.70
N VAL I 47 45.91 44.12 46.97
CA VAL I 47 46.23 43.02 46.06
C VAL I 47 46.54 41.79 46.89
N TYR I 48 46.11 40.63 46.41
CA TYR I 48 46.45 39.35 47.03
C TYR I 48 46.69 38.31 45.95
N ASP I 49 47.43 37.26 46.32
CA ASP I 49 47.76 36.16 45.41
C ASP I 49 48.55 36.66 44.21
N ASP I 50 49.20 37.80 44.37
CA ASP I 50 50.14 38.36 43.40
C ASP I 50 49.46 38.93 42.15
N SER I 51 48.16 38.67 41.98
CA SER I 51 47.44 39.30 40.88
C SER I 51 46.02 39.70 41.25
N ASP I 52 45.50 39.16 42.35
CA ASP I 52 44.09 39.27 42.64
C ASP I 52 43.78 40.52 43.46
N ARG I 53 42.60 41.08 43.22
CA ARG I 53 42.13 42.28 43.89
C ARG I 53 40.87 41.96 44.69
N PRO I 54 40.80 42.33 45.97
CA PRO I 54 39.54 42.20 46.69
C PRO I 54 38.45 43.08 46.07
N SER I 55 37.21 42.67 46.25
CA SER I 55 36.09 43.40 45.66
C SER I 55 36.09 44.84 46.14
N GLY I 56 35.89 45.77 45.21
CA GLY I 56 35.90 47.18 45.50
C GLY I 56 37.21 47.88 45.18
N ILE I 57 38.28 47.14 44.91
CA ILE I 57 39.57 47.73 44.59
C ILE I 57 39.56 48.13 43.12
N PRO I 58 39.86 49.38 42.77
CA PRO I 58 39.84 49.78 41.36
C PRO I 58 40.82 48.95 40.54
N GLU I 59 40.46 48.76 39.26
CA GLU I 59 41.27 47.94 38.38
C GLU I 59 42.65 48.52 38.13
N ARG I 60 42.85 49.81 38.39
CA ARG I 60 44.15 50.43 38.12
C ARG I 60 45.26 49.78 38.94
N PHE I 61 44.95 49.24 40.10
CA PHE I 61 45.92 48.51 40.89
C PHE I 61 46.16 47.14 40.26
N SER I 62 47.42 46.73 40.20
CA SER I 62 47.76 45.40 39.71
C SER I 62 49.01 44.91 40.41
N GLY I 63 49.13 43.59 40.54
CA GLY I 63 50.26 42.99 41.20
C GLY I 63 50.98 42.01 40.29
N SER I 64 52.28 41.86 40.52
CA SER I 64 53.09 40.87 39.84
C SER I 64 54.17 40.38 40.78
N ASN I 65 54.65 39.15 40.55
CA ASN I 65 55.68 38.56 41.39
C ASN I 65 56.55 37.68 40.50
N SER I 66 57.80 38.07 40.29
CA SER I 66 58.72 37.32 39.45
C SER I 66 60.08 37.28 40.12
N GLY I 67 60.71 36.10 40.08
CA GLY I 67 62.03 35.95 40.64
C GLY I 67 62.05 36.37 42.10
N ASN I 68 62.92 37.32 42.41
CA ASN I 68 63.07 37.83 43.77
C ASN I 68 62.44 39.22 43.94
N THR I 69 61.51 39.59 43.06
CA THR I 69 60.91 40.92 43.10
C THR I 69 59.42 40.84 42.86
N ALA I 70 58.65 41.53 43.70
CA ALA I 70 57.23 41.75 43.49
C ALA I 70 57.01 43.21 43.17
N SER I 71 55.98 43.49 42.36
CA SER I 71 55.72 44.84 41.89
C SER I 71 54.23 45.15 42.00
N LEU I 72 53.92 46.29 42.59
CA LEU I 72 52.58 46.85 42.61
C LEU I 72 52.54 48.02 41.63
N THR I 73 51.64 47.94 40.65
CA THR I 73 51.52 48.95 39.61
C THR I 73 50.19 49.67 39.76
N ILE I 74 50.25 50.99 39.89
CA ILE I 74 49.06 51.84 39.99
C ILE I 74 49.03 52.69 38.73
N SER I 75 48.14 52.37 37.81
CA SER I 75 47.99 53.11 36.57
C SER I 75 47.12 54.34 36.81
N ARG I 76 47.48 55.46 36.18
CA ARG I 76 46.72 56.69 36.36
C ARG I 76 46.65 57.06 37.83
N VAL I 77 47.80 57.32 38.45
CA VAL I 77 47.83 57.65 39.86
C VAL I 77 46.92 58.85 40.12
N GLU I 78 46.18 58.78 41.23
CA GLU I 78 45.26 59.83 41.63
C GLU I 78 45.68 60.39 42.98
N ALA I 79 45.14 61.58 43.30
CA ALA I 79 45.49 62.23 44.55
C ALA I 79 45.15 61.34 45.75
N GLY I 80 44.16 60.47 45.62
CA GLY I 80 43.78 59.59 46.71
C GLY I 80 44.72 58.43 46.92
N ASP I 81 45.67 58.20 46.01
CA ASP I 81 46.61 57.10 46.15
C ASP I 81 47.76 57.42 47.11
N GLU I 82 47.87 58.66 47.58
CA GLU I 82 48.93 59.02 48.51
C GLU I 82 48.78 58.24 49.80
N ALA I 83 49.70 57.33 50.08
CA ALA I 83 49.56 56.46 51.24
C ALA I 83 50.79 55.56 51.34
N ASP I 84 50.86 54.80 52.43
CA ASP I 84 51.94 53.84 52.64
C ASP I 84 51.50 52.48 52.11
N TYR I 85 52.29 51.91 51.21
CA TYR I 85 52.01 50.60 50.64
C TYR I 85 52.98 49.58 51.23
N TYR I 86 52.43 48.47 51.70
CA TYR I 86 53.21 47.43 52.39
C TYR I 86 53.05 46.12 51.66
N CYS I 87 54.17 45.44 51.40
CA CYS I 87 54.14 44.09 50.85
C CYS I 87 54.30 43.08 51.98
N GLN I 88 53.47 42.04 51.93
CA GLN I 88 53.42 41.03 52.96
C GLN I 88 53.46 39.66 52.31
N VAL I 89 54.29 38.78 52.87
CA VAL I 89 54.39 37.40 52.44
C VAL I 89 54.32 36.51 53.66
N TRP I 90 54.24 35.21 53.43
CA TRP I 90 54.18 34.23 54.51
C TRP I 90 55.39 33.31 54.43
N ASP I 91 56.20 33.30 55.48
CA ASP I 91 57.33 32.39 55.59
C ASP I 91 56.81 31.10 56.21
N SER I 92 56.71 30.05 55.38
CA SER I 92 56.26 28.76 55.87
C SER I 92 57.30 28.12 56.79
N ALA I 93 58.57 28.47 56.61
CA ALA I 93 59.60 27.95 57.49
C ALA I 93 59.35 28.39 58.93
N SER I 94 59.01 29.66 59.13
CA SER I 94 58.60 30.17 60.44
C SER I 94 57.09 30.31 60.56
N ASP I 95 56.35 30.01 59.49
CA ASP I 95 54.89 30.10 59.49
C ASP I 95 54.43 31.45 60.03
N SER I 96 55.06 32.51 59.51
CA SER I 96 54.85 33.85 60.04
C SER I 96 54.67 34.85 58.91
N GLY I 97 53.92 35.91 59.19
CA GLY I 97 53.74 36.97 58.22
C GLY I 97 54.88 37.96 58.27
N VAL I 98 55.52 38.19 57.13
CA VAL I 98 56.64 39.12 57.01
C VAL I 98 56.18 40.28 56.15
N PHE I 99 56.24 41.49 56.72
CA PHE I 99 55.84 42.71 56.04
C PHE I 99 57.07 43.47 55.55
N GLY I 100 56.92 44.18 54.45
CA GLY I 100 57.98 45.03 53.95
C GLY I 100 58.10 46.30 54.77
N THR I 101 59.19 47.04 54.50
CA THR I 101 59.43 48.28 55.23
C THR I 101 58.42 49.37 54.88
N GLY I 102 57.66 49.21 53.81
CA GLY I 102 56.67 50.19 53.43
C GLY I 102 57.21 51.24 52.49
N THR I 103 56.40 51.67 51.54
CA THR I 103 56.77 52.71 50.58
C THR I 103 55.74 53.82 50.65
N LYS I 104 56.21 55.06 50.83
CA LYS I 104 55.31 56.21 50.89
C LYS I 104 55.08 56.73 49.47
N LEU I 105 53.89 56.50 48.95
CA LEU I 105 53.51 57.01 47.64
C LEU I 105 52.92 58.40 47.82
N THR I 106 53.53 59.39 47.17
CA THR I 106 53.08 60.77 47.20
C THR I 106 52.72 61.20 45.78
N VAL I 107 51.73 62.10 45.68
CA VAL I 107 51.23 62.57 44.38
C VAL I 107 51.33 64.08 44.34
N PRO I 108 52.46 64.64 43.86
CA PRO I 108 52.60 66.11 43.81
C PRO I 108 51.70 66.75 42.76
#